data_2JZ7
#
_entry.id   2JZ7
#
_entity_poly.entity_id   1
_entity_poly.type   'polypeptide(L)'
_entity_poly.pdbx_seq_one_letter_code
;MIFEDKFIITTADEIPGLQLYSLGIASTISDNVDEIVENLRKQVKAKGGMGLIAFRITCADGKFLGYGTIVKADEAQFTM
A
;
_entity_poly.pdbx_strand_id   A,B,C,D,E
#
# COMPACT_ATOMS: atom_id res chain seq x y z
N MET A 1 34.47 5.65 5.79
CA MET A 1 35.10 4.54 6.55
C MET A 1 34.02 3.55 7.00
N ILE A 2 34.16 2.30 6.66
CA ILE A 2 33.13 1.29 7.08
C ILE A 2 31.74 1.77 6.64
N PHE A 3 31.32 1.38 5.47
CA PHE A 3 29.97 1.82 4.99
C PHE A 3 29.40 0.76 4.05
N GLU A 4 28.31 0.15 4.43
CA GLU A 4 27.67 -0.90 3.57
C GLU A 4 26.26 -0.46 3.17
N ASP A 5 25.47 -0.01 4.12
CA ASP A 5 24.09 0.45 3.80
C ASP A 5 24.02 1.97 3.88
N LYS A 6 23.75 2.53 5.03
CA LYS A 6 23.66 4.03 5.18
C LYS A 6 22.58 4.59 4.24
N PHE A 7 22.79 4.52 2.97
CA PHE A 7 21.78 5.00 2.00
C PHE A 7 20.84 3.84 1.63
N ILE A 8 19.57 3.99 1.88
CA ILE A 8 18.58 2.90 1.55
C ILE A 8 17.37 3.48 0.85
N ILE A 9 16.95 2.91 -0.25
CA ILE A 9 15.75 3.43 -0.98
C ILE A 9 14.79 2.26 -1.25
N THR A 10 13.55 2.40 -0.83
CA THR A 10 12.55 1.30 -1.04
C THR A 10 11.35 1.83 -1.82
N THR A 11 10.85 1.06 -2.75
CA THR A 11 9.65 1.53 -3.53
C THR A 11 8.38 1.06 -2.82
N ALA A 12 7.75 1.90 -2.05
CA ALA A 12 6.49 1.51 -1.36
C ALA A 12 6.72 0.24 -0.53
N ASP A 13 7.08 0.42 0.71
CA ASP A 13 7.32 -0.76 1.60
C ASP A 13 7.30 -0.29 3.06
N GLU A 14 8.32 -0.63 3.81
CA GLU A 14 8.37 -0.21 5.24
C GLU A 14 9.73 -0.59 5.84
N ILE A 15 10.45 -1.47 5.20
CA ILE A 15 11.78 -1.87 5.74
C ILE A 15 11.66 -2.24 7.22
N PRO A 16 10.99 -3.34 7.50
CA PRO A 16 10.79 -3.80 8.89
C PRO A 16 12.13 -4.12 9.54
N GLY A 17 12.21 -4.10 10.85
CA GLY A 17 13.50 -4.42 11.52
C GLY A 17 14.29 -3.14 11.79
N LEU A 18 13.87 -2.02 11.25
CA LEU A 18 14.61 -0.74 11.47
C LEU A 18 13.69 0.30 12.08
N GLN A 19 14.20 1.07 13.02
CA GLN A 19 13.38 2.13 13.66
C GLN A 19 13.54 3.38 12.80
N LEU A 20 12.48 3.85 12.20
CA LEU A 20 12.56 5.06 11.34
C LEU A 20 11.92 6.25 12.05
N TYR A 21 12.58 7.39 12.02
CA TYR A 21 12.01 8.61 12.69
C TYR A 21 11.86 9.71 11.64
N SER A 22 10.71 10.32 11.56
CA SER A 22 10.48 11.39 10.55
C SER A 22 10.99 12.74 11.06
N LEU A 23 11.80 13.41 10.28
CA LEU A 23 12.35 14.75 10.70
C LEU A 23 11.88 15.79 9.66
N GLY A 24 10.89 15.41 8.90
CA GLY A 24 10.31 16.35 7.89
C GLY A 24 10.02 15.65 6.58
N ILE A 25 9.33 16.33 5.69
CA ILE A 25 8.98 15.76 4.37
C ILE A 25 9.81 16.45 3.29
N ALA A 26 10.21 15.73 2.27
CA ALA A 26 11.00 16.35 1.16
C ALA A 26 10.19 16.32 -0.14
N SER A 27 10.32 17.31 -0.97
CA SER A 27 9.56 17.33 -2.25
C SER A 27 10.36 18.16 -3.26
N THR A 28 10.40 17.73 -4.50
CA THR A 28 11.17 18.51 -5.52
C THR A 28 10.54 18.32 -6.90
N ILE A 29 10.39 19.37 -7.67
CA ILE A 29 9.78 19.24 -9.02
C ILE A 29 10.90 19.25 -10.08
N SER A 30 10.91 18.26 -10.93
CA SER A 30 11.97 18.22 -11.99
C SER A 30 11.70 17.04 -12.93
N ASP A 31 12.49 16.89 -13.96
CA ASP A 31 12.29 15.77 -14.93
C ASP A 31 13.51 14.85 -14.88
N ASN A 32 13.37 13.63 -15.35
CA ASN A 32 14.51 12.66 -15.30
C ASN A 32 14.63 12.12 -13.88
N VAL A 33 14.52 10.83 -13.72
CA VAL A 33 14.61 10.23 -12.36
C VAL A 33 16.03 10.40 -11.82
N ASP A 34 17.01 10.36 -12.68
CA ASP A 34 18.42 10.52 -12.22
C ASP A 34 18.58 11.84 -11.45
N GLU A 35 17.95 12.89 -11.90
CA GLU A 35 18.07 14.20 -11.19
C GLU A 35 17.19 14.17 -9.94
N ILE A 36 16.05 13.55 -9.99
CA ILE A 36 15.18 13.50 -8.79
C ILE A 36 15.89 12.71 -7.68
N VAL A 37 16.35 11.52 -7.97
CA VAL A 37 17.03 10.71 -6.92
C VAL A 37 18.24 11.49 -6.39
N GLU A 38 19.07 11.99 -7.27
CA GLU A 38 20.27 12.75 -6.82
C GLU A 38 19.83 13.98 -6.01
N ASN A 39 18.80 14.66 -6.44
CA ASN A 39 18.33 15.86 -5.71
C ASN A 39 17.87 15.48 -4.30
N LEU A 40 17.09 14.44 -4.19
CA LEU A 40 16.63 14.01 -2.83
C LEU A 40 17.82 13.46 -2.05
N ARG A 41 18.62 12.62 -2.65
CA ARG A 41 19.80 12.07 -1.91
C ARG A 41 20.55 13.23 -1.26
N LYS A 42 20.93 14.21 -2.02
CA LYS A 42 21.66 15.37 -1.43
C LYS A 42 20.82 16.00 -0.31
N GLN A 43 19.53 16.01 -0.47
CA GLN A 43 18.65 16.60 0.60
C GLN A 43 18.56 15.66 1.78
N VAL A 44 18.55 14.38 1.53
CA VAL A 44 18.48 13.41 2.64
C VAL A 44 19.83 13.35 3.35
N LYS A 45 20.91 13.18 2.64
CA LYS A 45 22.23 13.02 3.35
C LYS A 45 22.60 14.35 4.01
N ALA A 46 22.20 15.43 3.39
CA ALA A 46 22.52 16.78 3.95
C ALA A 46 21.85 16.93 5.31
N LYS A 47 20.72 16.30 5.49
CA LYS A 47 20.01 16.39 6.80
C LYS A 47 20.48 15.24 7.70
N GLY A 48 21.44 14.48 7.27
CA GLY A 48 21.93 13.37 8.13
C GLY A 48 20.88 12.27 8.21
N GLY A 49 20.06 12.16 7.19
CA GLY A 49 18.99 11.11 7.20
C GLY A 49 19.59 9.73 6.91
N MET A 50 18.76 8.77 6.63
CA MET A 50 19.23 7.39 6.32
C MET A 50 18.97 7.08 4.85
N GLY A 51 17.82 7.48 4.37
CA GLY A 51 17.48 7.21 2.94
C GLY A 51 16.09 7.77 2.64
N LEU A 52 15.40 7.21 1.68
CA LEU A 52 14.04 7.72 1.32
C LEU A 52 13.06 6.55 1.20
N ILE A 53 11.88 6.69 1.76
CA ILE A 53 10.87 5.59 1.72
C ILE A 53 9.71 5.98 0.83
N ALA A 54 9.10 5.06 0.13
CA ALA A 54 7.95 5.40 -0.75
C ALA A 54 8.46 6.11 -1.99
N PHE A 55 8.80 5.34 -3.00
CA PHE A 55 9.31 5.94 -4.28
C PHE A 55 8.30 5.62 -5.39
N ARG A 56 7.06 5.90 -5.14
CA ARG A 56 6.02 5.60 -6.17
C ARG A 56 6.24 6.50 -7.39
N ILE A 57 6.25 7.79 -7.19
CA ILE A 57 6.45 8.74 -8.33
C ILE A 57 5.63 8.28 -9.54
N THR A 58 4.59 8.97 -9.88
CA THR A 58 3.78 8.55 -11.05
C THR A 58 4.54 8.85 -12.34
N CYS A 59 4.05 8.39 -13.45
CA CYS A 59 4.76 8.64 -14.73
C CYS A 59 4.67 10.14 -15.07
N ALA A 60 5.44 10.58 -16.04
CA ALA A 60 5.39 12.02 -16.41
C ALA A 60 4.20 12.26 -17.33
N ASP A 61 3.75 13.49 -17.42
CA ASP A 61 2.58 13.79 -18.30
C ASP A 61 2.55 15.28 -18.61
N GLY A 62 3.01 16.10 -17.70
CA GLY A 62 3.01 17.56 -17.96
C GLY A 62 3.39 18.30 -16.67
N LYS A 63 3.07 17.74 -15.53
CA LYS A 63 3.39 18.42 -14.25
C LYS A 63 3.21 17.43 -13.09
N PHE A 64 4.07 16.44 -12.99
CA PHE A 64 3.95 15.44 -11.89
C PHE A 64 4.85 15.86 -10.71
N LEU A 65 5.06 14.98 -9.77
CA LEU A 65 5.93 15.32 -8.60
C LEU A 65 6.30 14.05 -7.82
N GLY A 66 7.53 13.96 -7.39
CA GLY A 66 7.98 12.76 -6.60
C GLY A 66 8.11 13.13 -5.12
N TYR A 67 7.02 13.10 -4.40
CA TYR A 67 7.09 13.46 -2.96
C TYR A 67 7.66 12.28 -2.15
N GLY A 68 8.29 12.58 -1.04
CA GLY A 68 8.89 11.50 -0.21
C GLY A 68 9.05 11.98 1.22
N THR A 69 9.16 11.07 2.17
CA THR A 69 9.33 11.47 3.59
C THR A 69 10.77 11.21 4.03
N ILE A 70 11.35 12.09 4.80
CA ILE A 70 12.74 11.89 5.27
C ILE A 70 12.70 11.07 6.56
N VAL A 71 13.56 10.09 6.69
CA VAL A 71 13.56 9.27 7.93
C VAL A 71 15.00 9.00 8.36
N LYS A 72 15.20 8.60 9.59
CA LYS A 72 16.58 8.30 10.06
C LYS A 72 16.50 7.31 11.22
N ALA A 73 17.42 6.38 11.32
CA ALA A 73 17.38 5.41 12.47
C ALA A 73 18.61 5.65 13.33
N ASP A 74 18.54 5.39 14.61
CA ASP A 74 19.72 5.61 15.48
C ASP A 74 19.50 4.90 16.81
N GLU A 75 20.54 4.69 17.57
CA GLU A 75 20.38 4.00 18.89
C GLU A 75 19.60 4.91 19.84
N ALA A 76 18.67 4.36 20.58
CA ALA A 76 17.87 5.19 21.53
C ALA A 76 17.22 6.35 20.77
N GLN A 77 16.39 7.10 21.45
CA GLN A 77 15.71 8.26 20.78
C GLN A 77 16.56 9.52 20.96
N PHE A 78 15.94 10.67 20.93
CA PHE A 78 16.72 11.94 21.11
C PHE A 78 17.00 12.17 22.59
N THR A 79 18.26 12.18 22.97
CA THR A 79 18.61 12.40 24.41
C THR A 79 18.68 13.91 24.68
N MET A 80 19.78 14.53 24.36
CA MET A 80 19.90 16.00 24.60
C MET A 80 19.56 16.31 26.06
N ALA A 81 19.65 15.33 26.91
CA ALA A 81 19.32 15.56 28.35
C ALA A 81 20.46 16.34 29.01
N MET B 1 22.37 -23.44 0.02
CA MET B 1 21.78 -23.80 -1.29
C MET B 1 20.33 -24.23 -1.10
N ILE B 2 19.71 -23.82 -0.02
CA ILE B 2 18.29 -24.21 0.24
C ILE B 2 17.39 -23.03 -0.12
N PHE B 3 17.95 -21.98 -0.64
CA PHE B 3 17.12 -20.81 -1.03
C PHE B 3 16.09 -21.22 -2.09
N GLU B 4 16.48 -22.09 -2.98
CA GLU B 4 15.53 -22.54 -4.05
C GLU B 4 14.96 -21.32 -4.78
N ASP B 5 13.97 -20.69 -4.21
CA ASP B 5 13.36 -19.50 -4.87
C ASP B 5 14.46 -18.46 -5.18
N LYS B 6 14.42 -17.89 -6.36
CA LYS B 6 15.45 -16.87 -6.74
C LYS B 6 14.75 -15.66 -7.40
N PHE B 7 14.13 -15.87 -8.51
CA PHE B 7 13.39 -14.75 -9.19
C PHE B 7 11.96 -14.72 -8.67
N ILE B 8 11.54 -13.62 -8.09
CA ILE B 8 10.13 -13.51 -7.58
C ILE B 8 9.54 -12.15 -7.96
N ILE B 9 8.31 -12.11 -8.39
CA ILE B 9 7.68 -10.79 -8.76
C ILE B 9 6.47 -10.56 -7.85
N THR B 10 6.47 -9.47 -7.12
CA THR B 10 5.32 -9.18 -6.20
C THR B 10 4.73 -7.81 -6.52
N THR B 11 3.43 -7.71 -6.57
CA THR B 11 2.77 -6.40 -6.85
C THR B 11 2.01 -5.97 -5.59
N ALA B 12 2.45 -4.92 -4.97
CA ALA B 12 1.74 -4.41 -3.75
C ALA B 12 1.57 -5.55 -2.73
N ASP B 13 2.64 -6.18 -2.36
CA ASP B 13 2.57 -7.29 -1.36
C ASP B 13 3.95 -7.51 -0.74
N GLU B 14 4.10 -7.20 0.51
CA GLU B 14 5.43 -7.38 1.17
C GLU B 14 5.78 -8.87 1.21
N ILE B 15 7.00 -9.19 1.57
CA ILE B 15 7.44 -10.62 1.64
C ILE B 15 8.22 -10.85 2.94
N PRO B 16 7.52 -10.84 4.06
CA PRO B 16 8.17 -11.05 5.38
C PRO B 16 8.84 -12.42 5.43
N GLY B 17 9.81 -12.60 6.30
CA GLY B 17 10.49 -13.91 6.39
C GLY B 17 11.74 -13.93 5.52
N LEU B 18 11.95 -12.92 4.72
CA LEU B 18 13.15 -12.88 3.83
C LEU B 18 13.96 -11.60 4.10
N GLN B 19 15.27 -11.72 4.11
CA GLN B 19 16.12 -10.53 4.34
C GLN B 19 16.40 -9.90 2.97
N LEU B 20 15.83 -8.76 2.71
CA LEU B 20 16.02 -8.10 1.38
C LEU B 20 17.12 -7.03 1.46
N TYR B 21 17.94 -6.91 0.43
CA TYR B 21 19.04 -5.90 0.43
C TYR B 21 18.85 -4.97 -0.77
N SER B 22 18.86 -3.68 -0.58
CA SER B 22 18.67 -2.74 -1.72
C SER B 22 19.91 -2.70 -2.63
N LEU B 23 19.70 -2.85 -3.91
CA LEU B 23 20.83 -2.80 -4.89
C LEU B 23 20.57 -1.63 -5.84
N GLY B 24 19.59 -0.82 -5.53
CA GLY B 24 19.28 0.38 -6.38
C GLY B 24 17.82 0.36 -6.83
N ILE B 25 17.52 1.11 -7.85
CA ILE B 25 16.12 1.19 -8.36
C ILE B 25 16.13 1.08 -9.89
N ALA B 26 15.13 0.43 -10.45
CA ALA B 26 15.06 0.29 -11.95
C ALA B 26 13.87 1.11 -12.46
N SER B 27 13.88 1.47 -13.72
CA SER B 27 12.77 2.27 -14.28
C SER B 27 12.62 1.94 -15.77
N THR B 28 11.42 1.85 -16.26
CA THR B 28 11.19 1.54 -17.69
C THR B 28 10.03 2.38 -18.23
N ILE B 29 10.19 2.96 -19.40
CA ILE B 29 9.12 3.79 -20.01
C ILE B 29 8.84 3.26 -21.43
N SER B 30 7.61 2.94 -21.73
CA SER B 30 7.25 2.43 -23.09
C SER B 30 5.87 1.75 -23.03
N ASP B 31 5.54 0.98 -24.02
CA ASP B 31 4.23 0.25 -24.04
C ASP B 31 4.51 -1.24 -24.15
N ASN B 32 3.48 -2.06 -24.05
CA ASN B 32 3.68 -3.53 -24.11
C ASN B 32 4.25 -4.02 -22.78
N VAL B 33 3.47 -4.77 -22.04
CA VAL B 33 3.95 -5.28 -20.73
C VAL B 33 5.09 -6.28 -20.94
N ASP B 34 5.02 -7.05 -21.99
CA ASP B 34 6.10 -8.04 -22.26
C ASP B 34 7.46 -7.34 -22.33
N GLU B 35 7.50 -6.17 -22.91
CA GLU B 35 8.80 -5.44 -23.01
C GLU B 35 9.15 -4.84 -21.65
N ILE B 36 8.19 -4.37 -20.91
CA ILE B 36 8.50 -3.77 -19.58
C ILE B 36 9.02 -4.87 -18.65
N VAL B 37 8.30 -5.95 -18.49
CA VAL B 37 8.77 -7.03 -17.59
C VAL B 37 10.13 -7.56 -18.07
N GLU B 38 10.23 -7.91 -19.32
CA GLU B 38 11.52 -8.43 -19.85
C GLU B 38 12.63 -7.42 -19.58
N ASN B 39 12.33 -6.15 -19.67
CA ASN B 39 13.38 -5.12 -19.43
C ASN B 39 13.81 -5.15 -17.96
N LEU B 40 12.88 -5.32 -17.05
CA LEU B 40 13.27 -5.36 -15.61
C LEU B 40 13.93 -6.70 -15.31
N ARG B 41 13.32 -7.79 -15.68
CA ARG B 41 13.95 -9.13 -15.41
C ARG B 41 15.41 -9.09 -15.87
N LYS B 42 15.63 -8.71 -17.10
CA LYS B 42 17.03 -8.64 -17.61
C LYS B 42 17.86 -7.68 -16.76
N GLN B 43 17.27 -6.60 -16.31
CA GLN B 43 18.03 -5.63 -15.47
C GLN B 43 18.20 -6.19 -14.07
N VAL B 44 17.24 -6.89 -13.56
CA VAL B 44 17.35 -7.47 -12.21
C VAL B 44 18.30 -8.66 -12.25
N LYS B 45 18.11 -9.60 -13.15
CA LYS B 45 18.97 -10.81 -13.11
C LYS B 45 20.39 -10.44 -13.56
N ALA B 46 20.50 -9.46 -14.42
CA ALA B 46 21.84 -9.03 -14.91
C ALA B 46 22.66 -8.56 -13.72
N LYS B 47 22.02 -7.98 -12.74
CA LYS B 47 22.76 -7.50 -11.54
C LYS B 47 22.79 -8.59 -10.48
N GLY B 48 22.24 -9.75 -10.76
CA GLY B 48 22.28 -10.84 -9.75
C GLY B 48 21.31 -10.53 -8.61
N GLY B 49 20.25 -9.82 -8.89
CA GLY B 49 19.28 -9.47 -7.82
C GLY B 49 18.42 -10.69 -7.44
N MET B 50 17.41 -10.47 -6.65
CA MET B 50 16.51 -11.58 -6.22
C MET B 50 15.16 -11.44 -6.93
N GLY B 51 14.59 -10.28 -6.91
CA GLY B 51 13.27 -10.08 -7.58
C GLY B 51 12.97 -8.59 -7.67
N LEU B 52 11.73 -8.23 -7.88
CA LEU B 52 11.36 -6.79 -8.00
C LEU B 52 10.08 -6.51 -7.21
N ILE B 53 10.04 -5.40 -6.51
CA ILE B 53 8.82 -5.05 -5.69
C ILE B 53 8.09 -3.91 -6.39
N ALA B 54 6.78 -3.86 -6.28
CA ALA B 54 5.98 -2.79 -6.97
C ALA B 54 5.64 -3.36 -8.32
N PHE B 55 5.55 -2.57 -9.38
CA PHE B 55 5.19 -3.08 -10.75
C PHE B 55 3.91 -2.34 -11.18
N ARG B 56 2.78 -2.98 -11.07
CA ARG B 56 1.50 -2.31 -11.46
C ARG B 56 1.60 -1.81 -12.91
N ILE B 57 0.48 -1.54 -13.52
CA ILE B 57 0.48 -1.07 -14.94
C ILE B 57 -0.57 0.06 -15.09
N THR B 58 -0.45 0.85 -16.11
CA THR B 58 -1.42 1.96 -16.30
C THR B 58 -1.24 2.55 -17.71
N CYS B 59 -2.25 3.19 -18.23
CA CYS B 59 -2.16 3.79 -19.59
C CYS B 59 -1.63 2.76 -20.58
N ALA B 60 -2.46 1.84 -20.98
CA ALA B 60 -2.01 0.80 -21.96
C ALA B 60 -1.99 1.39 -23.37
N ASP B 61 -1.55 0.65 -24.34
CA ASP B 61 -1.52 1.17 -25.74
C ASP B 61 -0.77 2.51 -25.77
N GLY B 62 -0.05 2.82 -24.72
CA GLY B 62 0.71 4.11 -24.68
C GLY B 62 1.89 3.95 -23.71
N LYS B 63 2.57 5.03 -23.43
CA LYS B 63 3.76 4.95 -22.51
C LYS B 63 3.33 5.26 -21.08
N PHE B 64 4.03 4.73 -20.12
CA PHE B 64 3.70 5.00 -18.68
C PHE B 64 5.00 5.05 -17.88
N LEU B 65 5.21 4.07 -17.03
CA LEU B 65 6.44 4.04 -16.20
C LEU B 65 6.45 2.73 -15.40
N GLY B 66 7.31 1.82 -15.74
CA GLY B 66 7.40 0.53 -14.98
C GLY B 66 8.69 0.58 -14.15
N TYR B 67 8.58 0.59 -12.85
CA TYR B 67 9.78 0.67 -11.98
C TYR B 67 9.67 -0.30 -10.80
N GLY B 68 10.63 -0.25 -9.93
CA GLY B 68 10.61 -1.16 -8.74
C GLY B 68 11.95 -1.13 -8.04
N THR B 69 12.04 -1.65 -6.86
CA THR B 69 13.34 -1.68 -6.13
C THR B 69 14.03 -3.01 -6.37
N ILE B 70 15.32 -2.99 -6.59
CA ILE B 70 16.06 -4.27 -6.80
C ILE B 70 16.46 -4.78 -5.42
N VAL B 71 16.12 -5.99 -5.09
CA VAL B 71 16.48 -6.53 -3.74
C VAL B 71 17.30 -7.81 -3.87
N LYS B 72 17.98 -8.20 -2.81
CA LYS B 72 18.79 -9.45 -2.85
C LYS B 72 18.94 -9.99 -1.43
N ALA B 73 18.76 -11.25 -1.21
CA ALA B 73 18.89 -11.79 0.18
C ALA B 73 20.19 -12.57 0.37
N ASP B 74 21.05 -12.07 1.22
CA ASP B 74 22.36 -12.74 1.45
C ASP B 74 23.07 -12.14 2.65
N GLU B 75 22.45 -11.22 3.33
CA GLU B 75 23.10 -10.59 4.51
C GLU B 75 23.19 -11.59 5.66
N ALA B 76 22.61 -12.75 5.51
CA ALA B 76 22.67 -13.76 6.60
C ALA B 76 22.10 -13.16 7.89
N GLN B 77 22.16 -13.89 8.97
CA GLN B 77 21.63 -13.36 10.27
C GLN B 77 22.77 -12.74 11.08
N PHE B 78 22.79 -12.96 12.37
CA PHE B 78 23.87 -12.38 13.22
C PHE B 78 24.04 -13.22 14.48
N THR B 79 25.22 -13.26 15.04
CA THR B 79 25.44 -14.06 16.27
C THR B 79 24.72 -13.41 17.45
N MET B 80 24.09 -14.19 18.28
CA MET B 80 23.38 -13.61 19.45
C MET B 80 24.40 -13.10 20.49
N ALA B 81 24.87 -11.89 20.32
CA ALA B 81 25.86 -11.35 21.28
C ALA B 81 25.15 -10.94 22.58
N MET C 1 -11.78 -24.00 13.04
CA MET C 1 -11.03 -23.01 12.21
C MET C 1 -11.61 -22.99 10.79
N ILE C 2 -11.91 -21.83 10.27
CA ILE C 2 -12.48 -21.74 8.90
C ILE C 2 -11.35 -21.90 7.87
N PHE C 3 -11.44 -22.90 7.04
CA PHE C 3 -10.38 -23.13 6.01
C PHE C 3 -10.70 -22.30 4.77
N GLU C 4 -9.96 -22.49 3.71
CA GLU C 4 -10.22 -21.72 2.46
C GLU C 4 -11.52 -22.22 1.82
N ASP C 5 -12.17 -21.38 1.06
CA ASP C 5 -13.45 -21.80 0.40
C ASP C 5 -13.18 -22.08 -1.08
N LYS C 6 -13.42 -21.13 -1.95
CA LYS C 6 -13.18 -21.33 -3.41
C LYS C 6 -12.42 -20.12 -3.94
N PHE C 7 -13.11 -19.14 -4.51
CA PHE C 7 -12.41 -17.95 -5.08
C PHE C 7 -12.52 -16.78 -4.11
N ILE C 8 -11.41 -16.28 -3.64
CA ILE C 8 -11.43 -15.15 -2.65
C ILE C 8 -10.80 -13.90 -3.26
N ILE C 9 -11.32 -12.75 -2.94
CA ILE C 9 -10.74 -11.49 -3.50
C ILE C 9 -10.72 -10.43 -2.40
N THR C 10 -9.54 -10.03 -1.99
CA THR C 10 -9.42 -9.01 -0.90
C THR C 10 -8.62 -7.82 -1.41
N THR C 11 -8.73 -6.70 -0.73
CA THR C 11 -7.96 -5.48 -1.12
C THR C 11 -6.99 -5.19 0.04
N ALA C 12 -5.88 -5.92 0.08
CA ALA C 12 -4.86 -5.64 1.12
C ALA C 12 -3.69 -6.59 0.95
N ASP C 13 -3.84 -7.59 0.11
CA ASP C 13 -2.75 -8.58 -0.11
C ASP C 13 -2.13 -8.98 1.23
N GLU C 14 -2.74 -9.93 1.91
CA GLU C 14 -2.19 -10.38 3.22
C GLU C 14 -2.66 -11.82 3.50
N ILE C 15 -3.79 -11.98 4.11
CA ILE C 15 -4.28 -13.34 4.44
C ILE C 15 -3.16 -14.14 5.12
N PRO C 16 -2.78 -13.71 6.31
CA PRO C 16 -1.71 -14.38 7.08
C PRO C 16 -2.11 -15.81 7.42
N GLY C 17 -1.17 -16.67 7.69
CA GLY C 17 -1.53 -18.07 8.04
C GLY C 17 -1.50 -18.97 6.80
N LEU C 18 -1.32 -18.40 5.63
CA LEU C 18 -1.31 -19.22 4.38
C LEU C 18 -0.02 -18.99 3.60
N GLN C 19 0.53 -20.04 3.04
CA GLN C 19 1.78 -19.91 2.25
C GLN C 19 1.39 -19.53 0.82
N LEU C 20 1.65 -18.31 0.42
CA LEU C 20 1.27 -17.87 -0.96
C LEU C 20 2.44 -18.09 -1.92
N TYR C 21 2.18 -18.66 -3.07
CA TYR C 21 3.26 -18.91 -4.08
C TYR C 21 2.96 -18.10 -5.34
N SER C 22 3.90 -17.36 -5.84
CA SER C 22 3.65 -16.53 -7.06
C SER C 22 3.53 -17.42 -8.31
N LEU C 23 2.50 -17.20 -9.07
CA LEU C 23 2.29 -17.96 -10.34
C LEU C 23 2.41 -16.98 -11.51
N GLY C 24 2.86 -15.77 -11.25
CA GLY C 24 3.03 -14.77 -12.37
C GLY C 24 2.17 -13.55 -12.11
N ILE C 25 1.82 -12.86 -13.15
CA ILE C 25 0.98 -11.62 -13.00
C ILE C 25 -0.15 -11.64 -14.04
N ALA C 26 -1.30 -11.15 -13.67
CA ALA C 26 -2.46 -11.11 -14.62
C ALA C 26 -2.87 -9.67 -14.88
N SER C 27 -3.37 -9.38 -16.05
CA SER C 27 -3.80 -7.99 -16.36
C SER C 27 -4.92 -8.06 -17.38
N THR C 28 -5.95 -7.26 -17.24
CA THR C 28 -7.07 -7.30 -18.22
C THR C 28 -7.70 -5.90 -18.32
N ILE C 29 -8.20 -5.54 -19.47
CA ILE C 29 -8.85 -4.19 -19.62
C ILE C 29 -10.25 -4.38 -20.22
N SER C 30 -11.23 -3.73 -19.66
CA SER C 30 -12.63 -3.85 -20.20
C SER C 30 -13.53 -2.80 -19.53
N ASP C 31 -14.74 -2.64 -20.03
CA ASP C 31 -15.68 -1.63 -19.43
C ASP C 31 -16.76 -2.34 -18.58
N ASN C 32 -16.35 -3.37 -17.90
CA ASN C 32 -17.31 -4.15 -17.06
C ASN C 32 -16.54 -4.79 -15.91
N VAL C 33 -16.97 -4.54 -14.70
CA VAL C 33 -16.29 -5.13 -13.51
C VAL C 33 -16.64 -6.63 -13.46
N ASP C 34 -17.88 -6.96 -13.66
CA ASP C 34 -18.30 -8.40 -13.62
C ASP C 34 -17.58 -9.18 -14.72
N GLU C 35 -17.36 -8.55 -15.86
CA GLU C 35 -16.65 -9.27 -16.97
C GLU C 35 -15.17 -9.39 -16.61
N ILE C 36 -14.60 -8.38 -16.03
CA ILE C 36 -13.16 -8.45 -15.64
C ILE C 36 -12.99 -9.58 -14.62
N VAL C 37 -13.77 -9.58 -13.58
CA VAL C 37 -13.64 -10.65 -12.56
C VAL C 37 -13.77 -12.01 -13.26
N GLU C 38 -14.78 -12.18 -14.06
CA GLU C 38 -14.97 -13.47 -14.79
C GLU C 38 -13.78 -13.71 -15.71
N ASN C 39 -13.35 -12.72 -16.45
CA ASN C 39 -12.19 -12.91 -17.37
C ASN C 39 -10.96 -13.33 -16.56
N LEU C 40 -10.70 -12.65 -15.47
CA LEU C 40 -9.53 -13.05 -14.63
C LEU C 40 -9.81 -14.42 -14.02
N ARG C 41 -11.00 -14.65 -13.52
CA ARG C 41 -11.31 -15.99 -12.94
C ARG C 41 -10.82 -17.08 -13.92
N LYS C 42 -11.28 -17.03 -15.13
CA LYS C 42 -10.83 -18.05 -16.12
C LYS C 42 -9.30 -18.08 -16.17
N GLN C 43 -8.68 -16.94 -15.94
CA GLN C 43 -7.19 -16.90 -15.96
C GLN C 43 -6.65 -17.54 -14.69
N VAL C 44 -7.26 -17.29 -13.56
CA VAL C 44 -6.78 -17.91 -12.31
C VAL C 44 -7.24 -19.37 -12.27
N LYS C 45 -8.51 -19.59 -12.42
CA LYS C 45 -9.05 -20.98 -12.33
C LYS C 45 -8.23 -21.91 -13.23
N ALA C 46 -7.75 -21.34 -14.31
CA ALA C 46 -6.93 -22.10 -15.29
C ALA C 46 -5.52 -22.26 -14.77
N LYS C 47 -5.10 -21.36 -13.92
CA LYS C 47 -3.73 -21.44 -13.33
C LYS C 47 -3.84 -22.06 -11.96
N GLY C 48 -5.02 -22.41 -11.49
CA GLY C 48 -5.08 -23.08 -10.17
C GLY C 48 -4.67 -22.11 -9.06
N GLY C 49 -4.85 -20.83 -9.31
CA GLY C 49 -4.46 -19.82 -8.28
C GLY C 49 -5.45 -19.83 -7.12
N MET C 50 -5.39 -18.84 -6.26
CA MET C 50 -6.31 -18.78 -5.07
C MET C 50 -7.32 -17.65 -5.24
N GLY C 51 -6.87 -16.49 -5.68
CA GLY C 51 -7.83 -15.36 -5.83
C GLY C 51 -7.09 -14.09 -6.29
N LEU C 52 -7.77 -12.97 -6.33
CA LEU C 52 -7.12 -11.68 -6.78
C LEU C 52 -6.88 -10.75 -5.59
N ILE C 53 -5.69 -10.23 -5.51
CA ILE C 53 -5.33 -9.31 -4.38
C ILE C 53 -5.18 -7.88 -4.91
N ALA C 54 -5.65 -6.90 -4.19
CA ALA C 54 -5.53 -5.51 -4.68
C ALA C 54 -6.14 -5.42 -6.07
N PHE C 55 -7.42 -5.68 -6.18
CA PHE C 55 -8.10 -5.59 -7.49
C PHE C 55 -8.78 -4.22 -7.58
N ARG C 56 -8.26 -3.33 -8.42
CA ARG C 56 -8.86 -1.97 -8.53
C ARG C 56 -9.21 -1.69 -9.99
N ILE C 57 -10.16 -0.83 -10.23
CA ILE C 57 -10.58 -0.52 -11.63
C ILE C 57 -10.86 0.99 -11.74
N THR C 58 -10.60 1.57 -12.88
CA THR C 58 -10.89 3.02 -13.06
C THR C 58 -10.40 3.46 -14.44
N CYS C 59 -11.24 3.40 -15.44
CA CYS C 59 -10.81 3.81 -16.80
C CYS C 59 -12.04 3.99 -17.69
N ALA C 60 -11.95 4.89 -18.65
CA ALA C 60 -13.11 5.14 -19.57
C ALA C 60 -12.73 4.69 -20.99
N ASP C 61 -11.89 5.44 -21.65
CA ASP C 61 -11.48 5.05 -23.03
C ASP C 61 -10.48 3.89 -22.94
N GLY C 62 -9.28 4.16 -22.49
CA GLY C 62 -8.28 3.04 -22.35
C GLY C 62 -7.14 3.50 -21.43
N LYS C 63 -7.46 4.17 -20.36
CA LYS C 63 -6.37 4.65 -19.44
C LYS C 63 -5.93 3.51 -18.52
N PHE C 64 -6.16 3.65 -17.25
CA PHE C 64 -5.74 2.57 -16.29
C PHE C 64 -6.48 1.28 -16.63
N LEU C 65 -6.31 0.26 -15.82
CA LEU C 65 -7.01 -1.02 -16.09
C LEU C 65 -6.98 -1.89 -14.83
N GLY C 66 -7.44 -3.11 -14.88
CA GLY C 66 -7.40 -3.99 -13.68
C GLY C 66 -6.07 -4.75 -13.67
N TYR C 67 -5.55 -5.04 -12.52
CA TYR C 67 -4.26 -5.77 -12.45
C TYR C 67 -4.11 -6.44 -11.08
N GLY C 68 -3.25 -7.40 -10.98
CA GLY C 68 -3.05 -8.10 -9.68
C GLY C 68 -2.04 -9.23 -9.83
N THR C 69 -1.56 -9.75 -8.73
CA THR C 69 -0.59 -10.87 -8.77
C THR C 69 -1.33 -12.17 -8.47
N ILE C 70 -1.01 -13.22 -9.15
CA ILE C 70 -1.68 -14.53 -8.88
C ILE C 70 -0.96 -15.22 -7.74
N VAL C 71 -1.65 -15.99 -6.95
CA VAL C 71 -0.97 -16.69 -5.81
C VAL C 71 -1.58 -18.07 -5.61
N LYS C 72 -0.84 -18.98 -5.03
CA LYS C 72 -1.39 -20.36 -4.80
C LYS C 72 -0.81 -20.89 -3.50
N ALA C 73 -1.47 -21.82 -2.87
CA ALA C 73 -0.96 -22.39 -1.58
C ALA C 73 -0.75 -23.89 -1.77
N ASP C 74 0.16 -24.48 -1.02
CA ASP C 74 0.46 -25.94 -1.12
C ASP C 74 1.61 -26.17 -2.10
N GLU C 75 1.88 -27.41 -2.42
CA GLU C 75 2.99 -27.71 -3.36
C GLU C 75 2.62 -27.21 -4.76
N ALA C 76 3.61 -26.84 -5.55
CA ALA C 76 3.32 -26.34 -6.92
C ALA C 76 3.32 -27.51 -7.90
N GLN C 77 3.26 -28.72 -7.41
CA GLN C 77 3.27 -29.90 -8.31
C GLN C 77 4.47 -29.82 -9.27
N PHE C 78 5.44 -29.01 -8.93
CA PHE C 78 6.65 -28.89 -9.81
C PHE C 78 7.88 -28.68 -8.93
N THR C 79 8.84 -29.57 -9.01
CA THR C 79 10.07 -29.44 -8.18
C THR C 79 11.30 -29.63 -9.08
N MET C 80 11.38 -30.73 -9.78
CA MET C 80 12.56 -30.98 -10.68
C MET C 80 12.05 -31.56 -12.01
N ALA C 81 11.42 -32.71 -11.96
CA ALA C 81 10.92 -33.32 -13.22
C ALA C 81 9.77 -32.47 -13.79
N MET D 1 -30.55 -1.80 21.06
CA MET D 1 -29.79 -0.82 20.24
C MET D 1 -28.30 -0.92 20.58
N ILE D 2 -27.66 -1.97 20.15
CA ILE D 2 -26.21 -2.13 20.44
C ILE D 2 -25.61 -3.22 19.53
N PHE D 3 -26.40 -4.22 19.21
CA PHE D 3 -25.89 -5.31 18.33
C PHE D 3 -26.13 -4.93 16.86
N GLU D 4 -25.21 -5.29 16.00
CA GLU D 4 -25.38 -4.96 14.55
C GLU D 4 -25.56 -3.45 14.39
N ASP D 5 -24.65 -2.66 14.90
CA ASP D 5 -24.77 -1.18 14.77
C ASP D 5 -23.39 -0.54 14.86
N LYS D 6 -22.37 -1.35 15.02
CA LYS D 6 -20.98 -0.80 15.11
C LYS D 6 -20.34 -0.79 13.72
N PHE D 7 -20.39 0.34 13.03
CA PHE D 7 -19.80 0.41 11.66
C PHE D 7 -18.43 1.10 11.74
N ILE D 8 -17.40 0.45 11.28
CA ILE D 8 -16.02 1.05 11.33
C ILE D 8 -15.47 1.20 9.91
N ILE D 9 -14.69 2.23 9.67
CA ILE D 9 -14.11 2.43 8.31
C ILE D 9 -12.65 2.88 8.47
N THR D 10 -11.73 2.08 8.00
CA THR D 10 -10.28 2.44 8.12
C THR D 10 -9.67 2.50 6.72
N THR D 11 -8.55 3.16 6.61
CA THR D 11 -7.85 3.27 5.30
C THR D 11 -6.37 2.91 5.50
N ALA D 12 -5.89 1.95 4.76
CA ALA D 12 -4.44 1.59 4.90
C ALA D 12 -4.16 1.14 6.33
N ASP D 13 -4.99 0.24 6.82
CA ASP D 13 -4.82 -0.30 8.20
C ASP D 13 -5.09 -1.80 8.17
N GLU D 14 -5.16 -2.43 9.31
CA GLU D 14 -5.42 -3.91 9.33
C GLU D 14 -6.23 -4.27 10.58
N ILE D 15 -6.27 -3.41 11.55
CA ILE D 15 -7.05 -3.71 12.79
C ILE D 15 -6.65 -5.12 13.30
N PRO D 16 -5.41 -5.26 13.72
CA PRO D 16 -4.90 -6.54 14.23
C PRO D 16 -5.72 -6.99 15.45
N GLY D 17 -5.72 -8.27 15.75
CA GLY D 17 -6.48 -8.76 16.93
C GLY D 17 -7.88 -9.21 16.52
N LEU D 18 -8.27 -8.97 15.29
CA LEU D 18 -9.65 -9.39 14.84
C LEU D 18 -9.54 -10.32 13.64
N GLN D 19 -10.35 -11.36 13.62
CA GLN D 19 -10.34 -12.28 12.46
C GLN D 19 -11.38 -11.75 11.47
N LEU D 20 -10.95 -11.36 10.30
CA LEU D 20 -11.90 -10.82 9.29
C LEU D 20 -12.26 -11.88 8.24
N TYR D 21 -13.50 -11.92 7.83
CA TYR D 21 -13.95 -12.93 6.81
C TYR D 21 -14.46 -12.20 5.58
N SER D 22 -14.01 -12.54 4.41
CA SER D 22 -14.46 -11.83 3.18
C SER D 22 -15.93 -12.10 2.87
N LEU D 23 -16.67 -11.05 2.64
CA LEU D 23 -18.11 -11.17 2.29
C LEU D 23 -18.32 -10.62 0.88
N GLY D 24 -17.25 -10.42 0.15
CA GLY D 24 -17.38 -9.92 -1.26
C GLY D 24 -16.77 -8.53 -1.37
N ILE D 25 -16.97 -7.88 -2.48
CA ILE D 25 -16.43 -6.51 -2.69
C ILE D 25 -17.57 -5.53 -2.96
N ALA D 26 -17.48 -4.33 -2.44
CA ALA D 26 -18.56 -3.31 -2.67
C ALA D 26 -17.99 -2.14 -3.47
N SER D 27 -18.78 -1.55 -4.34
CA SER D 27 -18.29 -0.41 -5.16
C SER D 27 -19.48 0.48 -5.51
N THR D 28 -19.33 1.78 -5.44
CA THR D 28 -20.47 2.68 -5.79
C THR D 28 -19.92 4.00 -6.34
N ILE D 29 -20.44 4.47 -7.45
CA ILE D 29 -19.94 5.75 -8.04
C ILE D 29 -20.90 6.89 -7.67
N SER D 30 -20.37 7.97 -7.16
CA SER D 30 -21.25 9.12 -6.78
C SER D 30 -20.38 10.26 -6.26
N ASP D 31 -20.98 11.37 -5.89
CA ASP D 31 -20.21 12.53 -5.36
C ASP D 31 -20.55 12.72 -3.88
N ASN D 32 -19.67 13.35 -3.13
CA ASN D 32 -19.92 13.53 -1.67
C ASN D 32 -19.58 12.24 -0.94
N VAL D 33 -18.60 12.29 -0.06
CA VAL D 33 -18.20 11.07 0.68
C VAL D 33 -19.37 10.60 1.55
N ASP D 34 -20.18 11.51 2.01
CA ASP D 34 -21.33 11.12 2.87
C ASP D 34 -22.26 10.15 2.11
N GLU D 35 -22.48 10.41 0.84
CA GLU D 35 -23.37 9.51 0.06
C GLU D 35 -22.62 8.22 -0.25
N ILE D 36 -21.36 8.28 -0.55
CA ILE D 36 -20.61 7.03 -0.84
C ILE D 36 -20.54 6.18 0.43
N VAL D 37 -20.07 6.75 1.51
CA VAL D 37 -19.97 5.97 2.78
C VAL D 37 -21.38 5.53 3.21
N GLU D 38 -22.32 6.44 3.25
CA GLU D 38 -23.70 6.07 3.67
C GLU D 38 -24.23 4.94 2.77
N ASN D 39 -23.90 4.96 1.52
CA ASN D 39 -24.39 3.88 0.61
C ASN D 39 -23.66 2.57 0.93
N LEU D 40 -22.40 2.65 1.24
CA LEU D 40 -21.64 1.42 1.60
C LEU D 40 -22.14 0.92 2.94
N ARG D 41 -22.24 1.77 3.93
CA ARG D 41 -22.74 1.31 5.26
C ARG D 41 -24.00 0.45 5.04
N LYS D 42 -25.00 0.99 4.43
CA LYS D 42 -26.25 0.20 4.21
C LYS D 42 -25.91 -1.18 3.61
N GLN D 43 -24.85 -1.28 2.85
CA GLN D 43 -24.50 -2.61 2.25
C GLN D 43 -24.05 -3.58 3.35
N VAL D 44 -23.07 -3.25 4.13
CA VAL D 44 -22.60 -4.20 5.22
C VAL D 44 -23.75 -4.34 6.23
N LYS D 45 -24.30 -3.23 6.66
CA LYS D 45 -25.41 -3.28 7.65
C LYS D 45 -26.49 -4.26 7.22
N ALA D 46 -26.85 -4.15 5.96
CA ALA D 46 -27.91 -5.03 5.37
C ALA D 46 -27.36 -6.42 5.09
N LYS D 47 -26.09 -6.51 4.80
CA LYS D 47 -25.49 -7.85 4.53
C LYS D 47 -24.93 -8.41 5.83
N GLY D 48 -24.97 -7.64 6.90
CA GLY D 48 -24.47 -8.18 8.20
C GLY D 48 -22.96 -8.06 8.25
N GLY D 49 -22.39 -7.19 7.44
CA GLY D 49 -20.90 -7.04 7.45
C GLY D 49 -20.47 -6.28 8.70
N MET D 50 -19.25 -5.83 8.73
CA MET D 50 -18.73 -5.10 9.91
C MET D 50 -18.27 -3.69 9.55
N GLY D 51 -17.90 -3.50 8.30
CA GLY D 51 -17.39 -2.17 7.86
C GLY D 51 -16.58 -2.37 6.58
N LEU D 52 -15.79 -1.40 6.22
CA LEU D 52 -14.95 -1.51 4.97
C LEU D 52 -13.48 -1.32 5.31
N ILE D 53 -12.62 -2.09 4.70
CA ILE D 53 -11.16 -1.97 4.96
C ILE D 53 -10.48 -1.32 3.76
N ALA D 54 -9.49 -0.50 3.95
CA ALA D 54 -8.83 0.14 2.79
C ALA D 54 -9.87 0.88 1.97
N PHE D 55 -10.53 1.84 2.57
CA PHE D 55 -11.56 2.62 1.83
C PHE D 55 -10.86 3.74 1.05
N ARG D 56 -10.15 3.39 0.02
CA ARG D 56 -9.41 4.42 -0.77
C ARG D 56 -10.29 4.90 -1.93
N ILE D 57 -10.59 6.17 -1.96
CA ILE D 57 -11.43 6.71 -3.07
C ILE D 57 -10.52 7.13 -4.23
N THR D 58 -9.51 7.93 -3.95
CA THR D 58 -8.55 8.40 -5.02
C THR D 58 -9.25 8.45 -6.38
N CYS D 59 -9.88 9.55 -6.70
CA CYS D 59 -10.58 9.66 -8.01
C CYS D 59 -9.57 9.98 -9.11
N ALA D 60 -9.97 9.85 -10.35
CA ALA D 60 -9.04 10.15 -11.49
C ALA D 60 -9.75 11.06 -12.49
N ASP D 61 -10.96 10.72 -12.87
CA ASP D 61 -11.70 11.57 -13.85
C ASP D 61 -13.18 11.16 -13.84
N GLY D 62 -13.91 11.60 -12.86
CA GLY D 62 -15.36 11.24 -12.80
C GLY D 62 -15.53 9.86 -12.16
N LYS D 63 -14.45 9.13 -12.01
CA LYS D 63 -14.54 7.78 -11.40
C LYS D 63 -14.49 7.89 -9.88
N PHE D 64 -15.61 7.79 -9.23
CA PHE D 64 -15.65 7.90 -7.74
C PHE D 64 -16.10 6.55 -7.15
N LEU D 65 -15.51 5.48 -7.60
CA LEU D 65 -15.90 4.14 -7.07
C LEU D 65 -15.15 3.85 -5.77
N GLY D 66 -15.72 4.19 -4.66
CA GLY D 66 -15.04 3.94 -3.36
C GLY D 66 -14.82 2.43 -3.19
N TYR D 67 -13.85 1.89 -3.88
CA TYR D 67 -13.59 0.43 -3.79
C TYR D 67 -13.31 0.03 -2.33
N GLY D 68 -13.97 -0.99 -1.86
CA GLY D 68 -13.76 -1.45 -0.46
C GLY D 68 -14.21 -2.89 -0.34
N THR D 69 -13.63 -3.64 0.58
CA THR D 69 -14.04 -5.06 0.77
C THR D 69 -14.84 -5.16 2.06
N ILE D 70 -15.91 -5.92 2.06
CA ILE D 70 -16.72 -6.07 3.31
C ILE D 70 -16.14 -7.22 4.10
N VAL D 71 -16.01 -7.06 5.39
CA VAL D 71 -15.45 -8.15 6.23
C VAL D 71 -16.40 -8.47 7.38
N LYS D 72 -16.23 -9.62 7.99
CA LYS D 72 -17.11 -10.00 9.13
C LYS D 72 -16.29 -10.83 10.10
N ALA D 73 -16.52 -10.71 11.37
CA ALA D 73 -15.76 -11.52 12.37
C ALA D 73 -16.67 -12.64 12.87
N ASP D 74 -16.13 -13.75 13.27
CA ASP D 74 -16.98 -14.87 13.78
C ASP D 74 -17.74 -14.39 15.03
N GLU D 75 -18.46 -15.29 15.65
CA GLU D 75 -19.24 -14.88 16.86
C GLU D 75 -20.15 -13.69 16.50
N ALA D 76 -21.10 -13.92 15.64
CA ALA D 76 -22.04 -12.84 15.21
C ALA D 76 -23.14 -12.66 16.26
N GLN D 77 -23.47 -13.72 16.95
CA GLN D 77 -24.54 -13.64 17.99
C GLN D 77 -25.85 -13.20 17.32
N PHE D 78 -25.84 -13.04 16.02
CA PHE D 78 -27.08 -12.60 15.30
C PHE D 78 -27.81 -13.83 14.76
N THR D 79 -27.09 -14.82 14.31
CA THR D 79 -27.74 -16.04 13.76
C THR D 79 -26.76 -17.21 13.82
N MET D 80 -27.09 -18.25 14.53
CA MET D 80 -26.16 -19.42 14.62
C MET D 80 -25.90 -19.97 13.22
N ALA D 81 -26.87 -19.90 12.34
CA ALA D 81 -26.67 -20.42 10.96
C ALA D 81 -26.18 -21.87 11.02
N MET E 1 10.38 13.61 29.58
CA MET E 1 9.77 14.88 30.05
C MET E 1 8.97 15.52 28.91
N ILE E 2 9.43 16.62 28.39
CA ILE E 2 8.69 17.29 27.27
C ILE E 2 9.02 16.58 25.96
N PHE E 3 8.16 15.72 25.51
CA PHE E 3 8.41 15.00 24.23
C PHE E 3 8.35 15.99 23.06
N GLU E 4 8.20 15.50 21.86
CA GLU E 4 8.12 16.41 20.68
C GLU E 4 7.50 15.65 19.51
N ASP E 5 6.48 16.19 18.90
CA ASP E 5 5.82 15.50 17.74
C ASP E 5 4.51 16.20 17.43
N LYS E 6 3.61 16.35 18.36
CA LYS E 6 2.33 17.06 18.05
C LYS E 6 1.68 16.45 16.80
N PHE E 7 2.05 16.93 15.62
CA PHE E 7 1.46 16.37 14.36
C PHE E 7 2.51 15.54 13.63
N ILE E 8 2.23 14.27 13.43
CA ILE E 8 3.21 13.37 12.75
C ILE E 8 2.70 13.06 11.34
N ILE E 9 3.53 13.20 10.35
CA ILE E 9 3.12 12.88 8.94
C ILE E 9 4.06 11.80 8.40
N THR E 10 3.54 10.64 8.12
CA THR E 10 4.42 9.53 7.58
C THR E 10 3.82 9.03 6.27
N THR E 11 4.66 8.47 5.44
CA THR E 11 4.21 7.91 4.12
C THR E 11 4.52 6.41 4.16
N ALA E 12 3.56 5.62 4.51
CA ALA E 12 3.77 4.14 4.53
C ALA E 12 2.42 3.42 4.62
N ASP E 13 2.18 2.74 5.71
CA ASP E 13 0.88 2.00 5.87
C ASP E 13 0.31 2.24 7.27
N GLU E 14 1.15 2.21 8.27
CA GLU E 14 0.66 2.44 9.66
C GLU E 14 1.85 2.52 10.60
N ILE E 15 1.61 2.83 11.86
CA ILE E 15 2.73 2.94 12.85
C ILE E 15 2.59 1.81 13.89
N PRO E 16 3.30 0.70 13.68
CA PRO E 16 3.22 -0.46 14.60
C PRO E 16 3.73 -0.08 16.00
N GLY E 17 3.28 -0.79 17.00
CA GLY E 17 3.73 -0.51 18.39
C GLY E 17 2.75 0.45 19.08
N LEU E 18 1.82 0.99 18.33
CA LEU E 18 0.83 1.96 18.90
C LEU E 18 -0.58 1.53 18.53
N GLN E 19 -1.51 1.68 19.44
CA GLN E 19 -2.92 1.30 19.15
C GLN E 19 -3.60 2.49 18.46
N LEU E 20 -3.87 2.38 17.18
CA LEU E 20 -4.51 3.52 16.44
C LEU E 20 -6.02 3.29 16.37
N TYR E 21 -6.79 4.32 16.63
CA TYR E 21 -8.28 4.20 16.58
C TYR E 21 -8.83 5.24 15.60
N SER E 22 -9.67 4.84 14.68
CA SER E 22 -10.21 5.80 13.67
C SER E 22 -11.47 6.51 14.20
N LEU E 23 -11.51 7.81 14.06
CA LEU E 23 -12.68 8.62 14.54
C LEU E 23 -13.26 9.38 13.35
N GLY E 24 -12.98 8.90 12.16
CA GLY E 24 -13.56 9.53 10.94
C GLY E 24 -12.57 9.56 9.80
N ILE E 25 -13.03 9.96 8.65
CA ILE E 25 -12.16 10.04 7.44
C ILE E 25 -11.90 11.51 7.12
N ALA E 26 -10.71 11.83 6.66
CA ALA E 26 -10.39 13.26 6.31
C ALA E 26 -10.18 13.37 4.80
N SER E 27 -10.58 14.46 4.21
CA SER E 27 -10.39 14.63 2.74
C SER E 27 -10.27 16.12 2.45
N THR E 28 -9.34 16.51 1.61
CA THR E 28 -9.19 17.96 1.29
C THR E 28 -8.65 18.10 -0.14
N ILE E 29 -9.01 19.16 -0.82
CA ILE E 29 -8.50 19.38 -2.21
C ILE E 29 -7.83 20.76 -2.26
N SER E 30 -6.66 20.85 -2.82
CA SER E 30 -5.97 22.18 -2.90
C SER E 30 -4.57 21.98 -3.50
N ASP E 31 -3.78 23.02 -3.53
CA ASP E 31 -2.39 22.93 -4.09
C ASP E 31 -1.39 23.38 -3.03
N ASN E 32 -0.12 23.15 -3.26
CA ASN E 32 0.93 23.54 -2.26
C ASN E 32 0.88 22.55 -1.10
N VAL E 33 2.00 21.93 -0.81
CA VAL E 33 2.03 20.95 0.32
C VAL E 33 1.81 21.67 1.64
N ASP E 34 2.30 22.88 1.75
CA ASP E 34 2.13 23.64 3.02
C ASP E 34 0.64 23.82 3.34
N GLU E 35 -0.15 24.20 2.37
CA GLU E 35 -1.61 24.39 2.64
C GLU E 35 -2.30 23.02 2.75
N ILE E 36 -1.93 22.09 1.92
CA ILE E 36 -2.58 20.75 2.01
C ILE E 36 -2.27 20.13 3.39
N VAL E 37 -1.03 20.13 3.79
CA VAL E 37 -0.68 19.54 5.12
C VAL E 37 -1.38 20.32 6.24
N GLU E 38 -1.27 21.62 6.21
CA GLU E 38 -1.93 22.43 7.28
C GLU E 38 -3.43 22.17 7.28
N ASN E 39 -4.03 22.06 6.13
CA ASN E 39 -5.50 21.81 6.07
C ASN E 39 -5.83 20.52 6.82
N LEU E 40 -5.07 19.48 6.59
CA LEU E 40 -5.34 18.20 7.30
C LEU E 40 -4.95 18.33 8.76
N ARG E 41 -3.78 18.84 9.06
CA ARG E 41 -3.36 18.97 10.48
C ARG E 41 -4.48 19.68 11.27
N LYS E 42 -5.03 20.70 10.70
CA LYS E 42 -6.12 21.45 11.40
C LYS E 42 -7.37 20.58 11.48
N GLN E 43 -7.67 19.85 10.44
CA GLN E 43 -8.88 18.97 10.48
C GLN E 43 -8.59 17.74 11.32
N VAL E 44 -7.39 17.25 11.29
CA VAL E 44 -7.02 16.06 12.09
C VAL E 44 -7.03 16.44 13.58
N LYS E 45 -6.33 17.48 13.97
CA LYS E 45 -6.26 17.77 15.43
C LYS E 45 -7.60 18.31 15.90
N ALA E 46 -8.28 19.05 15.05
CA ALA E 46 -9.59 19.63 15.46
C ALA E 46 -10.50 18.49 15.92
N LYS E 47 -10.35 17.32 15.35
CA LYS E 47 -11.22 16.19 15.76
C LYS E 47 -10.56 15.41 16.89
N GLY E 48 -9.34 15.73 17.26
CA GLY E 48 -8.68 14.97 18.38
C GLY E 48 -7.61 14.03 17.82
N GLY E 49 -7.35 14.11 16.54
CA GLY E 49 -6.31 13.21 15.95
C GLY E 49 -4.92 13.75 16.28
N MET E 50 -3.89 12.92 16.21
CA MET E 50 -2.52 13.39 16.58
C MET E 50 -1.54 13.14 15.42
N GLY E 51 -1.92 12.44 14.40
CA GLY E 51 -0.97 12.20 13.28
C GLY E 51 -1.73 11.70 12.06
N LEU E 52 -1.12 11.77 10.90
CA LEU E 52 -1.79 11.30 9.65
C LEU E 52 -0.98 10.18 9.00
N ILE E 53 -1.65 9.21 8.43
CA ILE E 53 -0.94 8.05 7.81
C ILE E 53 -1.12 8.05 6.29
N ALA E 54 -0.08 7.76 5.55
CA ALA E 54 -0.20 7.73 4.06
C ALA E 54 -0.51 9.13 3.51
N PHE E 55 0.49 9.96 3.43
CA PHE E 55 0.27 11.35 2.91
C PHE E 55 0.47 11.37 1.39
N ARG E 56 -0.59 11.33 0.64
CA ARG E 56 -0.47 11.36 -0.85
C ARG E 56 -0.70 12.79 -1.35
N ILE E 57 -0.38 13.07 -2.58
CA ILE E 57 -0.57 14.44 -3.13
C ILE E 57 -1.22 14.34 -4.52
N THR E 58 -0.54 13.77 -5.47
CA THR E 58 -1.12 13.63 -6.84
C THR E 58 -0.70 12.29 -7.44
N CYS E 59 -1.57 11.69 -8.23
CA CYS E 59 -1.24 10.38 -8.85
C CYS E 59 -1.80 10.35 -10.28
N ALA E 60 -3.05 10.70 -10.45
CA ALA E 60 -3.63 10.70 -11.82
C ALA E 60 -3.14 11.93 -12.59
N ASP E 61 -2.15 12.61 -12.07
CA ASP E 61 -1.62 13.82 -12.77
C ASP E 61 -2.76 14.80 -13.03
N GLY E 62 -3.59 15.06 -12.05
CA GLY E 62 -4.70 16.02 -12.24
C GLY E 62 -5.54 16.09 -10.97
N LYS E 63 -6.81 15.83 -11.06
CA LYS E 63 -7.67 15.88 -9.84
C LYS E 63 -7.30 14.73 -8.90
N PHE E 64 -6.97 15.04 -7.68
CA PHE E 64 -6.60 13.98 -6.71
C PHE E 64 -6.54 14.56 -5.30
N LEU E 65 -7.32 14.04 -4.40
CA LEU E 65 -7.31 14.56 -3.00
C LEU E 65 -6.27 13.78 -2.20
N GLY E 66 -5.58 14.44 -1.31
CA GLY E 66 -4.56 13.72 -0.49
C GLY E 66 -5.22 12.54 0.21
N TYR E 67 -6.40 12.75 0.73
CA TYR E 67 -7.12 11.64 1.42
C TYR E 67 -6.29 11.13 2.61
N GLY E 68 -6.90 11.07 3.76
CA GLY E 68 -6.16 10.58 4.95
C GLY E 68 -7.14 10.20 6.05
N THR E 69 -6.90 9.13 6.75
CA THR E 69 -7.80 8.72 7.85
C THR E 69 -7.30 9.32 9.16
N ILE E 70 -8.18 9.81 9.98
CA ILE E 70 -7.75 10.38 11.28
C ILE E 70 -7.63 9.26 12.29
N VAL E 71 -6.61 9.26 13.12
CA VAL E 71 -6.48 8.16 14.13
C VAL E 71 -5.98 8.72 15.45
N LYS E 72 -6.16 7.98 16.51
CA LYS E 72 -5.67 8.44 17.84
C LYS E 72 -5.45 7.23 18.72
N ALA E 73 -4.49 7.26 19.62
CA ALA E 73 -4.26 6.07 20.51
C ALA E 73 -4.64 6.47 21.93
N ASP E 74 -5.07 5.53 22.72
CA ASP E 74 -5.46 5.86 24.13
C ASP E 74 -4.20 6.20 24.93
N GLU E 75 -4.34 7.02 25.94
CA GLU E 75 -3.17 7.42 26.77
C GLU E 75 -2.93 6.36 27.85
N ALA E 76 -3.91 6.12 28.68
CA ALA E 76 -3.74 5.11 29.76
C ALA E 76 -5.11 4.74 30.34
N GLN E 77 -6.12 5.52 30.04
CA GLN E 77 -7.48 5.21 30.57
C GLN E 77 -8.02 3.94 29.90
N PHE E 78 -8.48 2.99 30.67
CA PHE E 78 -9.01 1.73 30.07
C PHE E 78 -10.40 2.01 29.49
N THR E 79 -10.71 1.38 28.39
CA THR E 79 -12.06 1.58 27.78
C THR E 79 -13.11 0.82 28.58
N MET E 80 -12.69 0.01 29.51
CA MET E 80 -13.66 -0.76 30.33
C MET E 80 -14.51 0.22 31.16
N ALA E 81 -13.89 1.21 31.72
CA ALA E 81 -14.65 2.19 32.55
C ALA E 81 -13.79 3.44 32.78
N MET A 1 33.02 2.50 10.63
CA MET A 1 33.39 3.75 11.34
C MET A 1 33.06 4.95 10.46
N ILE A 2 33.38 4.87 9.20
CA ILE A 2 33.09 6.02 8.29
C ILE A 2 31.58 6.13 8.06
N PHE A 3 30.93 6.98 8.81
CA PHE A 3 29.44 7.14 8.66
C PHE A 3 29.15 8.34 7.73
N GLU A 4 30.17 8.90 7.13
CA GLU A 4 29.96 10.06 6.22
C GLU A 4 29.46 9.56 4.87
N ASP A 5 28.84 8.42 4.83
CA ASP A 5 28.33 7.89 3.53
C ASP A 5 27.49 6.64 3.80
N LYS A 6 26.20 6.78 3.86
CA LYS A 6 25.31 5.60 4.12
C LYS A 6 23.86 5.98 3.81
N PHE A 7 23.55 6.15 2.55
CA PHE A 7 22.14 6.50 2.16
C PHE A 7 21.42 5.28 1.61
N ILE A 8 20.31 4.93 2.20
CA ILE A 8 19.55 3.71 1.76
C ILE A 8 18.23 4.13 1.12
N ILE A 9 17.85 3.48 0.05
CA ILE A 9 16.56 3.81 -0.64
C ILE A 9 15.80 2.51 -0.87
N THR A 10 14.62 2.38 -0.30
CA THR A 10 13.80 1.15 -0.52
C THR A 10 12.44 1.58 -1.05
N THR A 11 11.85 0.72 -1.86
CA THR A 11 10.51 1.06 -2.47
C THR A 11 9.47 -0.01 -2.16
N ALA A 12 8.97 -0.09 -0.94
CA ALA A 12 8.02 -1.16 -0.60
C ALA A 12 7.27 -0.75 0.66
N ASP A 13 7.82 -1.05 1.81
CA ASP A 13 7.15 -0.67 3.11
C ASP A 13 8.12 0.17 3.96
N GLU A 14 9.05 -0.47 4.62
CA GLU A 14 10.00 0.29 5.47
C GLU A 14 11.23 -0.57 5.76
N ILE A 15 11.97 -0.26 6.80
CA ILE A 15 13.18 -1.06 7.15
C ILE A 15 13.03 -1.64 8.57
N PRO A 16 12.49 -2.84 8.68
CA PRO A 16 12.27 -3.48 10.00
C PRO A 16 13.62 -3.68 10.72
N GLY A 17 13.60 -3.76 12.03
CA GLY A 17 14.85 -3.97 12.80
C GLY A 17 15.44 -2.61 13.20
N LEU A 18 14.97 -1.55 12.59
CA LEU A 18 15.48 -0.18 12.93
C LEU A 18 14.34 0.71 13.40
N GLN A 19 14.57 1.50 14.41
CA GLN A 19 13.50 2.40 14.92
C GLN A 19 13.45 3.64 14.04
N LEU A 20 12.44 3.78 13.24
CA LEU A 20 12.34 4.96 12.34
C LEU A 20 11.40 6.01 12.94
N TYR A 21 11.82 7.26 12.94
CA TYR A 21 10.98 8.35 13.52
C TYR A 21 10.70 9.38 12.42
N SER A 22 9.46 9.76 12.23
CA SER A 22 9.14 10.75 11.18
C SER A 22 10.01 12.01 11.30
N LEU A 23 10.64 12.38 10.24
CA LEU A 23 11.48 13.63 10.23
C LEU A 23 10.84 14.63 9.29
N GLY A 24 9.69 14.31 8.79
CA GLY A 24 8.98 15.25 7.87
C GLY A 24 8.76 14.59 6.52
N ILE A 25 8.19 15.32 5.59
CA ILE A 25 7.93 14.75 4.23
C ILE A 25 8.74 15.54 3.20
N ALA A 26 9.21 14.88 2.18
CA ALA A 26 10.00 15.56 1.10
C ALA A 26 9.19 15.54 -0.19
N SER A 27 9.44 16.45 -1.09
CA SER A 27 8.68 16.50 -2.37
C SER A 27 9.58 17.12 -3.44
N THR A 28 9.47 16.66 -4.65
CA THR A 28 10.32 17.21 -5.75
C THR A 28 9.54 17.12 -7.06
N ILE A 29 9.52 18.19 -7.83
CA ILE A 29 8.80 18.20 -9.13
C ILE A 29 9.80 18.49 -10.24
N SER A 30 9.87 17.66 -11.25
CA SER A 30 10.82 17.90 -12.39
C SER A 30 10.80 16.69 -13.34
N ASP A 31 11.95 16.12 -13.60
CA ASP A 31 12.02 14.93 -14.51
C ASP A 31 13.35 14.24 -14.31
N ASN A 32 13.52 13.05 -14.83
CA ASN A 32 14.79 12.30 -14.62
C ASN A 32 14.86 11.81 -13.18
N VAL A 33 14.85 10.52 -13.00
CA VAL A 33 14.91 9.96 -11.62
C VAL A 33 16.29 10.25 -11.02
N ASP A 34 17.31 10.29 -11.83
CA ASP A 34 18.67 10.57 -11.30
C ASP A 34 18.68 11.93 -10.59
N GLU A 35 18.04 12.92 -11.15
CA GLU A 35 18.04 14.26 -10.51
C GLU A 35 17.10 14.26 -9.31
N ILE A 36 15.95 13.66 -9.43
CA ILE A 36 15.02 13.63 -8.26
C ILE A 36 15.67 12.87 -7.10
N VAL A 37 16.13 11.67 -7.33
CA VAL A 37 16.76 10.89 -6.23
C VAL A 37 17.94 11.70 -5.66
N GLU A 38 18.79 12.21 -6.51
CA GLU A 38 19.96 12.98 -6.02
C GLU A 38 19.49 14.19 -5.21
N ASN A 39 18.43 14.83 -5.64
CA ASN A 39 17.92 16.02 -4.88
C ASN A 39 17.37 15.57 -3.53
N LEU A 40 16.67 14.46 -3.49
CA LEU A 40 16.13 13.98 -2.19
C LEU A 40 17.29 13.62 -1.26
N ARG A 41 18.30 12.95 -1.75
CA ARG A 41 19.44 12.59 -0.86
C ARG A 41 19.90 13.83 -0.09
N LYS A 42 20.20 14.89 -0.78
CA LYS A 42 20.65 16.14 -0.10
C LYS A 42 19.60 16.61 0.90
N GLN A 43 18.34 16.43 0.57
CA GLN A 43 17.25 16.88 1.48
C GLN A 43 17.13 15.90 2.65
N VAL A 44 17.34 14.64 2.39
CA VAL A 44 17.26 13.64 3.47
C VAL A 44 18.46 13.80 4.39
N LYS A 45 19.66 13.82 3.86
CA LYS A 45 20.82 13.87 4.79
C LYS A 45 20.92 15.25 5.44
N ALA A 46 20.53 16.27 4.71
CA ALA A 46 20.61 17.66 5.25
C ALA A 46 19.73 17.77 6.50
N LYS A 47 18.61 17.09 6.52
CA LYS A 47 17.72 17.17 7.71
C LYS A 47 18.18 16.15 8.76
N GLY A 48 19.17 15.34 8.43
CA GLY A 48 19.67 14.34 9.43
C GLY A 48 19.10 12.97 9.09
N GLY A 49 18.32 12.86 8.05
CA GLY A 49 17.75 11.54 7.68
C GLY A 49 18.87 10.63 7.18
N MET A 50 18.71 9.32 7.27
CA MET A 50 19.79 8.39 6.82
C MET A 50 19.28 7.46 5.72
N GLY A 51 18.01 7.45 5.47
CA GLY A 51 17.49 6.55 4.41
C GLY A 51 16.04 6.93 4.09
N LEU A 52 15.68 6.83 2.84
CA LEU A 52 14.28 7.17 2.42
C LEU A 52 13.46 5.89 2.23
N ILE A 53 12.21 5.93 2.59
CA ILE A 53 11.34 4.71 2.51
C ILE A 53 10.14 4.97 1.59
N ALA A 54 9.61 3.97 0.93
CA ALA A 54 8.43 4.21 0.05
C ALA A 54 8.76 5.29 -0.95
N PHE A 55 9.73 5.06 -1.80
CA PHE A 55 10.10 6.07 -2.83
C PHE A 55 9.48 5.65 -4.16
N ARG A 56 8.20 5.81 -4.31
CA ARG A 56 7.55 5.41 -5.59
C ARG A 56 7.91 6.41 -6.68
N ILE A 57 8.09 5.95 -7.89
CA ILE A 57 8.44 6.87 -9.00
C ILE A 57 7.16 7.49 -9.57
N THR A 58 6.48 6.77 -10.43
CA THR A 58 5.21 7.31 -11.04
C THR A 58 4.05 6.36 -10.75
N CYS A 59 3.42 6.51 -9.61
CA CYS A 59 2.28 5.63 -9.25
C CYS A 59 1.00 6.15 -9.92
N ALA A 60 -0.03 6.36 -9.17
CA ALA A 60 -1.30 6.88 -9.77
C ALA A 60 -1.14 8.37 -10.08
N ASP A 61 -1.35 9.22 -9.11
CA ASP A 61 -1.22 10.68 -9.36
C ASP A 61 0.27 11.04 -9.46
N GLY A 62 1.13 10.06 -9.46
CA GLY A 62 2.60 10.34 -9.56
C GLY A 62 2.96 10.70 -11.00
N LYS A 63 2.22 11.58 -11.63
CA LYS A 63 2.55 11.94 -13.04
C LYS A 63 4.01 12.37 -13.12
N PHE A 64 4.41 13.31 -12.31
CA PHE A 64 5.83 13.78 -12.34
C PHE A 64 6.17 14.43 -11.00
N LEU A 65 6.08 13.68 -9.93
CA LEU A 65 6.39 14.25 -8.59
C LEU A 65 6.95 13.11 -7.72
N GLY A 66 8.13 13.28 -7.17
CA GLY A 66 8.71 12.23 -6.28
C GLY A 66 8.67 12.74 -4.84
N TYR A 67 8.19 11.93 -3.93
CA TYR A 67 8.11 12.36 -2.50
C TYR A 67 8.45 11.18 -1.59
N GLY A 68 8.35 11.40 -0.32
CA GLY A 68 8.67 10.30 0.64
C GLY A 68 8.75 10.85 2.07
N THR A 69 8.73 9.97 3.04
CA THR A 69 8.84 10.42 4.45
C THR A 69 10.29 10.27 4.89
N ILE A 70 10.84 11.26 5.54
CA ILE A 70 12.25 11.14 6.02
C ILE A 70 12.20 10.50 7.40
N VAL A 71 13.19 9.71 7.74
CA VAL A 71 13.17 9.06 9.07
C VAL A 71 14.59 8.96 9.63
N LYS A 72 14.71 8.78 10.92
CA LYS A 72 16.07 8.65 11.54
C LYS A 72 15.98 7.65 12.69
N ALA A 73 17.08 7.09 13.12
CA ALA A 73 17.05 6.12 14.25
C ALA A 73 17.88 6.69 15.39
N ASP A 74 17.58 6.35 16.62
CA ASP A 74 18.34 6.87 17.79
C ASP A 74 17.88 8.30 18.12
N GLU A 75 18.70 9.05 18.79
CA GLU A 75 18.32 10.46 19.14
C GLU A 75 18.90 11.41 18.10
N ALA A 76 18.77 12.69 18.32
CA ALA A 76 19.29 13.71 17.36
C ALA A 76 20.67 14.19 17.83
N GLN A 77 20.76 15.43 18.24
CA GLN A 77 22.07 15.99 18.73
C GLN A 77 21.84 16.72 20.06
N PHE A 78 20.61 16.82 20.49
CA PHE A 78 20.32 17.52 21.77
C PHE A 78 20.98 16.75 22.93
N THR A 79 20.43 15.62 23.28
CA THR A 79 21.02 14.82 24.40
C THR A 79 22.40 14.32 23.99
N MET A 80 23.32 14.25 24.91
CA MET A 80 24.68 13.77 24.57
C MET A 80 24.62 12.28 24.23
N ALA A 81 24.97 11.92 23.03
CA ALA A 81 24.93 10.48 22.64
C ALA A 81 26.12 9.75 23.25
N MET B 1 16.03 -23.44 -14.74
CA MET B 1 14.71 -23.39 -14.06
C MET B 1 14.72 -24.31 -12.84
N ILE B 2 15.79 -24.30 -12.09
CA ILE B 2 15.87 -25.17 -10.87
C ILE B 2 16.30 -24.32 -9.67
N PHE B 3 17.51 -23.83 -9.67
CA PHE B 3 17.99 -23.00 -8.53
C PHE B 3 18.94 -21.91 -9.05
N GLU B 4 18.70 -21.39 -10.22
CA GLU B 4 19.60 -20.33 -10.76
C GLU B 4 18.79 -19.41 -11.69
N ASP B 5 17.94 -19.98 -12.49
CA ASP B 5 17.09 -19.18 -13.42
C ASP B 5 15.67 -19.07 -12.86
N LYS B 6 15.54 -18.95 -11.56
CA LYS B 6 14.18 -18.82 -10.94
C LYS B 6 13.90 -17.34 -10.65
N PHE B 7 12.96 -16.77 -11.36
CA PHE B 7 12.61 -15.33 -11.13
C PHE B 7 11.28 -15.24 -10.37
N ILE B 8 11.30 -14.68 -9.19
CA ILE B 8 10.04 -14.59 -8.38
C ILE B 8 9.48 -13.17 -8.42
N ILE B 9 8.18 -13.04 -8.63
CA ILE B 9 7.54 -11.70 -8.68
C ILE B 9 6.41 -11.69 -7.66
N THR B 10 6.50 -10.84 -6.67
CA THR B 10 5.39 -10.75 -5.66
C THR B 10 4.94 -9.29 -5.55
N THR B 11 3.69 -9.09 -5.19
CA THR B 11 3.13 -7.71 -5.04
C THR B 11 2.68 -7.61 -3.59
N ALA B 12 3.51 -7.05 -2.78
CA ALA B 12 3.14 -6.84 -1.34
C ALA B 12 4.27 -6.12 -0.59
N ASP B 13 5.20 -6.87 -0.06
CA ASP B 13 6.32 -6.23 0.68
C ASP B 13 7.54 -7.15 0.67
N GLU B 14 8.46 -6.95 1.57
CA GLU B 14 9.67 -7.81 1.62
C GLU B 14 9.28 -9.24 1.98
N ILE B 15 9.59 -10.19 1.13
CA ILE B 15 9.22 -11.60 1.43
C ILE B 15 9.73 -11.99 2.83
N PRO B 16 8.83 -12.18 3.79
CA PRO B 16 9.24 -12.54 5.17
C PRO B 16 9.95 -13.91 5.17
N GLY B 17 10.81 -14.13 6.14
CA GLY B 17 11.52 -15.44 6.23
C GLY B 17 12.84 -15.38 5.45
N LEU B 18 12.99 -14.40 4.60
CA LEU B 18 14.25 -14.27 3.80
C LEU B 18 14.88 -12.91 4.08
N GLN B 19 16.18 -12.87 4.17
CA GLN B 19 16.88 -11.59 4.43
C GLN B 19 17.10 -10.88 3.09
N LEU B 20 16.39 -9.83 2.83
CA LEU B 20 16.54 -9.11 1.54
C LEU B 20 17.49 -7.91 1.69
N TYR B 21 18.36 -7.72 0.74
CA TYR B 21 19.33 -6.58 0.80
C TYR B 21 19.13 -5.68 -0.41
N SER B 22 19.00 -4.39 -0.22
CA SER B 22 18.80 -3.47 -1.37
C SER B 22 20.09 -3.35 -2.18
N LEU B 23 19.98 -3.49 -3.48
CA LEU B 23 21.17 -3.35 -4.38
C LEU B 23 20.93 -2.19 -5.33
N GLY B 24 19.93 -1.40 -5.06
CA GLY B 24 19.63 -0.22 -5.95
C GLY B 24 18.21 -0.32 -6.47
N ILE B 25 17.85 0.59 -7.33
CA ILE B 25 16.47 0.61 -7.91
C ILE B 25 16.54 0.36 -9.42
N ALA B 26 15.55 -0.33 -9.96
CA ALA B 26 15.54 -0.60 -11.42
C ALA B 26 14.35 0.14 -12.05
N SER B 27 14.49 0.64 -13.25
CA SER B 27 13.37 1.37 -13.91
C SER B 27 13.54 1.24 -15.42
N THR B 28 12.45 1.08 -16.14
CA THR B 28 12.54 0.96 -17.63
C THR B 28 11.27 1.53 -18.24
N ILE B 29 11.33 2.05 -19.45
CA ILE B 29 10.13 2.64 -20.11
C ILE B 29 9.73 1.77 -21.28
N SER B 30 8.49 1.84 -21.71
CA SER B 30 8.04 1.05 -22.91
C SER B 30 8.41 -0.40 -22.75
N ASP B 31 7.46 -1.27 -22.52
CA ASP B 31 7.75 -2.72 -22.37
C ASP B 31 6.47 -3.42 -21.88
N ASN B 32 6.07 -4.49 -22.54
CA ASN B 32 4.84 -5.27 -22.11
C ASN B 32 5.25 -6.23 -21.02
N VAL B 33 4.31 -6.92 -20.39
CA VAL B 33 4.68 -7.78 -19.24
C VAL B 33 5.92 -8.58 -19.57
N ASP B 34 5.96 -9.10 -20.75
CA ASP B 34 7.12 -9.91 -21.18
C ASP B 34 8.37 -9.03 -21.22
N GLU B 35 8.29 -7.83 -21.75
CA GLU B 35 9.53 -6.99 -21.84
C GLU B 35 9.91 -6.42 -20.47
N ILE B 36 9.02 -5.87 -19.72
CA ILE B 36 9.45 -5.35 -18.38
C ILE B 36 10.07 -6.47 -17.56
N VAL B 37 9.40 -7.58 -17.47
CA VAL B 37 9.94 -8.68 -16.65
C VAL B 37 11.30 -9.11 -17.22
N GLU B 38 11.38 -9.26 -18.52
CA GLU B 38 12.66 -9.68 -19.15
C GLU B 38 13.69 -8.55 -18.99
N ASN B 39 13.34 -7.34 -19.35
CA ASN B 39 14.30 -6.21 -19.21
C ASN B 39 14.79 -6.14 -17.77
N LEU B 40 13.88 -6.21 -16.84
CA LEU B 40 14.29 -6.18 -15.40
C LEU B 40 15.05 -7.46 -15.07
N ARG B 41 14.60 -8.60 -15.51
CA ARG B 41 15.34 -9.86 -15.20
C ARG B 41 16.83 -9.68 -15.55
N LYS B 42 17.10 -9.14 -16.70
CA LYS B 42 18.52 -8.94 -17.13
C LYS B 42 19.20 -7.91 -16.22
N GLN B 43 18.51 -6.88 -15.85
CA GLN B 43 19.11 -5.84 -14.96
C GLN B 43 19.16 -6.37 -13.52
N VAL B 44 18.17 -7.13 -13.14
CA VAL B 44 18.14 -7.70 -11.78
C VAL B 44 19.19 -8.79 -11.68
N LYS B 45 19.22 -9.75 -12.57
CA LYS B 45 20.20 -10.86 -12.40
C LYS B 45 21.62 -10.33 -12.65
N ALA B 46 21.73 -9.35 -13.50
CA ALA B 46 23.07 -8.77 -13.82
C ALA B 46 23.67 -8.20 -12.54
N LYS B 47 22.84 -7.74 -11.64
CA LYS B 47 23.37 -7.14 -10.38
C LYS B 47 23.41 -8.22 -9.29
N GLY B 48 22.92 -9.41 -9.55
CA GLY B 48 22.99 -10.49 -8.51
C GLY B 48 21.63 -10.63 -7.82
N GLY B 49 20.58 -10.07 -8.39
CA GLY B 49 19.24 -10.17 -7.75
C GLY B 49 18.55 -11.45 -8.24
N MET B 50 17.55 -11.92 -7.51
CA MET B 50 16.87 -13.19 -7.90
C MET B 50 15.34 -13.02 -7.92
N GLY B 51 14.87 -11.85 -7.58
CA GLY B 51 13.39 -11.65 -7.59
C GLY B 51 13.08 -10.15 -7.45
N LEU B 52 11.83 -9.79 -7.56
CA LEU B 52 11.43 -8.35 -7.44
C LEU B 52 10.28 -8.23 -6.45
N ILE B 53 10.36 -7.28 -5.55
CA ILE B 53 9.28 -7.10 -4.53
C ILE B 53 8.45 -5.85 -4.85
N ALA B 54 7.16 -5.91 -4.69
CA ALA B 54 6.31 -4.71 -4.95
C ALA B 54 6.62 -4.12 -6.32
N PHE B 55 6.41 -4.91 -7.34
CA PHE B 55 6.70 -4.43 -8.73
C PHE B 55 5.41 -3.97 -9.43
N ARG B 56 5.30 -2.70 -9.73
CA ARG B 56 4.09 -2.17 -10.43
C ARG B 56 4.42 -1.95 -11.91
N ILE B 57 3.74 -2.64 -12.80
CA ILE B 57 4.03 -2.47 -14.24
C ILE B 57 3.46 -1.13 -14.74
N THR B 58 3.71 -0.80 -15.97
CA THR B 58 3.18 0.48 -16.53
C THR B 58 1.69 0.31 -16.89
N CYS B 59 1.22 1.05 -17.85
CA CYS B 59 -0.22 0.93 -18.24
C CYS B 59 -0.44 1.66 -19.56
N ALA B 60 -1.64 1.62 -20.08
CA ALA B 60 -1.92 2.32 -21.37
C ALA B 60 -2.15 3.81 -21.09
N ASP B 61 -1.10 4.58 -21.00
CA ASP B 61 -1.25 6.04 -20.73
C ASP B 61 -0.02 6.79 -21.23
N GLY B 62 0.41 6.49 -22.44
CA GLY B 62 1.62 7.17 -22.99
C GLY B 62 2.88 6.52 -22.41
N LYS B 63 3.99 7.22 -22.46
CA LYS B 63 5.25 6.66 -21.91
C LYS B 63 5.23 6.69 -20.39
N PHE B 64 4.61 5.74 -19.76
CA PHE B 64 4.56 5.71 -18.28
C PHE B 64 5.96 5.43 -17.73
N LEU B 65 6.06 4.77 -16.60
CA LEU B 65 7.40 4.44 -16.04
C LEU B 65 7.27 3.28 -15.04
N GLY B 66 7.85 2.14 -15.34
CA GLY B 66 7.79 1.00 -14.39
C GLY B 66 8.98 1.09 -13.44
N TYR B 67 8.84 0.63 -12.23
CA TYR B 67 9.97 0.70 -11.26
C TYR B 67 9.90 -0.47 -10.27
N GLY B 68 11.01 -0.85 -9.76
CA GLY B 68 11.07 -1.97 -8.79
C GLY B 68 12.37 -1.94 -8.01
N THR B 69 12.42 -2.52 -6.84
CA THR B 69 13.68 -2.53 -6.06
C THR B 69 14.32 -3.90 -6.22
N ILE B 70 15.61 -3.95 -6.44
CA ILE B 70 16.30 -5.26 -6.58
C ILE B 70 16.67 -5.77 -5.19
N VAL B 71 16.65 -7.06 -4.98
CA VAL B 71 17.00 -7.60 -3.63
C VAL B 71 17.87 -8.84 -3.77
N LYS B 72 18.63 -9.16 -2.75
CA LYS B 72 19.49 -10.37 -2.81
C LYS B 72 19.67 -10.90 -1.38
N ALA B 73 19.50 -12.18 -1.15
CA ALA B 73 19.67 -12.71 0.23
C ALA B 73 21.01 -13.43 0.31
N ASP B 74 21.81 -13.10 1.28
CA ASP B 74 23.12 -13.81 1.44
C ASP B 74 23.76 -13.37 2.77
N GLU B 75 25.06 -13.19 2.79
CA GLU B 75 25.73 -12.76 4.04
C GLU B 75 27.16 -12.30 3.71
N ALA B 76 27.87 -13.07 2.95
CA ALA B 76 29.27 -12.68 2.58
C ALA B 76 29.23 -11.64 1.46
N GLN B 77 28.05 -11.26 1.05
CA GLN B 77 27.97 -10.22 -0.04
C GLN B 77 28.77 -10.69 -1.25
N PHE B 78 28.49 -10.14 -2.40
CA PHE B 78 29.23 -10.55 -3.63
C PHE B 78 28.93 -9.56 -4.77
N THR B 79 28.49 -8.37 -4.43
CA THR B 79 28.16 -7.36 -5.49
C THR B 79 28.86 -6.03 -5.15
N MET B 80 30.15 -6.00 -5.20
CA MET B 80 30.89 -4.75 -4.89
C MET B 80 30.38 -4.17 -3.57
N ALA B 81 30.90 -4.65 -2.46
CA ALA B 81 30.45 -4.13 -1.15
C ALA B 81 31.43 -4.58 -0.06
N MET C 1 -20.82 -31.20 -12.53
CA MET C 1 -19.56 -31.43 -11.77
C MET C 1 -19.75 -30.97 -10.33
N ILE C 2 -18.86 -31.36 -9.44
CA ILE C 2 -18.99 -30.94 -8.01
C ILE C 2 -18.28 -29.59 -7.81
N PHE C 3 -18.98 -28.51 -8.06
CA PHE C 3 -18.36 -27.17 -7.89
C PHE C 3 -18.25 -26.84 -6.40
N GLU C 4 -17.13 -26.33 -5.97
CA GLU C 4 -16.97 -25.99 -4.51
C GLU C 4 -17.10 -24.47 -4.34
N ASP C 5 -16.88 -23.71 -5.38
CA ASP C 5 -17.01 -22.23 -5.26
C ASP C 5 -16.17 -21.73 -4.09
N LYS C 6 -14.99 -21.23 -4.36
CA LYS C 6 -14.12 -20.73 -3.27
C LYS C 6 -13.16 -19.68 -3.82
N PHE C 7 -13.68 -18.68 -4.49
CA PHE C 7 -12.79 -17.61 -5.05
C PHE C 7 -12.72 -16.43 -4.08
N ILE C 8 -11.52 -16.08 -3.66
CA ILE C 8 -11.35 -14.97 -2.67
C ILE C 8 -10.69 -13.77 -3.34
N ILE C 9 -11.29 -12.61 -3.19
CA ILE C 9 -10.71 -11.36 -3.77
C ILE C 9 -10.53 -10.35 -2.65
N THR C 10 -9.32 -9.96 -2.37
CA THR C 10 -9.05 -8.98 -1.28
C THR C 10 -8.52 -7.67 -1.89
N THR C 11 -9.02 -6.58 -1.43
CA THR C 11 -8.54 -5.26 -1.95
C THR C 11 -7.02 -5.11 -1.78
N ALA C 12 -6.54 -4.65 -0.62
CA ALA C 12 -5.07 -4.52 -0.40
C ALA C 12 -4.74 -5.12 0.96
N ASP C 13 -4.40 -6.38 0.96
CA ASP C 13 -4.09 -7.10 2.22
C ASP C 13 -3.01 -8.16 1.94
N GLU C 14 -3.20 -9.36 2.46
CA GLU C 14 -2.19 -10.42 2.22
C GLU C 14 -2.78 -11.79 2.61
N ILE C 15 -3.93 -11.78 3.21
CA ILE C 15 -4.58 -13.07 3.62
C ILE C 15 -3.60 -13.87 4.50
N PRO C 16 -3.34 -13.37 5.70
CA PRO C 16 -2.43 -14.04 6.63
C PRO C 16 -2.95 -15.44 7.00
N GLY C 17 -2.09 -16.33 7.41
CA GLY C 17 -2.56 -17.71 7.78
C GLY C 17 -2.48 -18.63 6.57
N LEU C 18 -2.33 -18.08 5.39
CA LEU C 18 -2.24 -18.92 4.16
C LEU C 18 -0.89 -18.67 3.48
N GLN C 19 -0.27 -19.73 3.02
CA GLN C 19 1.03 -19.58 2.33
C GLN C 19 0.75 -19.35 0.84
N LEU C 20 0.96 -18.17 0.37
CA LEU C 20 0.68 -17.85 -1.06
C LEU C 20 1.99 -17.90 -1.87
N TYR C 21 1.92 -18.43 -3.07
CA TYR C 21 3.14 -18.55 -3.94
C TYR C 21 2.87 -17.82 -5.26
N SER C 22 3.74 -16.95 -5.69
CA SER C 22 3.53 -16.19 -6.95
C SER C 22 3.55 -17.10 -8.20
N LEU C 23 2.62 -16.89 -9.07
CA LEU C 23 2.53 -17.70 -10.33
C LEU C 23 2.56 -16.76 -11.53
N GLY C 24 2.93 -15.54 -11.32
CA GLY C 24 3.02 -14.57 -12.45
C GLY C 24 2.12 -13.37 -12.18
N ILE C 25 2.11 -12.44 -13.09
CA ILE C 25 1.27 -11.21 -12.92
C ILE C 25 0.16 -11.20 -13.99
N ALA C 26 -0.99 -10.68 -13.64
CA ALA C 26 -2.12 -10.61 -14.61
C ALA C 26 -2.40 -9.14 -14.94
N SER C 27 -3.05 -8.86 -16.03
CA SER C 27 -3.34 -7.45 -16.41
C SER C 27 -4.62 -7.43 -17.26
N THR C 28 -5.38 -6.38 -17.14
CA THR C 28 -6.64 -6.26 -17.92
C THR C 28 -6.89 -4.80 -18.29
N ILE C 29 -7.39 -4.56 -19.49
CA ILE C 29 -7.69 -3.18 -19.95
C ILE C 29 -9.13 -3.10 -20.43
N SER C 30 -9.91 -2.18 -19.88
CA SER C 30 -11.34 -2.02 -20.28
C SER C 30 -12.09 -1.33 -19.14
N ASP C 31 -13.40 -1.45 -19.10
CA ASP C 31 -14.21 -0.81 -18.02
C ASP C 31 -15.18 -1.86 -17.48
N ASN C 32 -16.06 -1.48 -16.59
CA ASN C 32 -17.01 -2.46 -16.00
C ASN C 32 -16.26 -3.36 -15.02
N VAL C 33 -16.59 -3.26 -13.76
CA VAL C 33 -15.89 -4.09 -12.74
C VAL C 33 -16.27 -5.56 -12.94
N ASP C 34 -17.49 -5.81 -13.34
CA ASP C 34 -17.92 -7.22 -13.54
C ASP C 34 -16.99 -7.89 -14.56
N GLU C 35 -16.60 -7.18 -15.59
CA GLU C 35 -15.71 -7.78 -16.62
C GLU C 35 -14.30 -7.91 -16.08
N ILE C 36 -13.82 -6.94 -15.37
CA ILE C 36 -12.44 -7.07 -14.83
C ILE C 36 -12.38 -8.23 -13.82
N VAL C 37 -13.26 -8.25 -12.85
CA VAL C 37 -13.23 -9.36 -11.86
C VAL C 37 -13.37 -10.70 -12.59
N GLU C 38 -14.34 -10.79 -13.46
CA GLU C 38 -14.56 -12.06 -14.21
C GLU C 38 -13.35 -12.37 -15.09
N ASN C 39 -12.84 -11.40 -15.79
CA ASN C 39 -11.66 -11.64 -16.67
C ASN C 39 -10.51 -12.20 -15.83
N LEU C 40 -10.20 -11.56 -14.74
CA LEU C 40 -9.09 -12.07 -13.89
C LEU C 40 -9.51 -13.44 -13.33
N ARG C 41 -10.72 -13.59 -12.89
CA ARG C 41 -11.13 -14.91 -12.33
C ARG C 41 -10.75 -16.02 -13.33
N LYS C 42 -11.06 -15.83 -14.57
CA LYS C 42 -10.76 -16.88 -15.60
C LYS C 42 -9.23 -17.01 -15.78
N GLN C 43 -8.53 -15.91 -15.74
CA GLN C 43 -7.05 -15.95 -15.90
C GLN C 43 -6.40 -16.46 -14.62
N VAL C 44 -6.96 -16.09 -13.50
CA VAL C 44 -6.41 -16.55 -12.21
C VAL C 44 -6.63 -18.05 -12.08
N LYS C 45 -7.82 -18.54 -12.30
CA LYS C 45 -8.03 -20.00 -12.08
C LYS C 45 -7.34 -20.78 -13.20
N ALA C 46 -7.34 -20.23 -14.38
CA ALA C 46 -6.67 -20.92 -15.53
C ALA C 46 -5.20 -21.17 -15.18
N LYS C 47 -4.62 -20.28 -14.43
CA LYS C 47 -3.18 -20.45 -14.04
C LYS C 47 -3.09 -21.35 -12.82
N GLY C 48 -4.21 -21.72 -12.25
CA GLY C 48 -4.18 -22.61 -11.04
C GLY C 48 -4.30 -21.76 -9.78
N GLY C 49 -4.50 -20.48 -9.94
CA GLY C 49 -4.63 -19.58 -8.75
C GLY C 49 -6.02 -19.72 -8.16
N MET C 50 -6.21 -19.31 -6.92
CA MET C 50 -7.54 -19.45 -6.27
C MET C 50 -7.99 -18.10 -5.68
N GLY C 51 -7.19 -17.08 -5.81
CA GLY C 51 -7.56 -15.76 -5.24
C GLY C 51 -6.62 -14.67 -5.77
N LEU C 52 -7.11 -13.46 -5.87
CA LEU C 52 -6.26 -12.34 -6.39
C LEU C 52 -5.98 -11.34 -5.28
N ILE C 53 -4.77 -10.82 -5.22
CA ILE C 53 -4.41 -9.85 -4.14
C ILE C 53 -4.18 -8.48 -4.75
N ALA C 54 -4.60 -7.42 -4.09
CA ALA C 54 -4.41 -6.02 -4.62
C ALA C 54 -5.61 -5.59 -5.45
N PHE C 55 -6.13 -6.50 -6.25
CA PHE C 55 -7.35 -6.19 -7.10
C PHE C 55 -7.40 -4.69 -7.42
N ARG C 56 -6.80 -4.26 -8.49
CA ARG C 56 -6.80 -2.82 -8.83
C ARG C 56 -7.97 -2.51 -9.77
N ILE C 57 -8.57 -1.37 -9.61
CA ILE C 57 -9.71 -0.97 -10.49
C ILE C 57 -9.74 0.55 -10.60
N THR C 58 -8.98 1.24 -9.80
CA THR C 58 -8.99 2.75 -9.85
C THR C 58 -9.22 3.23 -11.28
N CYS C 59 -9.99 4.27 -11.45
CA CYS C 59 -10.29 4.77 -12.82
C CYS C 59 -10.29 6.30 -12.81
N ALA C 60 -9.95 6.90 -13.91
CA ALA C 60 -9.95 8.39 -13.98
C ALA C 60 -9.90 8.81 -15.45
N ASP C 61 -10.91 9.50 -15.90
CA ASP C 61 -10.94 9.95 -17.32
C ASP C 61 -10.85 8.73 -18.24
N GLY C 62 -11.16 7.57 -17.73
CA GLY C 62 -11.11 6.32 -18.57
C GLY C 62 -10.18 5.30 -17.91
N LYS C 63 -10.70 4.15 -17.59
CA LYS C 63 -9.87 3.11 -16.92
C LYS C 63 -8.53 2.96 -17.66
N PHE C 64 -7.48 2.69 -16.93
CA PHE C 64 -6.14 2.54 -17.57
C PHE C 64 -5.80 1.05 -17.67
N LEU C 65 -5.60 0.39 -16.56
CA LEU C 65 -5.27 -1.06 -16.60
C LEU C 65 -5.23 -1.62 -15.18
N GLY C 66 -6.02 -2.64 -14.91
CA GLY C 66 -6.01 -3.27 -13.58
C GLY C 66 -5.08 -4.48 -13.61
N TYR C 67 -4.43 -4.79 -12.52
CA TYR C 67 -3.50 -5.97 -12.51
C TYR C 67 -3.46 -6.58 -11.11
N GLY C 68 -2.79 -7.68 -11.01
CA GLY C 68 -2.68 -8.37 -9.69
C GLY C 68 -1.73 -9.57 -9.80
N THR C 69 -1.24 -10.05 -8.71
CA THR C 69 -0.34 -11.22 -8.74
C THR C 69 -1.17 -12.48 -8.53
N ILE C 70 -0.91 -13.51 -9.29
CA ILE C 70 -1.65 -14.78 -9.12
C ILE C 70 -0.96 -15.58 -8.04
N VAL C 71 -1.69 -16.26 -7.20
CA VAL C 71 -1.04 -17.04 -6.13
C VAL C 71 -1.82 -18.33 -5.85
N LYS C 72 -1.19 -19.27 -5.18
CA LYS C 72 -1.91 -20.55 -4.84
C LYS C 72 -1.28 -21.12 -3.57
N ALA C 73 -1.96 -22.01 -2.89
CA ALA C 73 -1.39 -22.62 -1.66
C ALA C 73 -0.91 -24.05 -2.00
N ASP C 74 0.08 -24.52 -1.30
CA ASP C 74 0.61 -25.89 -1.59
C ASP C 74 -0.53 -26.91 -1.50
N GLU C 75 -0.21 -28.17 -1.45
CA GLU C 75 -1.28 -29.21 -1.38
C GLU C 75 -2.23 -29.02 -2.57
N ALA C 76 -1.67 -28.95 -3.75
CA ALA C 76 -2.52 -28.79 -4.97
C ALA C 76 -3.33 -30.07 -5.21
N GLN C 77 -3.40 -30.52 -6.43
CA GLN C 77 -4.17 -31.77 -6.73
C GLN C 77 -5.60 -31.64 -6.20
N PHE C 78 -6.40 -32.65 -6.37
CA PHE C 78 -7.81 -32.59 -5.89
C PHE C 78 -8.35 -34.00 -5.70
N THR C 79 -7.72 -34.98 -6.29
CA THR C 79 -8.20 -36.38 -6.15
C THR C 79 -7.99 -36.84 -4.69
N MET C 80 -7.92 -38.11 -4.47
CA MET C 80 -7.71 -38.62 -3.08
C MET C 80 -7.22 -40.07 -3.14
N ALA C 81 -5.95 -40.28 -2.91
CA ALA C 81 -5.40 -41.66 -2.94
C ALA C 81 -6.03 -42.48 -1.82
N MET D 1 -27.19 -5.75 23.20
CA MET D 1 -28.28 -6.68 22.77
C MET D 1 -28.38 -6.70 21.24
N ILE D 2 -27.80 -7.69 20.61
CA ILE D 2 -27.85 -7.75 19.12
C ILE D 2 -27.31 -6.45 18.53
N PHE D 3 -27.02 -6.44 17.25
CA PHE D 3 -26.48 -5.20 16.61
C PHE D 3 -25.29 -4.70 17.42
N GLU D 4 -24.67 -5.54 18.20
CA GLU D 4 -23.50 -5.10 19.00
C GLU D 4 -22.28 -4.94 18.08
N ASP D 5 -22.37 -4.04 17.13
CA ASP D 5 -21.22 -3.84 16.20
C ASP D 5 -21.35 -2.46 15.55
N LYS D 6 -20.40 -1.60 15.78
CA LYS D 6 -20.45 -0.23 15.18
C LYS D 6 -19.72 -0.25 13.83
N PHE D 7 -19.91 0.79 13.05
CA PHE D 7 -19.24 0.86 11.72
C PHE D 7 -17.93 1.63 11.84
N ILE D 8 -16.84 1.02 11.43
CA ILE D 8 -15.51 1.70 11.53
C ILE D 8 -14.91 1.91 10.14
N ILE D 9 -14.24 3.02 9.94
CA ILE D 9 -13.62 3.30 8.62
C ILE D 9 -12.20 3.84 8.86
N THR D 10 -11.20 3.11 8.44
CA THR D 10 -9.79 3.57 8.64
C THR D 10 -9.11 3.66 7.29
N THR D 11 -8.02 4.38 7.23
CA THR D 11 -7.27 4.53 5.93
C THR D 11 -5.80 4.13 6.08
N ALA D 12 -5.49 2.85 6.19
CA ALA D 12 -4.08 2.46 6.41
C ALA D 12 -3.96 0.96 6.11
N ASP D 13 -3.63 0.18 7.10
CA ASP D 13 -3.50 -1.30 6.90
C ASP D 13 -4.82 -1.98 7.27
N GLU D 14 -4.76 -3.10 7.95
CA GLU D 14 -6.01 -3.82 8.34
C GLU D 14 -6.20 -3.71 9.86
N ILE D 15 -6.98 -4.59 10.44
CA ILE D 15 -7.22 -4.55 11.92
C ILE D 15 -6.87 -5.92 12.53
N PRO D 16 -5.60 -6.15 12.84
CA PRO D 16 -5.15 -7.44 13.41
C PRO D 16 -5.88 -7.71 14.73
N GLY D 17 -5.96 -8.95 15.15
CA GLY D 17 -6.65 -9.26 16.44
C GLY D 17 -8.12 -9.58 16.18
N LEU D 18 -8.57 -9.46 14.97
CA LEU D 18 -10.00 -9.73 14.64
C LEU D 18 -10.09 -10.67 13.45
N GLN D 19 -11.02 -11.59 13.47
CA GLN D 19 -11.18 -12.53 12.34
C GLN D 19 -12.07 -11.86 11.29
N LEU D 20 -11.50 -11.47 10.18
CA LEU D 20 -12.32 -10.79 9.12
C LEU D 20 -12.78 -11.83 8.09
N TYR D 21 -14.04 -11.81 7.74
CA TYR D 21 -14.57 -12.78 6.73
C TYR D 21 -14.99 -12.00 5.47
N SER D 22 -14.56 -12.41 4.30
CA SER D 22 -14.94 -11.65 3.08
C SER D 22 -16.43 -11.85 2.76
N LEU D 23 -17.10 -10.77 2.49
CA LEU D 23 -18.55 -10.83 2.12
C LEU D 23 -18.70 -10.28 0.70
N GLY D 24 -17.61 -10.09 0.02
CA GLY D 24 -17.68 -9.59 -1.40
C GLY D 24 -17.04 -8.21 -1.48
N ILE D 25 -17.02 -7.63 -2.65
CA ILE D 25 -16.41 -6.28 -2.83
C ILE D 25 -17.53 -5.26 -3.07
N ALA D 26 -17.39 -4.08 -2.52
CA ALA D 26 -18.42 -3.01 -2.72
C ALA D 26 -17.81 -1.90 -3.55
N SER D 27 -18.58 -1.29 -4.42
CA SER D 27 -18.04 -0.19 -5.26
C SER D 27 -19.22 0.71 -5.61
N THR D 28 -19.10 2.01 -5.42
CA THR D 28 -20.22 2.94 -5.78
C THR D 28 -19.62 4.23 -6.35
N ILE D 29 -20.09 4.68 -7.47
CA ILE D 29 -19.54 5.95 -8.06
C ILE D 29 -20.47 7.10 -7.69
N SER D 30 -19.94 8.19 -7.19
CA SER D 30 -20.81 9.34 -6.82
C SER D 30 -19.95 10.58 -6.51
N ASP D 31 -18.67 10.46 -6.66
CA ASP D 31 -17.77 11.63 -6.40
C ASP D 31 -18.07 12.24 -5.02
N ASN D 32 -17.17 13.01 -4.49
CA ASN D 32 -17.39 13.60 -3.14
C ASN D 32 -17.27 12.49 -2.10
N VAL D 33 -16.47 12.70 -1.08
CA VAL D 33 -16.29 11.65 -0.06
C VAL D 33 -17.57 11.48 0.78
N ASP D 34 -18.24 12.57 1.05
CA ASP D 34 -19.49 12.49 1.86
C ASP D 34 -20.51 11.57 1.18
N GLU D 35 -20.71 11.73 -0.11
CA GLU D 35 -21.70 10.84 -0.80
C GLU D 35 -21.09 9.46 -1.04
N ILE D 36 -19.84 9.39 -1.36
CA ILE D 36 -19.21 8.06 -1.58
C ILE D 36 -19.22 7.26 -0.27
N VAL D 37 -18.70 7.82 0.79
CA VAL D 37 -18.67 7.09 2.09
C VAL D 37 -20.11 6.83 2.56
N GLU D 38 -20.93 7.84 2.57
CA GLU D 38 -22.33 7.63 3.03
C GLU D 38 -23.01 6.57 2.18
N ASN D 39 -22.76 6.56 0.90
CA ASN D 39 -23.39 5.54 0.02
C ASN D 39 -22.86 4.15 0.39
N LEU D 40 -21.59 4.03 0.63
CA LEU D 40 -21.04 2.70 1.01
C LEU D 40 -21.57 2.32 2.38
N ARG D 41 -21.55 3.22 3.34
CA ARG D 41 -22.07 2.88 4.69
C ARG D 41 -23.43 2.17 4.54
N LYS D 42 -24.34 2.79 3.85
CA LYS D 42 -25.69 2.16 3.67
C LYS D 42 -25.51 0.75 3.07
N GLN D 43 -24.49 0.56 2.28
CA GLN D 43 -24.26 -0.78 1.67
C GLN D 43 -23.75 -1.75 2.74
N VAL D 44 -22.94 -1.29 3.66
CA VAL D 44 -22.43 -2.19 4.71
C VAL D 44 -23.55 -2.48 5.71
N LYS D 45 -24.18 -1.46 6.21
CA LYS D 45 -25.23 -1.65 7.23
C LYS D 45 -26.23 -2.71 6.75
N ALA D 46 -26.44 -2.73 5.45
CA ALA D 46 -27.40 -3.68 4.81
C ALA D 46 -26.78 -5.05 4.71
N LYS D 47 -25.48 -5.12 4.60
CA LYS D 47 -24.80 -6.43 4.54
C LYS D 47 -24.30 -6.77 5.94
N GLY D 48 -24.62 -5.97 6.94
CA GLY D 48 -24.17 -6.35 8.30
C GLY D 48 -22.65 -6.50 8.31
N GLY D 49 -21.97 -5.76 7.47
CA GLY D 49 -20.48 -5.86 7.42
C GLY D 49 -19.90 -5.30 8.72
N MET D 50 -18.61 -5.12 8.77
CA MET D 50 -17.95 -4.60 10.01
C MET D 50 -17.44 -3.17 9.76
N GLY D 51 -16.87 -2.92 8.62
CA GLY D 51 -16.33 -1.56 8.32
C GLY D 51 -15.53 -1.60 7.02
N LEU D 52 -15.06 -0.46 6.57
CA LEU D 52 -14.27 -0.40 5.30
C LEU D 52 -12.80 -0.13 5.60
N ILE D 53 -11.92 -0.79 4.90
CA ILE D 53 -10.46 -0.63 5.16
C ILE D 53 -9.79 0.07 3.96
N ALA D 54 -8.84 0.93 4.19
CA ALA D 54 -8.12 1.61 3.05
C ALA D 54 -9.06 2.58 2.34
N PHE D 55 -10.12 2.07 1.79
CA PHE D 55 -11.10 2.95 1.09
C PHE D 55 -10.35 3.99 0.25
N ARG D 56 -9.96 3.63 -0.95
CA ARG D 56 -9.22 4.60 -1.81
C ARG D 56 -10.21 5.49 -2.55
N ILE D 57 -9.91 6.77 -2.67
CA ILE D 57 -10.83 7.69 -3.39
C ILE D 57 -10.31 7.90 -4.82
N THR D 58 -11.18 8.30 -5.71
CA THR D 58 -10.75 8.51 -7.13
C THR D 58 -11.77 9.42 -7.82
N CYS D 59 -11.55 9.73 -9.06
CA CYS D 59 -12.50 10.61 -9.80
C CYS D 59 -13.86 9.92 -9.91
N ALA D 60 -14.32 9.67 -11.11
CA ALA D 60 -15.64 9.01 -11.29
C ALA D 60 -15.89 8.76 -12.78
N ASP D 61 -16.04 7.52 -13.17
CA ASP D 61 -16.29 7.22 -14.60
C ASP D 61 -16.82 5.79 -14.74
N GLY D 62 -18.02 5.62 -15.25
CA GLY D 62 -18.58 4.25 -15.39
C GLY D 62 -19.29 3.84 -14.11
N LYS D 63 -20.46 3.25 -14.25
CA LYS D 63 -21.25 2.84 -13.05
C LYS D 63 -20.36 2.02 -12.11
N PHE D 64 -20.64 2.08 -10.84
CA PHE D 64 -19.82 1.31 -9.85
C PHE D 64 -18.36 1.74 -9.96
N LEU D 65 -17.84 2.37 -8.94
CA LEU D 65 -16.42 2.80 -8.98
C LEU D 65 -15.89 2.95 -7.57
N GLY D 66 -16.71 3.35 -6.63
CA GLY D 66 -16.27 3.52 -5.19
C GLY D 66 -15.01 2.66 -4.87
N TYR D 67 -14.88 2.21 -3.68
CA TYR D 67 -13.65 1.39 -3.38
C TYR D 67 -13.69 0.88 -1.95
N GLY D 68 -14.10 -0.32 -1.76
CA GLY D 68 -14.16 -0.86 -0.38
C GLY D 68 -14.63 -2.30 -0.37
N THR D 69 -14.01 -3.12 0.42
CA THR D 69 -14.41 -4.54 0.53
C THR D 69 -15.24 -4.72 1.79
N ILE D 70 -16.23 -5.58 1.73
CA ILE D 70 -17.08 -5.83 2.92
C ILE D 70 -16.45 -6.96 3.72
N VAL D 71 -16.50 -6.87 5.02
CA VAL D 71 -15.89 -7.94 5.87
C VAL D 71 -16.85 -8.30 7.00
N LYS D 72 -16.60 -9.39 7.68
CA LYS D 72 -17.50 -9.80 8.79
C LYS D 72 -16.64 -10.48 9.85
N ALA D 73 -16.96 -10.31 11.12
CA ALA D 73 -16.16 -10.99 12.18
C ALA D 73 -17.11 -11.80 13.04
N ASP D 74 -16.66 -12.85 13.69
CA ASP D 74 -17.56 -13.66 14.55
C ASP D 74 -18.53 -14.47 13.70
N GLU D 75 -18.07 -15.55 13.12
CA GLU D 75 -18.95 -16.42 12.27
C GLU D 75 -19.07 -17.81 12.90
N ALA D 76 -19.29 -17.85 14.19
CA ALA D 76 -19.41 -19.18 14.88
C ALA D 76 -20.28 -19.01 16.12
N GLN D 77 -19.95 -19.68 17.20
CA GLN D 77 -20.77 -19.56 18.45
C GLN D 77 -19.88 -19.10 19.60
N PHE D 78 -20.45 -18.84 20.74
CA PHE D 78 -19.65 -18.37 21.90
C PHE D 78 -18.97 -19.58 22.57
N THR D 79 -19.75 -20.55 22.96
CA THR D 79 -19.16 -21.77 23.62
C THR D 79 -18.15 -21.33 24.69
N MET D 80 -18.61 -21.02 25.86
CA MET D 80 -17.68 -20.59 26.95
C MET D 80 -16.90 -21.80 27.46
N ALA D 81 -17.38 -22.98 27.19
CA ALA D 81 -16.66 -24.20 27.66
C ALA D 81 -15.32 -24.32 26.94
N MET E 1 -2.04 27.37 19.80
CA MET E 1 -1.91 27.00 21.25
C MET E 1 -1.01 25.77 21.37
N ILE E 2 0.18 25.84 20.85
CA ILE E 2 1.10 24.67 20.94
C ILE E 2 1.67 24.58 22.35
N PHE E 3 0.81 24.55 23.35
CA PHE E 3 1.31 24.47 24.75
C PHE E 3 2.07 23.15 24.95
N GLU E 4 1.48 22.05 24.57
CA GLU E 4 2.19 20.74 24.73
C GLU E 4 1.53 19.70 23.82
N ASP E 5 2.02 19.56 22.62
CA ASP E 5 1.43 18.56 21.69
C ASP E 5 2.47 18.23 20.61
N LYS E 6 2.34 17.08 19.98
CA LYS E 6 3.32 16.68 18.92
C LYS E 6 2.55 16.21 17.68
N PHE E 7 2.77 16.84 16.55
CA PHE E 7 2.05 16.42 15.32
C PHE E 7 2.92 15.46 14.51
N ILE E 8 2.44 14.25 14.31
CA ILE E 8 3.24 13.22 13.58
C ILE E 8 2.56 12.90 12.25
N ILE E 9 3.33 12.85 11.19
CA ILE E 9 2.76 12.50 9.84
C ILE E 9 3.62 11.41 9.22
N THR E 10 3.07 10.24 9.03
CA THR E 10 3.86 9.13 8.43
C THR E 10 3.16 8.63 7.16
N THR E 11 3.90 8.01 6.29
CA THR E 11 3.31 7.43 5.03
C THR E 11 3.12 5.94 5.30
N ALA E 12 2.10 5.63 6.03
CA ALA E 12 1.77 4.19 6.32
C ALA E 12 0.92 4.11 7.60
N ASP E 13 1.58 3.96 8.73
CA ASP E 13 0.85 3.84 10.03
C ASP E 13 1.83 4.05 11.17
N GLU E 14 2.70 3.11 11.41
CA GLU E 14 3.70 3.26 12.51
C GLU E 14 2.98 3.63 13.82
N ILE E 15 3.67 4.29 14.70
CA ILE E 15 3.10 4.65 16.02
C ILE E 15 2.72 3.36 16.78
N PRO E 16 3.64 2.40 16.83
CA PRO E 16 3.39 1.13 17.54
C PRO E 16 3.28 1.38 19.04
N GLY E 17 2.58 0.54 19.77
CA GLY E 17 2.48 0.77 21.24
C GLY E 17 1.30 1.67 21.58
N LEU E 18 0.65 2.28 20.60
CA LEU E 18 -0.49 3.19 20.91
C LEU E 18 -1.76 2.64 20.25
N GLN E 19 -2.85 2.68 20.96
CA GLN E 19 -4.13 2.19 20.39
C GLN E 19 -4.78 3.34 19.63
N LEU E 20 -4.87 3.23 18.34
CA LEU E 20 -5.48 4.33 17.53
C LEU E 20 -6.98 4.15 17.39
N TYR E 21 -7.73 5.21 17.58
CA TYR E 21 -9.22 5.14 17.48
C TYR E 21 -9.68 6.08 16.36
N SER E 22 -10.52 5.61 15.46
CA SER E 22 -10.98 6.48 14.34
C SER E 22 -11.96 7.56 14.85
N LEU E 23 -11.72 8.78 14.46
CA LEU E 23 -12.61 9.92 14.85
C LEU E 23 -13.21 10.52 13.60
N GLY E 24 -13.09 9.85 12.49
CA GLY E 24 -13.68 10.36 11.21
C GLY E 24 -12.59 10.53 10.16
N ILE E 25 -12.97 10.96 8.99
CA ILE E 25 -11.98 11.15 7.89
C ILE E 25 -11.87 12.63 7.55
N ALA E 26 -10.69 13.08 7.19
CA ALA E 26 -10.51 14.53 6.83
C ALA E 26 -10.19 14.61 5.34
N SER E 27 -10.65 15.63 4.66
CA SER E 27 -10.36 15.77 3.21
C SER E 27 -10.37 17.26 2.85
N THR E 28 -9.46 17.71 2.03
CA THR E 28 -9.45 19.15 1.65
C THR E 28 -8.88 19.29 0.24
N ILE E 29 -9.38 20.21 -0.54
CA ILE E 29 -8.87 20.41 -1.94
C ILE E 29 -8.03 21.68 -1.97
N SER E 30 -6.83 21.60 -2.48
CA SER E 30 -5.96 22.81 -2.56
C SER E 30 -4.68 22.44 -3.31
N ASP E 31 -3.81 23.40 -3.51
CA ASP E 31 -2.52 23.13 -4.23
C ASP E 31 -1.35 23.37 -3.29
N ASN E 32 -0.19 22.84 -3.60
CA ASN E 32 0.98 22.98 -2.71
C ASN E 32 0.83 22.05 -1.52
N VAL E 33 1.79 21.19 -1.31
CA VAL E 33 1.70 20.23 -0.17
C VAL E 33 1.79 21.00 1.15
N ASP E 34 2.54 22.06 1.18
CA ASP E 34 2.68 22.85 2.44
C ASP E 34 1.31 23.34 2.91
N GLU E 35 0.49 23.81 2.01
CA GLU E 35 -0.86 24.30 2.41
C GLU E 35 -1.77 23.11 2.69
N ILE E 36 -1.67 22.07 1.93
CA ILE E 36 -2.53 20.87 2.18
C ILE E 36 -2.17 20.27 3.55
N VAL E 37 -0.92 20.03 3.81
CA VAL E 37 -0.53 19.44 5.13
C VAL E 37 -0.89 20.40 6.26
N GLU E 38 -0.52 21.64 6.15
CA GLU E 38 -0.84 22.62 7.22
C GLU E 38 -2.36 22.67 7.45
N ASN E 39 -3.13 22.57 6.40
CA ASN E 39 -4.62 22.62 6.55
C ASN E 39 -5.10 21.40 7.34
N LEU E 40 -4.55 20.24 7.06
CA LEU E 40 -4.98 19.03 7.82
C LEU E 40 -4.51 19.14 9.26
N ARG E 41 -3.29 19.53 9.49
CA ARG E 41 -2.82 19.64 10.90
C ARG E 41 -3.85 20.44 11.73
N LYS E 42 -4.24 21.57 11.24
CA LYS E 42 -5.22 22.41 11.99
C LYS E 42 -6.55 21.64 12.16
N GLN E 43 -6.93 20.89 11.18
CA GLN E 43 -8.20 20.11 11.29
C GLN E 43 -7.99 18.90 12.18
N VAL E 44 -6.83 18.31 12.14
CA VAL E 44 -6.55 17.14 12.99
C VAL E 44 -6.43 17.60 14.44
N LYS E 45 -5.62 18.60 14.72
CA LYS E 45 -5.45 18.96 16.14
C LYS E 45 -6.73 19.61 16.67
N ALA E 46 -7.44 20.29 15.80
CA ALA E 46 -8.69 20.98 16.21
C ALA E 46 -9.69 19.97 16.74
N LYS E 47 -9.72 18.79 16.18
CA LYS E 47 -10.69 17.78 16.68
C LYS E 47 -10.06 17.00 17.83
N GLY E 48 -8.80 17.21 18.15
CA GLY E 48 -8.18 16.46 19.29
C GLY E 48 -7.23 15.40 18.74
N GLY E 49 -7.11 15.28 17.43
CA GLY E 49 -6.16 14.29 16.87
C GLY E 49 -4.74 14.73 17.19
N MET E 50 -3.80 13.81 17.19
CA MET E 50 -2.38 14.18 17.53
C MET E 50 -1.45 13.83 16.37
N GLY E 51 -1.96 13.27 15.32
CA GLY E 51 -1.07 12.95 14.17
C GLY E 51 -1.91 12.36 13.03
N LEU E 52 -1.41 12.47 11.82
CA LEU E 52 -2.15 11.91 10.65
C LEU E 52 -1.44 10.65 10.16
N ILE E 53 -2.18 9.62 9.86
CA ILE E 53 -1.57 8.34 9.40
C ILE E 53 -1.85 8.13 7.90
N ALA E 54 -0.93 7.56 7.18
CA ALA E 54 -1.19 7.30 5.73
C ALA E 54 -1.36 8.62 4.97
N PHE E 55 -0.27 9.22 4.60
CA PHE E 55 -0.32 10.53 3.85
C PHE E 55 0.22 10.32 2.44
N ARG E 56 0.28 9.10 1.98
CA ARG E 56 0.79 8.85 0.61
C ARG E 56 -0.06 9.59 -0.42
N ILE E 57 0.49 10.59 -1.05
CA ILE E 57 -0.29 11.37 -2.06
C ILE E 57 -0.34 10.58 -3.37
N THR E 58 -1.40 9.82 -3.56
CA THR E 58 -1.51 9.01 -4.82
C THR E 58 -2.91 8.41 -4.91
N CYS E 59 -3.83 9.09 -5.53
CA CYS E 59 -5.22 8.55 -5.65
C CYS E 59 -5.88 9.11 -6.91
N ALA E 60 -6.62 10.17 -6.78
CA ALA E 60 -7.30 10.75 -7.97
C ALA E 60 -6.26 11.42 -8.88
N ASP E 61 -6.16 10.98 -10.11
CA ASP E 61 -5.17 11.59 -11.04
C ASP E 61 -5.54 13.05 -11.28
N GLY E 62 -4.58 13.87 -11.64
CA GLY E 62 -4.89 15.31 -11.89
C GLY E 62 -5.27 15.98 -10.57
N LYS E 63 -4.69 17.12 -10.28
CA LYS E 63 -5.02 17.82 -9.01
C LYS E 63 -4.76 16.88 -7.83
N PHE E 64 -3.63 17.01 -7.19
CA PHE E 64 -3.32 16.13 -6.03
C PHE E 64 -4.41 16.26 -4.97
N LEU E 65 -4.31 15.52 -3.90
CA LEU E 65 -5.34 15.60 -2.82
C LEU E 65 -4.69 15.28 -1.47
N GLY E 66 -5.40 15.52 -0.41
CA GLY E 66 -4.83 15.23 0.95
C GLY E 66 -5.95 14.79 1.88
N TYR E 67 -5.96 13.54 2.27
CA TYR E 67 -7.03 13.04 3.18
C TYR E 67 -6.42 12.02 4.15
N GLY E 68 -7.24 11.44 4.98
CA GLY E 68 -6.71 10.43 5.95
C GLY E 68 -7.67 10.28 7.13
N THR E 69 -7.42 9.33 7.98
CA THR E 69 -8.29 9.14 9.18
C THR E 69 -7.61 9.78 10.38
N ILE E 70 -8.35 10.52 11.16
CA ILE E 70 -7.76 11.15 12.36
C ILE E 70 -7.67 10.05 13.42
N VAL E 71 -6.66 10.07 14.28
CA VAL E 71 -6.56 8.98 15.30
C VAL E 71 -6.34 9.60 16.68
N LYS E 72 -6.77 8.92 17.71
CA LYS E 72 -6.57 9.44 19.09
C LYS E 72 -6.32 8.24 20.01
N ALA E 73 -5.45 8.34 20.96
CA ALA E 73 -5.20 7.19 21.87
C ALA E 73 -5.97 7.46 23.17
N ASP E 74 -6.60 6.46 23.73
CA ASP E 74 -7.33 6.67 25.00
C ASP E 74 -6.32 6.74 26.14
N GLU E 75 -6.49 7.65 27.06
CA GLU E 75 -5.53 7.77 28.19
C GLU E 75 -5.45 6.44 28.94
N ALA E 76 -4.34 6.17 29.57
CA ALA E 76 -4.19 4.88 30.32
C ALA E 76 -5.27 4.79 31.40
N GLN E 77 -5.63 5.91 31.99
CA GLN E 77 -6.67 5.91 33.06
C GLN E 77 -7.95 6.55 32.52
N PHE E 78 -8.89 5.75 32.10
CA PHE E 78 -10.16 6.31 31.56
C PHE E 78 -11.22 5.21 31.49
N THR E 79 -12.46 5.55 31.67
CA THR E 79 -13.54 4.52 31.62
C THR E 79 -13.92 4.25 30.16
N MET E 80 -15.17 4.00 29.90
CA MET E 80 -15.62 3.74 28.49
C MET E 80 -16.98 4.40 28.25
N ALA E 81 -17.67 3.99 27.22
CA ALA E 81 -18.99 4.60 26.92
C ALA E 81 -19.86 3.58 26.18
N MET A 1 29.99 3.97 16.63
CA MET A 1 29.85 3.68 15.18
C MET A 1 29.05 4.80 14.50
N ILE A 2 29.56 5.35 13.43
CA ILE A 2 28.82 6.45 12.73
C ILE A 2 27.77 5.83 11.80
N PHE A 3 26.69 6.52 11.55
CA PHE A 3 25.65 5.99 10.65
C PHE A 3 24.79 7.14 10.12
N GLU A 4 25.16 8.35 10.41
CA GLU A 4 24.37 9.53 9.93
C GLU A 4 24.86 9.93 8.53
N ASP A 5 24.90 8.99 7.62
CA ASP A 5 25.36 9.32 6.24
C ASP A 5 25.05 8.15 5.31
N LYS A 6 24.23 7.24 5.74
CA LYS A 6 23.90 6.08 4.88
C LYS A 6 22.72 6.45 3.97
N PHE A 7 22.69 5.89 2.80
CA PHE A 7 21.59 6.17 1.84
C PHE A 7 20.80 4.89 1.59
N ILE A 8 19.51 4.90 1.85
CA ILE A 8 18.68 3.68 1.64
C ILE A 8 17.41 4.04 0.89
N ILE A 9 17.16 3.40 -0.23
CA ILE A 9 15.92 3.69 -1.01
C ILE A 9 15.10 2.39 -1.08
N THR A 10 13.90 2.41 -0.55
CA THR A 10 13.04 1.18 -0.59
C THR A 10 11.80 1.48 -1.40
N THR A 11 11.43 0.61 -2.29
CA THR A 11 10.20 0.86 -3.12
C THR A 11 9.04 -0.05 -2.72
N ALA A 12 8.47 0.16 -1.56
CA ALA A 12 7.42 -0.78 -1.10
C ALA A 12 6.63 -0.11 0.03
N ASP A 13 7.12 1.00 0.52
CA ASP A 13 6.42 1.72 1.62
C ASP A 13 6.38 0.87 2.89
N GLU A 14 7.54 0.48 3.37
CA GLU A 14 7.58 -0.36 4.60
C GLU A 14 9.04 -0.65 4.98
N ILE A 15 9.36 -0.58 6.24
CA ILE A 15 10.74 -0.88 6.68
C ILE A 15 10.74 -1.12 8.22
N PRO A 16 9.97 -2.09 8.66
CA PRO A 16 9.85 -2.41 10.09
C PRO A 16 11.22 -2.78 10.68
N GLY A 17 11.38 -2.66 11.98
CA GLY A 17 12.67 -3.02 12.62
C GLY A 17 13.54 -1.78 12.79
N LEU A 18 13.12 -0.64 12.31
CA LEU A 18 13.95 0.59 12.44
C LEU A 18 13.10 1.72 13.06
N GLN A 19 13.68 2.44 13.99
CA GLN A 19 12.95 3.58 14.63
C GLN A 19 13.15 4.82 13.78
N LEU A 20 12.13 5.25 13.10
CA LEU A 20 12.26 6.43 12.21
C LEU A 20 11.28 7.53 12.64
N TYR A 21 11.76 8.73 12.80
CA TYR A 21 10.85 9.87 13.19
C TYR A 21 10.63 10.73 11.95
N SER A 22 9.43 11.24 11.78
CA SER A 22 9.09 12.07 10.58
C SER A 22 9.60 13.51 10.68
N LEU A 23 10.81 13.73 10.26
CA LEU A 23 11.42 15.09 10.35
C LEU A 23 10.78 16.04 9.32
N GLY A 24 9.70 15.61 8.71
CA GLY A 24 8.98 16.49 7.74
C GLY A 24 8.82 15.77 6.41
N ILE A 25 8.28 16.46 5.45
CA ILE A 25 8.07 15.86 4.09
C ILE A 25 9.03 16.53 3.10
N ALA A 26 9.56 15.75 2.19
CA ALA A 26 10.51 16.30 1.17
C ALA A 26 9.85 16.30 -0.20
N SER A 27 10.27 17.23 -1.04
CA SER A 27 9.71 17.32 -2.42
C SER A 27 10.86 17.63 -3.35
N THR A 28 10.87 17.09 -4.55
CA THR A 28 12.01 17.39 -5.48
C THR A 28 11.47 18.09 -6.73
N ILE A 29 12.18 18.98 -7.35
CA ILE A 29 11.66 19.60 -8.61
C ILE A 29 12.76 19.42 -9.67
N SER A 30 12.43 18.98 -10.85
CA SER A 30 13.47 18.81 -11.91
C SER A 30 12.83 18.11 -13.13
N ASP A 31 13.64 17.54 -14.00
CA ASP A 31 13.10 16.87 -15.24
C ASP A 31 13.40 15.36 -15.29
N ASN A 32 14.63 14.99 -15.58
CA ASN A 32 15.01 13.56 -15.56
C ASN A 32 14.91 13.05 -14.11
N VAL A 33 14.61 11.78 -13.96
CA VAL A 33 14.46 11.16 -12.60
C VAL A 33 15.84 11.05 -11.95
N ASP A 34 16.83 10.70 -12.71
CA ASP A 34 18.21 10.59 -12.17
C ASP A 34 18.58 11.90 -11.45
N GLU A 35 18.01 12.99 -11.85
CA GLU A 35 18.31 14.28 -11.15
C GLU A 35 17.49 14.36 -9.87
N ILE A 36 16.31 13.80 -9.87
CA ILE A 36 15.45 13.84 -8.66
C ILE A 36 16.17 13.13 -7.52
N VAL A 37 16.60 11.91 -7.73
CA VAL A 37 17.29 11.16 -6.65
C VAL A 37 18.46 12.00 -6.12
N GLU A 38 19.30 12.48 -7.01
CA GLU A 38 20.47 13.28 -6.55
C GLU A 38 19.99 14.53 -5.81
N ASN A 39 18.95 15.17 -6.27
CA ASN A 39 18.46 16.39 -5.57
C ASN A 39 17.95 16.01 -4.18
N LEU A 40 17.24 14.92 -4.06
CA LEU A 40 16.74 14.51 -2.73
C LEU A 40 17.93 14.24 -1.81
N ARG A 41 18.95 13.61 -2.28
CA ARG A 41 20.11 13.35 -1.38
C ARG A 41 20.52 14.66 -0.68
N LYS A 42 20.71 15.71 -1.43
CA LYS A 42 21.11 17.00 -0.79
C LYS A 42 20.01 17.49 0.17
N GLN A 43 18.77 17.29 -0.18
CA GLN A 43 17.66 17.75 0.71
C GLN A 43 17.49 16.79 1.89
N VAL A 44 17.70 15.53 1.64
CA VAL A 44 17.58 14.53 2.72
C VAL A 44 18.76 14.69 3.68
N LYS A 45 19.97 14.74 3.18
CA LYS A 45 21.11 14.81 4.15
C LYS A 45 21.09 16.16 4.86
N ALA A 46 20.57 17.15 4.18
CA ALA A 46 20.50 18.51 4.78
C ALA A 46 19.50 18.50 5.94
N LYS A 47 18.49 17.66 5.85
CA LYS A 47 17.47 17.59 6.94
C LYS A 47 17.92 16.57 7.99
N GLY A 48 19.00 15.87 7.73
CA GLY A 48 19.48 14.87 8.73
C GLY A 48 18.88 13.50 8.42
N GLY A 49 18.20 13.38 7.31
CA GLY A 49 17.59 12.07 6.94
C GLY A 49 18.67 11.16 6.35
N MET A 50 18.47 9.86 6.37
CA MET A 50 19.50 8.91 5.86
C MET A 50 18.88 7.91 4.88
N GLY A 51 17.60 8.00 4.67
CA GLY A 51 16.95 7.04 3.72
C GLY A 51 15.56 7.56 3.34
N LEU A 52 15.09 7.19 2.18
CA LEU A 52 13.73 7.64 1.72
C LEU A 52 12.81 6.44 1.56
N ILE A 53 11.58 6.59 1.95
CA ILE A 53 10.61 5.46 1.86
C ILE A 53 9.52 5.78 0.84
N ALA A 54 9.12 4.81 0.04
CA ALA A 54 8.06 5.05 -0.98
C ALA A 54 8.54 6.00 -2.06
N PHE A 55 9.22 5.47 -3.05
CA PHE A 55 9.76 6.31 -4.16
C PHE A 55 9.22 5.84 -5.51
N ARG A 56 7.96 6.05 -5.76
CA ARG A 56 7.36 5.63 -7.06
C ARG A 56 7.28 6.84 -8.00
N ILE A 57 7.89 6.75 -9.15
CA ILE A 57 7.87 7.89 -10.11
C ILE A 57 6.54 7.90 -10.85
N THR A 58 5.87 9.03 -10.88
CA THR A 58 4.56 9.11 -11.60
C THR A 58 4.79 9.63 -13.01
N CYS A 59 3.91 9.34 -13.92
CA CYS A 59 4.08 9.83 -15.31
C CYS A 59 4.15 11.36 -15.31
N ALA A 60 3.19 12.00 -14.71
CA ALA A 60 3.19 13.50 -14.67
C ALA A 60 3.55 14.05 -16.05
N ASP A 61 2.61 14.08 -16.95
CA ASP A 61 2.90 14.59 -18.33
C ASP A 61 3.05 16.11 -18.29
N GLY A 62 4.08 16.61 -17.66
CA GLY A 62 4.28 18.09 -17.60
C GLY A 62 4.95 18.47 -16.28
N LYS A 63 4.18 18.95 -15.34
CA LYS A 63 4.76 19.35 -14.03
C LYS A 63 5.32 18.13 -13.31
N PHE A 64 6.62 17.95 -13.33
CA PHE A 64 7.24 16.79 -12.64
C PHE A 64 7.54 17.17 -11.19
N LEU A 65 7.32 16.27 -10.25
CA LEU A 65 7.60 16.62 -8.83
C LEU A 65 7.63 15.36 -7.95
N GLY A 66 8.79 14.81 -7.76
CA GLY A 66 8.93 13.59 -6.91
C GLY A 66 8.48 13.91 -5.48
N TYR A 67 8.34 12.92 -4.65
CA TYR A 67 7.90 13.19 -3.23
C TYR A 67 8.32 12.01 -2.33
N GLY A 68 8.36 12.27 -1.06
CA GLY A 68 8.75 11.22 -0.09
C GLY A 68 8.71 11.76 1.33
N THR A 69 9.07 10.96 2.30
CA THR A 69 9.07 11.40 3.72
C THR A 69 10.49 11.31 4.25
N ILE A 70 10.93 12.29 5.00
CA ILE A 70 12.30 12.26 5.57
C ILE A 70 12.23 11.57 6.90
N VAL A 71 13.08 10.62 7.15
CA VAL A 71 13.04 9.92 8.45
C VAL A 71 14.47 9.57 8.88
N LYS A 72 14.73 9.49 10.16
CA LYS A 72 16.12 9.11 10.60
C LYS A 72 16.03 8.28 11.88
N ALA A 73 16.96 7.39 12.11
CA ALA A 73 16.93 6.58 13.38
C ALA A 73 18.20 6.88 14.18
N ASP A 74 18.16 6.79 15.49
CA ASP A 74 19.37 7.06 16.31
C ASP A 74 19.47 5.99 17.40
N GLU A 75 20.17 6.27 18.47
CA GLU A 75 20.31 5.28 19.58
C GLU A 75 19.33 5.63 20.70
N ALA A 76 19.72 6.51 21.59
CA ALA A 76 18.83 6.90 22.71
C ALA A 76 17.95 8.08 22.28
N GLN A 77 16.83 8.26 22.92
CA GLN A 77 15.92 9.41 22.56
C GLN A 77 15.45 10.08 23.85
N PHE A 78 14.46 9.52 24.50
CA PHE A 78 13.95 10.14 25.76
C PHE A 78 13.39 11.53 25.47
N THR A 79 12.17 11.78 25.83
CA THR A 79 11.57 13.12 25.58
C THR A 79 10.33 13.31 26.45
N MET A 80 9.70 12.23 26.83
CA MET A 80 8.49 12.33 27.69
C MET A 80 8.89 12.86 29.08
N ALA A 81 8.98 12.00 30.05
CA ALA A 81 9.36 12.45 31.41
C ALA A 81 9.78 11.24 32.26
N MET B 1 16.38 -22.48 -3.01
CA MET B 1 17.73 -21.96 -3.36
C MET B 1 18.45 -22.98 -4.25
N ILE B 2 17.90 -24.16 -4.37
CA ILE B 2 18.55 -25.20 -5.22
C ILE B 2 18.45 -24.78 -6.68
N PHE B 3 19.53 -24.79 -7.40
CA PHE B 3 19.50 -24.39 -8.84
C PHE B 3 19.25 -22.89 -8.96
N GLU B 4 18.49 -22.33 -8.06
CA GLU B 4 18.21 -20.87 -8.12
C GLU B 4 17.73 -20.48 -9.53
N ASP B 5 18.32 -19.44 -10.07
CA ASP B 5 17.93 -19.00 -11.44
C ASP B 5 16.40 -18.86 -11.50
N LYS B 6 15.79 -18.33 -10.47
CA LYS B 6 14.30 -18.17 -10.46
C LYS B 6 13.95 -16.69 -10.45
N PHE B 7 13.20 -16.23 -11.43
CA PHE B 7 12.85 -14.77 -11.46
C PHE B 7 11.49 -14.59 -10.78
N ILE B 8 11.45 -13.84 -9.70
CA ILE B 8 10.18 -13.64 -8.95
C ILE B 8 9.72 -12.18 -9.07
N ILE B 9 8.48 -11.98 -9.48
CA ILE B 9 7.92 -10.61 -9.58
C ILE B 9 6.65 -10.55 -8.75
N THR B 10 6.65 -9.78 -7.69
CA THR B 10 5.44 -9.69 -6.81
C THR B 10 5.01 -8.24 -6.71
N THR B 11 3.78 -8.02 -6.31
CA THR B 11 3.24 -6.63 -6.17
C THR B 11 3.27 -6.20 -4.71
N ALA B 12 2.11 -6.07 -4.06
CA ALA B 12 2.07 -5.70 -2.60
C ALA B 12 3.39 -5.11 -2.12
N ASP B 13 4.06 -5.79 -1.22
CA ASP B 13 5.38 -5.30 -0.70
C ASP B 13 6.50 -6.24 -1.20
N GLU B 14 7.45 -6.52 -0.36
CA GLU B 14 8.58 -7.42 -0.77
C GLU B 14 8.27 -8.86 -0.37
N ILE B 15 9.29 -9.67 -0.23
CA ILE B 15 9.08 -11.10 0.16
C ILE B 15 9.68 -11.34 1.56
N PRO B 16 8.84 -11.32 2.59
CA PRO B 16 9.31 -11.53 3.97
C PRO B 16 9.95 -12.91 4.12
N GLY B 17 10.81 -13.09 5.09
CA GLY B 17 11.47 -14.43 5.28
C GLY B 17 12.80 -14.49 4.53
N LEU B 18 13.12 -13.46 3.80
CA LEU B 18 14.39 -13.44 3.02
C LEU B 18 15.13 -12.13 3.27
N GLN B 19 16.44 -12.20 3.35
CA GLN B 19 17.23 -10.96 3.57
C GLN B 19 17.50 -10.31 2.21
N LEU B 20 16.85 -9.22 1.95
CA LEU B 20 17.02 -8.53 0.64
C LEU B 20 17.92 -7.30 0.80
N TYR B 21 18.83 -7.10 -0.12
CA TYR B 21 19.77 -5.94 -0.04
C TYR B 21 19.55 -5.05 -1.27
N SER B 22 19.38 -3.77 -1.09
CA SER B 22 19.15 -2.86 -2.25
C SER B 22 20.40 -2.78 -3.15
N LEU B 23 20.18 -2.89 -4.43
CA LEU B 23 21.30 -2.83 -5.41
C LEU B 23 21.05 -1.67 -6.37
N GLY B 24 20.08 -0.86 -6.08
CA GLY B 24 19.78 0.32 -6.96
C GLY B 24 18.36 0.20 -7.49
N ILE B 25 17.91 1.21 -8.21
CA ILE B 25 16.53 1.18 -8.76
C ILE B 25 16.61 1.11 -10.28
N ALA B 26 15.66 0.44 -10.91
CA ALA B 26 15.66 0.33 -12.40
C ALA B 26 14.41 1.02 -12.95
N SER B 27 14.43 1.38 -14.20
CA SER B 27 13.25 2.06 -14.81
C SER B 27 13.26 1.75 -16.31
N THR B 28 12.11 1.66 -16.91
CA THR B 28 12.05 1.35 -18.37
C THR B 28 10.80 2.01 -18.97
N ILE B 29 10.88 2.40 -20.22
CA ILE B 29 9.71 3.04 -20.91
C ILE B 29 9.43 2.27 -22.20
N SER B 30 8.22 1.84 -22.40
CA SER B 30 7.89 1.10 -23.67
C SER B 30 6.37 0.95 -23.80
N ASP B 31 5.91 0.49 -24.93
CA ASP B 31 4.44 0.35 -25.16
C ASP B 31 3.88 -0.92 -24.50
N ASN B 32 4.33 -2.09 -24.89
CA ASN B 32 3.86 -3.34 -24.26
C ASN B 32 4.50 -3.46 -22.88
N VAL B 33 3.69 -3.68 -21.87
CA VAL B 33 4.21 -3.80 -20.47
C VAL B 33 5.01 -5.11 -20.34
N ASP B 34 4.59 -6.12 -21.04
CA ASP B 34 5.32 -7.43 -21.01
C ASP B 34 6.77 -7.23 -21.50
N GLU B 35 7.00 -6.28 -22.35
CA GLU B 35 8.40 -6.04 -22.82
C GLU B 35 9.21 -5.44 -21.67
N ILE B 36 8.59 -4.62 -20.87
CA ILE B 36 9.33 -4.02 -19.73
C ILE B 36 9.79 -5.14 -18.80
N VAL B 37 8.93 -6.06 -18.45
CA VAL B 37 9.35 -7.14 -17.52
C VAL B 37 10.59 -7.84 -18.08
N GLU B 38 10.54 -8.24 -19.32
CA GLU B 38 11.71 -8.94 -19.93
C GLU B 38 12.94 -8.02 -19.88
N ASN B 39 12.76 -6.75 -20.15
CA ASN B 39 13.91 -5.82 -20.12
C ASN B 39 14.46 -5.72 -18.70
N LEU B 40 13.59 -5.65 -17.73
CA LEU B 40 14.07 -5.58 -16.31
C LEU B 40 14.77 -6.89 -15.96
N ARG B 41 14.23 -8.02 -16.32
CA ARG B 41 14.91 -9.30 -15.98
C ARG B 41 16.40 -9.21 -16.38
N LYS B 42 16.65 -8.75 -17.57
CA LYS B 42 18.06 -8.64 -18.04
C LYS B 42 18.84 -7.63 -17.19
N GLN B 43 18.20 -6.56 -16.81
CA GLN B 43 18.89 -5.53 -15.96
C GLN B 43 18.98 -6.02 -14.54
N VAL B 44 17.99 -6.72 -14.08
CA VAL B 44 18.01 -7.26 -12.69
C VAL B 44 19.09 -8.32 -12.61
N LYS B 45 19.09 -9.30 -13.49
CA LYS B 45 20.09 -10.40 -13.33
C LYS B 45 21.48 -9.86 -13.65
N ALA B 46 21.55 -8.90 -14.55
CA ALA B 46 22.85 -8.34 -14.94
C ALA B 46 23.52 -7.71 -13.72
N LYS B 47 22.75 -7.17 -12.81
CA LYS B 47 23.34 -6.53 -11.60
C LYS B 47 23.45 -7.57 -10.48
N GLY B 48 22.94 -8.76 -10.67
CA GLY B 48 23.06 -9.80 -9.59
C GLY B 48 21.72 -9.94 -8.88
N GLY B 49 20.71 -9.24 -9.32
CA GLY B 49 19.38 -9.36 -8.67
C GLY B 49 18.70 -10.66 -9.12
N MET B 50 17.74 -11.14 -8.36
CA MET B 50 17.07 -12.44 -8.72
C MET B 50 15.54 -12.25 -8.78
N GLY B 51 15.06 -11.08 -8.48
CA GLY B 51 13.59 -10.87 -8.52
C GLY B 51 13.29 -9.38 -8.50
N LEU B 52 12.12 -9.00 -8.96
CA LEU B 52 11.74 -7.55 -8.98
C LEU B 52 10.55 -7.31 -8.04
N ILE B 53 10.61 -6.26 -7.28
CA ILE B 53 9.52 -5.95 -6.31
C ILE B 53 8.79 -4.67 -6.71
N ALA B 54 7.51 -4.59 -6.49
CA ALA B 54 6.76 -3.34 -6.85
C ALA B 54 6.65 -3.17 -8.36
N PHE B 55 5.62 -3.73 -8.93
CA PHE B 55 5.43 -3.64 -10.41
C PHE B 55 3.95 -3.48 -10.75
N ARG B 56 3.39 -2.34 -10.42
CA ARG B 56 1.94 -2.09 -10.73
C ARG B 56 1.84 -1.08 -11.87
N ILE B 57 0.84 -1.22 -12.70
CA ILE B 57 0.66 -0.28 -13.84
C ILE B 57 -0.57 0.60 -13.57
N THR B 58 -0.77 0.99 -12.34
CA THR B 58 -1.95 1.84 -12.01
C THR B 58 -1.74 3.24 -12.58
N CYS B 59 -1.95 4.25 -11.78
CA CYS B 59 -1.77 5.65 -12.26
C CYS B 59 -2.66 5.89 -13.48
N ALA B 60 -2.55 7.04 -14.10
CA ALA B 60 -3.39 7.35 -15.30
C ALA B 60 -2.66 8.32 -16.21
N ASP B 61 -2.24 7.87 -17.36
CA ASP B 61 -1.52 8.76 -18.31
C ASP B 61 -1.29 8.03 -19.63
N GLY B 62 -0.70 8.69 -20.60
CA GLY B 62 -0.46 8.02 -21.91
C GLY B 62 0.26 6.69 -21.67
N LYS B 63 1.35 6.72 -20.92
CA LYS B 63 2.11 5.46 -20.64
C LYS B 63 2.51 5.44 -19.17
N PHE B 64 3.43 4.58 -18.81
CA PHE B 64 3.85 4.51 -17.38
C PHE B 64 5.25 3.89 -17.29
N LEU B 65 6.04 4.33 -16.34
CA LEU B 65 7.41 3.80 -16.19
C LEU B 65 7.38 2.58 -15.26
N GLY B 66 8.26 1.64 -15.48
CA GLY B 66 8.29 0.42 -14.61
C GLY B 66 9.39 0.58 -13.57
N TYR B 67 9.18 1.44 -12.61
CA TYR B 67 10.22 1.64 -11.56
C TYR B 67 10.21 0.42 -10.62
N GLY B 68 11.36 -0.18 -10.42
CA GLY B 68 11.44 -1.38 -9.52
C GLY B 68 12.77 -1.36 -8.78
N THR B 69 12.86 -2.00 -7.65
CA THR B 69 14.14 -2.01 -6.88
C THR B 69 14.81 -3.36 -7.10
N ILE B 70 16.10 -3.37 -7.36
CA ILE B 70 16.82 -4.65 -7.55
C ILE B 70 17.34 -5.10 -6.19
N VAL B 71 17.17 -6.34 -5.86
CA VAL B 71 17.65 -6.82 -4.53
C VAL B 71 18.24 -8.23 -4.65
N LYS B 72 19.00 -8.63 -3.66
CA LYS B 72 19.59 -10.01 -3.69
C LYS B 72 19.84 -10.47 -2.25
N ALA B 73 19.76 -11.73 -1.98
CA ALA B 73 20.04 -12.22 -0.59
C ALA B 73 21.32 -13.06 -0.61
N ASP B 74 22.06 -13.08 0.46
CA ASP B 74 23.32 -13.88 0.49
C ASP B 74 23.75 -14.09 1.95
N GLU B 75 22.89 -14.67 2.76
CA GLU B 75 23.24 -14.90 4.18
C GLU B 75 22.62 -16.22 4.65
N ALA B 76 23.42 -17.26 4.75
CA ALA B 76 22.89 -18.59 5.19
C ALA B 76 23.56 -18.98 6.51
N GLN B 77 24.86 -18.85 6.59
CA GLN B 77 25.56 -19.22 7.85
C GLN B 77 25.07 -18.33 8.99
N PHE B 78 24.90 -18.88 10.16
CA PHE B 78 24.41 -18.07 11.31
C PHE B 78 24.70 -18.82 12.61
N THR B 79 25.72 -18.42 13.34
CA THR B 79 26.07 -19.10 14.62
C THR B 79 25.83 -18.13 15.79
N MET B 80 25.90 -18.61 16.99
CA MET B 80 25.68 -17.73 18.17
C MET B 80 26.90 -16.82 18.36
N ALA B 81 27.94 -17.34 18.97
CA ALA B 81 29.15 -16.50 19.19
C ALA B 81 29.75 -16.10 17.84
N MET C 1 -21.22 -22.43 -2.95
CA MET C 1 -21.35 -21.58 -1.73
C MET C 1 -21.01 -22.43 -0.49
N ILE C 2 -19.87 -23.06 -0.48
CA ILE C 2 -19.48 -23.89 0.69
C ILE C 2 -17.96 -24.12 0.65
N PHE C 3 -17.44 -24.51 -0.49
CA PHE C 3 -15.98 -24.76 -0.58
C PHE C 3 -15.60 -24.93 -2.06
N GLU C 4 -15.85 -26.08 -2.60
CA GLU C 4 -15.50 -26.32 -4.04
C GLU C 4 -14.08 -25.84 -4.31
N ASP C 5 -13.87 -25.11 -5.37
CA ASP C 5 -12.49 -24.61 -5.66
C ASP C 5 -12.07 -23.62 -4.59
N LYS C 6 -11.28 -22.63 -4.95
CA LYS C 6 -10.83 -21.63 -3.95
C LYS C 6 -10.59 -20.29 -4.67
N PHE C 7 -11.63 -19.52 -4.83
CA PHE C 7 -11.52 -18.18 -5.46
C PHE C 7 -11.64 -17.12 -4.37
N ILE C 8 -10.64 -16.28 -4.22
CA ILE C 8 -10.70 -15.21 -3.17
C ILE C 8 -10.25 -13.89 -3.76
N ILE C 9 -11.05 -12.86 -3.63
CA ILE C 9 -10.66 -11.51 -4.16
C ILE C 9 -10.68 -10.54 -2.98
N THR C 10 -9.54 -9.99 -2.63
CA THR C 10 -9.48 -9.01 -1.50
C THR C 10 -8.76 -7.75 -1.97
N THR C 11 -9.04 -6.67 -1.30
CA THR C 11 -8.38 -5.37 -1.62
C THR C 11 -7.56 -4.99 -0.39
N ALA C 12 -6.32 -5.35 -0.40
CA ALA C 12 -5.42 -4.99 0.74
C ALA C 12 -3.96 -5.07 0.30
N ASP C 13 -3.24 -6.05 0.77
CA ASP C 13 -1.80 -6.17 0.38
C ASP C 13 -1.41 -7.65 0.35
N GLU C 14 -1.68 -8.37 1.39
CA GLU C 14 -1.31 -9.82 1.40
C GLU C 14 -2.23 -10.57 2.37
N ILE C 15 -2.08 -11.87 2.46
CA ILE C 15 -2.94 -12.68 3.38
C ILE C 15 -2.03 -13.48 4.34
N PRO C 16 -1.67 -12.88 5.46
CA PRO C 16 -0.79 -13.53 6.45
C PRO C 16 -1.45 -14.83 6.97
N GLY C 17 -0.66 -15.75 7.45
CA GLY C 17 -1.24 -17.03 8.00
C GLY C 17 -1.29 -18.08 6.90
N LEU C 18 -1.02 -17.70 5.68
CA LEU C 18 -1.07 -18.65 4.53
C LEU C 18 0.20 -18.49 3.69
N GLN C 19 0.71 -19.58 3.18
CA GLN C 19 1.93 -19.52 2.34
C GLN C 19 1.49 -19.25 0.91
N LEU C 20 1.75 -18.06 0.43
CA LEU C 20 1.33 -17.71 -0.96
C LEU C 20 2.49 -17.92 -1.93
N TYR C 21 2.24 -18.49 -3.08
CA TYR C 21 3.32 -18.73 -4.10
C TYR C 21 2.92 -18.05 -5.40
N SER C 22 3.79 -17.25 -5.97
CA SER C 22 3.47 -16.56 -7.25
C SER C 22 3.85 -17.47 -8.43
N LEU C 23 2.96 -17.63 -9.38
CA LEU C 23 3.23 -18.52 -10.56
C LEU C 23 3.06 -17.68 -11.84
N GLY C 24 2.96 -16.39 -11.63
CA GLY C 24 2.82 -15.47 -12.80
C GLY C 24 1.87 -14.32 -12.47
N ILE C 25 1.87 -13.33 -13.34
CA ILE C 25 1.00 -12.14 -13.14
C ILE C 25 -0.15 -12.20 -14.14
N ALA C 26 -1.32 -11.71 -13.75
CA ALA C 26 -2.50 -11.73 -14.67
C ALA C 26 -2.88 -10.28 -15.01
N SER C 27 -3.33 -10.03 -16.20
CA SER C 27 -3.71 -8.65 -16.59
C SER C 27 -4.77 -8.75 -17.67
N THR C 28 -5.79 -7.93 -17.63
CA THR C 28 -6.85 -7.99 -18.68
C THR C 28 -7.44 -6.59 -18.86
N ILE C 29 -7.74 -6.20 -20.06
CA ILE C 29 -8.34 -4.85 -20.28
C ILE C 29 -9.76 -5.04 -20.85
N SER C 30 -10.75 -4.40 -20.27
CA SER C 30 -12.15 -4.54 -20.81
C SER C 30 -13.06 -3.50 -20.15
N ASP C 31 -14.27 -3.88 -19.83
CA ASP C 31 -15.22 -2.93 -19.16
C ASP C 31 -16.29 -3.72 -18.43
N ASN C 32 -16.99 -3.11 -17.51
CA ASN C 32 -18.03 -3.85 -16.73
C ASN C 32 -17.34 -4.77 -15.74
N VAL C 33 -17.68 -4.68 -14.48
CA VAL C 33 -17.04 -5.53 -13.46
C VAL C 33 -17.43 -7.00 -13.69
N ASP C 34 -18.63 -7.22 -14.17
CA ASP C 34 -19.09 -8.63 -14.41
C ASP C 34 -18.15 -9.32 -15.42
N GLU C 35 -17.83 -8.65 -16.50
CA GLU C 35 -16.93 -9.28 -17.52
C GLU C 35 -15.48 -9.25 -17.02
N ILE C 36 -15.07 -8.18 -16.41
CA ILE C 36 -13.67 -8.12 -15.89
C ILE C 36 -13.46 -9.25 -14.86
N VAL C 37 -14.43 -9.51 -14.04
CA VAL C 37 -14.25 -10.59 -13.03
C VAL C 37 -14.22 -11.96 -13.73
N GLU C 38 -15.13 -12.20 -14.63
CA GLU C 38 -15.16 -13.51 -15.33
C GLU C 38 -13.84 -13.71 -16.10
N ASN C 39 -13.35 -12.69 -16.74
CA ASN C 39 -12.09 -12.83 -17.51
C ASN C 39 -10.97 -13.28 -16.58
N LEU C 40 -10.80 -12.65 -15.45
CA LEU C 40 -9.73 -13.06 -14.52
C LEU C 40 -10.09 -14.41 -13.91
N ARG C 41 -11.27 -14.59 -13.43
CA ARG C 41 -11.63 -15.91 -12.83
C ARG C 41 -11.22 -17.03 -13.80
N LYS C 42 -11.58 -16.88 -15.05
CA LYS C 42 -11.22 -17.93 -16.05
C LYS C 42 -9.70 -18.02 -16.18
N GLN C 43 -9.02 -16.92 -16.12
CA GLN C 43 -7.53 -16.95 -16.26
C GLN C 43 -6.91 -17.45 -14.96
N VAL C 44 -7.49 -17.10 -13.85
CA VAL C 44 -6.95 -17.54 -12.56
C VAL C 44 -7.34 -19.00 -12.33
N LYS C 45 -8.60 -19.35 -12.46
CA LYS C 45 -8.97 -20.76 -12.13
C LYS C 45 -8.39 -21.69 -13.20
N ALA C 46 -8.25 -21.19 -14.40
CA ALA C 46 -7.70 -22.04 -15.51
C ALA C 46 -6.26 -22.42 -15.18
N LYS C 47 -5.55 -21.56 -14.52
CA LYS C 47 -4.15 -21.88 -14.17
C LYS C 47 -4.13 -22.55 -12.80
N GLY C 48 -5.28 -22.78 -12.20
CA GLY C 48 -5.28 -23.45 -10.87
C GLY C 48 -4.77 -22.50 -9.80
N GLY C 49 -4.96 -21.21 -9.98
CA GLY C 49 -4.46 -20.24 -8.97
C GLY C 49 -5.36 -20.26 -7.73
N MET C 50 -5.19 -19.30 -6.84
CA MET C 50 -6.01 -19.24 -5.60
C MET C 50 -7.01 -18.08 -5.70
N GLY C 51 -6.56 -16.95 -6.19
CA GLY C 51 -7.48 -15.79 -6.30
C GLY C 51 -6.68 -14.57 -6.77
N LEU C 52 -7.13 -13.38 -6.44
CA LEU C 52 -6.41 -12.15 -6.89
C LEU C 52 -6.31 -11.16 -5.72
N ILE C 53 -5.17 -10.54 -5.56
CA ILE C 53 -4.98 -9.57 -4.43
C ILE C 53 -4.87 -8.15 -4.99
N ALA C 54 -5.45 -7.18 -4.33
CA ALA C 54 -5.38 -5.77 -4.84
C ALA C 54 -6.13 -5.72 -6.16
N PHE C 55 -7.44 -5.73 -6.10
CA PHE C 55 -8.25 -5.66 -7.36
C PHE C 55 -8.62 -4.21 -7.64
N ARG C 56 -8.57 -3.81 -8.89
CA ARG C 56 -8.93 -2.41 -9.25
C ARG C 56 -9.85 -2.42 -10.46
N ILE C 57 -10.34 -1.27 -10.85
CA ILE C 57 -11.24 -1.18 -12.02
C ILE C 57 -10.85 0.03 -12.89
N THR C 58 -11.15 -0.02 -14.16
CA THR C 58 -10.81 1.11 -15.05
C THR C 58 -11.85 2.23 -14.86
N CYS C 59 -11.42 3.45 -14.82
CA CYS C 59 -12.39 4.58 -14.63
C CYS C 59 -13.31 4.66 -15.84
N ALA C 60 -13.69 5.85 -16.22
CA ALA C 60 -14.59 6.01 -17.40
C ALA C 60 -13.80 5.74 -18.68
N ASP C 61 -13.12 4.63 -18.75
CA ASP C 61 -12.32 4.31 -19.97
C ASP C 61 -11.27 5.39 -20.19
N GLY C 62 -10.00 5.03 -20.12
CA GLY C 62 -8.90 6.03 -20.32
C GLY C 62 -7.85 5.86 -19.23
N LYS C 63 -8.14 5.08 -18.22
CA LYS C 63 -7.14 4.87 -17.13
C LYS C 63 -6.15 3.78 -17.54
N PHE C 64 -6.42 2.55 -17.16
CA PHE C 64 -5.48 1.44 -17.53
C PHE C 64 -6.25 0.12 -17.50
N LEU C 65 -6.13 -0.64 -16.44
CA LEU C 65 -6.84 -1.94 -16.36
C LEU C 65 -6.79 -2.47 -14.93
N GLY C 66 -7.35 -3.63 -14.73
CA GLY C 66 -7.36 -4.25 -13.37
C GLY C 66 -5.93 -4.55 -12.93
N TYR C 67 -5.35 -5.58 -13.46
CA TYR C 67 -3.94 -5.94 -13.07
C TYR C 67 -3.94 -6.62 -11.70
N GLY C 68 -3.07 -7.58 -11.54
CA GLY C 68 -2.97 -8.30 -10.24
C GLY C 68 -1.99 -9.45 -10.35
N THR C 69 -1.46 -9.89 -9.24
CA THR C 69 -0.50 -11.03 -9.24
C THR C 69 -1.25 -12.32 -8.87
N ILE C 70 -0.85 -13.41 -9.47
CA ILE C 70 -1.51 -14.73 -9.18
C ILE C 70 -0.75 -15.40 -8.05
N VAL C 71 -1.45 -15.89 -7.05
CA VAL C 71 -0.77 -16.56 -5.91
C VAL C 71 -1.30 -17.99 -5.75
N LYS C 72 -0.59 -18.80 -5.02
CA LYS C 72 -1.05 -20.22 -4.82
C LYS C 72 -0.47 -20.73 -3.51
N ALA C 73 -1.22 -21.49 -2.74
CA ALA C 73 -0.67 -22.03 -1.46
C ALA C 73 -0.60 -23.55 -1.58
N ASP C 74 0.34 -24.17 -0.91
CA ASP C 74 0.45 -25.65 -0.99
C ASP C 74 -0.62 -26.28 -0.10
N GLU C 75 -0.64 -27.58 0.00
CA GLU C 75 -1.66 -28.27 0.85
C GLU C 75 -1.01 -29.45 1.56
N ALA C 76 0.08 -29.22 2.25
CA ALA C 76 0.75 -30.33 2.98
C ALA C 76 1.64 -29.75 4.08
N GLN C 77 1.88 -28.47 4.06
CA GLN C 77 2.73 -27.84 5.11
C GLN C 77 4.11 -28.51 5.11
N PHE C 78 4.58 -28.91 6.27
CA PHE C 78 5.91 -29.57 6.34
C PHE C 78 5.91 -30.83 5.46
N THR C 79 6.77 -30.86 4.47
CA THR C 79 6.82 -32.07 3.59
C THR C 79 7.44 -33.24 4.36
N MET C 80 6.74 -34.34 4.44
CA MET C 80 7.28 -35.52 5.18
C MET C 80 8.59 -35.96 4.53
N ALA C 81 8.61 -36.10 3.24
CA ALA C 81 9.85 -36.54 2.55
C ALA C 81 10.86 -35.37 2.53
N MET D 1 -23.68 -7.44 25.15
CA MET D 1 -22.99 -6.60 24.13
C MET D 1 -23.92 -5.47 23.68
N ILE D 2 -23.40 -4.29 23.53
CA ILE D 2 -24.26 -3.15 23.10
C ILE D 2 -24.81 -3.44 21.70
N PHE D 3 -26.09 -3.30 21.51
CA PHE D 3 -26.68 -3.57 20.17
C PHE D 3 -26.67 -2.28 19.34
N GLU D 4 -25.79 -2.20 18.37
CA GLU D 4 -25.74 -0.96 17.54
C GLU D 4 -25.02 -1.25 16.22
N ASP D 5 -24.69 -2.49 15.99
CA ASP D 5 -23.97 -2.88 14.74
C ASP D 5 -22.60 -2.21 14.71
N LYS D 6 -22.57 -0.91 14.64
CA LYS D 6 -21.26 -0.18 14.63
C LYS D 6 -20.59 -0.36 13.27
N PHE D 7 -20.63 0.65 12.45
CA PHE D 7 -19.98 0.55 11.10
C PHE D 7 -18.57 1.13 11.18
N ILE D 8 -17.58 0.36 10.79
CA ILE D 8 -16.16 0.84 10.86
C ILE D 8 -15.57 0.92 9.45
N ILE D 9 -14.84 1.98 9.19
CA ILE D 9 -14.20 2.15 7.85
C ILE D 9 -12.68 2.21 8.05
N THR D 10 -11.94 1.36 7.41
CA THR D 10 -10.45 1.36 7.58
C THR D 10 -9.78 1.72 6.25
N THR D 11 -8.86 2.64 6.28
CA THR D 11 -8.14 3.04 5.03
C THR D 11 -6.65 3.01 5.33
N ALA D 12 -5.91 2.22 4.62
CA ALA D 12 -4.42 2.18 4.84
C ALA D 12 -4.14 1.75 6.27
N ASP D 13 -5.16 1.27 6.96
CA ASP D 13 -4.98 0.78 8.36
C ASP D 13 -5.52 -0.65 8.46
N GLU D 14 -4.64 -1.61 8.61
CA GLU D 14 -5.09 -3.02 8.72
C GLU D 14 -5.94 -3.15 9.99
N ILE D 15 -6.61 -4.28 10.17
CA ILE D 15 -7.45 -4.49 11.38
C ILE D 15 -7.19 -5.91 11.96
N PRO D 16 -5.95 -6.16 12.35
CA PRO D 16 -5.54 -7.48 12.90
C PRO D 16 -6.34 -7.78 14.17
N GLY D 17 -6.45 -9.03 14.52
CA GLY D 17 -7.21 -9.37 15.77
C GLY D 17 -8.65 -9.72 15.44
N LEU D 18 -9.07 -9.62 14.20
CA LEU D 18 -10.49 -9.92 13.85
C LEU D 18 -10.54 -10.91 12.70
N GLN D 19 -11.45 -11.86 12.79
CA GLN D 19 -11.59 -12.86 11.71
C GLN D 19 -12.51 -12.27 10.65
N LEU D 20 -11.97 -11.91 9.51
CA LEU D 20 -12.80 -11.30 8.44
C LEU D 20 -13.21 -12.35 7.40
N TYR D 21 -14.43 -12.29 6.95
CA TYR D 21 -14.93 -13.28 5.95
C TYR D 21 -15.35 -12.53 4.68
N SER D 22 -14.90 -12.93 3.52
CA SER D 22 -15.28 -12.20 2.28
C SER D 22 -16.74 -12.47 1.91
N LEU D 23 -17.48 -11.44 1.63
CA LEU D 23 -18.91 -11.58 1.23
C LEU D 23 -19.05 -11.08 -0.20
N GLY D 24 -17.95 -10.75 -0.83
CA GLY D 24 -18.00 -10.28 -2.25
C GLY D 24 -17.45 -8.86 -2.33
N ILE D 25 -17.51 -8.28 -3.49
CA ILE D 25 -17.00 -6.89 -3.68
C ILE D 25 -18.18 -5.95 -3.92
N ALA D 26 -18.10 -4.74 -3.39
CA ALA D 26 -19.21 -3.76 -3.57
C ALA D 26 -18.73 -2.56 -4.38
N SER D 27 -19.66 -1.81 -4.91
CA SER D 27 -19.30 -0.60 -5.71
C SER D 27 -20.44 0.42 -5.60
N THR D 28 -20.14 1.68 -5.67
CA THR D 28 -21.20 2.72 -5.56
C THR D 28 -20.79 3.96 -6.35
N ILE D 29 -21.78 4.69 -6.79
CA ILE D 29 -21.54 5.95 -7.57
C ILE D 29 -22.22 7.12 -6.87
N SER D 30 -21.63 8.29 -6.93
CA SER D 30 -22.25 9.48 -6.28
C SER D 30 -21.25 10.65 -6.28
N ASP D 31 -21.74 11.87 -6.23
CA ASP D 31 -20.83 13.07 -6.25
C ASP D 31 -20.65 13.59 -4.81
N ASN D 32 -20.06 12.80 -3.97
CA ASN D 32 -19.85 13.19 -2.54
C ASN D 32 -19.20 12.01 -1.80
N VAL D 33 -18.17 12.28 -1.04
CA VAL D 33 -17.47 11.22 -0.24
C VAL D 33 -18.41 10.78 0.88
N ASP D 34 -19.08 11.72 1.49
CA ASP D 34 -20.04 11.36 2.58
C ASP D 34 -21.17 10.50 2.02
N GLU D 35 -21.55 10.72 0.78
CA GLU D 35 -22.64 9.89 0.19
C GLU D 35 -22.10 8.50 -0.12
N ILE D 36 -20.89 8.42 -0.60
CA ILE D 36 -20.28 7.08 -0.91
C ILE D 36 -20.23 6.25 0.38
N VAL D 37 -19.73 6.81 1.44
CA VAL D 37 -19.67 6.05 2.72
C VAL D 37 -21.09 5.60 3.09
N GLU D 38 -22.05 6.49 2.98
CA GLU D 38 -23.45 6.13 3.32
C GLU D 38 -23.97 5.04 2.36
N ASN D 39 -23.69 5.17 1.09
CA ASN D 39 -24.18 4.16 0.10
C ASN D 39 -23.65 2.77 0.49
N LEU D 40 -22.39 2.67 0.78
CA LEU D 40 -21.82 1.36 1.18
C LEU D 40 -22.45 0.92 2.49
N ARG D 41 -22.64 1.78 3.44
CA ARG D 41 -23.27 1.34 4.71
C ARG D 41 -24.58 0.58 4.42
N LYS D 42 -25.33 1.05 3.46
CA LYS D 42 -26.62 0.38 3.12
C LYS D 42 -26.35 -0.95 2.39
N GLN D 43 -25.39 -0.95 1.51
CA GLN D 43 -25.07 -2.21 0.75
C GLN D 43 -24.29 -3.15 1.66
N VAL D 44 -23.44 -2.61 2.49
CA VAL D 44 -22.67 -3.45 3.43
C VAL D 44 -23.61 -4.06 4.46
N LYS D 45 -24.45 -3.27 5.07
CA LYS D 45 -25.31 -3.86 6.14
C LYS D 45 -26.34 -4.79 5.49
N ALA D 46 -26.74 -4.45 4.29
CA ALA D 46 -27.75 -5.28 3.56
C ALA D 46 -27.16 -6.66 3.29
N LYS D 47 -25.87 -6.73 3.06
CA LYS D 47 -25.23 -8.04 2.79
C LYS D 47 -24.82 -8.70 4.11
N GLY D 48 -25.11 -8.06 5.21
CA GLY D 48 -24.76 -8.64 6.53
C GLY D 48 -23.35 -8.19 6.93
N GLY D 49 -22.72 -7.37 6.14
CA GLY D 49 -21.36 -6.90 6.48
C GLY D 49 -21.46 -5.82 7.57
N MET D 50 -20.40 -5.59 8.30
CA MET D 50 -20.44 -4.59 9.42
C MET D 50 -19.30 -3.59 9.27
N GLY D 51 -18.47 -3.75 8.28
CA GLY D 51 -17.33 -2.80 8.10
C GLY D 51 -16.70 -3.02 6.73
N LEU D 52 -15.84 -2.12 6.32
CA LEU D 52 -15.17 -2.25 5.00
C LEU D 52 -13.66 -2.02 5.17
N ILE D 53 -12.85 -2.82 4.52
CA ILE D 53 -11.37 -2.67 4.65
C ILE D 53 -10.81 -2.06 3.36
N ALA D 54 -9.81 -1.24 3.45
CA ALA D 54 -9.22 -0.63 2.21
C ALA D 54 -10.25 0.28 1.55
N PHE D 55 -10.44 1.44 2.10
CA PHE D 55 -11.40 2.42 1.52
C PHE D 55 -10.62 3.54 0.83
N ARG D 56 -9.49 3.22 0.25
CA ARG D 56 -8.68 4.26 -0.43
C ARG D 56 -9.55 4.99 -1.47
N ILE D 57 -9.61 6.29 -1.39
CA ILE D 57 -10.44 7.04 -2.37
C ILE D 57 -9.89 6.83 -3.78
N THR D 58 -10.73 6.96 -4.78
CA THR D 58 -10.26 6.75 -6.18
C THR D 58 -9.53 8.02 -6.66
N CYS D 59 -10.26 8.96 -7.20
CA CYS D 59 -9.61 10.21 -7.67
C CYS D 59 -10.68 11.29 -7.91
N ALA D 60 -10.28 12.53 -7.98
CA ALA D 60 -11.26 13.63 -8.21
C ALA D 60 -12.43 13.48 -7.22
N ASP D 61 -12.22 13.88 -5.99
CA ASP D 61 -13.32 13.77 -4.99
C ASP D 61 -13.92 12.36 -5.03
N GLY D 62 -15.04 12.20 -5.69
CA GLY D 62 -15.67 10.86 -5.78
C GLY D 62 -16.69 10.85 -6.93
N LYS D 63 -16.49 11.68 -7.92
CA LYS D 63 -17.44 11.71 -9.06
C LYS D 63 -17.18 10.52 -10.00
N PHE D 64 -16.51 9.51 -9.51
CA PHE D 64 -16.21 8.31 -10.35
C PHE D 64 -16.99 7.12 -9.81
N LEU D 65 -16.40 6.37 -8.91
CA LEU D 65 -17.12 5.18 -8.37
C LEU D 65 -16.49 4.73 -7.03
N GLY D 66 -15.91 3.56 -7.04
CA GLY D 66 -15.25 3.03 -5.81
C GLY D 66 -15.25 1.52 -5.82
N TYR D 67 -14.20 0.93 -5.32
CA TYR D 67 -14.11 -0.56 -5.27
C TYR D 67 -13.61 -1.01 -3.89
N GLY D 68 -14.49 -1.55 -3.09
CA GLY D 68 -14.09 -2.01 -1.73
C GLY D 68 -14.53 -3.46 -1.56
N THR D 69 -14.04 -4.13 -0.55
CA THR D 69 -14.43 -5.55 -0.32
C THR D 69 -15.31 -5.62 0.94
N ILE D 70 -16.35 -6.40 0.90
CA ILE D 70 -17.22 -6.53 2.09
C ILE D 70 -16.60 -7.58 3.01
N VAL D 71 -16.79 -7.47 4.29
CA VAL D 71 -16.19 -8.49 5.22
C VAL D 71 -17.17 -8.78 6.36
N LYS D 72 -17.01 -9.91 7.00
CA LYS D 72 -17.91 -10.26 8.16
C LYS D 72 -17.09 -11.01 9.19
N ALA D 73 -17.49 -10.96 10.44
CA ALA D 73 -16.74 -11.71 11.49
C ALA D 73 -17.70 -12.65 12.20
N ASP D 74 -17.22 -13.75 12.74
CA ASP D 74 -18.12 -14.70 13.45
C ASP D 74 -17.41 -15.17 14.71
N GLU D 75 -18.06 -16.00 15.49
CA GLU D 75 -17.42 -16.50 16.75
C GLU D 75 -18.10 -17.80 17.17
N ALA D 76 -17.36 -18.71 17.75
CA ALA D 76 -17.96 -20.01 18.20
C ALA D 76 -18.24 -19.97 19.70
N GLN D 77 -19.10 -19.08 20.12
CA GLN D 77 -19.42 -18.98 21.58
C GLN D 77 -20.92 -18.69 21.74
N PHE D 78 -21.28 -17.86 22.68
CA PHE D 78 -22.72 -17.55 22.89
C PHE D 78 -23.18 -16.54 21.84
N THR D 79 -23.86 -17.01 20.82
CA THR D 79 -24.34 -16.09 19.75
C THR D 79 -25.35 -15.10 20.36
N MET D 80 -26.23 -15.58 21.19
CA MET D 80 -27.24 -14.67 21.81
C MET D 80 -27.63 -15.21 23.20
N ALA D 81 -28.90 -15.19 23.52
CA ALA D 81 -29.34 -15.70 24.84
C ALA D 81 -29.20 -17.23 24.87
N MET E 1 4.41 23.47 22.01
CA MET E 1 5.76 23.93 21.56
C MET E 1 5.69 24.36 20.09
N ILE E 2 6.20 25.52 19.78
CA ILE E 2 6.17 26.01 18.37
C ILE E 2 4.76 25.84 17.80
N PHE E 3 3.76 26.29 18.53
CA PHE E 3 2.34 26.15 18.04
C PHE E 3 2.17 24.86 17.23
N GLU E 4 2.65 23.77 17.76
CA GLU E 4 2.55 22.48 17.01
C GLU E 4 2.69 21.31 17.99
N ASP E 5 1.60 20.64 18.29
CA ASP E 5 1.67 19.50 19.24
C ASP E 5 2.44 18.35 18.56
N LYS E 6 2.04 17.13 18.82
CA LYS E 6 2.75 15.97 18.21
C LYS E 6 2.07 15.56 16.92
N PHE E 7 2.27 16.27 15.83
CA PHE E 7 1.59 15.89 14.55
C PHE E 7 2.53 14.99 13.73
N ILE E 8 2.11 13.79 13.46
CA ILE E 8 2.98 12.83 12.69
C ILE E 8 2.36 12.57 11.31
N ILE E 9 3.16 12.70 10.28
CA ILE E 9 2.68 12.42 8.90
C ILE E 9 3.68 11.50 8.21
N THR E 10 3.29 10.29 7.93
CA THR E 10 4.23 9.32 7.28
C THR E 10 3.61 8.84 5.96
N THR E 11 4.44 8.30 5.11
CA THR E 11 3.96 7.74 3.81
C THR E 11 4.20 6.23 3.92
N ALA E 12 3.24 5.55 4.49
CA ALA E 12 3.34 4.06 4.59
C ALA E 12 1.95 3.45 4.66
N ASP E 13 1.69 2.67 5.68
CA ASP E 13 0.36 2.04 5.80
C ASP E 13 0.16 1.57 7.24
N GLU E 14 -0.43 2.40 8.06
CA GLU E 14 -0.66 2.02 9.49
C GLU E 14 0.64 2.09 10.28
N ILE E 15 0.56 2.38 11.55
CA ILE E 15 1.78 2.45 12.41
C ILE E 15 1.68 1.36 13.50
N PRO E 16 2.30 0.22 13.28
CA PRO E 16 2.25 -0.89 14.25
C PRO E 16 2.84 -0.45 15.60
N GLY E 17 2.42 -1.10 16.67
CA GLY E 17 2.94 -0.74 18.03
C GLY E 17 2.03 0.29 18.70
N LEU E 18 1.06 0.78 17.97
CA LEU E 18 0.14 1.81 18.52
C LEU E 18 -1.31 1.42 18.25
N GLN E 19 -2.17 1.65 19.21
CA GLN E 19 -3.61 1.31 19.02
C GLN E 19 -4.26 2.46 18.28
N LEU E 20 -4.63 2.26 17.05
CA LEU E 20 -5.25 3.36 16.25
C LEU E 20 -6.79 3.23 16.26
N TYR E 21 -7.48 4.33 16.45
CA TYR E 21 -8.98 4.29 16.49
C TYR E 21 -9.53 5.19 15.38
N SER E 22 -10.43 4.70 14.57
CA SER E 22 -10.98 5.54 13.46
C SER E 22 -11.70 6.77 14.01
N LEU E 23 -11.33 7.93 13.51
CA LEU E 23 -11.97 9.22 13.94
C LEU E 23 -12.70 9.80 12.73
N GLY E 24 -12.81 9.06 11.68
CA GLY E 24 -13.55 9.52 10.48
C GLY E 24 -12.60 9.64 9.29
N ILE E 25 -13.10 10.09 8.17
CA ILE E 25 -12.25 10.23 6.95
C ILE E 25 -12.10 11.71 6.62
N ALA E 26 -10.93 12.12 6.19
CA ALA E 26 -10.69 13.56 5.85
C ALA E 26 -10.34 13.68 4.36
N SER E 27 -10.75 14.74 3.72
CA SER E 27 -10.42 14.91 2.28
C SER E 27 -10.37 16.41 1.97
N THR E 28 -9.43 16.84 1.16
CA THR E 28 -9.33 18.29 0.83
C THR E 28 -8.76 18.43 -0.59
N ILE E 29 -9.12 19.48 -1.28
CA ILE E 29 -8.59 19.70 -2.67
C ILE E 29 -7.81 21.02 -2.72
N SER E 30 -6.66 21.01 -3.33
CA SER E 30 -5.85 22.25 -3.41
C SER E 30 -4.75 22.10 -4.47
N ASP E 31 -4.23 23.20 -4.95
CA ASP E 31 -3.16 23.14 -6.01
C ASP E 31 -1.77 22.89 -5.44
N ASN E 32 -1.26 23.77 -4.59
CA ASN E 32 0.07 23.56 -3.99
C ASN E 32 -0.09 22.58 -2.83
N VAL E 33 0.92 21.79 -2.59
CA VAL E 33 0.86 20.79 -1.49
C VAL E 33 0.85 21.51 -0.15
N ASP E 34 1.53 22.61 -0.04
CA ASP E 34 1.56 23.35 1.26
C ASP E 34 0.15 23.63 1.75
N GLU E 35 -0.76 23.87 0.84
CA GLU E 35 -2.18 24.13 1.27
C GLU E 35 -2.85 22.80 1.60
N ILE E 36 -2.51 21.75 0.90
CA ILE E 36 -3.15 20.44 1.20
C ILE E 36 -2.79 20.00 2.62
N VAL E 37 -1.53 19.97 2.95
CA VAL E 37 -1.13 19.51 4.30
C VAL E 37 -1.64 20.49 5.37
N GLU E 38 -1.38 21.76 5.19
CA GLU E 38 -1.84 22.74 6.20
C GLU E 38 -3.35 22.63 6.36
N ASN E 39 -4.07 22.39 5.30
CA ASN E 39 -5.55 22.27 5.40
C ASN E 39 -5.92 21.00 6.16
N LEU E 40 -5.24 19.91 5.91
CA LEU E 40 -5.58 18.64 6.62
C LEU E 40 -5.13 18.76 8.08
N ARG E 41 -3.91 19.16 8.33
CA ARG E 41 -3.46 19.29 9.74
C ARG E 41 -4.52 20.07 10.54
N LYS E 42 -4.97 21.18 10.03
CA LYS E 42 -5.98 21.98 10.77
C LYS E 42 -7.22 21.11 11.02
N GLN E 43 -7.53 20.21 10.12
CA GLN E 43 -8.71 19.34 10.31
C GLN E 43 -8.40 18.30 11.38
N VAL E 44 -7.18 17.83 11.46
CA VAL E 44 -6.86 16.81 12.49
C VAL E 44 -6.74 17.52 13.84
N LYS E 45 -5.95 18.55 13.90
CA LYS E 45 -5.71 19.24 15.20
C LYS E 45 -7.07 19.53 15.88
N ALA E 46 -8.07 19.74 15.06
CA ALA E 46 -9.44 20.06 15.57
C ALA E 46 -10.10 18.78 16.05
N LYS E 47 -9.70 17.67 15.54
CA LYS E 47 -10.28 16.39 15.99
C LYS E 47 -9.36 15.81 17.05
N GLY E 48 -8.42 16.57 17.59
CA GLY E 48 -7.59 15.99 18.67
C GLY E 48 -7.00 14.66 18.22
N GLY E 49 -6.78 14.52 16.94
CA GLY E 49 -6.20 13.26 16.42
C GLY E 49 -4.73 13.16 16.82
N MET E 50 -3.99 12.28 16.20
CA MET E 50 -2.54 12.11 16.51
C MET E 50 -1.70 12.52 15.31
N GLY E 51 -2.18 12.24 14.12
CA GLY E 51 -1.43 12.59 12.87
C GLY E 51 -2.13 11.98 11.66
N LEU E 52 -1.51 12.02 10.51
CA LEU E 52 -2.12 11.46 9.27
C LEU E 52 -1.27 10.31 8.72
N ILE E 53 -1.91 9.28 8.23
CA ILE E 53 -1.16 8.09 7.71
C ILE E 53 -1.35 7.96 6.20
N ALA E 54 -0.34 7.55 5.49
CA ALA E 54 -0.46 7.39 4.01
C ALA E 54 -0.77 8.74 3.36
N PHE E 55 0.22 9.58 3.25
CA PHE E 55 0.00 10.92 2.62
C PHE E 55 0.44 10.86 1.16
N ARG E 56 -0.44 10.44 0.29
CA ARG E 56 -0.09 10.35 -1.16
C ARG E 56 -0.30 11.72 -1.82
N ILE E 57 0.32 11.93 -2.96
CA ILE E 57 0.16 13.23 -3.68
C ILE E 57 -0.02 12.95 -5.17
N THR E 58 -1.24 12.94 -5.64
CA THR E 58 -1.47 12.68 -7.09
C THR E 58 -0.92 13.86 -7.91
N CYS E 59 -0.53 13.61 -9.13
CA CYS E 59 0.01 14.72 -9.98
C CYS E 59 -0.31 14.44 -11.44
N ALA E 60 -0.94 15.37 -12.11
CA ALA E 60 -1.29 15.16 -13.54
C ALA E 60 -1.93 16.44 -14.10
N ASP E 61 -3.16 16.71 -13.74
CA ASP E 61 -3.84 17.93 -14.25
C ASP E 61 -5.08 18.21 -13.41
N GLY E 62 -4.93 18.93 -12.33
CA GLY E 62 -6.10 19.24 -11.47
C GLY E 62 -6.48 17.99 -10.67
N LYS E 63 -5.94 16.85 -11.01
CA LYS E 63 -6.29 15.61 -10.28
C LYS E 63 -5.67 15.63 -8.89
N PHE E 64 -4.98 16.69 -8.56
CA PHE E 64 -4.36 16.77 -7.20
C PHE E 64 -5.40 16.46 -6.14
N LEU E 65 -5.15 15.49 -5.31
CA LEU E 65 -6.12 15.13 -4.25
C LEU E 65 -5.36 14.52 -3.06
N GLY E 66 -5.55 15.06 -1.88
CA GLY E 66 -4.86 14.50 -0.66
C GLY E 66 -5.92 14.11 0.36
N TYR E 67 -5.87 12.89 0.84
CA TYR E 67 -6.87 12.45 1.85
C TYR E 67 -6.23 11.42 2.79
N GLY E 68 -7.03 10.79 3.60
CA GLY E 68 -6.49 9.78 4.55
C GLY E 68 -7.52 9.52 5.66
N THR E 69 -7.30 8.52 6.46
CA THR E 69 -8.23 8.23 7.59
C THR E 69 -7.60 8.84 8.84
N ILE E 70 -8.39 9.49 9.65
CA ILE E 70 -7.85 10.07 10.90
C ILE E 70 -7.80 8.94 11.92
N VAL E 71 -6.81 8.91 12.76
CA VAL E 71 -6.72 7.81 13.77
C VAL E 71 -6.50 8.40 15.16
N LYS E 72 -6.82 7.65 16.17
CA LYS E 72 -6.64 8.14 17.58
C LYS E 72 -6.11 6.99 18.42
N ALA E 73 -5.44 7.29 19.51
CA ALA E 73 -4.90 6.19 20.36
C ALA E 73 -5.52 6.20 21.76
N ASP E 74 -6.27 5.17 22.05
CA ASP E 74 -6.96 5.11 23.37
C ASP E 74 -7.56 3.70 23.57
N GLU E 75 -6.92 2.87 24.35
CA GLU E 75 -7.48 1.50 24.57
C GLU E 75 -6.98 0.97 25.92
N ALA E 76 -5.78 1.32 26.31
CA ALA E 76 -5.24 0.83 27.60
C ALA E 76 -4.15 1.78 28.10
N GLN E 77 -3.45 1.41 29.13
CA GLN E 77 -2.38 2.29 29.66
C GLN E 77 -1.47 1.48 30.59
N PHE E 78 -1.37 0.20 30.38
CA PHE E 78 -0.50 -0.64 31.26
C PHE E 78 -0.17 -1.95 30.54
N THR E 79 1.05 -2.11 30.12
CA THR E 79 1.45 -3.35 29.42
C THR E 79 2.96 -3.37 29.20
N MET E 80 3.72 -3.00 30.20
CA MET E 80 5.20 -2.98 30.05
C MET E 80 5.58 -2.29 28.74
N ALA E 81 6.22 -3.00 27.85
CA ALA E 81 6.62 -2.38 26.55
C ALA E 81 5.41 -2.36 25.60
N MET A 1 30.78 2.16 17.37
CA MET A 1 31.40 2.59 16.09
C MET A 1 30.70 3.85 15.58
N ILE A 2 31.27 4.49 14.59
CA ILE A 2 30.64 5.73 14.05
C ILE A 2 29.52 5.35 13.08
N PHE A 3 29.69 4.26 12.37
CA PHE A 3 28.65 3.84 11.40
C PHE A 3 28.39 4.95 10.39
N GLU A 4 29.00 4.87 9.24
CA GLU A 4 28.80 5.93 8.21
C GLU A 4 27.31 6.09 7.92
N ASP A 5 26.90 7.21 7.40
CA ASP A 5 25.45 7.43 7.09
C ASP A 5 25.22 7.28 5.59
N LYS A 6 24.75 6.13 5.16
CA LYS A 6 24.51 5.92 3.70
C LYS A 6 23.10 6.42 3.35
N PHE A 7 22.88 6.76 2.11
CA PHE A 7 21.52 7.23 1.70
C PHE A 7 20.71 6.07 1.15
N ILE A 8 19.54 5.81 1.71
CA ILE A 8 18.70 4.68 1.26
C ILE A 8 17.40 5.20 0.64
N ILE A 9 16.98 4.64 -0.46
CA ILE A 9 15.72 5.09 -1.13
C ILE A 9 14.89 3.87 -1.52
N THR A 10 13.73 3.71 -0.92
CA THR A 10 12.87 2.53 -1.25
C THR A 10 11.53 3.05 -1.75
N THR A 11 10.83 2.22 -2.47
CA THR A 11 9.48 2.60 -3.01
C THR A 11 8.45 1.67 -2.39
N ALA A 12 7.57 2.19 -1.56
CA ALA A 12 6.51 1.33 -0.95
C ALA A 12 7.15 0.20 -0.16
N ASP A 13 7.58 0.50 1.03
CA ASP A 13 8.24 -0.54 1.87
C ASP A 13 8.04 -0.19 3.36
N GLU A 14 9.04 -0.41 4.16
CA GLU A 14 8.92 -0.09 5.62
C GLU A 14 10.29 -0.13 6.27
N ILE A 15 11.22 -0.84 5.69
CA ILE A 15 12.57 -0.95 6.29
C ILE A 15 12.44 -1.41 7.76
N PRO A 16 11.95 -2.61 7.94
CA PRO A 16 11.76 -3.18 9.30
C PRO A 16 13.12 -3.30 10.02
N GLY A 17 13.11 -3.28 11.33
CA GLY A 17 14.39 -3.42 12.07
C GLY A 17 14.97 -2.04 12.36
N LEU A 18 14.44 -1.00 11.76
CA LEU A 18 14.97 0.38 11.99
C LEU A 18 13.85 1.27 12.51
N GLN A 19 14.16 2.06 13.51
CA GLN A 19 13.14 2.99 14.08
C GLN A 19 13.35 4.37 13.48
N LEU A 20 12.41 4.82 12.69
CA LEU A 20 12.54 6.14 12.02
C LEU A 20 11.38 7.05 12.45
N TYR A 21 11.66 8.29 12.73
CA TYR A 21 10.59 9.25 13.15
C TYR A 21 10.35 10.23 12.00
N SER A 22 9.17 10.78 11.90
CA SER A 22 8.86 11.75 10.81
C SER A 22 9.53 13.10 11.09
N LEU A 23 10.18 13.64 10.09
CA LEU A 23 10.87 14.96 10.23
C LEU A 23 10.27 15.95 9.23
N GLY A 24 9.11 15.63 8.73
CA GLY A 24 8.40 16.55 7.79
C GLY A 24 8.20 15.86 6.45
N ILE A 25 7.54 16.52 5.54
CA ILE A 25 7.30 15.94 4.18
C ILE A 25 8.04 16.78 3.14
N ALA A 26 8.57 16.14 2.12
CA ALA A 26 9.30 16.89 1.06
C ALA A 26 8.57 16.71 -0.28
N SER A 27 8.55 17.72 -1.12
CA SER A 27 7.87 17.59 -2.44
C SER A 27 8.56 18.54 -3.41
N THR A 28 8.73 18.13 -4.66
CA THR A 28 9.40 19.01 -5.65
C THR A 28 8.84 18.71 -7.04
N ILE A 29 8.83 19.68 -7.92
CA ILE A 29 8.31 19.45 -9.31
C ILE A 29 9.45 19.58 -10.31
N SER A 30 9.62 18.60 -11.16
CA SER A 30 10.72 18.65 -12.16
C SER A 30 10.65 17.41 -13.05
N ASP A 31 11.52 17.30 -14.02
CA ASP A 31 11.52 16.12 -14.93
C ASP A 31 12.84 15.38 -14.79
N ASN A 32 12.95 14.19 -15.33
CA ASN A 32 14.19 13.39 -15.18
C ASN A 32 14.26 12.84 -13.76
N VAL A 33 14.29 11.53 -13.63
CA VAL A 33 14.34 10.92 -12.28
C VAL A 33 15.70 11.23 -11.63
N ASP A 34 16.73 11.30 -12.43
CA ASP A 34 18.08 11.58 -11.86
C ASP A 34 18.09 12.94 -11.15
N GLU A 35 17.43 13.91 -11.72
CA GLU A 35 17.40 15.26 -11.07
C GLU A 35 16.44 15.23 -9.88
N ILE A 36 15.34 14.56 -10.00
CA ILE A 36 14.37 14.50 -8.86
C ILE A 36 15.05 13.82 -7.66
N VAL A 37 15.72 12.72 -7.87
CA VAL A 37 16.38 12.03 -6.72
C VAL A 37 17.35 13.01 -6.06
N GLU A 38 18.17 13.66 -6.83
CA GLU A 38 19.15 14.62 -6.24
C GLU A 38 18.44 15.76 -5.52
N ASN A 39 17.40 16.28 -6.11
CA ASN A 39 16.65 17.40 -5.46
C ASN A 39 16.18 16.96 -4.08
N LEU A 40 15.57 15.82 -3.98
CA LEU A 40 15.11 15.35 -2.65
C LEU A 40 16.33 15.01 -1.80
N ARG A 41 17.29 14.32 -2.33
CA ARG A 41 18.49 13.98 -1.51
C ARG A 41 19.05 15.25 -0.85
N LYS A 42 19.22 16.29 -1.61
CA LYS A 42 19.78 17.55 -1.04
C LYS A 42 18.83 18.12 0.02
N GLN A 43 17.55 18.02 -0.20
CA GLN A 43 16.57 18.53 0.78
C GLN A 43 16.48 17.58 1.97
N VAL A 44 16.58 16.31 1.73
CA VAL A 44 16.52 15.33 2.83
C VAL A 44 17.77 15.49 3.70
N LYS A 45 18.94 15.49 3.12
CA LYS A 45 20.15 15.54 3.98
C LYS A 45 20.20 16.89 4.71
N ALA A 46 19.70 17.91 4.05
CA ALA A 46 19.70 19.27 4.64
C ALA A 46 18.80 19.27 5.87
N LYS A 47 17.81 18.41 5.88
CA LYS A 47 16.87 18.35 7.04
C LYS A 47 17.41 17.36 8.07
N GLY A 48 18.48 16.67 7.78
CA GLY A 48 19.04 15.70 8.77
C GLY A 48 18.46 14.31 8.50
N GLY A 49 17.80 14.14 7.39
CA GLY A 49 17.22 12.81 7.07
C GLY A 49 18.31 11.91 6.49
N MET A 50 18.16 10.61 6.58
CA MET A 50 19.20 9.67 6.06
C MET A 50 18.57 8.73 5.03
N GLY A 51 17.28 8.71 4.93
CA GLY A 51 16.63 7.78 3.96
C GLY A 51 15.27 8.33 3.57
N LEU A 52 14.73 7.86 2.48
CA LEU A 52 13.39 8.35 2.03
C LEU A 52 12.48 7.16 1.76
N ILE A 53 11.22 7.26 2.13
CA ILE A 53 10.27 6.13 1.92
C ILE A 53 9.21 6.53 0.89
N ALA A 54 8.77 5.61 0.08
CA ALA A 54 7.73 5.95 -0.94
C ALA A 54 8.30 6.90 -1.99
N PHE A 55 9.14 6.41 -2.85
CA PHE A 55 9.73 7.28 -3.92
C PHE A 55 8.91 7.13 -5.19
N ARG A 56 7.61 7.18 -5.07
CA ARG A 56 6.74 7.03 -6.27
C ARG A 56 7.28 7.88 -7.42
N ILE A 57 7.45 7.29 -8.57
CA ILE A 57 7.98 8.05 -9.72
C ILE A 57 6.93 9.07 -10.19
N THR A 58 7.36 10.07 -10.93
CA THR A 58 6.40 11.10 -11.43
C THR A 58 6.82 11.54 -12.83
N CYS A 59 6.76 10.65 -13.78
CA CYS A 59 7.16 11.02 -15.17
C CYS A 59 6.46 12.32 -15.57
N ALA A 60 5.24 12.51 -15.15
CA ALA A 60 4.51 13.75 -15.51
C ALA A 60 5.21 14.96 -14.86
N ASP A 61 4.63 16.12 -14.98
CA ASP A 61 5.27 17.33 -14.38
C ASP A 61 4.21 18.40 -14.15
N GLY A 62 3.01 18.17 -14.58
CA GLY A 62 1.93 19.18 -14.38
C GLY A 62 1.63 19.29 -12.88
N LYS A 63 0.39 19.20 -12.49
CA LYS A 63 0.04 19.31 -11.05
C LYS A 63 0.50 18.07 -10.31
N PHE A 64 1.08 17.13 -11.01
CA PHE A 64 1.56 15.88 -10.35
C PHE A 64 3.06 16.01 -10.06
N LEU A 65 3.56 15.28 -9.11
CA LEU A 65 5.01 15.36 -8.76
C LEU A 65 5.38 14.22 -7.82
N GLY A 66 6.63 14.15 -7.44
CA GLY A 66 7.09 13.07 -6.51
C GLY A 66 7.18 13.64 -5.10
N TYR A 67 7.26 12.79 -4.11
CA TYR A 67 7.35 13.28 -2.71
C TYR A 67 7.78 12.13 -1.78
N GLY A 68 7.85 12.41 -0.52
CA GLY A 68 8.24 11.36 0.46
C GLY A 68 8.29 11.92 1.87
N THR A 69 8.45 11.08 2.87
CA THR A 69 8.54 11.58 4.26
C THR A 69 9.99 11.55 4.71
N ILE A 70 10.43 12.59 5.35
CA ILE A 70 11.84 12.63 5.84
C ILE A 70 11.88 11.93 7.18
N VAL A 71 12.68 10.90 7.33
CA VAL A 71 12.74 10.19 8.63
C VAL A 71 14.19 9.82 8.95
N LYS A 72 14.49 9.61 10.20
CA LYS A 72 15.90 9.24 10.58
C LYS A 72 15.87 8.35 11.82
N ALA A 73 16.86 7.50 12.02
CA ALA A 73 16.89 6.64 13.24
C ALA A 73 18.06 7.06 14.13
N ASP A 74 17.93 6.88 15.42
CA ASP A 74 19.04 7.28 16.33
C ASP A 74 20.14 6.22 16.29
N GLU A 75 19.93 5.17 15.53
CA GLU A 75 20.96 4.09 15.43
C GLU A 75 21.18 3.46 16.81
N ALA A 76 20.13 3.26 17.57
CA ALA A 76 20.28 2.64 18.92
C ALA A 76 21.39 3.37 19.68
N GLN A 77 21.84 2.80 20.77
CA GLN A 77 22.93 3.45 21.57
C GLN A 77 22.64 4.95 21.70
N PHE A 78 21.67 5.31 22.48
CA PHE A 78 21.33 6.75 22.63
C PHE A 78 20.57 6.96 23.95
N THR A 79 19.42 6.37 24.08
CA THR A 79 18.63 6.54 25.33
C THR A 79 19.35 5.82 26.49
N MET A 80 20.27 6.48 27.13
CA MET A 80 21.00 5.84 28.26
C MET A 80 21.49 4.45 27.83
N ALA A 81 22.56 4.40 27.09
CA ALA A 81 23.09 3.08 26.62
C ALA A 81 21.98 2.30 25.92
N MET B 1 20.91 -29.51 -4.82
CA MET B 1 20.16 -28.64 -5.77
C MET B 1 18.82 -28.25 -5.17
N ILE B 2 18.79 -27.23 -4.34
CA ILE B 2 17.52 -26.79 -3.71
C ILE B 2 16.81 -25.79 -4.62
N PHE B 3 17.20 -25.71 -5.87
CA PHE B 3 16.56 -24.75 -6.80
C PHE B 3 15.06 -25.05 -6.88
N GLU B 4 14.25 -24.05 -7.10
CA GLU B 4 12.78 -24.29 -7.19
C GLU B 4 12.11 -23.05 -7.78
N ASP B 5 12.85 -22.00 -8.00
CA ASP B 5 12.26 -20.75 -8.57
C ASP B 5 13.37 -19.96 -9.27
N LYS B 6 12.98 -19.12 -10.20
CA LYS B 6 13.99 -18.30 -10.95
C LYS B 6 13.87 -16.83 -10.54
N PHE B 7 12.79 -16.19 -10.91
CA PHE B 7 12.59 -14.75 -10.55
C PHE B 7 11.39 -14.65 -9.60
N ILE B 8 11.39 -13.66 -8.74
CA ILE B 8 10.22 -13.47 -7.82
C ILE B 8 9.62 -12.09 -8.01
N ILE B 9 8.33 -11.99 -8.18
CA ILE B 9 7.67 -10.68 -8.39
C ILE B 9 6.42 -10.60 -7.50
N THR B 10 6.39 -9.67 -6.59
CA THR B 10 5.19 -9.53 -5.70
C THR B 10 4.68 -8.08 -5.80
N THR B 11 3.40 -7.90 -5.57
CA THR B 11 2.81 -6.53 -5.63
C THR B 11 2.75 -6.03 -4.20
N ALA B 12 3.86 -5.55 -3.71
CA ALA B 12 3.91 -4.97 -2.33
C ALA B 12 5.31 -5.22 -1.72
N ASP B 13 5.43 -6.25 -0.90
CA ASP B 13 6.73 -6.58 -0.25
C ASP B 13 6.54 -7.79 0.67
N GLU B 14 6.05 -8.88 0.14
CA GLU B 14 5.84 -10.11 0.99
C GLU B 14 7.03 -11.05 0.86
N ILE B 15 8.08 -10.79 1.60
CA ILE B 15 9.26 -11.69 1.58
C ILE B 15 9.88 -11.75 3.00
N PRO B 16 9.05 -12.05 3.98
CA PRO B 16 9.50 -12.16 5.38
C PRO B 16 10.53 -13.29 5.51
N GLY B 17 11.43 -13.19 6.46
CA GLY B 17 12.43 -14.26 6.62
C GLY B 17 13.67 -13.95 5.81
N LEU B 18 13.65 -12.95 4.95
CA LEU B 18 14.85 -12.64 4.12
C LEU B 18 15.22 -11.18 4.31
N GLN B 19 16.49 -10.90 4.40
CA GLN B 19 16.93 -9.48 4.56
C GLN B 19 17.01 -8.84 3.18
N LEU B 20 16.19 -7.85 2.91
CA LEU B 20 16.22 -7.22 1.56
C LEU B 20 17.21 -6.06 1.54
N TYR B 21 17.97 -5.94 0.48
CA TYR B 21 18.99 -4.84 0.38
C TYR B 21 18.68 -3.95 -0.82
N SER B 22 18.61 -2.66 -0.66
CA SER B 22 18.31 -1.78 -1.82
C SER B 22 19.56 -1.61 -2.68
N LEU B 23 19.40 -1.76 -3.96
CA LEU B 23 20.55 -1.61 -4.90
C LEU B 23 20.27 -0.43 -5.83
N GLY B 24 19.25 0.33 -5.56
CA GLY B 24 18.95 1.52 -6.41
C GLY B 24 17.51 1.46 -6.92
N ILE B 25 17.18 2.34 -7.83
CA ILE B 25 15.78 2.37 -8.38
C ILE B 25 15.83 1.95 -9.85
N ALA B 26 14.85 1.21 -10.29
CA ALA B 26 14.82 0.76 -11.72
C ALA B 26 13.64 1.43 -12.44
N SER B 27 13.82 1.77 -13.69
CA SER B 27 12.72 2.42 -14.46
C SER B 27 12.89 2.09 -15.95
N THR B 28 11.80 1.81 -16.63
CA THR B 28 11.92 1.47 -18.08
C THR B 28 10.65 1.91 -18.80
N ILE B 29 10.76 2.43 -20.00
CA ILE B 29 9.55 2.89 -20.76
C ILE B 29 9.33 1.96 -21.96
N SER B 30 8.15 1.41 -22.07
CA SER B 30 7.87 0.50 -23.22
C SER B 30 6.39 0.09 -23.20
N ASP B 31 6.09 -1.12 -23.60
CA ASP B 31 4.67 -1.58 -23.60
C ASP B 31 4.65 -3.11 -23.56
N ASN B 32 3.52 -3.70 -23.25
CA ASN B 32 3.46 -5.19 -23.16
C ASN B 32 4.12 -5.63 -21.85
N VAL B 33 3.46 -6.48 -21.12
CA VAL B 33 4.03 -6.96 -19.84
C VAL B 33 5.30 -7.77 -20.12
N ASP B 34 5.35 -8.45 -21.23
CA ASP B 34 6.56 -9.26 -21.55
C ASP B 34 7.81 -8.38 -21.58
N GLU B 35 7.72 -7.24 -22.23
CA GLU B 35 8.92 -6.34 -22.31
C GLU B 35 9.12 -5.63 -20.96
N ILE B 36 8.08 -5.20 -20.33
CA ILE B 36 8.24 -4.51 -19.03
C ILE B 36 8.87 -5.49 -18.02
N VAL B 37 8.40 -6.70 -17.96
CA VAL B 37 8.98 -7.68 -17.00
C VAL B 37 10.41 -8.04 -17.40
N GLU B 38 10.62 -8.33 -18.65
CA GLU B 38 11.99 -8.71 -19.12
C GLU B 38 12.96 -7.55 -18.87
N ASN B 39 12.55 -6.36 -19.17
CA ASN B 39 13.45 -5.19 -18.97
C ASN B 39 13.87 -5.10 -17.51
N LEU B 40 12.92 -5.19 -16.60
CA LEU B 40 13.29 -5.13 -15.16
C LEU B 40 14.02 -6.43 -14.79
N ARG B 41 13.50 -7.56 -15.16
CA ARG B 41 14.21 -8.84 -14.81
C ARG B 41 15.68 -8.73 -15.20
N LYS B 42 15.95 -8.38 -16.43
CA LYS B 42 17.37 -8.27 -16.87
C LYS B 42 18.11 -7.25 -16.02
N GLN B 43 17.44 -6.19 -15.62
CA GLN B 43 18.10 -5.15 -14.78
C GLN B 43 18.25 -5.66 -13.35
N VAL B 44 17.29 -6.41 -12.89
CA VAL B 44 17.38 -6.95 -11.52
C VAL B 44 18.44 -8.03 -11.47
N LYS B 45 18.40 -8.99 -12.36
CA LYS B 45 19.40 -10.11 -12.24
C LYS B 45 20.79 -9.58 -12.59
N ALA B 46 20.85 -8.70 -13.55
CA ALA B 46 22.16 -8.13 -13.98
C ALA B 46 22.84 -7.48 -12.78
N LYS B 47 22.07 -6.89 -11.90
CA LYS B 47 22.67 -6.26 -10.69
C LYS B 47 22.88 -7.32 -9.62
N GLY B 48 22.59 -8.56 -9.89
CA GLY B 48 22.78 -9.62 -8.86
C GLY B 48 21.56 -9.67 -7.96
N GLY B 49 20.52 -8.94 -8.30
CA GLY B 49 19.30 -8.94 -7.46
C GLY B 49 18.62 -10.31 -7.53
N MET B 50 17.35 -10.39 -7.24
CA MET B 50 16.65 -11.70 -7.30
C MET B 50 15.14 -11.50 -7.15
N GLY B 51 14.71 -10.47 -6.47
CA GLY B 51 13.25 -10.24 -6.30
C GLY B 51 12.95 -8.75 -6.52
N LEU B 52 11.72 -8.43 -6.83
CA LEU B 52 11.35 -7.01 -7.06
C LEU B 52 10.00 -6.72 -6.39
N ILE B 53 9.83 -5.55 -5.84
CA ILE B 53 8.55 -5.19 -5.15
C ILE B 53 7.78 -4.20 -6.03
N ALA B 54 6.45 -4.20 -5.97
CA ALA B 54 5.65 -3.27 -6.81
C ALA B 54 5.65 -3.81 -8.22
N PHE B 55 4.97 -3.22 -9.20
CA PHE B 55 5.02 -3.75 -10.57
C PHE B 55 3.95 -2.96 -11.37
N ARG B 56 3.42 -1.89 -10.82
CA ARG B 56 2.37 -1.10 -11.54
C ARG B 56 2.79 -0.91 -13.00
N ILE B 57 1.96 -1.35 -13.91
CA ILE B 57 2.29 -1.21 -15.36
C ILE B 57 1.46 -0.07 -15.96
N THR B 58 1.74 0.29 -17.19
CA THR B 58 0.96 1.37 -17.84
C THR B 58 0.93 1.13 -19.36
N CYS B 59 -0.23 1.16 -19.95
CA CYS B 59 -0.33 0.93 -21.42
C CYS B 59 0.28 2.12 -22.17
N ALA B 60 0.18 2.14 -23.47
CA ALA B 60 0.75 3.27 -24.25
C ALA B 60 -0.07 4.53 -23.99
N ASP B 61 0.58 5.64 -23.74
CA ASP B 61 -0.18 6.90 -23.48
C ASP B 61 0.65 8.09 -23.96
N GLY B 62 1.77 8.36 -23.34
CA GLY B 62 2.61 9.50 -23.78
C GLY B 62 3.94 9.46 -23.02
N LYS B 63 3.91 9.32 -21.73
CA LYS B 63 5.18 9.28 -20.94
C LYS B 63 5.03 8.29 -19.78
N PHE B 64 3.83 7.89 -19.48
CA PHE B 64 3.63 6.94 -18.35
C PHE B 64 4.58 5.76 -18.50
N LEU B 65 4.94 5.14 -17.40
CA LEU B 65 5.87 3.98 -17.48
C LEU B 65 5.78 3.15 -16.19
N GLY B 66 6.50 2.07 -16.19
CA GLY B 66 6.53 1.16 -14.99
C GLY B 66 7.81 1.40 -14.18
N TYR B 67 7.81 1.03 -12.92
CA TYR B 67 9.01 1.24 -12.09
C TYR B 67 8.95 0.33 -10.86
N GLY B 68 9.99 0.33 -10.09
CA GLY B 68 10.03 -0.51 -8.86
C GLY B 68 11.34 -0.30 -8.10
N THR B 69 11.65 -1.16 -7.17
CA THR B 69 12.90 -1.03 -6.39
C THR B 69 13.67 -2.36 -6.50
N ILE B 70 14.96 -2.28 -6.67
CA ILE B 70 15.78 -3.52 -6.76
C ILE B 70 16.12 -3.94 -5.35
N VAL B 71 15.96 -5.22 -5.03
CA VAL B 71 16.30 -5.69 -3.65
C VAL B 71 17.26 -6.86 -3.74
N LYS B 72 18.04 -7.09 -2.72
CA LYS B 72 19.00 -8.24 -2.75
C LYS B 72 19.11 -8.79 -1.33
N ALA B 73 19.14 -10.08 -1.15
CA ALA B 73 19.28 -10.65 0.22
C ALA B 73 20.67 -11.28 0.36
N ASP B 74 21.20 -11.31 1.55
CA ASP B 74 22.55 -11.92 1.78
C ASP B 74 22.45 -12.89 2.96
N GLU B 75 23.57 -13.33 3.47
CA GLU B 75 23.53 -14.28 4.61
C GLU B 75 24.94 -14.39 5.22
N ALA B 76 25.06 -15.01 6.37
CA ALA B 76 26.39 -15.15 7.03
C ALA B 76 26.75 -16.64 7.11
N GLN B 77 26.78 -17.30 5.99
CA GLN B 77 27.12 -18.76 5.96
C GLN B 77 26.17 -19.51 6.91
N PHE B 78 26.64 -20.56 7.52
CA PHE B 78 25.78 -21.34 8.45
C PHE B 78 25.40 -20.46 9.64
N THR B 79 24.34 -20.82 10.34
CA THR B 79 23.92 -20.00 11.51
C THR B 79 24.88 -20.24 12.67
N MET B 80 24.62 -19.66 13.81
CA MET B 80 25.52 -19.85 14.98
C MET B 80 25.37 -21.26 15.52
N ALA B 81 26.39 -22.06 15.44
CA ALA B 81 26.30 -23.45 15.94
C ALA B 81 26.31 -23.44 17.48
N MET C 1 -19.45 -35.10 -3.89
CA MET C 1 -17.99 -34.87 -3.68
C MET C 1 -17.76 -33.42 -3.27
N ILE C 2 -17.98 -32.50 -4.17
CA ILE C 2 -17.77 -31.06 -3.83
C ILE C 2 -18.44 -30.19 -4.90
N PHE C 3 -19.02 -29.08 -4.50
CA PHE C 3 -19.69 -28.19 -5.49
C PHE C 3 -18.64 -27.32 -6.17
N GLU C 4 -17.76 -26.72 -5.43
CA GLU C 4 -16.71 -25.86 -6.05
C GLU C 4 -15.58 -25.61 -5.05
N ASP C 5 -14.41 -25.30 -5.52
CA ASP C 5 -13.28 -25.03 -4.59
C ASP C 5 -13.55 -23.72 -3.86
N LYS C 6 -12.53 -23.09 -3.33
CA LYS C 6 -12.73 -21.82 -2.57
C LYS C 6 -11.93 -20.69 -3.22
N PHE C 7 -12.57 -19.92 -4.06
CA PHE C 7 -11.86 -18.79 -4.73
C PHE C 7 -12.05 -17.51 -3.91
N ILE C 8 -10.98 -16.86 -3.53
CA ILE C 8 -11.10 -15.62 -2.69
C ILE C 8 -10.46 -14.43 -3.39
N ILE C 9 -11.00 -13.25 -3.17
CA ILE C 9 -10.43 -12.02 -3.79
C ILE C 9 -10.40 -10.90 -2.76
N THR C 10 -9.23 -10.45 -2.38
CA THR C 10 -9.12 -9.37 -1.36
C THR C 10 -8.35 -8.20 -1.97
N THR C 11 -8.52 -7.04 -1.40
CA THR C 11 -7.81 -5.83 -1.91
C THR C 11 -6.42 -5.77 -1.26
N ALA C 12 -6.14 -4.77 -0.46
CA ALA C 12 -4.80 -4.63 0.20
C ALA C 12 -4.93 -5.00 1.66
N ASP C 13 -4.52 -6.19 1.99
CA ASP C 13 -4.63 -6.64 3.41
C ASP C 13 -3.80 -7.91 3.60
N GLU C 14 -3.48 -8.59 2.52
CA GLU C 14 -2.67 -9.84 2.64
C GLU C 14 -3.43 -10.85 3.51
N ILE C 15 -3.06 -12.10 3.45
CA ILE C 15 -3.75 -13.15 4.26
C ILE C 15 -2.71 -13.91 5.11
N PRO C 16 -2.38 -13.38 6.27
CA PRO C 16 -1.38 -14.00 7.16
C PRO C 16 -1.84 -15.39 7.58
N GLY C 17 -0.93 -16.25 7.96
CA GLY C 17 -1.33 -17.63 8.38
C GLY C 17 -1.26 -18.58 7.20
N LEU C 18 -1.02 -18.08 6.01
CA LEU C 18 -0.95 -18.96 4.82
C LEU C 18 0.35 -18.69 4.07
N GLN C 19 0.99 -19.73 3.62
CA GLN C 19 2.27 -19.55 2.86
C GLN C 19 1.92 -19.35 1.38
N LEU C 20 2.10 -18.15 0.90
CA LEU C 20 1.78 -17.87 -0.54
C LEU C 20 3.05 -18.02 -1.38
N TYR C 21 2.94 -18.62 -2.54
CA TYR C 21 4.12 -18.83 -3.42
C TYR C 21 3.87 -18.18 -4.79
N SER C 22 4.79 -17.40 -5.31
CA SER C 22 4.59 -16.75 -6.63
C SER C 22 4.23 -17.79 -7.70
N LEU C 23 3.18 -17.53 -8.41
CA LEU C 23 2.72 -18.45 -9.51
C LEU C 23 2.72 -17.69 -10.83
N GLY C 24 3.30 -16.55 -10.83
CA GLY C 24 3.40 -15.73 -12.08
C GLY C 24 2.50 -14.50 -11.97
N ILE C 25 2.33 -13.80 -13.08
CA ILE C 25 1.46 -12.58 -13.10
C ILE C 25 0.34 -12.75 -14.15
N ALA C 26 -0.84 -12.33 -13.80
CA ALA C 26 -2.00 -12.44 -14.74
C ALA C 26 -2.39 -11.04 -15.22
N SER C 27 -2.91 -10.94 -16.42
CA SER C 27 -3.30 -9.60 -16.95
C SER C 27 -4.58 -9.72 -17.79
N THR C 28 -5.49 -8.79 -17.65
CA THR C 28 -6.75 -8.85 -18.44
C THR C 28 -7.25 -7.44 -18.71
N ILE C 29 -7.99 -7.22 -19.76
CA ILE C 29 -8.47 -5.84 -20.04
C ILE C 29 -9.79 -5.59 -19.33
N SER C 30 -9.99 -4.38 -18.86
CA SER C 30 -11.26 -4.05 -18.14
C SER C 30 -12.47 -4.47 -18.97
N ASP C 31 -13.14 -3.51 -19.54
CA ASP C 31 -14.36 -3.83 -20.35
C ASP C 31 -15.38 -4.53 -19.46
N ASN C 32 -15.87 -3.85 -18.42
CA ASN C 32 -16.83 -4.50 -17.46
C ASN C 32 -15.99 -5.16 -16.35
N VAL C 33 -16.12 -4.69 -15.13
CA VAL C 33 -15.35 -5.29 -14.00
C VAL C 33 -15.56 -6.80 -13.98
N ASP C 34 -16.75 -7.25 -14.24
CA ASP C 34 -17.01 -8.71 -14.24
C ASP C 34 -16.02 -9.38 -15.18
N GLU C 35 -15.60 -8.69 -16.21
CA GLU C 35 -14.62 -9.31 -17.15
C GLU C 35 -13.28 -9.40 -16.46
N ILE C 36 -12.92 -8.46 -15.64
CA ILE C 36 -11.60 -8.58 -14.98
C ILE C 36 -11.59 -9.79 -14.03
N VAL C 37 -12.55 -9.90 -13.15
CA VAL C 37 -12.52 -11.04 -12.18
C VAL C 37 -12.83 -12.34 -12.90
N GLU C 38 -13.83 -12.35 -13.73
CA GLU C 38 -14.20 -13.61 -14.43
C GLU C 38 -13.03 -14.06 -15.31
N ASN C 39 -12.41 -13.15 -16.03
CA ASN C 39 -11.25 -13.56 -16.89
C ASN C 39 -10.12 -14.07 -16.02
N LEU C 40 -9.88 -13.44 -14.90
CA LEU C 40 -8.79 -13.90 -14.02
C LEU C 40 -9.18 -15.23 -13.42
N ARG C 41 -10.38 -15.39 -12.95
CA ARG C 41 -10.75 -16.68 -12.34
C ARG C 41 -10.40 -17.82 -13.30
N LYS C 42 -10.86 -17.75 -14.51
CA LYS C 42 -10.57 -18.85 -15.48
C LYS C 42 -9.06 -18.99 -15.66
N GLN C 43 -8.35 -17.90 -15.66
CA GLN C 43 -6.87 -17.97 -15.82
C GLN C 43 -6.22 -18.43 -14.52
N VAL C 44 -6.77 -18.04 -13.41
CA VAL C 44 -6.21 -18.44 -12.10
C VAL C 44 -6.56 -19.90 -11.86
N LYS C 45 -7.80 -20.29 -11.97
CA LYS C 45 -8.12 -21.70 -11.62
C LYS C 45 -7.58 -22.63 -12.72
N ALA C 46 -7.53 -22.14 -13.94
CA ALA C 46 -7.04 -22.98 -15.06
C ALA C 46 -5.61 -23.41 -14.80
N LYS C 47 -4.86 -22.61 -14.10
CA LYS C 47 -3.44 -22.96 -13.83
C LYS C 47 -3.30 -23.46 -12.40
N GLY C 48 -4.36 -23.41 -11.60
CA GLY C 48 -4.26 -23.98 -10.21
C GLY C 48 -4.03 -22.89 -9.17
N GLY C 49 -4.51 -21.68 -9.36
CA GLY C 49 -4.21 -20.61 -8.38
C GLY C 49 -5.17 -20.68 -7.17
N MET C 50 -5.01 -19.77 -6.25
CA MET C 50 -5.89 -19.72 -5.05
C MET C 50 -6.85 -18.51 -5.13
N GLY C 51 -6.35 -17.40 -5.58
CA GLY C 51 -7.21 -16.18 -5.65
C GLY C 51 -6.35 -14.99 -6.09
N LEU C 52 -6.93 -13.81 -6.13
CA LEU C 52 -6.16 -12.61 -6.56
C LEU C 52 -5.94 -11.68 -5.37
N ILE C 53 -4.73 -11.23 -5.18
CA ILE C 53 -4.43 -10.33 -4.03
C ILE C 53 -4.19 -8.90 -4.54
N ALA C 54 -4.61 -7.90 -3.81
CA ALA C 54 -4.36 -6.50 -4.27
C ALA C 54 -5.13 -6.23 -5.56
N PHE C 55 -6.39 -5.93 -5.44
CA PHE C 55 -7.20 -5.66 -6.66
C PHE C 55 -6.51 -4.56 -7.49
N ARG C 56 -6.32 -3.41 -6.91
CA ARG C 56 -5.67 -2.30 -7.66
C ARG C 56 -6.48 -1.97 -8.89
N ILE C 57 -7.50 -1.17 -8.73
CA ILE C 57 -8.37 -0.78 -9.88
C ILE C 57 -8.84 0.66 -9.69
N THR C 58 -8.82 1.45 -10.72
CA THR C 58 -9.30 2.85 -10.59
C THR C 58 -9.58 3.42 -11.99
N CYS C 59 -10.70 4.05 -12.17
CA CYS C 59 -11.05 4.64 -13.49
C CYS C 59 -10.70 6.13 -13.50
N ALA C 60 -10.09 6.61 -14.54
CA ALA C 60 -9.73 8.05 -14.60
C ALA C 60 -9.48 8.46 -16.06
N ASP C 61 -10.50 8.42 -16.87
CA ASP C 61 -10.33 8.82 -18.31
C ASP C 61 -9.08 8.12 -18.87
N GLY C 62 -8.91 6.86 -18.59
CA GLY C 62 -7.72 6.14 -19.11
C GLY C 62 -7.68 4.73 -18.52
N LYS C 63 -8.66 3.92 -18.84
CA LYS C 63 -8.69 2.53 -18.29
C LYS C 63 -7.38 1.81 -18.64
N PHE C 64 -6.48 1.72 -17.71
CA PHE C 64 -5.18 1.04 -17.98
C PHE C 64 -5.35 -0.47 -17.82
N LEU C 65 -4.30 -1.22 -17.97
CA LEU C 65 -4.40 -2.70 -17.84
C LEU C 65 -4.20 -3.09 -16.37
N GLY C 66 -5.12 -3.86 -15.83
CA GLY C 66 -5.00 -4.29 -14.40
C GLY C 66 -3.76 -5.19 -14.25
N TYR C 67 -3.35 -5.44 -13.04
CA TYR C 67 -2.15 -6.30 -12.81
C TYR C 67 -2.30 -7.00 -11.46
N GLY C 68 -2.31 -8.30 -11.44
CA GLY C 68 -2.45 -9.06 -10.15
C GLY C 68 -1.40 -10.15 -10.10
N THR C 69 -1.00 -10.60 -8.94
CA THR C 69 0.02 -11.67 -8.85
C THR C 69 -0.70 -12.97 -8.47
N ILE C 70 -0.36 -14.05 -9.12
CA ILE C 70 -1.01 -15.35 -8.79
C ILE C 70 -0.20 -16.05 -7.71
N VAL C 71 -0.86 -16.64 -6.76
CA VAL C 71 -0.12 -17.34 -5.67
C VAL C 71 -0.88 -18.60 -5.23
N LYS C 72 -0.22 -19.49 -4.52
CA LYS C 72 -0.91 -20.71 -4.03
C LYS C 72 -0.25 -21.14 -2.74
N ALA C 73 -0.97 -21.72 -1.82
CA ALA C 73 -0.33 -22.17 -0.53
C ALA C 73 -0.61 -23.65 -0.34
N ASP C 74 0.27 -24.37 0.32
CA ASP C 74 0.04 -25.83 0.57
C ASP C 74 -0.56 -26.51 -0.66
N GLU C 75 0.24 -27.20 -1.42
CA GLU C 75 -0.28 -27.91 -2.63
C GLU C 75 -0.10 -29.42 -2.45
N ALA C 76 0.90 -29.82 -1.72
CA ALA C 76 1.15 -31.28 -1.49
C ALA C 76 0.94 -32.03 -2.80
N GLN C 77 0.44 -33.24 -2.74
CA GLN C 77 0.20 -34.04 -3.99
C GLN C 77 -1.21 -34.63 -3.94
N PHE C 78 -1.35 -35.88 -4.30
CA PHE C 78 -2.69 -36.51 -4.29
C PHE C 78 -3.71 -35.59 -4.97
N THR C 79 -3.26 -34.80 -5.91
CA THR C 79 -4.19 -33.87 -6.62
C THR C 79 -5.38 -34.67 -7.17
N MET C 80 -5.21 -35.95 -7.36
CA MET C 80 -6.32 -36.79 -7.89
C MET C 80 -7.31 -37.09 -6.77
N ALA C 81 -7.55 -36.13 -5.90
CA ALA C 81 -8.51 -36.36 -4.79
C ALA C 81 -8.99 -35.01 -4.25
N MET D 1 -25.63 -7.04 17.72
CA MET D 1 -26.20 -8.23 18.40
C MET D 1 -25.30 -8.62 19.59
N ILE D 2 -24.09 -8.11 19.61
CA ILE D 2 -23.17 -8.44 20.74
C ILE D 2 -22.00 -7.47 20.72
N PHE D 3 -21.65 -6.95 19.57
CA PHE D 3 -20.50 -6.01 19.49
C PHE D 3 -20.75 -5.00 18.36
N GLU D 4 -19.71 -4.51 17.75
CA GLU D 4 -19.87 -3.52 16.65
C GLU D 4 -20.73 -2.35 17.14
N ASP D 5 -20.97 -1.38 16.29
CA ASP D 5 -21.80 -0.20 16.71
C ASP D 5 -22.58 0.33 15.51
N LYS D 6 -21.93 0.36 14.37
CA LYS D 6 -22.61 0.86 13.14
C LYS D 6 -21.75 0.53 11.92
N PHE D 7 -21.21 1.53 11.27
CA PHE D 7 -20.35 1.28 10.06
C PHE D 7 -18.92 1.72 10.34
N ILE D 8 -17.98 0.82 10.26
CA ILE D 8 -16.55 1.17 10.53
C ILE D 8 -15.82 1.38 9.20
N ILE D 9 -15.06 2.45 9.09
CA ILE D 9 -14.33 2.72 7.82
C ILE D 9 -12.83 2.88 8.12
N THR D 10 -12.00 2.12 7.47
CA THR D 10 -10.52 2.21 7.71
C THR D 10 -9.85 2.60 6.38
N THR D 11 -8.98 3.57 6.41
CA THR D 11 -8.30 4.03 5.15
C THR D 11 -6.80 3.69 5.19
N ALA D 12 -6.36 2.82 4.31
CA ALA D 12 -4.90 2.47 4.28
C ALA D 12 -4.44 2.08 5.67
N ASP D 13 -4.78 0.87 6.08
CA ASP D 13 -4.39 0.40 7.43
C ASP D 13 -4.95 -1.03 7.64
N GLU D 14 -5.46 -1.31 8.81
CA GLU D 14 -6.01 -2.66 9.09
C GLU D 14 -6.69 -2.66 10.45
N ILE D 15 -7.38 -3.71 10.79
CA ILE D 15 -8.06 -3.80 12.12
C ILE D 15 -7.68 -5.12 12.79
N PRO D 16 -6.49 -5.18 13.37
CA PRO D 16 -5.99 -6.40 14.03
C PRO D 16 -6.92 -6.78 15.19
N GLY D 17 -6.93 -8.02 15.56
CA GLY D 17 -7.79 -8.46 16.69
C GLY D 17 -9.13 -8.95 16.15
N LEU D 18 -9.42 -8.75 14.87
CA LEU D 18 -10.72 -9.20 14.31
C LEU D 18 -10.45 -10.05 13.07
N GLN D 19 -11.14 -11.15 12.95
CA GLN D 19 -10.95 -12.04 11.76
C GLN D 19 -11.87 -11.53 10.66
N LEU D 20 -11.32 -10.93 9.65
CA LEU D 20 -12.15 -10.39 8.54
C LEU D 20 -12.09 -11.33 7.33
N TYR D 21 -13.23 -11.73 6.80
CA TYR D 21 -13.24 -12.62 5.58
C TYR D 21 -13.96 -11.87 4.46
N SER D 22 -13.53 -12.09 3.25
CA SER D 22 -14.17 -11.41 2.07
C SER D 22 -15.38 -12.23 1.57
N LEU D 23 -16.49 -11.57 1.37
CA LEU D 23 -17.75 -12.25 0.88
C LEU D 23 -18.16 -11.63 -0.46
N GLY D 24 -17.30 -10.79 -0.93
CA GLY D 24 -17.53 -10.14 -2.25
C GLY D 24 -16.91 -8.77 -2.32
N ILE D 25 -16.95 -8.18 -3.49
CA ILE D 25 -16.39 -6.82 -3.68
C ILE D 25 -17.51 -5.82 -3.97
N ALA D 26 -17.38 -4.61 -3.49
CA ALA D 26 -18.43 -3.58 -3.75
C ALA D 26 -17.85 -2.49 -4.64
N SER D 27 -18.64 -1.93 -5.54
CA SER D 27 -18.12 -0.86 -6.43
C SER D 27 -19.29 0.06 -6.81
N THR D 28 -19.07 1.34 -6.85
CA THR D 28 -20.17 2.28 -7.22
C THR D 28 -19.58 3.51 -7.91
N ILE D 29 -20.30 4.09 -8.84
CA ILE D 29 -19.77 5.30 -9.56
C ILE D 29 -20.69 6.49 -9.26
N SER D 30 -20.13 7.58 -8.82
CA SER D 30 -20.96 8.78 -8.51
C SER D 30 -20.03 9.92 -8.08
N ASP D 31 -20.59 11.07 -7.78
CA ASP D 31 -19.77 12.24 -7.35
C ASP D 31 -20.11 12.61 -5.91
N ASN D 32 -19.28 13.38 -5.26
CA ASN D 32 -19.54 13.73 -3.84
C ASN D 32 -19.21 12.52 -2.97
N VAL D 33 -18.39 12.73 -1.98
CA VAL D 33 -18.01 11.60 -1.07
C VAL D 33 -19.22 11.20 -0.23
N ASP D 34 -20.05 12.12 0.14
CA ASP D 34 -21.23 11.78 0.97
C ASP D 34 -22.11 10.77 0.23
N GLU D 35 -22.28 10.95 -1.06
CA GLU D 35 -23.15 10.01 -1.84
C GLU D 35 -22.38 8.71 -2.07
N ILE D 36 -21.12 8.78 -2.38
CA ILE D 36 -20.36 7.52 -2.59
C ILE D 36 -20.30 6.73 -1.27
N VAL D 37 -20.08 7.39 -0.16
CA VAL D 37 -20.02 6.65 1.14
C VAL D 37 -21.38 6.02 1.43
N GLU D 38 -22.42 6.80 1.34
CA GLU D 38 -23.77 6.26 1.64
C GLU D 38 -24.10 5.11 0.69
N ASN D 39 -23.71 5.23 -0.56
CA ASN D 39 -24.00 4.13 -1.54
C ASN D 39 -23.35 2.84 -1.07
N LEU D 40 -22.13 2.91 -0.63
CA LEU D 40 -21.44 1.67 -0.16
C LEU D 40 -22.06 1.22 1.15
N ARG D 41 -22.28 2.11 2.08
CA ARG D 41 -22.88 1.67 3.37
C ARG D 41 -24.15 0.86 3.10
N LYS D 42 -24.98 1.34 2.21
CA LYS D 42 -26.25 0.62 1.89
C LYS D 42 -25.93 -0.71 1.19
N GLN D 43 -24.97 -0.72 0.32
CA GLN D 43 -24.60 -1.98 -0.39
C GLN D 43 -23.83 -2.89 0.55
N VAL D 44 -23.01 -2.32 1.39
CA VAL D 44 -22.24 -3.14 2.35
C VAL D 44 -23.19 -3.71 3.39
N LYS D 45 -24.02 -2.91 4.00
CA LYS D 45 -24.89 -3.45 5.07
C LYS D 45 -25.85 -4.48 4.47
N ALA D 46 -26.25 -4.22 3.25
CA ALA D 46 -27.19 -5.14 2.55
C ALA D 46 -26.52 -6.49 2.37
N LYS D 47 -25.22 -6.49 2.24
CA LYS D 47 -24.48 -7.77 2.08
C LYS D 47 -24.20 -8.34 3.45
N GLY D 48 -24.54 -7.65 4.51
CA GLY D 48 -24.29 -8.19 5.87
C GLY D 48 -22.91 -7.72 6.34
N GLY D 49 -22.26 -6.88 5.57
CA GLY D 49 -20.92 -6.38 5.99
C GLY D 49 -21.05 -5.35 7.10
N MET D 50 -20.00 -5.11 7.84
CA MET D 50 -20.06 -4.12 8.97
C MET D 50 -18.98 -3.06 8.78
N GLY D 51 -18.10 -3.23 7.84
CA GLY D 51 -17.02 -2.23 7.64
C GLY D 51 -16.38 -2.43 6.28
N LEU D 52 -15.61 -1.48 5.85
CA LEU D 52 -14.93 -1.58 4.51
C LEU D 52 -13.45 -1.29 4.65
N ILE D 53 -12.62 -1.98 3.93
CA ILE D 53 -11.15 -1.77 4.03
C ILE D 53 -10.62 -1.05 2.79
N ALA D 54 -9.70 -0.13 2.95
CA ALA D 54 -9.13 0.58 1.77
C ALA D 54 -10.19 1.45 1.13
N PHE D 55 -10.32 2.66 1.61
CA PHE D 55 -11.33 3.60 1.05
C PHE D 55 -10.66 4.60 0.10
N ARG D 56 -9.70 4.16 -0.65
CA ARG D 56 -9.03 5.08 -1.60
C ARG D 56 -10.02 5.51 -2.67
N ILE D 57 -10.12 6.79 -2.93
CA ILE D 57 -11.08 7.30 -3.97
C ILE D 57 -10.34 8.23 -4.94
N THR D 58 -11.04 8.80 -5.87
CA THR D 58 -10.41 9.74 -6.81
C THR D 58 -11.49 10.61 -7.46
N CYS D 59 -12.00 11.58 -6.75
CA CYS D 59 -13.08 12.45 -7.33
C CYS D 59 -12.93 13.88 -6.79
N ALA D 60 -13.13 14.86 -7.62
CA ALA D 60 -13.01 16.27 -7.15
C ALA D 60 -13.30 17.22 -8.32
N ASP D 61 -13.81 16.71 -9.41
CA ASP D 61 -14.11 17.58 -10.57
C ASP D 61 -15.08 16.87 -11.52
N GLY D 62 -15.52 15.71 -11.15
CA GLY D 62 -16.47 14.95 -12.03
C GLY D 62 -16.76 13.59 -11.42
N LYS D 63 -17.11 12.63 -12.24
CA LYS D 63 -17.41 11.25 -11.73
C LYS D 63 -16.18 10.36 -11.92
N PHE D 64 -15.98 9.43 -11.02
CA PHE D 64 -14.79 8.52 -11.14
C PHE D 64 -15.21 7.11 -10.73
N LEU D 65 -14.81 6.66 -9.57
CA LEU D 65 -15.18 5.29 -9.14
C LEU D 65 -14.67 5.01 -7.72
N GLY D 66 -15.56 4.68 -6.84
CA GLY D 66 -15.17 4.35 -5.42
C GLY D 66 -15.57 2.91 -5.11
N TYR D 67 -14.63 2.09 -4.69
CA TYR D 67 -14.95 0.66 -4.38
C TYR D 67 -14.25 0.23 -3.09
N GLY D 68 -14.25 -1.04 -2.87
CA GLY D 68 -13.58 -1.59 -1.64
C GLY D 68 -13.92 -3.06 -1.47
N THR D 69 -13.48 -3.70 -0.42
CA THR D 69 -13.78 -5.13 -0.21
C THR D 69 -14.72 -5.26 0.99
N ILE D 70 -15.71 -6.10 0.88
CA ILE D 70 -16.65 -6.30 2.02
C ILE D 70 -16.04 -7.31 2.95
N VAL D 71 -16.10 -7.09 4.24
CA VAL D 71 -15.52 -8.08 5.18
C VAL D 71 -16.35 -8.11 6.48
N LYS D 72 -16.38 -9.22 7.16
CA LYS D 72 -17.17 -9.29 8.44
C LYS D 72 -16.38 -10.07 9.48
N ALA D 73 -16.75 -9.98 10.74
CA ALA D 73 -16.00 -10.74 11.80
C ALA D 73 -16.95 -11.77 12.42
N ASP D 74 -16.41 -12.86 12.91
CA ASP D 74 -17.28 -13.90 13.54
C ASP D 74 -16.39 -14.86 14.33
N GLU D 75 -16.24 -14.64 15.60
CA GLU D 75 -15.39 -15.54 16.43
C GLU D 75 -15.69 -15.29 17.90
N ALA D 76 -15.29 -14.16 18.42
CA ALA D 76 -15.55 -13.85 19.86
C ALA D 76 -14.94 -14.95 20.73
N GLN D 77 -13.65 -15.10 20.71
CA GLN D 77 -13.01 -16.16 21.54
C GLN D 77 -11.50 -15.90 21.60
N PHE D 78 -11.05 -15.21 22.62
CA PHE D 78 -9.59 -14.92 22.74
C PHE D 78 -9.25 -14.67 24.22
N THR D 79 -8.06 -15.05 24.63
CA THR D 79 -7.67 -14.84 26.05
C THR D 79 -8.76 -15.41 26.98
N MET D 80 -8.68 -16.67 27.29
CA MET D 80 -9.70 -17.29 28.18
C MET D 80 -9.75 -16.53 29.51
N ALA D 81 -10.91 -16.17 29.96
CA ALA D 81 -11.02 -15.44 31.25
C ALA D 81 -12.47 -15.46 31.74
N MET E 1 8.16 27.17 27.25
CA MET E 1 6.73 27.43 26.95
C MET E 1 6.48 27.29 25.44
N ILE E 2 6.11 26.13 24.99
CA ILE E 2 5.85 25.95 23.54
C ILE E 2 4.70 26.85 23.10
N PHE E 3 4.33 26.80 21.85
CA PHE E 3 3.22 27.66 21.37
C PHE E 3 2.52 26.98 20.19
N GLU E 4 3.27 26.28 19.37
CA GLU E 4 2.66 25.57 18.21
C GLU E 4 3.76 24.89 17.39
N ASP E 5 3.91 23.60 17.52
CA ASP E 5 4.95 22.88 16.74
C ASP E 5 4.96 21.41 17.16
N LYS E 6 3.98 20.65 16.74
CA LYS E 6 3.92 19.21 17.12
C LYS E 6 2.84 18.52 16.27
N PHE E 7 2.99 18.57 14.98
CA PHE E 7 2.00 17.91 14.07
C PHE E 7 2.61 16.63 13.49
N ILE E 8 1.98 15.50 13.68
CA ILE E 8 2.57 14.23 13.17
C ILE E 8 1.96 13.84 11.82
N ILE E 9 2.78 13.66 10.82
CA ILE E 9 2.27 13.26 9.49
C ILE E 9 3.19 12.18 8.91
N THR E 10 2.67 10.99 8.69
CA THR E 10 3.53 9.90 8.16
C THR E 10 2.89 9.35 6.89
N THR E 11 3.68 8.72 6.05
CA THR E 11 3.17 8.14 4.78
C THR E 11 3.77 6.74 4.63
N ALA E 12 2.95 5.75 4.40
CA ALA E 12 3.47 4.37 4.20
C ALA E 12 4.34 3.97 5.39
N ASP E 13 3.95 4.41 6.56
CA ASP E 13 4.72 4.06 7.78
C ASP E 13 3.79 4.08 8.99
N GLU E 14 3.12 2.99 9.25
CA GLU E 14 2.19 2.93 10.42
C GLU E 14 2.97 3.24 11.69
N ILE E 15 2.29 3.44 12.79
CA ILE E 15 2.98 3.75 14.09
C ILE E 15 2.59 2.68 15.13
N PRO E 16 3.23 1.52 15.07
CA PRO E 16 2.93 0.42 16.01
C PRO E 16 3.20 0.86 17.44
N GLY E 17 2.59 0.21 18.39
CA GLY E 17 2.83 0.59 19.81
C GLY E 17 1.78 1.59 20.27
N LEU E 18 0.92 2.06 19.38
CA LEU E 18 -0.11 3.07 19.79
C LEU E 18 -1.48 2.57 19.35
N GLN E 19 -2.45 2.70 20.20
CA GLN E 19 -3.83 2.26 19.85
C GLN E 19 -4.53 3.40 19.11
N LEU E 20 -4.74 3.26 17.84
CA LEU E 20 -5.40 4.33 17.05
C LEU E 20 -6.90 4.04 16.94
N TYR E 21 -7.72 5.04 17.11
CA TYR E 21 -9.21 4.84 17.03
C TYR E 21 -9.77 5.74 15.93
N SER E 22 -10.61 5.21 15.06
CA SER E 22 -11.18 6.04 13.98
C SER E 22 -11.97 7.24 14.54
N LEU E 23 -11.69 8.39 14.03
CA LEU E 23 -12.38 9.65 14.45
C LEU E 23 -13.16 10.23 13.27
N GLY E 24 -13.30 9.47 12.24
CA GLY E 24 -14.11 9.93 11.07
C GLY E 24 -13.21 10.05 9.85
N ILE E 25 -13.75 10.56 8.76
CA ILE E 25 -12.93 10.72 7.51
C ILE E 25 -12.75 12.22 7.23
N ALA E 26 -11.57 12.59 6.78
CA ALA E 26 -11.28 14.03 6.48
C ALA E 26 -10.97 14.18 4.99
N SER E 27 -11.39 15.28 4.39
CA SER E 27 -11.11 15.49 2.94
C SER E 27 -11.05 16.99 2.66
N THR E 28 -10.15 17.41 1.81
CA THR E 28 -10.03 18.87 1.49
C THR E 28 -9.55 19.03 0.06
N ILE E 29 -10.16 19.90 -0.70
CA ILE E 29 -9.73 20.11 -2.12
C ILE E 29 -9.04 21.48 -2.23
N SER E 30 -7.86 21.51 -2.77
CA SER E 30 -7.14 22.81 -2.91
C SER E 30 -5.87 22.61 -3.74
N ASP E 31 -4.79 23.25 -3.37
CA ASP E 31 -3.52 23.10 -4.13
C ASP E 31 -2.34 23.43 -3.22
N ASN E 32 -1.16 22.95 -3.55
CA ASN E 32 0.02 23.21 -2.69
C ASN E 32 -0.09 22.35 -1.43
N VAL E 33 0.94 21.59 -1.14
CA VAL E 33 0.90 20.73 0.07
C VAL E 33 0.85 21.59 1.32
N ASP E 34 1.45 22.74 1.28
CA ASP E 34 1.45 23.64 2.48
C ASP E 34 0.00 23.95 2.89
N GLU E 35 -0.84 24.27 1.95
CA GLU E 35 -2.25 24.59 2.30
C GLU E 35 -3.01 23.30 2.60
N ILE E 36 -2.77 22.25 1.87
CA ILE E 36 -3.49 20.98 2.14
C ILE E 36 -3.14 20.50 3.55
N VAL E 37 -1.87 20.45 3.89
CA VAL E 37 -1.49 19.96 5.25
C VAL E 37 -2.08 20.89 6.31
N GLU E 38 -1.91 22.18 6.14
CA GLU E 38 -2.44 23.14 7.15
C GLU E 38 -3.96 22.95 7.28
N ASN E 39 -4.63 22.74 6.18
CA ASN E 39 -6.10 22.57 6.24
C ASN E 39 -6.44 21.30 7.03
N LEU E 40 -5.76 20.21 6.77
CA LEU E 40 -6.04 18.97 7.52
C LEU E 40 -5.60 19.17 8.95
N ARG E 41 -4.43 19.70 9.19
CA ARG E 41 -3.99 19.88 10.59
C ARG E 41 -5.14 20.54 11.40
N LYS E 42 -5.63 21.64 10.93
CA LYS E 42 -6.74 22.35 11.66
C LYS E 42 -7.95 21.43 11.78
N GLN E 43 -8.20 20.64 10.79
CA GLN E 43 -9.37 19.70 10.83
C GLN E 43 -9.04 18.50 11.71
N VAL E 44 -7.80 18.07 11.69
CA VAL E 44 -7.41 16.92 12.53
C VAL E 44 -7.41 17.35 13.98
N LYS E 45 -6.75 18.44 14.32
CA LYS E 45 -6.68 18.81 15.78
C LYS E 45 -8.07 19.23 16.25
N ALA E 46 -8.84 19.82 15.36
CA ALA E 46 -10.20 20.28 15.72
C ALA E 46 -11.07 19.07 16.05
N LYS E 47 -10.77 17.95 15.44
CA LYS E 47 -11.57 16.71 15.69
C LYS E 47 -10.98 15.95 16.88
N GLY E 48 -9.87 16.40 17.40
CA GLY E 48 -9.26 15.71 18.57
C GLY E 48 -8.16 14.78 18.09
N GLY E 49 -7.88 14.77 16.81
CA GLY E 49 -6.80 13.88 16.29
C GLY E 49 -5.44 14.52 16.54
N MET E 50 -4.38 13.76 16.46
CA MET E 50 -3.01 14.32 16.72
C MET E 50 -2.09 14.05 15.53
N GLY E 51 -2.51 13.24 14.60
CA GLY E 51 -1.65 12.97 13.42
C GLY E 51 -2.47 12.35 12.30
N LEU E 52 -2.00 12.46 11.10
CA LEU E 52 -2.73 11.89 9.93
C LEU E 52 -1.95 10.71 9.37
N ILE E 53 -2.62 9.66 8.99
CA ILE E 53 -1.92 8.47 8.44
C ILE E 53 -2.13 8.40 6.92
N ALA E 54 -1.14 8.04 6.17
CA ALA E 54 -1.31 7.91 4.70
C ALA E 54 -1.76 9.23 4.05
N PHE E 55 -0.81 10.08 3.81
CA PHE E 55 -1.14 11.40 3.22
C PHE E 55 -1.83 11.19 1.86
N ARG E 56 -1.13 11.38 0.77
CA ARG E 56 -1.76 11.18 -0.57
C ARG E 56 -0.68 11.32 -1.65
N ILE E 57 -0.91 12.19 -2.61
CA ILE E 57 0.10 12.42 -3.71
C ILE E 57 0.72 11.08 -4.13
N THR E 58 0.20 10.48 -5.16
CA THR E 58 0.75 9.17 -5.63
C THR E 58 1.18 9.31 -7.10
N CYS E 59 0.83 8.35 -7.91
CA CYS E 59 1.23 8.42 -9.35
C CYS E 59 0.54 7.30 -10.13
N ALA E 60 0.39 7.47 -11.41
CA ALA E 60 -0.27 6.41 -12.23
C ALA E 60 -1.61 6.04 -11.62
N ASP E 61 -2.48 7.00 -11.44
CA ASP E 61 -3.83 6.71 -10.86
C ASP E 61 -4.70 7.96 -10.91
N GLY E 62 -4.11 9.09 -11.20
CA GLY E 62 -4.92 10.35 -11.26
C GLY E 62 -5.34 10.74 -9.84
N LYS E 63 -5.17 11.98 -9.48
CA LYS E 63 -5.55 12.43 -8.12
C LYS E 63 -5.64 13.95 -8.07
N PHE E 64 -6.45 14.48 -7.19
CA PHE E 64 -6.57 15.97 -7.11
C PHE E 64 -7.33 16.34 -5.83
N LEU E 65 -7.13 15.59 -4.77
CA LEU E 65 -7.83 15.92 -3.50
C LEU E 65 -7.14 15.18 -2.35
N GLY E 66 -7.19 15.75 -1.18
CA GLY E 66 -6.59 15.07 0.01
C GLY E 66 -7.61 14.09 0.61
N TYR E 67 -7.16 12.99 1.13
CA TYR E 67 -8.10 12.00 1.74
C TYR E 67 -7.37 11.19 2.81
N GLY E 68 -7.71 11.40 4.06
CA GLY E 68 -7.05 10.66 5.17
C GLY E 68 -8.06 10.41 6.29
N THR E 69 -7.73 9.53 7.20
CA THR E 69 -8.64 9.25 8.34
C THR E 69 -8.04 9.86 9.60
N ILE E 70 -8.85 10.46 10.42
CA ILE E 70 -8.34 11.07 11.68
C ILE E 70 -8.31 9.98 12.74
N VAL E 71 -7.34 9.99 13.62
CA VAL E 71 -7.28 8.93 14.66
C VAL E 71 -6.74 9.51 15.97
N LYS E 72 -6.95 8.81 17.06
CA LYS E 72 -6.42 9.30 18.36
C LYS E 72 -6.18 8.12 19.29
N ALA E 73 -5.32 8.23 20.25
CA ALA E 73 -5.08 7.09 21.19
C ALA E 73 -5.51 7.51 22.60
N ASP E 74 -5.95 6.59 23.42
CA ASP E 74 -6.36 6.95 24.79
C ASP E 74 -6.54 5.67 25.61
N GLU E 75 -5.54 4.82 25.64
CA GLU E 75 -5.64 3.54 26.40
C GLU E 75 -4.48 3.47 27.41
N ALA E 76 -4.76 3.66 28.67
CA ALA E 76 -3.69 3.59 29.70
C ALA E 76 -4.33 3.54 31.09
N GLN E 77 -5.07 4.55 31.44
CA GLN E 77 -5.73 4.57 32.79
C GLN E 77 -7.08 3.84 32.70
N PHE E 78 -7.81 3.81 33.79
CA PHE E 78 -9.13 3.12 33.77
C PHE E 78 -10.21 4.13 33.35
N THR E 79 -10.91 3.85 32.27
CA THR E 79 -11.98 4.78 31.81
C THR E 79 -12.94 4.03 30.88
N MET E 80 -12.54 3.82 29.65
CA MET E 80 -13.42 3.10 28.70
C MET E 80 -13.31 1.59 28.94
N ALA E 81 -14.32 0.84 28.57
CA ALA E 81 -14.27 -0.64 28.78
C ALA E 81 -13.38 -1.26 27.71
N MET A 1 31.18 3.45 16.61
CA MET A 1 31.94 3.07 15.38
C MET A 1 31.00 3.02 14.19
N ILE A 2 31.05 4.01 13.33
CA ILE A 2 30.14 4.03 12.14
C ILE A 2 30.88 4.65 10.96
N PHE A 3 30.21 4.86 9.86
CA PHE A 3 30.88 5.46 8.66
C PHE A 3 29.88 6.35 7.93
N GLU A 4 29.22 7.23 8.63
CA GLU A 4 28.24 8.14 7.98
C GLU A 4 27.13 7.31 7.31
N ASP A 5 27.12 6.02 7.55
CA ASP A 5 26.08 5.17 6.93
C ASP A 5 26.02 5.43 5.43
N LYS A 6 24.88 5.24 4.82
CA LYS A 6 24.76 5.47 3.35
C LYS A 6 23.32 5.85 3.00
N PHE A 7 23.08 6.22 1.76
CA PHE A 7 21.69 6.61 1.35
C PHE A 7 20.94 5.38 0.84
N ILE A 8 19.85 5.03 1.47
CA ILE A 8 19.07 3.83 1.06
C ILE A 8 17.69 4.26 0.56
N ILE A 9 17.19 3.59 -0.46
CA ILE A 9 15.84 3.94 -1.00
C ILE A 9 14.97 2.68 -0.97
N THR A 10 13.88 2.71 -0.24
CA THR A 10 12.98 1.52 -0.17
C THR A 10 11.65 1.85 -0.86
N THR A 11 11.20 0.96 -1.69
CA THR A 11 9.92 1.21 -2.42
C THR A 11 8.76 1.27 -1.42
N ALA A 12 7.67 0.64 -1.73
CA ALA A 12 6.49 0.65 -0.82
C ALA A 12 6.56 -0.51 0.15
N ASP A 13 7.34 -0.35 1.19
CA ASP A 13 7.48 -1.44 2.20
C ASP A 13 7.89 -0.82 3.55
N GLU A 14 8.95 -1.30 4.14
CA GLU A 14 9.39 -0.72 5.44
C GLU A 14 10.76 -1.29 5.81
N ILE A 15 11.37 -0.77 6.85
CA ILE A 15 12.71 -1.28 7.28
C ILE A 15 12.68 -1.56 8.80
N PRO A 16 12.03 -2.64 9.18
CA PRO A 16 11.90 -3.00 10.61
C PRO A 16 13.29 -3.23 11.22
N GLY A 17 13.40 -3.12 12.52
CA GLY A 17 14.72 -3.34 13.18
C GLY A 17 15.45 -2.01 13.35
N LEU A 18 14.93 -0.93 12.80
CA LEU A 18 15.61 0.39 12.93
C LEU A 18 14.64 1.42 13.51
N GLN A 19 15.11 2.22 14.42
CA GLN A 19 14.24 3.27 15.03
C GLN A 19 14.28 4.50 14.13
N LEU A 20 13.22 4.79 13.44
CA LEU A 20 13.20 5.96 12.52
C LEU A 20 12.27 7.04 13.07
N TYR A 21 12.72 8.26 13.19
CA TYR A 21 11.85 9.37 13.68
C TYR A 21 11.51 10.27 12.49
N SER A 22 10.36 10.90 12.51
CA SER A 22 9.98 11.80 11.39
C SER A 22 10.68 13.14 11.59
N LEU A 23 11.40 13.60 10.60
CA LEU A 23 12.08 14.93 10.69
C LEU A 23 11.40 15.87 9.71
N GLY A 24 10.24 15.49 9.23
CA GLY A 24 9.48 16.35 8.28
C GLY A 24 9.36 15.67 6.93
N ILE A 25 8.69 16.29 6.01
CA ILE A 25 8.52 15.70 4.66
C ILE A 25 9.36 16.49 3.65
N ALA A 26 9.92 15.82 2.67
CA ALA A 26 10.75 16.52 1.65
C ALA A 26 10.06 16.45 0.29
N SER A 27 10.35 17.40 -0.58
CA SER A 27 9.73 17.41 -1.94
C SER A 27 10.85 17.54 -2.95
N THR A 28 10.65 17.12 -4.17
CA THR A 28 11.75 17.22 -5.20
C THR A 28 11.23 18.00 -6.40
N ILE A 29 12.03 18.77 -7.08
CA ILE A 29 11.51 19.49 -8.29
C ILE A 29 12.51 19.19 -9.43
N SER A 30 12.05 18.75 -10.57
CA SER A 30 12.99 18.47 -11.69
C SER A 30 12.21 17.77 -12.83
N ASP A 31 12.93 17.18 -13.76
CA ASP A 31 12.25 16.48 -14.92
C ASP A 31 12.63 14.99 -15.02
N ASN A 32 13.85 14.67 -15.39
CA ASN A 32 14.30 13.26 -15.41
C ASN A 32 14.24 12.72 -13.98
N VAL A 33 13.99 11.43 -13.87
CA VAL A 33 13.88 10.75 -12.54
C VAL A 33 15.28 10.70 -11.89
N ASP A 34 16.29 10.43 -12.67
CA ASP A 34 17.67 10.39 -12.13
C ASP A 34 17.99 11.70 -11.39
N GLU A 35 17.39 12.78 -11.81
CA GLU A 35 17.63 14.07 -11.11
C GLU A 35 16.81 14.10 -9.82
N ILE A 36 15.64 13.51 -9.82
CA ILE A 36 14.80 13.49 -8.60
C ILE A 36 15.55 12.75 -7.47
N VAL A 37 16.09 11.59 -7.76
CA VAL A 37 16.79 10.82 -6.69
C VAL A 37 18.00 11.61 -6.18
N GLU A 38 18.86 12.04 -7.06
CA GLU A 38 20.05 12.81 -6.61
C GLU A 38 19.62 14.04 -5.82
N ASN A 39 18.54 14.67 -6.21
CA ASN A 39 18.07 15.88 -5.50
C ASN A 39 17.66 15.53 -4.07
N LEU A 40 16.96 14.44 -3.87
CA LEU A 40 16.55 14.06 -2.49
C LEU A 40 17.77 13.62 -1.70
N ARG A 41 18.61 12.80 -2.26
CA ARG A 41 19.83 12.36 -1.51
C ARG A 41 20.53 13.59 -0.90
N LYS A 42 20.69 14.61 -1.69
CA LYS A 42 21.37 15.83 -1.18
C LYS A 42 20.54 16.47 -0.06
N GLN A 43 19.24 16.44 -0.18
CA GLN A 43 18.37 17.03 0.87
C GLN A 43 18.33 16.12 2.09
N VAL A 44 18.35 14.84 1.88
CA VAL A 44 18.33 13.90 3.02
C VAL A 44 19.66 13.98 3.77
N LYS A 45 20.78 13.90 3.08
CA LYS A 45 22.08 13.88 3.83
C LYS A 45 22.26 15.23 4.54
N ALA A 46 21.69 16.26 3.95
CA ALA A 46 21.82 17.63 4.53
C ALA A 46 21.00 17.72 5.81
N LYS A 47 19.91 16.99 5.87
CA LYS A 47 19.06 17.01 7.09
C LYS A 47 19.63 16.04 8.11
N GLY A 48 20.74 15.42 7.82
CA GLY A 48 21.33 14.45 8.77
C GLY A 48 20.58 13.12 8.68
N GLY A 49 19.67 13.02 7.76
CA GLY A 49 18.90 11.74 7.62
C GLY A 49 19.84 10.63 7.16
N MET A 50 19.32 9.60 6.55
CA MET A 50 20.21 8.51 6.05
C MET A 50 19.44 7.59 5.09
N GLY A 51 18.14 7.55 5.18
CA GLY A 51 17.38 6.65 4.26
C GLY A 51 16.00 7.24 4.03
N LEU A 52 15.47 7.10 2.84
CA LEU A 52 14.13 7.65 2.52
C LEU A 52 13.12 6.52 2.42
N ILE A 53 11.94 6.70 2.94
CA ILE A 53 10.92 5.62 2.90
C ILE A 53 9.78 5.98 1.94
N ALA A 54 9.30 5.04 1.18
CA ALA A 54 8.17 5.33 0.24
C ALA A 54 8.65 6.15 -0.95
N PHE A 55 9.17 5.49 -1.95
CA PHE A 55 9.66 6.22 -3.17
C PHE A 55 8.74 5.91 -4.34
N ARG A 56 8.15 6.92 -4.94
CA ARG A 56 7.24 6.69 -6.10
C ARG A 56 7.45 7.79 -7.14
N ILE A 57 8.10 7.48 -8.23
CA ILE A 57 8.34 8.49 -9.28
C ILE A 57 7.00 8.95 -9.86
N THR A 58 6.85 10.21 -10.12
CA THR A 58 5.57 10.72 -10.69
C THR A 58 5.51 10.39 -12.19
N CYS A 59 5.92 11.32 -13.03
CA CYS A 59 5.88 11.05 -14.49
C CYS A 59 6.89 11.95 -15.20
N ALA A 60 7.08 11.76 -16.48
CA ALA A 60 8.05 12.61 -17.23
C ALA A 60 7.34 13.87 -17.74
N ASP A 61 7.98 15.00 -17.62
CA ASP A 61 7.35 16.27 -18.10
C ASP A 61 5.93 16.39 -17.54
N GLY A 62 5.79 16.91 -16.35
CA GLY A 62 4.44 17.05 -15.75
C GLY A 62 4.56 16.96 -14.23
N LYS A 63 3.88 17.83 -13.52
CA LYS A 63 3.94 17.84 -12.03
C LYS A 63 5.35 18.22 -11.59
N PHE A 64 6.35 17.64 -12.19
CA PHE A 64 7.76 17.96 -11.82
C PHE A 64 7.91 17.93 -10.30
N LEU A 65 7.42 16.90 -9.66
CA LEU A 65 7.54 16.81 -8.18
C LEU A 65 6.85 15.54 -7.70
N GLY A 66 7.40 14.86 -6.71
CA GLY A 66 6.76 13.62 -6.18
C GLY A 66 6.51 13.81 -4.68
N TYR A 67 6.98 12.91 -3.85
CA TYR A 67 6.76 13.06 -2.39
C TYR A 67 7.56 12.00 -1.62
N GLY A 68 8.19 12.40 -0.55
CA GLY A 68 9.00 11.43 0.24
C GLY A 68 9.13 11.92 1.67
N THR A 69 9.21 11.03 2.64
CA THR A 69 9.36 11.45 4.06
C THR A 69 10.79 11.21 4.52
N ILE A 70 11.31 12.09 5.33
CA ILE A 70 12.72 11.93 5.81
C ILE A 70 12.71 11.16 7.13
N VAL A 71 13.68 10.33 7.35
CA VAL A 71 13.74 9.56 8.62
C VAL A 71 15.18 9.44 9.09
N LYS A 72 15.41 9.32 10.38
CA LYS A 72 16.81 9.20 10.88
C LYS A 72 16.84 8.21 12.03
N ALA A 73 17.88 7.41 12.16
CA ALA A 73 17.95 6.43 13.28
C ALA A 73 19.23 6.67 14.05
N ASP A 74 19.26 6.35 15.33
CA ASP A 74 20.49 6.55 16.19
C ASP A 74 20.36 7.85 16.98
N GLU A 75 19.73 7.81 18.13
CA GLU A 75 19.57 9.04 18.96
C GLU A 75 19.75 8.67 20.44
N ALA A 76 19.11 7.64 20.89
CA ALA A 76 19.24 7.25 22.31
C ALA A 76 18.61 5.87 22.51
N GLN A 77 18.88 4.96 21.61
CA GLN A 77 18.29 3.57 21.70
C GLN A 77 18.09 3.18 23.17
N PHE A 78 19.13 3.30 23.97
CA PHE A 78 18.99 2.95 25.41
C PHE A 78 18.00 3.91 26.07
N THR A 79 16.74 3.76 25.80
CA THR A 79 15.72 4.66 26.41
C THR A 79 14.32 4.09 26.18
N MET A 80 13.44 4.23 27.14
CA MET A 80 12.06 3.69 26.97
C MET A 80 11.19 4.73 26.28
N ALA A 81 11.79 5.70 25.63
CA ALA A 81 10.99 6.74 24.93
C ALA A 81 10.29 6.11 23.72
N MET B 1 18.54 -23.19 -7.42
CA MET B 1 18.96 -21.88 -7.98
C MET B 1 19.96 -21.23 -7.02
N ILE B 2 21.17 -21.73 -6.96
CA ILE B 2 22.18 -21.13 -6.05
C ILE B 2 22.69 -19.82 -6.65
N PHE B 3 22.65 -19.70 -7.95
CA PHE B 3 23.13 -18.44 -8.60
C PHE B 3 22.13 -17.32 -8.32
N GLU B 4 22.16 -16.28 -9.12
CA GLU B 4 21.21 -15.13 -8.91
C GLU B 4 20.40 -14.91 -10.19
N ASP B 5 19.41 -15.74 -10.42
CA ASP B 5 18.55 -15.59 -11.64
C ASP B 5 17.09 -15.76 -11.25
N LYS B 6 16.28 -16.27 -12.14
CA LYS B 6 14.83 -16.47 -11.82
C LYS B 6 14.17 -15.11 -11.60
N PHE B 7 13.16 -14.78 -12.36
CA PHE B 7 12.48 -13.46 -12.18
C PHE B 7 11.12 -13.66 -11.52
N ILE B 8 10.94 -13.08 -10.35
CA ILE B 8 9.64 -13.25 -9.61
C ILE B 8 8.92 -11.90 -9.58
N ILE B 9 7.65 -11.90 -9.90
CA ILE B 9 6.86 -10.62 -9.86
C ILE B 9 5.64 -10.83 -8.98
N THR B 10 5.57 -10.14 -7.87
CA THR B 10 4.40 -10.31 -6.95
C THR B 10 3.76 -8.94 -6.71
N THR B 11 2.52 -8.95 -6.30
CA THR B 11 1.79 -7.67 -6.00
C THR B 11 1.58 -7.61 -4.49
N ALA B 12 2.55 -7.10 -3.79
CA ALA B 12 2.43 -6.98 -2.31
C ALA B 12 3.53 -6.08 -1.76
N ASP B 13 4.47 -6.65 -1.04
CA ASP B 13 5.57 -5.82 -0.48
C ASP B 13 6.87 -6.65 -0.43
N GLU B 14 7.81 -6.23 0.36
CA GLU B 14 9.10 -6.99 0.45
C GLU B 14 8.82 -8.41 0.91
N ILE B 15 9.38 -9.39 0.23
CA ILE B 15 9.15 -10.80 0.62
C ILE B 15 9.69 -11.04 2.05
N PRO B 16 8.81 -11.24 3.02
CA PRO B 16 9.26 -11.46 4.42
C PRO B 16 10.08 -12.75 4.53
N GLY B 17 10.96 -12.85 5.50
CA GLY B 17 11.77 -14.10 5.64
C GLY B 17 13.07 -13.98 4.85
N LEU B 18 13.22 -12.94 4.09
CA LEU B 18 14.45 -12.76 3.26
C LEU B 18 15.04 -11.36 3.48
N GLN B 19 16.33 -11.26 3.51
CA GLN B 19 16.98 -9.94 3.70
C GLN B 19 17.15 -9.28 2.33
N LEU B 20 16.38 -8.27 2.03
CA LEU B 20 16.48 -7.61 0.69
C LEU B 20 17.44 -6.42 0.76
N TYR B 21 18.24 -6.26 -0.28
CA TYR B 21 19.22 -5.13 -0.32
C TYR B 21 18.95 -4.28 -1.57
N SER B 22 18.87 -2.99 -1.42
CA SER B 22 18.60 -2.11 -2.60
C SER B 22 19.70 -2.29 -3.65
N LEU B 23 19.30 -2.52 -4.88
CA LEU B 23 20.28 -2.67 -6.00
C LEU B 23 20.05 -1.54 -7.00
N GLY B 24 19.22 -0.60 -6.64
CA GLY B 24 18.94 0.57 -7.54
C GLY B 24 17.47 0.59 -7.93
N ILE B 25 17.06 1.63 -8.61
CA ILE B 25 15.64 1.75 -9.04
C ILE B 25 15.57 1.61 -10.56
N ALA B 26 14.53 0.98 -11.08
CA ALA B 26 14.40 0.81 -12.56
C ALA B 26 13.18 1.58 -13.05
N SER B 27 13.23 2.16 -14.22
CA SER B 27 12.06 2.93 -14.75
C SER B 27 12.09 2.89 -16.28
N THR B 28 10.95 2.82 -16.90
CA THR B 28 10.91 2.77 -18.40
C THR B 28 9.61 3.42 -18.89
N ILE B 29 9.62 3.96 -20.08
CA ILE B 29 8.39 4.60 -20.65
C ILE B 29 8.05 3.92 -21.98
N SER B 30 6.83 3.47 -22.14
CA SER B 30 6.43 2.82 -23.41
C SER B 30 4.93 2.54 -23.40
N ASP B 31 4.49 1.54 -24.13
CA ASP B 31 3.05 1.18 -24.14
C ASP B 31 2.91 -0.33 -24.04
N ASN B 32 1.76 -0.81 -23.58
CA ASN B 32 1.57 -2.28 -23.40
C ASN B 32 2.19 -2.66 -22.05
N VAL B 33 1.37 -3.10 -21.13
CA VAL B 33 1.87 -3.50 -19.77
C VAL B 33 2.69 -4.78 -19.90
N ASP B 34 2.25 -5.70 -20.71
CA ASP B 34 2.99 -6.99 -20.89
C ASP B 34 4.40 -6.71 -21.43
N GLU B 35 4.54 -5.73 -22.29
CA GLU B 35 5.89 -5.41 -22.83
C GLU B 35 6.72 -4.74 -21.74
N ILE B 36 6.12 -3.92 -20.93
CA ILE B 36 6.87 -3.24 -19.84
C ILE B 36 7.41 -4.31 -18.88
N VAL B 37 6.63 -5.29 -18.55
CA VAL B 37 7.12 -6.35 -17.62
C VAL B 37 8.41 -6.94 -18.19
N GLU B 38 8.39 -7.30 -19.45
CA GLU B 38 9.61 -7.90 -20.07
C GLU B 38 10.77 -6.90 -20.02
N ASN B 39 10.50 -5.64 -20.26
CA ASN B 39 11.60 -4.62 -20.23
C ASN B 39 12.25 -4.62 -18.84
N LEU B 40 11.48 -4.61 -17.80
CA LEU B 40 12.09 -4.61 -16.44
C LEU B 40 12.72 -5.97 -16.19
N ARG B 41 12.03 -7.04 -16.50
CA ARG B 41 12.62 -8.39 -16.25
C ARG B 41 14.03 -8.43 -16.85
N LYS B 42 14.18 -8.02 -18.08
CA LYS B 42 15.52 -8.05 -18.72
C LYS B 42 16.47 -7.14 -17.92
N GLN B 43 15.96 -6.05 -17.41
CA GLN B 43 16.80 -5.11 -16.65
C GLN B 43 17.16 -5.73 -15.30
N VAL B 44 16.27 -6.46 -14.71
CA VAL B 44 16.58 -7.09 -13.41
C VAL B 44 17.51 -8.30 -13.65
N LYS B 45 17.15 -9.16 -14.56
CA LYS B 45 17.97 -10.37 -14.82
C LYS B 45 19.44 -9.98 -14.98
N ALA B 46 19.65 -8.80 -15.52
CA ALA B 46 21.03 -8.30 -15.75
C ALA B 46 21.64 -7.82 -14.45
N LYS B 47 20.83 -7.40 -13.52
CA LYS B 47 21.35 -6.96 -12.21
C LYS B 47 21.31 -8.14 -11.25
N GLY B 48 21.11 -9.34 -11.73
CA GLY B 48 21.13 -10.50 -10.79
C GLY B 48 20.19 -10.23 -9.62
N GLY B 49 19.14 -9.50 -9.87
CA GLY B 49 18.15 -9.19 -8.79
C GLY B 49 17.13 -10.32 -8.66
N MET B 50 16.56 -10.48 -7.50
CA MET B 50 15.56 -11.57 -7.28
C MET B 50 14.33 -11.37 -8.16
N GLY B 51 13.83 -10.16 -8.22
CA GLY B 51 12.62 -9.91 -9.06
C GLY B 51 12.00 -8.55 -8.69
N LEU B 52 10.83 -8.26 -9.18
CA LEU B 52 10.16 -6.97 -8.85
C LEU B 52 9.06 -7.19 -7.79
N ILE B 53 8.92 -6.27 -6.88
CA ILE B 53 7.92 -6.44 -5.77
C ILE B 53 6.87 -5.32 -5.77
N ALA B 54 5.68 -5.60 -5.38
CA ALA B 54 4.63 -4.54 -5.40
C ALA B 54 4.58 -3.92 -6.79
N PHE B 55 4.44 -4.72 -7.81
CA PHE B 55 4.37 -4.17 -9.20
C PHE B 55 2.94 -3.72 -9.49
N ARG B 56 2.66 -2.46 -9.32
CA ARG B 56 1.27 -1.95 -9.60
C ARG B 56 1.24 -1.32 -10.99
N ILE B 57 0.20 -1.58 -11.74
CA ILE B 57 0.08 -1.00 -13.11
C ILE B 57 -1.01 0.08 -13.10
N THR B 58 -0.64 1.30 -13.39
CA THR B 58 -1.65 2.41 -13.40
C THR B 58 -1.54 3.16 -14.73
N CYS B 59 -1.08 2.50 -15.76
CA CYS B 59 -0.94 3.16 -17.08
C CYS B 59 -2.34 3.45 -17.64
N ALA B 60 -2.71 4.70 -17.73
CA ALA B 60 -4.05 5.06 -18.27
C ALA B 60 -3.95 6.37 -19.05
N ASP B 61 -4.64 7.40 -18.60
CA ASP B 61 -4.59 8.70 -19.33
C ASP B 61 -3.16 9.26 -19.24
N GLY B 62 -2.32 8.64 -18.45
CA GLY B 62 -0.92 9.13 -18.32
C GLY B 62 -0.02 7.99 -17.86
N LYS B 63 1.16 7.88 -18.41
CA LYS B 63 2.09 6.78 -18.02
C LYS B 63 2.82 7.16 -16.73
N PHE B 64 2.66 6.38 -15.70
CA PHE B 64 3.35 6.68 -14.40
C PHE B 64 4.61 5.83 -14.29
N LEU B 65 5.03 5.23 -15.37
CA LEU B 65 6.26 4.39 -15.35
C LEU B 65 6.10 3.24 -14.34
N GLY B 66 6.63 2.10 -14.65
CA GLY B 66 6.51 0.94 -13.72
C GLY B 66 7.58 1.07 -12.64
N TYR B 67 7.53 2.14 -11.87
CA TYR B 67 8.55 2.33 -10.78
C TYR B 67 8.75 1.01 -10.04
N GLY B 68 9.95 0.51 -10.01
CA GLY B 68 10.21 -0.78 -9.29
C GLY B 68 11.62 -0.73 -8.71
N THR B 69 11.78 -1.14 -7.50
CA THR B 69 13.13 -1.15 -6.87
C THR B 69 13.72 -2.55 -7.02
N ILE B 70 14.98 -2.65 -7.35
CA ILE B 70 15.61 -3.98 -7.48
C ILE B 70 16.07 -4.42 -6.09
N VAL B 71 15.94 -5.68 -5.77
CA VAL B 71 16.35 -6.16 -4.42
C VAL B 71 17.37 -7.28 -4.56
N LYS B 72 18.06 -7.59 -3.49
CA LYS B 72 19.09 -8.67 -3.54
C LYS B 72 19.21 -9.30 -2.17
N ALA B 73 19.58 -10.56 -2.09
CA ALA B 73 19.72 -11.21 -0.75
C ALA B 73 21.14 -11.77 -0.64
N ASP B 74 21.68 -11.83 0.55
CA ASP B 74 23.06 -12.37 0.71
C ASP B 74 23.02 -13.89 0.53
N GLU B 75 24.10 -14.46 0.07
CA GLU B 75 24.13 -15.94 -0.12
C GLU B 75 24.46 -16.63 1.21
N ALA B 76 24.14 -15.99 2.31
CA ALA B 76 24.44 -16.60 3.63
C ALA B 76 23.62 -15.89 4.71
N GLN B 77 23.57 -16.43 5.89
CA GLN B 77 22.78 -15.79 6.99
C GLN B 77 23.40 -16.15 8.34
N PHE B 78 24.35 -17.05 8.35
CA PHE B 78 25.00 -17.44 9.63
C PHE B 78 26.06 -16.42 10.01
N THR B 79 25.68 -15.19 10.21
CA THR B 79 26.66 -14.13 10.58
C THR B 79 26.02 -13.18 11.60
N MET B 80 26.71 -12.91 12.68
CA MET B 80 26.14 -12.00 13.72
C MET B 80 26.06 -10.59 13.15
N ALA B 81 26.99 -9.74 13.51
CA ALA B 81 26.96 -8.34 12.99
C ALA B 81 27.26 -8.35 11.50
N MET C 1 -9.18 -33.83 1.99
CA MET C 1 -8.43 -32.54 2.06
C MET C 1 -8.86 -31.65 0.90
N ILE C 2 -9.80 -32.10 0.11
CA ILE C 2 -10.27 -31.27 -1.06
C ILE C 2 -11.49 -30.45 -0.61
N PHE C 3 -11.30 -29.17 -0.41
CA PHE C 3 -12.45 -28.31 0.00
C PHE C 3 -13.10 -27.72 -1.25
N GLU C 4 -13.67 -28.56 -2.08
CA GLU C 4 -14.34 -28.07 -3.34
C GLU C 4 -13.60 -26.86 -3.91
N ASP C 5 -12.29 -26.82 -3.77
CA ASP C 5 -11.49 -25.66 -4.28
C ASP C 5 -12.29 -24.38 -4.16
N LYS C 6 -12.34 -23.80 -2.99
CA LYS C 6 -13.14 -22.56 -2.79
C LYS C 6 -12.43 -21.37 -3.44
N PHE C 7 -13.11 -20.65 -4.30
CA PHE C 7 -12.47 -19.49 -4.97
C PHE C 7 -12.75 -18.24 -4.14
N ILE C 8 -11.72 -17.58 -3.68
CA ILE C 8 -11.92 -16.35 -2.84
C ILE C 8 -11.33 -15.13 -3.56
N ILE C 9 -11.96 -13.99 -3.38
CA ILE C 9 -11.44 -12.73 -4.02
C ILE C 9 -11.37 -11.65 -2.96
N THR C 10 -10.18 -11.18 -2.66
CA THR C 10 -10.03 -10.12 -1.60
C THR C 10 -9.30 -8.92 -2.22
N THR C 11 -9.46 -7.78 -1.61
CA THR C 11 -8.80 -6.55 -2.13
C THR C 11 -7.39 -6.44 -1.52
N ALA C 12 -7.16 -5.44 -0.69
CA ALA C 12 -5.81 -5.23 -0.07
C ALA C 12 -5.87 -5.65 1.39
N ASP C 13 -5.40 -6.84 1.67
CA ASP C 13 -5.44 -7.33 3.07
C ASP C 13 -4.61 -8.62 3.19
N GLU C 14 -4.26 -9.21 2.08
CA GLU C 14 -3.46 -10.48 2.12
C GLU C 14 -4.21 -11.53 2.94
N ILE C 15 -3.71 -12.74 2.96
CA ILE C 15 -4.37 -13.83 3.74
C ILE C 15 -3.31 -14.60 4.54
N PRO C 16 -2.94 -14.08 5.71
CA PRO C 16 -1.93 -14.72 6.56
C PRO C 16 -2.39 -16.12 6.99
N GLY C 17 -1.47 -16.98 7.34
CA GLY C 17 -1.87 -18.36 7.77
C GLY C 17 -1.83 -19.31 6.58
N LEU C 18 -1.63 -18.81 5.39
CA LEU C 18 -1.61 -19.69 4.19
C LEU C 18 -0.34 -19.43 3.39
N GLN C 19 0.26 -20.47 2.86
CA GLN C 19 1.49 -20.29 2.04
C GLN C 19 1.08 -20.01 0.61
N LEU C 20 1.29 -18.82 0.13
CA LEU C 20 0.89 -18.48 -1.27
C LEU C 20 2.09 -18.65 -2.21
N TYR C 21 1.87 -19.24 -3.36
CA TYR C 21 2.98 -19.43 -4.35
C TYR C 21 2.63 -18.68 -5.63
N SER C 22 3.51 -17.88 -6.15
CA SER C 22 3.21 -17.12 -7.39
C SER C 22 3.01 -18.08 -8.58
N LEU C 23 1.92 -17.93 -9.28
CA LEU C 23 1.65 -18.78 -10.49
C LEU C 23 1.63 -17.86 -11.71
N GLY C 24 2.01 -16.62 -11.53
CA GLY C 24 2.06 -15.66 -12.67
C GLY C 24 1.03 -14.56 -12.45
N ILE C 25 0.96 -13.63 -13.35
CA ILE C 25 -0.01 -12.50 -13.23
C ILE C 25 -1.08 -12.64 -14.32
N ALA C 26 -2.31 -12.29 -14.01
CA ALA C 26 -3.41 -12.39 -15.02
C ALA C 26 -3.94 -10.99 -15.33
N SER C 27 -4.32 -10.76 -16.56
CA SER C 27 -4.85 -9.41 -16.93
C SER C 27 -5.81 -9.59 -18.11
N THR C 28 -6.95 -8.96 -18.09
CA THR C 28 -7.91 -9.10 -19.24
C THR C 28 -8.72 -7.81 -19.38
N ILE C 29 -9.19 -7.51 -20.56
CA ILE C 29 -10.01 -6.27 -20.77
C ILE C 29 -11.35 -6.65 -21.39
N SER C 30 -12.43 -6.16 -20.87
CA SER C 30 -13.76 -6.50 -21.44
C SER C 30 -14.84 -5.61 -20.81
N ASP C 31 -14.45 -4.64 -20.03
CA ASP C 31 -15.45 -3.73 -19.40
C ASP C 31 -16.41 -4.55 -18.54
N ASN C 32 -17.00 -3.93 -17.53
CA ASN C 32 -17.90 -4.67 -16.60
C ASN C 32 -17.03 -5.41 -15.58
N VAL C 33 -17.13 -5.04 -14.34
CA VAL C 33 -16.32 -5.68 -13.26
C VAL C 33 -16.84 -7.11 -13.05
N ASP C 34 -18.14 -7.27 -13.08
CA ASP C 34 -18.72 -8.64 -12.88
C ASP C 34 -18.18 -9.59 -13.96
N GLU C 35 -17.94 -9.10 -15.15
CA GLU C 35 -17.40 -9.97 -16.23
C GLU C 35 -15.92 -10.23 -15.97
N ILE C 36 -15.22 -9.24 -15.48
CA ILE C 36 -13.76 -9.42 -15.21
C ILE C 36 -13.59 -10.51 -14.14
N VAL C 37 -14.25 -10.37 -13.02
CA VAL C 37 -14.11 -11.39 -11.94
C VAL C 37 -14.36 -12.77 -12.55
N GLU C 38 -15.43 -12.92 -13.28
CA GLU C 38 -15.74 -14.25 -13.90
C GLU C 38 -14.61 -14.63 -14.87
N ASN C 39 -14.12 -13.69 -15.65
CA ASN C 39 -13.03 -14.01 -16.61
C ASN C 39 -11.77 -14.42 -15.86
N LEU C 40 -11.40 -13.70 -14.85
CA LEU C 40 -10.19 -14.08 -14.06
C LEU C 40 -10.47 -15.39 -13.33
N ARG C 41 -11.61 -15.49 -12.68
CA ARG C 41 -11.93 -16.76 -11.97
C ARG C 41 -11.67 -17.95 -12.91
N LYS C 42 -12.23 -17.92 -14.07
CA LYS C 42 -12.02 -19.05 -15.03
C LYS C 42 -10.52 -19.21 -15.31
N GLN C 43 -9.79 -18.11 -15.35
CA GLN C 43 -8.33 -18.19 -15.61
C GLN C 43 -7.61 -18.68 -14.35
N VAL C 44 -8.08 -18.29 -13.20
CA VAL C 44 -7.44 -18.74 -11.95
C VAL C 44 -7.80 -20.20 -11.71
N LYS C 45 -9.05 -20.55 -11.76
CA LYS C 45 -9.41 -21.97 -11.44
C LYS C 45 -8.77 -22.90 -12.47
N ALA C 46 -8.60 -22.38 -13.67
CA ALA C 46 -7.99 -23.20 -14.76
C ALA C 46 -6.54 -23.49 -14.40
N LYS C 47 -5.92 -22.62 -13.67
CA LYS C 47 -4.51 -22.85 -13.26
C LYS C 47 -4.48 -23.57 -11.92
N GLY C 48 -5.62 -23.98 -11.40
CA GLY C 48 -5.60 -24.71 -10.11
C GLY C 48 -5.14 -23.76 -9.01
N GLY C 49 -5.40 -22.49 -9.16
CA GLY C 49 -4.98 -21.50 -8.13
C GLY C 49 -5.92 -21.60 -6.91
N MET C 50 -5.89 -20.60 -6.07
CA MET C 50 -6.74 -20.62 -4.85
C MET C 50 -7.74 -19.45 -4.88
N GLY C 51 -7.31 -18.32 -5.37
CA GLY C 51 -8.20 -17.13 -5.43
C GLY C 51 -7.42 -15.93 -5.98
N LEU C 52 -8.11 -14.86 -6.30
CA LEU C 52 -7.41 -13.65 -6.84
C LEU C 52 -7.13 -12.66 -5.70
N ILE C 53 -5.93 -12.16 -5.64
CA ILE C 53 -5.56 -11.20 -4.55
C ILE C 53 -5.37 -9.80 -5.13
N ALA C 54 -5.73 -8.76 -4.42
CA ALA C 54 -5.55 -7.38 -4.94
C ALA C 54 -6.53 -7.15 -6.09
N PHE C 55 -7.75 -6.81 -5.78
CA PHE C 55 -8.78 -6.56 -6.83
C PHE C 55 -9.18 -5.08 -6.79
N ARG C 56 -8.44 -4.24 -7.46
CA ARG C 56 -8.77 -2.78 -7.47
C ARG C 56 -9.22 -2.37 -8.87
N ILE C 57 -9.89 -1.25 -8.99
CA ILE C 57 -10.37 -0.79 -10.33
C ILE C 57 -10.16 0.72 -10.43
N THR C 58 -8.96 1.15 -10.73
CA THR C 58 -8.69 2.61 -10.85
C THR C 58 -9.29 3.12 -12.16
N CYS C 59 -8.91 2.52 -13.27
CA CYS C 59 -9.46 2.97 -14.58
C CYS C 59 -9.33 4.49 -14.71
N ALA C 60 -10.39 5.20 -14.41
CA ALA C 60 -10.33 6.70 -14.52
C ALA C 60 -9.94 7.09 -15.95
N ASP C 61 -10.37 6.34 -16.93
CA ASP C 61 -10.02 6.68 -18.34
C ASP C 61 -10.98 5.98 -19.31
N GLY C 62 -10.83 4.70 -19.48
CA GLY C 62 -11.72 3.97 -20.42
C GLY C 62 -11.53 2.47 -20.21
N LYS C 63 -10.45 1.94 -20.74
CA LYS C 63 -10.17 0.48 -20.62
C LYS C 63 -10.19 0.07 -19.14
N PHE C 64 -10.69 -1.11 -18.86
CA PHE C 64 -10.74 -1.61 -17.45
C PHE C 64 -9.73 -2.75 -17.28
N LEU C 65 -8.75 -2.57 -16.44
CA LEU C 65 -7.71 -3.63 -16.24
C LEU C 65 -7.71 -4.13 -14.78
N GLY C 66 -8.17 -5.33 -14.58
CA GLY C 66 -8.22 -5.91 -13.20
C GLY C 66 -6.93 -6.69 -12.93
N TYR C 67 -5.79 -6.06 -13.05
CA TYR C 67 -4.51 -6.77 -12.80
C TYR C 67 -4.57 -7.53 -11.47
N GLY C 68 -4.15 -8.77 -11.49
CA GLY C 68 -4.19 -9.59 -10.23
C GLY C 68 -3.07 -10.62 -10.29
N THR C 69 -2.53 -11.00 -9.17
CA THR C 69 -1.47 -12.04 -9.15
C THR C 69 -2.11 -13.38 -8.84
N ILE C 70 -1.73 -14.43 -9.53
CA ILE C 70 -2.31 -15.77 -9.25
C ILE C 70 -1.52 -16.37 -8.09
N VAL C 71 -2.19 -17.03 -7.17
CA VAL C 71 -1.46 -17.64 -6.01
C VAL C 71 -1.80 -19.12 -5.90
N LYS C 72 -1.03 -19.84 -5.13
CA LYS C 72 -1.28 -21.30 -4.97
C LYS C 72 -0.70 -21.75 -3.64
N ALA C 73 -1.36 -22.61 -2.91
CA ALA C 73 -0.80 -23.07 -1.60
C ALA C 73 -0.51 -24.57 -1.63
N ASP C 74 0.74 -24.94 -1.54
CA ASP C 74 1.10 -26.38 -1.61
C ASP C 74 2.61 -26.54 -1.43
N GLU C 75 3.29 -25.51 -1.01
CA GLU C 75 4.76 -25.60 -0.82
C GLU C 75 5.07 -26.29 0.51
N ALA C 76 4.30 -27.28 0.88
CA ALA C 76 4.56 -27.98 2.17
C ALA C 76 3.65 -29.20 2.28
N GLN C 77 2.89 -29.48 1.26
CA GLN C 77 1.98 -30.67 1.28
C GLN C 77 2.78 -31.93 0.93
N PHE C 78 3.99 -32.03 1.41
CA PHE C 78 4.81 -33.23 1.10
C PHE C 78 5.85 -33.42 2.20
N THR C 79 5.43 -33.48 3.44
CA THR C 79 6.40 -33.66 4.56
C THR C 79 7.57 -32.69 4.39
N MET C 80 7.41 -31.47 4.84
CA MET C 80 8.50 -30.46 4.70
C MET C 80 8.92 -30.36 3.24
N ALA C 81 10.17 -30.56 2.94
CA ALA C 81 10.64 -30.47 1.52
C ALA C 81 11.88 -31.35 1.33
N MET D 1 -23.25 -7.57 25.80
CA MET D 1 -24.23 -7.16 24.76
C MET D 1 -23.71 -5.87 24.08
N ILE D 2 -23.32 -5.97 22.83
CA ILE D 2 -22.83 -4.75 22.12
C ILE D 2 -24.01 -3.97 21.56
N PHE D 3 -23.82 -3.27 20.47
CA PHE D 3 -24.93 -2.49 19.87
C PHE D 3 -24.60 -2.15 18.41
N GLU D 4 -23.78 -2.95 17.79
CA GLU D 4 -23.42 -2.70 16.37
C GLU D 4 -22.96 -1.25 16.21
N ASP D 5 -23.24 -0.64 15.09
CA ASP D 5 -22.82 0.78 14.87
C ASP D 5 -21.30 0.90 14.96
N LYS D 6 -20.61 -0.21 15.13
CA LYS D 6 -19.12 -0.16 15.21
C LYS D 6 -18.53 -0.26 13.81
N PHE D 7 -18.64 0.78 13.02
CA PHE D 7 -18.08 0.73 11.63
C PHE D 7 -16.68 1.33 11.60
N ILE D 8 -15.72 0.58 11.12
CA ILE D 8 -14.31 1.07 11.10
C ILE D 8 -13.85 1.25 9.65
N ILE D 9 -13.35 2.40 9.33
CA ILE D 9 -12.84 2.65 7.94
C ILE D 9 -11.37 3.03 8.01
N THR D 10 -10.51 2.21 7.45
CA THR D 10 -9.05 2.52 7.50
C THR D 10 -8.52 2.56 6.06
N THR D 11 -7.49 3.33 5.85
CA THR D 11 -6.89 3.46 4.49
C THR D 11 -5.43 3.02 4.50
N ALA D 12 -5.14 1.75 4.61
CA ALA D 12 -3.72 1.32 4.68
C ALA D 12 -3.63 -0.17 4.37
N ASP D 13 -3.50 -1.00 5.38
CA ASP D 13 -3.42 -2.48 5.15
C ASP D 13 -4.58 -3.17 5.87
N GLU D 14 -4.40 -4.43 6.22
CA GLU D 14 -5.48 -5.16 6.93
C GLU D 14 -5.49 -4.77 8.41
N ILE D 15 -6.29 -5.44 9.19
CA ILE D 15 -6.36 -5.14 10.66
C ILE D 15 -5.96 -6.40 11.45
N PRO D 16 -4.69 -6.51 11.81
CA PRO D 16 -4.19 -7.68 12.55
C PRO D 16 -4.89 -7.81 13.91
N GLY D 17 -4.94 -9.00 14.44
CA GLY D 17 -5.59 -9.22 15.77
C GLY D 17 -7.06 -9.60 15.57
N LEU D 18 -7.55 -9.49 14.36
CA LEU D 18 -8.98 -9.83 14.09
C LEU D 18 -9.05 -10.78 12.89
N GLN D 19 -9.94 -11.74 12.95
CA GLN D 19 -10.08 -12.71 11.81
C GLN D 19 -11.00 -12.10 10.76
N LEU D 20 -10.47 -11.70 9.64
CA LEU D 20 -11.34 -11.09 8.58
C LEU D 20 -11.85 -12.17 7.63
N TYR D 21 -13.12 -12.13 7.33
CA TYR D 21 -13.73 -13.15 6.40
C TYR D 21 -14.34 -12.42 5.21
N SER D 22 -14.04 -12.84 4.00
CA SER D 22 -14.59 -12.16 2.79
C SER D 22 -16.12 -12.31 2.70
N LEU D 23 -16.80 -11.23 2.49
CA LEU D 23 -18.28 -11.24 2.35
C LEU D 23 -18.67 -10.69 0.97
N GLY D 24 -17.70 -10.59 0.10
CA GLY D 24 -17.97 -10.12 -1.29
C GLY D 24 -17.22 -8.82 -1.56
N ILE D 25 -17.48 -8.24 -2.71
CA ILE D 25 -16.81 -6.97 -3.10
C ILE D 25 -17.86 -5.85 -3.16
N ALA D 26 -17.52 -4.67 -2.68
CA ALA D 26 -18.50 -3.53 -2.69
C ALA D 26 -18.00 -2.41 -3.61
N SER D 27 -18.89 -1.75 -4.29
CA SER D 27 -18.48 -0.63 -5.19
C SER D 27 -19.65 0.34 -5.32
N THR D 28 -19.40 1.64 -5.22
CA THR D 28 -20.53 2.61 -5.34
C THR D 28 -20.02 3.92 -5.94
N ILE D 29 -20.79 4.55 -6.78
CA ILE D 29 -20.36 5.85 -7.38
C ILE D 29 -21.47 6.87 -7.14
N SER D 30 -21.12 8.04 -6.65
CA SER D 30 -22.16 9.08 -6.40
C SER D 30 -21.48 10.42 -6.12
N ASP D 31 -20.19 10.50 -6.32
CA ASP D 31 -19.46 11.78 -6.07
C ASP D 31 -19.74 12.29 -4.65
N ASN D 32 -18.87 13.10 -4.11
CA ASN D 32 -19.07 13.58 -2.73
C ASN D 32 -18.74 12.45 -1.76
N VAL D 33 -17.92 12.71 -0.79
CA VAL D 33 -17.56 11.64 0.19
C VAL D 33 -18.78 11.27 1.03
N ASP D 34 -19.60 12.24 1.34
CA ASP D 34 -20.80 11.95 2.18
C ASP D 34 -21.70 10.92 1.50
N GLU D 35 -21.93 11.04 0.22
CA GLU D 35 -22.81 10.05 -0.47
C GLU D 35 -22.06 8.74 -0.68
N ILE D 36 -20.79 8.80 -0.98
CA ILE D 36 -20.03 7.53 -1.19
C ILE D 36 -19.95 6.76 0.14
N VAL D 37 -19.70 7.43 1.24
CA VAL D 37 -19.58 6.71 2.54
C VAL D 37 -20.92 6.09 2.93
N GLU D 38 -21.96 6.87 2.95
CA GLU D 38 -23.29 6.32 3.34
C GLU D 38 -23.64 5.14 2.43
N ASN D 39 -23.26 5.21 1.20
CA ASN D 39 -23.57 4.09 0.25
C ASN D 39 -22.80 2.84 0.68
N LEU D 40 -21.57 2.97 1.07
CA LEU D 40 -20.80 1.77 1.49
C LEU D 40 -21.27 1.33 2.87
N ARG D 41 -21.31 2.23 3.82
CA ARG D 41 -21.78 1.85 5.18
C ARG D 41 -23.09 1.06 5.05
N LYS D 42 -24.04 1.62 4.37
CA LYS D 42 -25.34 0.92 4.21
C LYS D 42 -25.14 -0.43 3.52
N GLN D 43 -24.24 -0.49 2.58
CA GLN D 43 -23.98 -1.78 1.86
C GLN D 43 -23.19 -2.73 2.76
N VAL D 44 -22.30 -2.20 3.55
CA VAL D 44 -21.50 -3.05 4.45
C VAL D 44 -22.37 -3.50 5.62
N LYS D 45 -23.03 -2.60 6.30
CA LYS D 45 -23.82 -3.06 7.51
C LYS D 45 -25.05 -3.84 7.05
N ALA D 46 -25.63 -3.45 5.94
CA ALA D 46 -26.84 -4.16 5.46
C ALA D 46 -26.51 -5.64 5.29
N LYS D 47 -25.29 -5.96 4.97
CA LYS D 47 -24.90 -7.38 4.79
C LYS D 47 -24.37 -7.94 6.10
N GLY D 48 -24.23 -7.13 7.13
CA GLY D 48 -23.72 -7.66 8.44
C GLY D 48 -22.23 -7.40 8.55
N GLY D 49 -21.67 -6.66 7.65
CA GLY D 49 -20.21 -6.36 7.72
C GLY D 49 -19.91 -5.53 8.96
N MET D 50 -18.69 -5.08 9.11
CA MET D 50 -18.36 -4.20 10.28
C MET D 50 -17.06 -3.43 10.03
N GLY D 51 -16.20 -3.91 9.17
CA GLY D 51 -14.91 -3.20 8.90
C GLY D 51 -14.62 -3.20 7.40
N LEU D 52 -14.00 -2.16 6.92
CA LEU D 52 -13.67 -2.06 5.47
C LEU D 52 -12.25 -1.52 5.31
N ILE D 53 -11.55 -1.97 4.30
CA ILE D 53 -10.13 -1.50 4.07
C ILE D 53 -10.12 -0.61 2.82
N ALA D 54 -9.08 0.18 2.63
CA ALA D 54 -9.04 1.08 1.43
C ALA D 54 -10.15 2.09 1.61
N PHE D 55 -10.56 2.79 0.56
CA PHE D 55 -11.65 3.82 0.67
C PHE D 55 -11.17 5.07 -0.07
N ARG D 56 -9.95 5.07 -0.54
CA ARG D 56 -9.41 6.27 -1.27
C ARG D 56 -10.39 6.67 -2.38
N ILE D 57 -10.49 7.95 -2.64
CA ILE D 57 -11.43 8.44 -3.71
C ILE D 57 -10.65 9.32 -4.68
N THR D 58 -10.91 9.21 -5.95
CA THR D 58 -10.18 10.05 -6.94
C THR D 58 -11.06 10.24 -8.18
N CYS D 59 -11.77 11.33 -8.25
CA CYS D 59 -12.64 11.60 -9.44
C CYS D 59 -11.94 12.62 -10.35
N ALA D 60 -11.95 12.38 -11.63
CA ALA D 60 -11.28 13.32 -12.58
C ALA D 60 -12.04 13.35 -13.91
N ASP D 61 -12.44 14.52 -14.33
CA ASP D 61 -13.18 14.63 -15.62
C ASP D 61 -14.34 13.63 -15.65
N GLY D 62 -14.14 12.49 -16.26
CA GLY D 62 -15.23 11.46 -16.31
C GLY D 62 -15.61 11.05 -14.89
N LYS D 63 -16.45 10.05 -14.77
CA LYS D 63 -16.88 9.61 -13.41
C LYS D 63 -15.79 8.76 -12.76
N PHE D 64 -16.16 7.97 -11.79
CA PHE D 64 -15.14 7.12 -11.09
C PHE D 64 -15.86 6.04 -10.26
N LEU D 65 -15.13 5.21 -9.57
CA LEU D 65 -15.78 4.14 -8.76
C LEU D 65 -14.80 3.55 -7.73
N GLY D 66 -14.96 3.91 -6.48
CA GLY D 66 -14.04 3.38 -5.43
C GLY D 66 -14.11 1.85 -5.43
N TYR D 67 -13.36 1.21 -4.57
CA TYR D 67 -13.39 -0.29 -4.52
C TYR D 67 -13.00 -0.76 -3.12
N GLY D 68 -13.67 -1.75 -2.62
CA GLY D 68 -13.35 -2.27 -1.26
C GLY D 68 -13.93 -3.67 -1.09
N THR D 69 -13.50 -4.37 -0.08
CA THR D 69 -14.01 -5.74 0.19
C THR D 69 -14.76 -5.72 1.52
N ILE D 70 -15.88 -6.40 1.57
CA ILE D 70 -16.66 -6.44 2.84
C ILE D 70 -16.13 -7.59 3.68
N VAL D 71 -15.76 -7.34 4.92
CA VAL D 71 -15.23 -8.43 5.78
C VAL D 71 -15.80 -8.32 7.19
N LYS D 72 -15.71 -9.37 7.96
CA LYS D 72 -16.22 -9.31 9.36
C LYS D 72 -15.45 -10.33 10.20
N ALA D 73 -15.35 -10.12 11.48
CA ALA D 73 -14.62 -11.10 12.34
C ALA D 73 -15.53 -11.66 13.44
N ASP D 74 -15.79 -12.95 13.39
CA ASP D 74 -16.69 -13.61 14.40
C ASP D 74 -17.20 -14.93 13.81
N GLU D 75 -18.43 -14.94 13.35
CA GLU D 75 -19.00 -16.18 12.77
C GLU D 75 -20.37 -15.85 12.15
N ALA D 76 -20.66 -16.40 11.00
CA ALA D 76 -21.97 -16.09 10.36
C ALA D 76 -23.07 -16.86 11.10
N GLN D 77 -24.30 -16.41 11.00
CA GLN D 77 -25.41 -17.11 11.70
C GLN D 77 -25.58 -18.51 11.11
N PHE D 78 -24.82 -18.84 10.10
CA PHE D 78 -24.95 -20.20 9.48
C PHE D 78 -24.27 -21.23 10.39
N THR D 79 -24.99 -21.77 11.34
CA THR D 79 -24.39 -22.79 12.25
C THR D 79 -25.50 -23.55 12.98
N MET D 80 -26.55 -22.88 13.37
CA MET D 80 -27.66 -23.57 14.07
C MET D 80 -28.91 -22.69 14.04
N ALA D 81 -28.73 -21.39 14.04
CA ALA D 81 -29.91 -20.47 14.00
C ALA D 81 -30.82 -20.76 15.20
N MET E 1 8.50 12.30 30.24
CA MET E 1 9.42 13.43 29.95
C MET E 1 9.61 13.57 28.43
N ILE E 2 8.54 13.60 27.70
CA ILE E 2 8.64 13.73 26.22
C ILE E 2 7.27 14.08 25.64
N PHE E 3 7.15 15.23 25.02
CA PHE E 3 5.84 15.63 24.44
C PHE E 3 6.09 16.61 23.28
N GLU E 4 7.30 16.66 22.77
CA GLU E 4 7.60 17.58 21.66
C GLU E 4 6.85 17.12 20.40
N ASP E 5 6.34 15.93 20.42
CA ASP E 5 5.59 15.42 19.22
C ASP E 5 4.25 16.14 19.12
N LYS E 6 4.08 16.96 18.12
CA LYS E 6 2.80 17.70 17.93
C LYS E 6 1.98 17.04 16.82
N PHE E 7 2.32 17.30 15.58
CA PHE E 7 1.57 16.69 14.44
C PHE E 7 2.45 15.70 13.69
N ILE E 8 2.06 14.45 13.64
CA ILE E 8 2.90 13.42 12.95
C ILE E 8 2.32 13.14 11.57
N ILE E 9 3.14 13.21 10.55
CA ILE E 9 2.67 12.93 9.16
C ILE E 9 3.60 11.90 8.52
N THR E 10 3.09 10.74 8.22
CA THR E 10 3.94 9.68 7.59
C THR E 10 3.29 9.21 6.30
N THR E 11 4.10 8.64 5.42
CA THR E 11 3.59 8.13 4.12
C THR E 11 3.94 6.64 4.09
N ALA E 12 3.03 5.81 4.52
CA ALA E 12 3.26 4.35 4.46
C ALA E 12 1.98 3.60 4.85
N ASP E 13 2.10 2.42 5.40
CA ASP E 13 0.90 1.64 5.79
C ASP E 13 0.32 2.22 7.08
N GLU E 14 0.96 2.00 8.19
CA GLU E 14 0.44 2.53 9.48
C GLU E 14 1.61 2.73 10.45
N ILE E 15 1.31 2.95 11.71
CA ILE E 15 2.39 3.17 12.73
C ILE E 15 2.27 2.09 13.83
N PRO E 16 2.91 0.95 13.63
CA PRO E 16 2.85 -0.16 14.60
C PRO E 16 3.44 0.27 15.95
N GLY E 17 3.05 -0.38 17.00
CA GLY E 17 3.59 -0.04 18.36
C GLY E 17 2.66 0.96 19.05
N LEU E 18 1.68 1.44 18.35
CA LEU E 18 0.74 2.45 18.94
C LEU E 18 -0.71 2.01 18.73
N GLN E 19 -1.54 2.20 19.72
CA GLN E 19 -2.98 1.81 19.58
C GLN E 19 -3.72 2.96 18.89
N LEU E 20 -4.10 2.78 17.65
CA LEU E 20 -4.79 3.86 16.90
C LEU E 20 -6.30 3.60 16.86
N TYR E 21 -7.09 4.63 17.08
CA TYR E 21 -8.59 4.46 17.06
C TYR E 21 -9.16 5.38 15.98
N SER E 22 -9.99 4.88 15.12
CA SER E 22 -10.57 5.73 14.03
C SER E 22 -11.29 6.96 14.59
N LEU E 23 -10.98 8.11 14.07
CA LEU E 23 -11.65 9.37 14.52
C LEU E 23 -12.36 9.98 13.31
N GLY E 24 -12.36 9.29 12.21
CA GLY E 24 -13.06 9.80 10.99
C GLY E 24 -12.07 9.97 9.85
N ILE E 25 -12.54 10.43 8.73
CA ILE E 25 -11.65 10.63 7.54
C ILE E 25 -11.67 12.10 7.12
N ALA E 26 -10.56 12.62 6.66
CA ALA E 26 -10.51 14.06 6.23
C ALA E 26 -10.20 14.12 4.74
N SER E 27 -10.52 15.21 4.10
CA SER E 27 -10.24 15.35 2.64
C SER E 27 -10.07 16.83 2.32
N THR E 28 -9.17 17.16 1.42
CA THR E 28 -8.96 18.60 1.07
C THR E 28 -8.69 18.76 -0.42
N ILE E 29 -9.33 19.73 -1.05
CA ILE E 29 -9.10 20.00 -2.51
C ILE E 29 -8.72 21.47 -2.68
N SER E 30 -7.62 21.74 -3.34
CA SER E 30 -7.18 23.16 -3.58
C SER E 30 -5.67 23.19 -3.83
N ASP E 31 -5.06 22.08 -4.12
CA ASP E 31 -3.59 22.07 -4.35
C ASP E 31 -2.90 22.76 -3.18
N ASN E 32 -1.60 22.96 -3.25
CA ASN E 32 -0.88 23.59 -2.12
C ASN E 32 -0.78 22.56 -1.00
N VAL E 33 0.30 21.84 -0.94
CA VAL E 33 0.49 20.79 0.11
C VAL E 33 0.70 21.48 1.47
N ASP E 34 1.49 22.52 1.50
CA ASP E 34 1.75 23.24 2.79
C ASP E 34 0.44 23.74 3.40
N GLU E 35 -0.41 24.32 2.60
CA GLU E 35 -1.71 24.81 3.15
C GLU E 35 -2.59 23.62 3.53
N ILE E 36 -2.54 22.57 2.77
CA ILE E 36 -3.36 21.37 3.12
C ILE E 36 -2.91 20.84 4.48
N VAL E 37 -1.63 20.81 4.74
CA VAL E 37 -1.16 20.29 6.05
C VAL E 37 -1.85 21.06 7.17
N GLU E 38 -1.80 22.36 7.12
CA GLU E 38 -2.45 23.18 8.18
C GLU E 38 -3.95 22.87 8.23
N ASN E 39 -4.57 22.68 7.09
CA ASN E 39 -6.02 22.36 7.08
C ASN E 39 -6.26 21.02 7.79
N LEU E 40 -5.43 20.05 7.53
CA LEU E 40 -5.61 18.72 8.20
C LEU E 40 -5.20 18.85 9.66
N ARG E 41 -4.05 19.38 9.95
CA ARG E 41 -3.61 19.52 11.37
C ARG E 41 -4.76 20.15 12.18
N LYS E 42 -5.32 21.22 11.68
CA LYS E 42 -6.44 21.89 12.41
C LYS E 42 -7.63 20.93 12.51
N GLN E 43 -7.88 20.17 11.47
CA GLN E 43 -9.03 19.22 11.50
C GLN E 43 -8.68 18.02 12.37
N VAL E 44 -7.45 17.60 12.35
CA VAL E 44 -7.03 16.45 13.18
C VAL E 44 -7.02 16.87 14.64
N LYS E 45 -6.38 17.95 15.00
CA LYS E 45 -6.30 18.30 16.44
C LYS E 45 -7.68 18.75 16.93
N ALA E 46 -8.41 19.43 16.08
CA ALA E 46 -9.76 19.91 16.47
C ALA E 46 -10.62 18.71 16.86
N LYS E 47 -10.37 17.57 16.27
CA LYS E 47 -11.18 16.36 16.59
C LYS E 47 -10.51 15.57 17.70
N GLY E 48 -9.33 15.97 18.13
CA GLY E 48 -8.64 15.24 19.24
C GLY E 48 -7.61 14.27 18.66
N GLY E 49 -7.31 14.38 17.39
CA GLY E 49 -6.30 13.47 16.77
C GLY E 49 -4.90 14.04 16.99
N MET E 50 -3.88 13.22 16.90
CA MET E 50 -2.48 13.71 17.16
C MET E 50 -1.56 13.32 16.00
N GLY E 51 -2.04 12.56 15.05
CA GLY E 51 -1.16 12.16 13.91
C GLY E 51 -2.03 11.90 12.68
N LEU E 52 -1.42 11.85 11.52
CA LEU E 52 -2.18 11.60 10.26
C LEU E 52 -1.42 10.61 9.38
N ILE E 53 -2.14 9.74 8.70
CA ILE E 53 -1.49 8.73 7.83
C ILE E 53 -1.84 9.02 6.37
N ALA E 54 -1.00 8.67 5.43
CA ALA E 54 -1.27 8.96 3.98
C ALA E 54 -0.69 10.33 3.71
N PHE E 55 -1.29 11.17 2.87
CA PHE E 55 -0.72 12.51 2.55
C PHE E 55 -0.11 12.43 1.15
N ARG E 56 -0.40 11.38 0.43
CA ARG E 56 0.15 11.23 -0.95
C ARG E 56 -0.50 12.26 -1.87
N ILE E 57 0.29 13.07 -2.53
CA ILE E 57 -0.27 14.11 -3.45
C ILE E 57 0.34 13.95 -4.83
N THR E 58 -0.23 14.59 -5.82
CA THR E 58 0.31 14.47 -7.21
C THR E 58 0.14 15.82 -7.92
N CYS E 59 -0.35 16.80 -7.24
CA CYS E 59 -0.55 18.13 -7.87
C CYS E 59 -1.35 17.97 -9.17
N ALA E 60 -2.14 16.95 -9.27
CA ALA E 60 -2.94 16.73 -10.51
C ALA E 60 -4.07 17.77 -10.57
N ASP E 61 -5.29 17.34 -10.63
CA ASP E 61 -6.42 18.31 -10.69
C ASP E 61 -7.74 17.55 -10.51
N GLY E 62 -7.73 16.47 -9.78
CA GLY E 62 -8.99 15.70 -9.59
C GLY E 62 -8.69 14.33 -8.99
N LYS E 63 -7.48 13.86 -9.13
CA LYS E 63 -7.11 12.55 -8.51
C LYS E 63 -6.91 12.76 -7.01
N PHE E 64 -5.70 12.66 -6.53
CA PHE E 64 -5.44 12.85 -5.08
C PHE E 64 -5.95 14.23 -4.67
N LEU E 65 -5.92 14.54 -3.41
CA LEU E 65 -6.43 15.85 -2.98
C LEU E 65 -5.89 16.19 -1.59
N GLY E 66 -5.71 15.24 -0.69
CA GLY E 66 -5.17 15.56 0.66
C GLY E 66 -6.09 14.90 1.69
N TYR E 67 -6.14 13.58 1.73
CA TYR E 67 -7.03 12.89 2.72
C TYR E 67 -6.19 12.03 3.68
N GLY E 68 -6.86 11.43 4.62
CA GLY E 68 -6.15 10.58 5.60
C GLY E 68 -7.10 10.16 6.71
N THR E 69 -6.82 9.09 7.40
CA THR E 69 -7.68 8.66 8.51
C THR E 69 -7.18 9.34 9.79
N ILE E 70 -8.05 9.88 10.58
CA ILE E 70 -7.61 10.52 11.85
C ILE E 70 -7.64 9.47 12.95
N VAL E 71 -6.65 9.44 13.79
CA VAL E 71 -6.63 8.41 14.87
C VAL E 71 -6.03 8.98 16.16
N LYS E 72 -6.24 8.31 17.26
CA LYS E 72 -5.67 8.79 18.54
C LYS E 72 -5.36 7.57 19.41
N ALA E 73 -4.40 7.66 20.29
CA ALA E 73 -4.07 6.50 21.17
C ALA E 73 -4.35 6.88 22.61
N ASP E 74 -4.67 5.93 23.45
CA ASP E 74 -4.94 6.24 24.88
C ASP E 74 -6.08 7.25 24.99
N GLU E 75 -5.76 8.51 25.18
CA GLU E 75 -6.83 9.55 25.31
C GLU E 75 -6.42 10.80 24.54
N ALA E 76 -7.36 11.64 24.22
CA ALA E 76 -7.05 12.89 23.46
C ALA E 76 -6.01 13.69 24.24
N GLN E 77 -5.84 14.94 23.90
CA GLN E 77 -4.84 15.80 24.62
C GLN E 77 -5.40 16.16 26.00
N PHE E 78 -6.11 15.25 26.63
CA PHE E 78 -6.68 15.55 27.97
C PHE E 78 -7.46 16.86 27.93
N THR E 79 -7.78 17.34 26.76
CA THR E 79 -8.55 18.62 26.65
C THR E 79 -7.96 19.66 27.60
N MET E 80 -8.75 20.14 28.53
CA MET E 80 -8.23 21.15 29.51
C MET E 80 -7.48 20.44 30.63
N ALA E 81 -6.46 21.05 31.18
CA ALA E 81 -5.69 20.41 32.27
C ALA E 81 -6.43 20.60 33.60
N MET A 1 33.98 3.20 -2.35
CA MET A 1 33.02 4.03 -1.57
C MET A 1 32.81 5.37 -2.27
N ILE A 2 31.58 5.70 -2.60
CA ILE A 2 31.31 6.99 -3.28
C ILE A 2 31.52 8.15 -2.31
N PHE A 3 31.25 7.94 -1.05
CA PHE A 3 31.43 9.03 -0.06
C PHE A 3 31.54 8.43 1.36
N GLU A 4 31.45 7.14 1.45
CA GLU A 4 31.54 6.46 2.77
C GLU A 4 30.34 6.88 3.64
N ASP A 5 29.15 6.70 3.13
CA ASP A 5 27.93 7.08 3.92
C ASP A 5 26.99 5.87 4.00
N LYS A 6 25.71 6.11 4.13
CA LYS A 6 24.75 4.98 4.23
C LYS A 6 23.34 5.49 3.93
N PHE A 7 23.04 5.72 2.67
CA PHE A 7 21.67 6.22 2.31
C PHE A 7 20.82 5.04 1.83
N ILE A 8 19.70 4.80 2.46
CA ILE A 8 18.83 3.65 2.06
C ILE A 8 17.51 4.17 1.47
N ILE A 9 17.04 3.53 0.43
CA ILE A 9 15.76 3.96 -0.23
C ILE A 9 14.93 2.73 -0.55
N THR A 10 13.78 2.59 0.06
CA THR A 10 12.92 1.40 -0.21
C THR A 10 11.55 1.88 -0.67
N THR A 11 10.83 1.02 -1.36
CA THR A 11 9.47 1.38 -1.86
C THR A 11 8.45 0.35 -1.37
N ALA A 12 7.46 0.78 -0.64
CA ALA A 12 6.43 -0.19 -0.15
C ALA A 12 7.09 -1.31 0.63
N ASP A 13 7.98 -0.95 1.52
CA ASP A 13 8.67 -1.97 2.35
C ASP A 13 9.40 -1.28 3.50
N GLU A 14 8.77 -1.20 4.65
CA GLU A 14 9.43 -0.55 5.82
C GLU A 14 10.70 -1.31 6.18
N ILE A 15 11.39 -0.88 7.21
CA ILE A 15 12.66 -1.56 7.62
C ILE A 15 12.53 -2.02 9.09
N PRO A 16 12.00 -3.21 9.31
CA PRO A 16 11.82 -3.74 10.67
C PRO A 16 13.17 -3.88 11.37
N GLY A 17 13.16 -3.86 12.67
CA GLY A 17 14.44 -4.01 13.44
C GLY A 17 15.00 -2.62 13.75
N LEU A 18 14.48 -1.59 13.14
CA LEU A 18 15.00 -0.20 13.39
C LEU A 18 13.82 0.70 13.79
N GLN A 19 14.02 1.53 14.78
CA GLN A 19 12.92 2.45 15.20
C GLN A 19 13.02 3.73 14.36
N LEU A 20 12.01 4.02 13.61
CA LEU A 20 12.04 5.23 12.73
C LEU A 20 11.23 6.35 13.39
N TYR A 21 11.83 7.52 13.51
CA TYR A 21 11.10 8.68 14.12
C TYR A 21 10.94 9.76 13.04
N SER A 22 9.75 10.28 12.87
CA SER A 22 9.51 11.33 11.83
C SER A 22 9.83 12.72 12.40
N LEU A 23 10.61 13.48 11.69
CA LEU A 23 10.99 14.86 12.14
C LEU A 23 10.48 15.88 11.10
N GLY A 24 9.54 15.44 10.32
CA GLY A 24 8.91 16.35 9.31
C GLY A 24 8.73 15.62 7.98
N ILE A 25 8.05 16.27 7.07
CA ILE A 25 7.82 15.65 5.73
C ILE A 25 8.66 16.40 4.68
N ALA A 26 9.16 15.70 3.70
CA ALA A 26 9.98 16.36 2.64
C ALA A 26 9.23 16.31 1.31
N SER A 27 9.39 17.30 0.47
CA SER A 27 8.69 17.31 -0.84
C SER A 27 9.55 18.10 -1.83
N THR A 28 9.72 17.61 -3.02
CA THR A 28 10.55 18.35 -4.03
C THR A 28 9.98 18.08 -5.42
N ILE A 29 10.13 19.01 -6.33
CA ILE A 29 9.63 18.80 -7.73
C ILE A 29 10.78 19.09 -8.70
N SER A 30 11.04 18.19 -9.61
CA SER A 30 12.14 18.41 -10.59
C SER A 30 12.05 17.34 -11.68
N ASP A 31 12.90 17.43 -12.67
CA ASP A 31 12.86 16.43 -13.80
C ASP A 31 13.98 15.41 -13.62
N ASN A 32 13.76 14.18 -14.03
CA ASN A 32 14.80 13.12 -13.85
C ASN A 32 14.80 12.66 -12.40
N VAL A 33 14.73 11.37 -12.20
CA VAL A 33 14.72 10.83 -10.80
C VAL A 33 16.05 11.14 -10.13
N ASP A 34 17.11 11.20 -10.88
CA ASP A 34 18.44 11.49 -10.29
C ASP A 34 18.38 12.82 -9.53
N GLU A 35 17.70 13.80 -10.08
CA GLU A 35 17.61 15.12 -9.40
C GLU A 35 16.62 15.03 -8.24
N ILE A 36 15.52 14.34 -8.42
CA ILE A 36 14.55 14.23 -7.30
C ILE A 36 15.23 13.50 -6.12
N VAL A 37 15.84 12.37 -6.38
CA VAL A 37 16.50 11.62 -5.27
C VAL A 37 17.69 12.43 -4.74
N GLU A 38 18.53 12.89 -5.62
CA GLU A 38 19.71 13.68 -5.16
C GLU A 38 19.25 14.92 -4.40
N ASN A 39 18.21 15.57 -4.86
CA ASN A 39 17.71 16.78 -4.15
C ASN A 39 17.21 16.38 -2.76
N LEU A 40 16.53 15.28 -2.66
CA LEU A 40 16.02 14.84 -1.33
C LEU A 40 17.20 14.44 -0.46
N ARG A 41 18.14 13.71 -0.98
CA ARG A 41 19.31 13.29 -0.13
C ARG A 41 19.87 14.53 0.59
N LYS A 42 19.97 15.62 -0.11
CA LYS A 42 20.52 16.86 0.52
C LYS A 42 19.51 17.43 1.53
N GLN A 43 18.24 17.34 1.23
CA GLN A 43 17.21 17.84 2.16
C GLN A 43 17.01 16.86 3.30
N VAL A 44 17.11 15.59 3.01
CA VAL A 44 16.94 14.56 4.06
C VAL A 44 18.16 14.62 5.00
N LYS A 45 19.36 14.56 4.48
CA LYS A 45 20.54 14.53 5.40
C LYS A 45 20.62 15.86 6.14
N ALA A 46 20.17 16.91 5.50
CA ALA A 46 20.20 18.25 6.13
C ALA A 46 19.26 18.27 7.34
N LYS A 47 18.23 17.46 7.28
CA LYS A 47 17.25 17.41 8.41
C LYS A 47 17.69 16.37 9.42
N GLY A 48 18.73 15.62 9.12
CA GLY A 48 19.20 14.59 10.10
C GLY A 48 18.64 13.22 9.71
N GLY A 49 17.94 13.14 8.61
CA GLY A 49 17.39 11.83 8.19
C GLY A 49 18.49 10.99 7.53
N MET A 50 18.29 9.70 7.42
CA MET A 50 19.36 8.82 6.84
C MET A 50 18.77 7.92 5.74
N GLY A 51 17.50 8.01 5.50
CA GLY A 51 16.90 7.15 4.44
C GLY A 51 15.47 7.62 4.15
N LEU A 52 14.91 7.15 3.06
CA LEU A 52 13.52 7.56 2.69
C LEU A 52 12.66 6.31 2.50
N ILE A 53 11.42 6.37 2.90
CA ILE A 53 10.51 5.19 2.78
C ILE A 53 9.35 5.50 1.84
N ALA A 54 8.84 4.54 1.14
CA ALA A 54 7.68 4.81 0.23
C ALA A 54 8.07 5.84 -0.82
N PHE A 55 8.94 5.47 -1.73
CA PHE A 55 9.37 6.42 -2.80
C PHE A 55 8.74 5.98 -4.12
N ARG A 56 7.44 5.83 -4.15
CA ARG A 56 6.77 5.39 -5.40
C ARG A 56 6.61 6.58 -6.35
N ILE A 57 6.55 6.32 -7.63
CA ILE A 57 6.39 7.43 -8.62
C ILE A 57 5.27 7.06 -9.60
N THR A 58 4.62 8.05 -10.17
CA THR A 58 3.52 7.77 -11.14
C THR A 58 3.62 8.74 -12.31
N CYS A 59 4.67 8.62 -13.09
CA CYS A 59 4.83 9.53 -14.26
C CYS A 59 5.97 9.02 -15.14
N ALA A 60 6.35 9.78 -16.13
CA ALA A 60 7.47 9.35 -17.02
C ALA A 60 8.80 9.40 -16.25
N ASP A 61 9.80 9.99 -16.82
CA ASP A 61 11.12 10.08 -16.11
C ASP A 61 10.92 10.78 -14.77
N GLY A 62 10.19 11.86 -14.75
CA GLY A 62 9.95 12.59 -13.47
C GLY A 62 9.06 13.80 -13.74
N LYS A 63 9.46 14.96 -13.29
CA LYS A 63 8.63 16.18 -13.51
C LYS A 63 7.21 15.92 -13.00
N PHE A 64 7.07 15.45 -11.79
CA PHE A 64 5.71 15.17 -11.24
C PHE A 64 5.69 15.54 -9.75
N LEU A 65 6.16 14.66 -8.89
CA LEU A 65 6.16 14.97 -7.44
C LEU A 65 6.85 13.83 -6.67
N GLY A 66 7.90 14.14 -5.96
CA GLY A 66 8.63 13.09 -5.18
C GLY A 66 8.36 13.29 -3.68
N TYR A 67 7.19 12.95 -3.23
CA TYR A 67 6.87 13.12 -1.78
C TYR A 67 7.58 12.06 -0.95
N GLY A 68 7.85 12.36 0.29
CA GLY A 68 8.56 11.40 1.17
C GLY A 68 8.60 11.91 2.59
N THR A 69 8.69 11.03 3.56
CA THR A 69 8.76 11.47 4.98
C THR A 69 10.18 11.28 5.49
N ILE A 70 10.68 12.23 6.24
CA ILE A 70 12.07 12.10 6.78
C ILE A 70 12.01 11.26 8.04
N VAL A 71 12.94 10.35 8.21
CA VAL A 71 12.91 9.51 9.45
C VAL A 71 14.33 9.30 9.97
N LYS A 72 14.47 8.97 11.22
CA LYS A 72 15.84 8.74 11.80
C LYS A 72 15.74 7.77 12.97
N ALA A 73 16.82 7.13 13.35
CA ALA A 73 16.75 6.17 14.50
C ALA A 73 17.62 6.67 15.66
N ASP A 74 17.00 7.01 16.76
CA ASP A 74 17.76 7.56 17.93
C ASP A 74 16.81 7.65 19.14
N GLU A 75 16.75 8.78 19.80
CA GLU A 75 15.86 8.93 20.97
C GLU A 75 16.36 8.04 22.12
N ALA A 76 16.63 6.80 21.86
CA ALA A 76 17.12 5.89 22.93
C ALA A 76 18.35 6.51 23.60
N GLN A 77 18.82 5.91 24.66
CA GLN A 77 20.02 6.46 25.37
C GLN A 77 20.82 5.30 25.99
N PHE A 78 21.63 5.59 26.97
CA PHE A 78 22.44 4.50 27.60
C PHE A 78 22.90 4.96 28.99
N THR A 79 22.70 4.16 29.99
CA THR A 79 23.12 4.56 31.37
C THR A 79 23.19 3.32 32.26
N MET A 80 24.30 2.64 32.27
CA MET A 80 24.44 1.42 33.12
C MET A 80 25.07 1.80 34.46
N ALA A 81 24.93 3.03 34.87
CA ALA A 81 25.53 3.46 36.17
C ALA A 81 24.73 4.66 36.72
N MET B 1 22.22 -27.09 -18.49
CA MET B 1 21.20 -28.01 -17.92
C MET B 1 20.03 -27.19 -17.35
N ILE B 2 20.33 -26.21 -16.55
CA ILE B 2 19.26 -25.34 -15.95
C ILE B 2 19.46 -23.90 -16.40
N PHE B 3 18.62 -23.00 -15.94
CA PHE B 3 18.75 -21.57 -16.35
C PHE B 3 18.32 -20.69 -15.18
N GLU B 4 17.05 -20.46 -15.02
CA GLU B 4 16.58 -19.60 -13.91
C GLU B 4 17.04 -20.19 -12.58
N ASP B 5 17.56 -19.36 -11.70
CA ASP B 5 18.04 -19.85 -10.38
C ASP B 5 17.01 -19.46 -9.29
N LYS B 6 16.63 -18.21 -9.24
CA LYS B 6 15.64 -17.79 -8.21
C LYS B 6 14.97 -16.49 -8.67
N PHE B 7 13.92 -16.61 -9.41
CA PHE B 7 13.16 -15.42 -9.88
C PHE B 7 11.82 -15.36 -9.17
N ILE B 8 11.53 -14.28 -8.48
CA ILE B 8 10.23 -14.16 -7.77
C ILE B 8 9.60 -12.79 -8.07
N ILE B 9 8.35 -12.77 -8.46
CA ILE B 9 7.68 -11.47 -8.76
C ILE B 9 6.31 -11.48 -8.08
N THR B 10 6.09 -10.59 -7.13
CA THR B 10 4.78 -10.54 -6.42
C THR B 10 4.21 -9.12 -6.57
N THR B 11 2.90 -9.01 -6.54
CA THR B 11 2.24 -7.67 -6.65
C THR B 11 1.81 -7.25 -5.23
N ALA B 12 2.75 -6.85 -4.41
CA ALA B 12 2.39 -6.37 -3.05
C ALA B 12 3.68 -6.03 -2.30
N ASP B 13 3.94 -6.74 -1.23
CA ASP B 13 5.19 -6.49 -0.45
C ASP B 13 5.20 -7.41 0.77
N GLU B 14 5.08 -8.70 0.56
CA GLU B 14 5.07 -9.66 1.70
C GLU B 14 6.08 -10.78 1.44
N ILE B 15 7.21 -10.73 2.10
CA ILE B 15 8.24 -11.80 1.93
C ILE B 15 8.88 -12.11 3.32
N PRO B 16 8.05 -12.39 4.29
CA PRO B 16 8.53 -12.72 5.64
C PRO B 16 9.35 -14.02 5.62
N GLY B 17 10.23 -14.18 6.57
CA GLY B 17 11.06 -15.42 6.63
C GLY B 17 12.37 -15.22 5.88
N LEU B 18 12.51 -14.15 5.12
CA LEU B 18 13.77 -13.91 4.36
C LEU B 18 14.26 -12.50 4.64
N GLN B 19 15.55 -12.35 4.80
CA GLN B 19 16.12 -10.99 5.06
C GLN B 19 16.34 -10.29 3.72
N LEU B 20 15.55 -9.30 3.40
CA LEU B 20 15.71 -8.61 2.10
C LEU B 20 16.67 -7.45 2.23
N TYR B 21 17.60 -7.35 1.32
CA TYR B 21 18.58 -6.23 1.34
C TYR B 21 18.30 -5.34 0.14
N SER B 22 18.17 -4.06 0.31
CA SER B 22 17.90 -3.17 -0.85
C SER B 22 19.16 -3.06 -1.71
N LEU B 23 19.08 -3.50 -2.94
CA LEU B 23 20.21 -3.34 -3.90
C LEU B 23 19.95 -2.05 -4.69
N GLY B 24 18.82 -1.43 -4.48
CA GLY B 24 18.53 -0.14 -5.22
C GLY B 24 17.13 -0.19 -5.79
N ILE B 25 16.84 0.67 -6.72
CA ILE B 25 15.49 0.71 -7.33
C ILE B 25 15.62 0.51 -8.84
N ALA B 26 14.71 -0.22 -9.44
CA ALA B 26 14.76 -0.45 -10.91
C ALA B 26 13.57 0.24 -11.58
N SER B 27 13.76 0.75 -12.75
CA SER B 27 12.63 1.44 -13.46
C SER B 27 12.86 1.31 -14.97
N THR B 28 11.83 1.03 -15.72
CA THR B 28 12.00 0.91 -17.21
C THR B 28 10.71 1.34 -17.90
N ILE B 29 10.82 2.02 -19.02
CA ILE B 29 9.59 2.47 -19.75
C ILE B 29 9.39 1.58 -20.98
N SER B 30 8.21 1.04 -21.13
CA SER B 30 7.93 0.17 -22.31
C SER B 30 6.44 -0.14 -22.35
N ASP B 31 5.97 -0.73 -23.43
CA ASP B 31 4.52 -1.08 -23.55
C ASP B 31 4.37 -2.60 -23.50
N ASN B 32 3.20 -3.09 -23.17
CA ASN B 32 3.00 -4.55 -23.06
C ASN B 32 3.62 -5.04 -21.75
N VAL B 33 2.88 -5.79 -20.97
CA VAL B 33 3.42 -6.30 -19.68
C VAL B 33 4.52 -7.32 -19.96
N ASP B 34 4.39 -8.06 -21.03
CA ASP B 34 5.43 -9.08 -21.36
C ASP B 34 6.80 -8.40 -21.51
N GLU B 35 6.83 -7.26 -22.17
CA GLU B 35 8.13 -6.57 -22.36
C GLU B 35 8.56 -5.88 -21.06
N ILE B 36 7.65 -5.28 -20.37
CA ILE B 36 8.04 -4.62 -19.08
C ILE B 36 8.55 -5.69 -18.11
N VAL B 37 7.90 -6.82 -18.03
CA VAL B 37 8.35 -7.89 -17.08
C VAL B 37 9.71 -8.42 -17.53
N GLU B 38 9.83 -8.79 -18.78
CA GLU B 38 11.12 -9.32 -19.27
C GLU B 38 12.22 -8.28 -19.08
N ASN B 39 11.91 -7.03 -19.32
CA ASN B 39 12.94 -5.96 -19.14
C ASN B 39 13.41 -5.93 -17.70
N LEU B 40 12.50 -5.96 -16.76
CA LEU B 40 12.92 -5.94 -15.33
C LEU B 40 13.57 -7.27 -14.98
N ARG B 41 12.99 -8.36 -15.34
CA ARG B 41 13.60 -9.68 -15.01
C ARG B 41 15.09 -9.66 -15.41
N LYS B 42 15.38 -9.14 -16.57
CA LYS B 42 16.80 -9.09 -17.04
C LYS B 42 17.61 -8.11 -16.18
N GLN B 43 17.01 -7.01 -15.82
CA GLN B 43 17.71 -6.02 -14.97
C GLN B 43 17.74 -6.49 -13.52
N VAL B 44 16.71 -7.15 -13.09
CA VAL B 44 16.66 -7.65 -11.70
C VAL B 44 17.69 -8.79 -11.53
N LYS B 45 17.67 -9.79 -12.35
CA LYS B 45 18.63 -10.92 -12.13
C LYS B 45 20.08 -10.42 -12.15
N ALA B 46 20.30 -9.41 -12.94
CA ALA B 46 21.64 -8.80 -13.09
C ALA B 46 22.03 -7.92 -11.91
N LYS B 47 21.06 -7.19 -11.37
CA LYS B 47 21.34 -6.31 -10.19
C LYS B 47 20.54 -6.79 -8.98
N GLY B 48 19.59 -7.66 -9.21
CA GLY B 48 18.71 -8.16 -8.10
C GLY B 48 19.08 -9.57 -7.71
N GLY B 49 19.27 -10.41 -8.69
CA GLY B 49 19.62 -11.81 -8.39
C GLY B 49 18.43 -12.52 -7.75
N MET B 50 17.62 -11.84 -6.93
CA MET B 50 16.45 -12.55 -6.30
C MET B 50 15.18 -12.29 -7.11
N GLY B 51 14.59 -11.15 -7.04
CA GLY B 51 13.35 -10.95 -7.84
C GLY B 51 12.88 -9.51 -7.68
N LEU B 52 11.61 -9.28 -7.83
CA LEU B 52 11.06 -7.90 -7.69
C LEU B 52 9.81 -7.93 -6.80
N ILE B 53 9.68 -6.97 -5.92
CA ILE B 53 8.50 -6.93 -5.02
C ILE B 53 7.60 -5.75 -5.37
N ALA B 54 6.32 -5.88 -5.23
CA ALA B 54 5.42 -4.74 -5.57
C ALA B 54 5.52 -4.43 -7.06
N PHE B 55 4.97 -5.28 -7.89
CA PHE B 55 5.03 -5.03 -9.36
C PHE B 55 3.67 -4.49 -9.82
N ARG B 56 3.03 -3.71 -8.99
CA ARG B 56 1.70 -3.14 -9.37
C ARG B 56 1.88 -2.28 -10.63
N ILE B 57 1.14 -2.59 -11.67
CA ILE B 57 1.26 -1.79 -12.92
C ILE B 57 0.54 -0.45 -12.74
N THR B 58 0.99 0.57 -13.42
CA THR B 58 0.33 1.89 -13.29
C THR B 58 -1.00 1.88 -14.04
N CYS B 59 -1.15 2.74 -15.02
CA CYS B 59 -2.43 2.76 -15.80
C CYS B 59 -2.58 1.47 -16.59
N ALA B 60 -2.60 1.55 -17.90
CA ALA B 60 -2.75 0.33 -18.72
C ALA B 60 -1.53 -0.58 -18.53
N ASP B 61 -1.25 -1.43 -19.48
CA ASP B 61 -0.07 -2.34 -19.35
C ASP B 61 1.16 -1.50 -19.02
N GLY B 62 1.11 -0.22 -19.26
CA GLY B 62 2.29 0.64 -18.95
C GLY B 62 2.04 2.05 -19.53
N LYS B 63 2.56 2.31 -20.70
CA LYS B 63 2.37 3.65 -21.32
C LYS B 63 2.72 4.75 -20.31
N PHE B 64 3.35 4.38 -19.23
CA PHE B 64 3.73 5.39 -18.20
C PHE B 64 5.14 5.07 -17.69
N LEU B 65 5.26 4.07 -16.86
CA LEU B 65 6.61 3.71 -16.31
C LEU B 65 6.46 2.63 -15.23
N GLY B 66 7.07 1.49 -15.42
CA GLY B 66 6.99 0.42 -14.39
C GLY B 66 8.15 0.61 -13.40
N TYR B 67 8.10 -0.04 -12.27
CA TYR B 67 9.19 0.11 -11.27
C TYR B 67 9.08 -0.96 -10.19
N GLY B 68 10.00 -0.94 -9.26
CA GLY B 68 9.97 -1.92 -8.15
C GLY B 68 11.23 -1.80 -7.32
N THR B 69 11.29 -2.45 -6.19
CA THR B 69 12.50 -2.38 -5.34
C THR B 69 13.30 -3.66 -5.57
N ILE B 70 14.58 -3.54 -5.77
CA ILE B 70 15.42 -4.74 -5.97
C ILE B 70 15.89 -5.23 -4.60
N VAL B 71 16.02 -6.52 -4.40
CA VAL B 71 16.46 -7.00 -3.05
C VAL B 71 17.33 -8.25 -3.17
N LYS B 72 18.00 -8.61 -2.10
CA LYS B 72 18.85 -9.84 -2.12
C LYS B 72 18.82 -10.47 -0.74
N ALA B 73 19.09 -11.75 -0.64
CA ALA B 73 19.09 -12.41 0.70
C ALA B 73 20.49 -12.94 1.05
N ASP B 74 21.09 -12.40 2.07
CA ASP B 74 22.47 -12.85 2.45
C ASP B 74 22.97 -11.98 3.60
N GLU B 75 24.06 -12.36 4.21
CA GLU B 75 24.60 -11.56 5.34
C GLU B 75 24.93 -10.14 4.84
N ALA B 76 24.00 -9.24 4.96
CA ALA B 76 24.25 -7.84 4.48
C ALA B 76 25.03 -7.08 5.55
N GLN B 77 25.13 -5.78 5.41
CA GLN B 77 25.89 -4.97 6.43
C GLN B 77 27.29 -5.53 6.59
N PHE B 78 27.45 -6.55 7.40
CA PHE B 78 28.80 -7.14 7.60
C PHE B 78 29.21 -7.93 6.36
N THR B 79 29.20 -7.29 5.21
CA THR B 79 29.59 -8.00 3.95
C THR B 79 31.10 -8.21 3.93
N MET B 80 31.55 -9.41 3.70
CA MET B 80 33.00 -9.69 3.67
C MET B 80 33.67 -9.09 4.91
N ALA B 81 33.60 -9.77 6.02
CA ALA B 81 34.23 -9.25 7.26
C ALA B 81 35.74 -9.20 7.10
N MET C 1 -11.16 -33.86 -4.02
CA MET C 1 -10.64 -33.82 -2.62
C MET C 1 -10.60 -32.38 -2.13
N ILE C 2 -10.78 -31.44 -3.01
CA ILE C 2 -10.75 -30.00 -2.59
C ILE C 2 -11.42 -29.13 -3.67
N PHE C 3 -11.98 -29.76 -4.66
CA PHE C 3 -12.64 -28.98 -5.75
C PHE C 3 -11.60 -28.06 -6.41
N GLU C 4 -11.98 -27.35 -7.43
CA GLU C 4 -11.03 -26.44 -8.13
C GLU C 4 -11.76 -25.16 -8.55
N ASP C 5 -12.99 -25.00 -8.12
CA ASP C 5 -13.77 -23.78 -8.49
C ASP C 5 -13.74 -22.78 -7.33
N LYS C 6 -12.93 -23.04 -6.34
CA LYS C 6 -12.86 -22.10 -5.18
C LYS C 6 -12.09 -20.84 -5.59
N PHE C 7 -12.77 -19.89 -6.19
CA PHE C 7 -12.08 -18.63 -6.63
C PHE C 7 -12.48 -17.50 -5.68
N ILE C 8 -11.51 -16.90 -5.02
CA ILE C 8 -11.80 -15.78 -4.08
C ILE C 8 -11.16 -14.50 -4.59
N ILE C 9 -11.82 -13.39 -4.42
CA ILE C 9 -11.24 -12.08 -4.87
C ILE C 9 -10.92 -11.21 -3.65
N THR C 10 -9.71 -10.77 -3.54
CA THR C 10 -9.31 -9.93 -2.36
C THR C 10 -8.83 -8.57 -2.84
N THR C 11 -9.32 -7.51 -2.25
CA THR C 11 -8.89 -6.14 -2.65
C THR C 11 -8.30 -5.44 -1.42
N ALA C 12 -7.03 -5.14 -1.45
CA ALA C 12 -6.41 -4.42 -0.28
C ALA C 12 -6.65 -5.21 0.98
N ASP C 13 -6.65 -6.52 0.87
CA ASP C 13 -6.85 -7.39 2.06
C ASP C 13 -6.17 -8.74 1.83
N GLU C 14 -4.96 -8.90 2.29
CA GLU C 14 -4.25 -10.20 2.11
C GLU C 14 -4.96 -11.28 2.92
N ILE C 15 -4.51 -12.51 2.83
CA ILE C 15 -5.16 -13.62 3.59
C ILE C 15 -4.08 -14.37 4.40
N PRO C 16 -3.72 -13.83 5.55
CA PRO C 16 -2.69 -14.44 6.42
C PRO C 16 -3.12 -15.85 6.84
N GLY C 17 -2.18 -16.69 7.19
CA GLY C 17 -2.57 -18.08 7.61
C GLY C 17 -2.51 -19.03 6.41
N LEU C 18 -2.25 -18.52 5.24
CA LEU C 18 -2.20 -19.40 4.03
C LEU C 18 -0.88 -19.19 3.31
N GLN C 19 -0.28 -20.26 2.87
CA GLN C 19 1.01 -20.14 2.13
C GLN C 19 0.69 -19.92 0.66
N LEU C 20 0.92 -18.74 0.16
CA LEU C 20 0.62 -18.44 -1.27
C LEU C 20 1.87 -18.70 -2.12
N TYR C 21 1.73 -19.39 -3.22
CA TYR C 21 2.91 -19.68 -4.10
C TYR C 21 2.70 -18.98 -5.43
N SER C 22 3.66 -18.24 -5.91
CA SER C 22 3.50 -17.52 -7.20
C SER C 22 3.28 -18.50 -8.37
N LEU C 23 2.24 -18.29 -9.12
CA LEU C 23 1.93 -19.14 -10.31
C LEU C 23 2.08 -18.29 -11.57
N GLY C 24 2.61 -17.11 -11.43
CA GLY C 24 2.85 -16.24 -12.61
C GLY C 24 1.99 -14.99 -12.53
N ILE C 25 2.02 -14.18 -13.55
CA ILE C 25 1.19 -12.92 -13.56
C ILE C 25 0.12 -13.03 -14.64
N ALA C 26 -1.07 -12.56 -14.34
CA ALA C 26 -2.20 -12.64 -15.32
C ALA C 26 -2.68 -11.24 -15.67
N SER C 27 -3.13 -11.03 -16.88
CA SER C 27 -3.61 -9.68 -17.30
C SER C 27 -4.66 -9.85 -18.40
N THR C 28 -5.72 -9.09 -18.36
CA THR C 28 -6.78 -9.22 -19.41
C THR C 28 -7.47 -7.88 -19.63
N ILE C 29 -7.76 -7.53 -20.85
CA ILE C 29 -8.45 -6.23 -21.12
C ILE C 29 -9.95 -6.47 -21.21
N SER C 30 -10.75 -5.52 -20.81
CA SER C 30 -12.22 -5.68 -20.92
C SER C 30 -12.90 -4.34 -20.63
N ASP C 31 -14.20 -4.34 -20.45
CA ASP C 31 -14.93 -3.05 -20.20
C ASP C 31 -15.44 -2.96 -18.76
N ASN C 32 -16.54 -3.58 -18.45
CA ASN C 32 -17.07 -3.57 -17.06
C ASN C 32 -16.24 -4.53 -16.19
N VAL C 33 -16.29 -4.32 -14.89
CA VAL C 33 -15.50 -5.18 -13.97
C VAL C 33 -16.06 -6.60 -13.97
N ASP C 34 -17.35 -6.74 -14.18
CA ASP C 34 -17.96 -8.10 -14.19
C ASP C 34 -17.22 -8.98 -15.21
N GLU C 35 -16.83 -8.41 -16.32
CA GLU C 35 -16.10 -9.22 -17.35
C GLU C 35 -14.66 -9.42 -16.88
N ILE C 36 -14.07 -8.45 -16.25
CA ILE C 36 -12.67 -8.61 -15.77
C ILE C 36 -12.60 -9.77 -14.76
N VAL C 37 -13.44 -9.74 -13.76
CA VAL C 37 -13.39 -10.83 -12.74
C VAL C 37 -13.60 -12.18 -13.45
N GLU C 38 -14.60 -12.27 -14.29
CA GLU C 38 -14.86 -13.55 -15.00
C GLU C 38 -13.67 -13.89 -15.90
N ASN C 39 -13.15 -12.94 -16.61
CA ASN C 39 -12.00 -13.22 -17.52
C ASN C 39 -10.84 -13.79 -16.70
N LEU C 40 -10.50 -13.16 -15.61
CA LEU C 40 -9.38 -13.69 -14.78
C LEU C 40 -9.82 -15.00 -14.14
N ARG C 41 -11.01 -15.06 -13.61
CA ARG C 41 -11.46 -16.33 -12.97
C ARG C 41 -11.24 -17.50 -13.94
N LYS C 42 -11.62 -17.34 -15.17
CA LYS C 42 -11.44 -18.45 -16.16
C LYS C 42 -9.94 -18.76 -16.29
N GLN C 43 -9.11 -17.76 -16.20
CA GLN C 43 -7.65 -17.98 -16.33
C GLN C 43 -7.15 -18.72 -15.09
N VAL C 44 -7.69 -18.44 -13.94
CA VAL C 44 -7.24 -19.14 -12.72
C VAL C 44 -7.77 -20.59 -12.75
N LYS C 45 -9.04 -20.75 -13.00
CA LYS C 45 -9.62 -22.11 -13.02
C LYS C 45 -8.78 -23.06 -13.87
N ALA C 46 -8.21 -22.51 -14.92
CA ALA C 46 -7.38 -23.31 -15.86
C ALA C 46 -6.01 -23.54 -15.26
N LYS C 47 -5.56 -22.65 -14.43
CA LYS C 47 -4.25 -22.83 -13.77
C LYS C 47 -4.50 -23.48 -12.42
N GLY C 48 -5.70 -23.93 -12.12
CA GLY C 48 -5.90 -24.60 -10.81
C GLY C 48 -5.37 -23.73 -9.69
N GLY C 49 -5.43 -22.43 -9.88
CA GLY C 49 -4.94 -21.50 -8.83
C GLY C 49 -5.94 -21.46 -7.68
N MET C 50 -5.85 -20.46 -6.85
CA MET C 50 -6.79 -20.34 -5.69
C MET C 50 -7.69 -19.11 -5.84
N GLY C 51 -7.13 -18.05 -6.39
CA GLY C 51 -7.92 -16.80 -6.57
C GLY C 51 -6.97 -15.64 -6.91
N LEU C 52 -7.51 -14.47 -7.12
CA LEU C 52 -6.65 -13.29 -7.46
C LEU C 52 -6.45 -12.43 -6.21
N ILE C 53 -5.25 -11.95 -6.01
CA ILE C 53 -4.95 -11.10 -4.81
C ILE C 53 -4.62 -9.68 -5.23
N ALA C 54 -5.00 -8.70 -4.47
CA ALA C 54 -4.67 -7.29 -4.84
C ALA C 54 -5.35 -6.95 -6.16
N PHE C 55 -6.65 -6.99 -6.20
CA PHE C 55 -7.37 -6.62 -7.46
C PHE C 55 -7.71 -5.13 -7.42
N ARG C 56 -6.72 -4.29 -7.44
CA ARG C 56 -6.96 -2.83 -7.38
C ARG C 56 -7.53 -2.35 -8.72
N ILE C 57 -8.34 -1.32 -8.69
CA ILE C 57 -8.93 -0.76 -9.94
C ILE C 57 -8.61 0.73 -10.01
N THR C 58 -8.77 1.43 -8.91
CA THR C 58 -8.46 2.89 -8.91
C THR C 58 -6.95 3.09 -8.93
N CYS C 59 -6.48 4.31 -9.00
CA CYS C 59 -5.02 4.56 -9.04
C CYS C 59 -4.39 3.66 -10.11
N ALA C 60 -4.06 2.45 -9.77
CA ALA C 60 -3.46 1.52 -10.76
C ALA C 60 -4.59 0.96 -11.63
N ASP C 61 -4.34 0.71 -12.89
CA ASP C 61 -5.40 0.17 -13.77
C ASP C 61 -6.63 1.09 -13.70
N GLY C 62 -6.44 2.36 -13.90
CA GLY C 62 -7.59 3.30 -13.87
C GLY C 62 -8.52 3.03 -15.05
N LYS C 63 -9.28 1.96 -14.97
CA LYS C 63 -10.21 1.62 -16.09
C LYS C 63 -9.44 1.56 -17.40
N PHE C 64 -8.59 0.58 -17.56
CA PHE C 64 -7.81 0.47 -18.83
C PHE C 64 -7.28 -0.97 -18.97
N LEU C 65 -7.08 -1.65 -17.87
CA LEU C 65 -6.55 -3.05 -17.96
C LEU C 65 -6.47 -3.63 -16.54
N GLY C 66 -7.21 -4.68 -16.27
CA GLY C 66 -7.13 -5.31 -14.92
C GLY C 66 -6.02 -6.35 -14.90
N TYR C 67 -5.45 -6.60 -13.76
CA TYR C 67 -4.36 -7.61 -13.68
C TYR C 67 -4.22 -8.13 -12.25
N GLY C 68 -3.23 -8.95 -12.02
CA GLY C 68 -3.01 -9.50 -10.65
C GLY C 68 -1.97 -10.60 -10.71
N THR C 69 -1.76 -11.27 -9.62
CA THR C 69 -0.77 -12.39 -9.58
C THR C 69 -1.52 -13.66 -9.20
N ILE C 70 -1.27 -14.74 -9.91
CA ILE C 70 -1.94 -16.01 -9.56
C ILE C 70 -1.17 -16.66 -8.43
N VAL C 71 -1.83 -17.36 -7.55
CA VAL C 71 -1.10 -17.99 -6.41
C VAL C 71 -1.66 -19.38 -6.15
N LYS C 72 -0.93 -20.18 -5.41
CA LYS C 72 -1.40 -21.56 -5.09
C LYS C 72 -1.01 -21.89 -3.65
N ALA C 73 -1.72 -22.78 -3.01
CA ALA C 73 -1.37 -23.14 -1.60
C ALA C 73 -0.89 -24.59 -1.49
N ASP C 74 0.35 -24.76 -1.11
CA ASP C 74 0.93 -26.13 -1.02
C ASP C 74 2.26 -26.05 -0.25
N GLU C 75 3.35 -26.35 -0.91
CA GLU C 75 4.66 -26.30 -0.22
C GLU C 75 4.59 -27.14 1.05
N ALA C 76 4.86 -28.42 0.95
CA ALA C 76 4.81 -29.30 2.14
C ALA C 76 5.51 -30.62 1.82
N GLN C 77 5.77 -31.42 2.82
CA GLN C 77 6.45 -32.74 2.59
C GLN C 77 5.59 -33.86 3.16
N PHE C 78 5.76 -35.06 2.66
CA PHE C 78 4.95 -36.20 3.18
C PHE C 78 5.19 -36.36 4.68
N THR C 79 4.20 -36.81 5.41
CA THR C 79 4.37 -36.99 6.87
C THR C 79 5.30 -38.18 7.13
N MET C 80 5.77 -38.32 8.34
CA MET C 80 6.68 -39.47 8.65
C MET C 80 5.89 -40.78 8.58
N ALA C 81 4.60 -40.70 8.61
CA ALA C 81 3.77 -41.94 8.54
C ALA C 81 3.85 -42.53 7.13
N MET D 1 -27.08 2.12 23.31
CA MET D 1 -26.39 2.95 22.28
C MET D 1 -26.07 2.09 21.06
N ILE D 2 -26.94 2.07 20.09
CA ILE D 2 -26.70 1.25 18.85
C ILE D 2 -27.28 1.98 17.64
N PHE D 3 -28.54 1.76 17.36
CA PHE D 3 -29.17 2.43 16.18
C PHE D 3 -28.45 1.97 14.92
N GLU D 4 -29.13 1.88 13.81
CA GLU D 4 -28.47 1.46 12.54
C GLU D 4 -27.49 0.32 12.81
N ASP D 5 -26.41 0.25 12.07
CA ASP D 5 -25.41 -0.82 12.28
C ASP D 5 -24.03 -0.20 12.49
N LYS D 6 -23.12 -0.92 13.08
CA LYS D 6 -21.75 -0.36 13.32
C LYS D 6 -21.02 -0.23 12.00
N PHE D 7 -21.21 0.86 11.28
CA PHE D 7 -20.52 1.03 9.97
C PHE D 7 -19.24 1.86 10.16
N ILE D 8 -18.13 1.37 9.67
CA ILE D 8 -16.84 2.10 9.86
C ILE D 8 -16.16 2.27 8.50
N ILE D 9 -15.53 3.40 8.27
CA ILE D 9 -14.82 3.63 6.99
C ILE D 9 -13.32 3.76 7.28
N THR D 10 -12.53 2.86 6.75
CA THR D 10 -11.06 2.92 6.99
C THR D 10 -10.36 3.32 5.69
N THR D 11 -9.47 4.27 5.75
CA THR D 11 -8.73 4.68 4.53
C THR D 11 -7.32 4.09 4.64
N ALA D 12 -7.08 2.96 4.00
CA ALA D 12 -5.72 2.35 4.03
C ALA D 12 -5.34 1.99 5.46
N ASP D 13 -6.06 1.06 6.04
CA ASP D 13 -5.78 0.61 7.44
C ASP D 13 -5.77 -0.92 7.48
N GLU D 14 -6.30 -1.50 8.54
CA GLU D 14 -6.31 -2.99 8.63
C GLU D 14 -7.20 -3.41 9.80
N ILE D 15 -7.27 -2.60 10.83
CA ILE D 15 -8.10 -2.96 12.02
C ILE D 15 -7.76 -4.39 12.47
N PRO D 16 -6.55 -4.57 12.95
CA PRO D 16 -6.08 -5.90 13.42
C PRO D 16 -6.95 -6.39 14.57
N GLY D 17 -7.00 -7.68 14.78
CA GLY D 17 -7.82 -8.20 15.90
C GLY D 17 -9.21 -8.58 15.41
N LEU D 18 -9.53 -8.34 14.16
CA LEU D 18 -10.90 -8.66 13.65
C LEU D 18 -10.77 -9.56 12.42
N GLN D 19 -11.57 -10.58 12.36
CA GLN D 19 -11.54 -11.50 11.19
C GLN D 19 -12.46 -10.93 10.11
N LEU D 20 -11.91 -10.49 9.02
CA LEU D 20 -12.75 -9.90 7.95
C LEU D 20 -13.08 -10.95 6.90
N TYR D 21 -14.32 -11.04 6.49
CA TYR D 21 -14.73 -12.04 5.46
C TYR D 21 -15.37 -11.30 4.27
N SER D 22 -14.93 -11.60 3.08
CA SER D 22 -15.50 -10.92 1.88
C SER D 22 -16.76 -11.64 1.38
N LEU D 23 -17.83 -10.89 1.19
CA LEU D 23 -19.12 -11.48 0.70
C LEU D 23 -19.49 -10.84 -0.65
N GLY D 24 -18.53 -10.18 -1.21
CA GLY D 24 -18.72 -9.56 -2.55
C GLY D 24 -18.01 -8.22 -2.65
N ILE D 25 -17.96 -7.68 -3.84
CA ILE D 25 -17.30 -6.36 -4.04
C ILE D 25 -18.37 -5.33 -4.36
N ALA D 26 -18.22 -4.12 -3.87
CA ALA D 26 -19.22 -3.04 -4.15
C ALA D 26 -18.55 -1.97 -4.99
N SER D 27 -19.28 -1.31 -5.85
CA SER D 27 -18.67 -0.24 -6.69
C SER D 27 -19.76 0.77 -7.04
N THR D 28 -19.42 2.04 -7.06
CA THR D 28 -20.44 3.08 -7.40
C THR D 28 -19.74 4.26 -8.08
N ILE D 29 -20.34 4.85 -9.08
CA ILE D 29 -19.72 6.01 -9.78
C ILE D 29 -20.60 7.24 -9.55
N SER D 30 -20.04 8.33 -9.12
CA SER D 30 -20.84 9.57 -8.90
C SER D 30 -19.91 10.70 -8.46
N ASP D 31 -20.27 11.41 -7.42
CA ASP D 31 -19.40 12.53 -6.94
C ASP D 31 -19.86 12.96 -5.55
N ASN D 32 -19.09 13.79 -4.88
CA ASN D 32 -19.46 14.21 -3.51
C ASN D 32 -19.20 13.05 -2.55
N VAL D 33 -18.46 13.29 -1.50
CA VAL D 33 -18.16 12.19 -0.54
C VAL D 33 -19.44 11.81 0.21
N ASP D 34 -20.28 12.76 0.49
CA ASP D 34 -21.53 12.44 1.23
C ASP D 34 -22.37 11.42 0.45
N GLU D 35 -22.51 11.61 -0.84
CA GLU D 35 -23.32 10.65 -1.66
C GLU D 35 -22.52 9.36 -1.87
N ILE D 36 -21.24 9.46 -2.11
CA ILE D 36 -20.43 8.23 -2.31
C ILE D 36 -20.45 7.38 -1.01
N VAL D 37 -20.12 7.97 0.10
CA VAL D 37 -20.11 7.20 1.37
C VAL D 37 -21.53 6.70 1.65
N GLU D 38 -22.50 7.57 1.56
CA GLU D 38 -23.91 7.15 1.83
C GLU D 38 -24.33 6.05 0.85
N ASN D 39 -23.97 6.19 -0.40
CA ASN D 39 -24.35 5.16 -1.40
C ASN D 39 -23.78 3.80 -0.98
N LEU D 40 -22.54 3.77 -0.60
CA LEU D 40 -21.93 2.47 -0.18
C LEU D 40 -22.52 2.07 1.18
N ARG D 41 -22.57 2.97 2.12
CA ARG D 41 -23.15 2.61 3.45
C ARG D 41 -24.50 1.91 3.25
N LYS D 42 -25.32 2.45 2.40
CA LYS D 42 -26.65 1.83 2.16
C LYS D 42 -26.46 0.43 1.57
N GLN D 43 -25.45 0.26 0.76
CA GLN D 43 -25.19 -1.08 0.16
C GLN D 43 -24.61 -2.00 1.22
N VAL D 44 -23.80 -1.50 2.10
CA VAL D 44 -23.24 -2.38 3.16
C VAL D 44 -24.33 -2.68 4.19
N LYS D 45 -24.98 -1.67 4.69
CA LYS D 45 -26.01 -1.90 5.73
C LYS D 45 -27.00 -2.96 5.26
N ALA D 46 -27.24 -2.98 3.97
CA ALA D 46 -28.20 -3.94 3.35
C ALA D 46 -27.54 -5.30 3.24
N LYS D 47 -26.25 -5.34 3.07
CA LYS D 47 -25.54 -6.63 2.99
C LYS D 47 -25.07 -7.01 4.37
N GLY D 48 -25.41 -6.24 5.38
CA GLY D 48 -25.01 -6.64 6.75
C GLY D 48 -23.48 -6.71 6.82
N GLY D 49 -22.81 -5.97 5.98
CA GLY D 49 -21.32 -5.99 5.99
C GLY D 49 -20.80 -5.25 7.22
N MET D 50 -19.52 -4.96 7.25
CA MET D 50 -18.94 -4.21 8.40
C MET D 50 -18.61 -2.78 7.98
N GLY D 51 -18.02 -2.63 6.82
CA GLY D 51 -17.66 -1.27 6.34
C GLY D 51 -16.86 -1.38 5.04
N LEU D 52 -16.02 -0.42 4.77
CA LEU D 52 -15.19 -0.45 3.52
C LEU D 52 -13.73 -0.16 3.86
N ILE D 53 -12.81 -0.82 3.21
CA ILE D 53 -11.36 -0.60 3.50
C ILE D 53 -10.67 0.04 2.29
N ALA D 54 -9.67 0.86 2.50
CA ALA D 54 -8.93 1.50 1.35
C ALA D 54 -9.65 2.76 0.85
N PHE D 55 -10.90 2.61 0.52
CA PHE D 55 -11.72 3.78 0.07
C PHE D 55 -10.88 4.64 -0.89
N ARG D 56 -11.41 5.73 -1.39
CA ARG D 56 -10.61 6.61 -2.31
C ARG D 56 -11.52 7.72 -2.85
N ILE D 57 -10.97 8.88 -3.05
CA ILE D 57 -11.80 10.01 -3.59
C ILE D 57 -11.86 9.90 -5.12
N THR D 58 -12.95 10.29 -5.70
CA THR D 58 -13.09 10.21 -7.18
C THR D 58 -12.37 11.42 -7.81
N CYS D 59 -13.06 12.19 -8.59
CA CYS D 59 -12.43 13.38 -9.24
C CYS D 59 -13.51 14.28 -9.82
N ALA D 60 -13.14 15.18 -10.68
CA ALA D 60 -14.16 16.09 -11.29
C ALA D 60 -15.20 15.27 -12.05
N ASP D 61 -14.79 14.62 -13.11
CA ASP D 61 -15.75 13.80 -13.89
C ASP D 61 -15.97 12.45 -13.19
N GLY D 62 -15.62 11.38 -13.84
CA GLY D 62 -15.82 10.03 -13.22
C GLY D 62 -14.76 9.07 -13.75
N LYS D 63 -13.51 9.44 -13.65
CA LYS D 63 -12.42 8.54 -14.15
C LYS D 63 -12.03 7.54 -13.07
N PHE D 64 -12.10 7.93 -11.82
CA PHE D 64 -11.73 7.01 -10.71
C PHE D 64 -12.97 6.73 -9.87
N LEU D 65 -13.16 5.50 -9.44
CA LEU D 65 -14.34 5.14 -8.61
C LEU D 65 -13.89 4.92 -7.17
N GLY D 66 -14.81 4.94 -6.24
CA GLY D 66 -14.46 4.72 -4.81
C GLY D 66 -14.98 3.35 -4.38
N TYR D 67 -14.86 2.37 -5.21
CA TYR D 67 -15.34 1.02 -4.86
C TYR D 67 -14.55 0.45 -3.67
N GLY D 68 -14.71 -0.82 -3.43
CA GLY D 68 -13.97 -1.46 -2.31
C GLY D 68 -14.48 -2.89 -2.10
N THR D 69 -13.87 -3.64 -1.23
CA THR D 69 -14.34 -5.03 -0.96
C THR D 69 -15.23 -5.00 0.28
N ILE D 70 -16.35 -5.66 0.23
CA ILE D 70 -17.25 -5.71 1.41
C ILE D 70 -16.68 -6.73 2.37
N VAL D 71 -16.61 -6.44 3.64
CA VAL D 71 -16.05 -7.44 4.61
C VAL D 71 -17.07 -7.69 5.73
N LYS D 72 -16.90 -8.76 6.46
CA LYS D 72 -17.84 -9.06 7.58
C LYS D 72 -17.13 -9.91 8.62
N ALA D 73 -17.35 -9.67 9.88
CA ALA D 73 -16.66 -10.50 10.93
C ALA D 73 -17.68 -11.45 11.55
N ASP D 74 -17.25 -12.58 12.02
CA ASP D 74 -18.20 -13.54 12.64
C ASP D 74 -18.60 -13.01 14.03
N GLU D 75 -18.94 -13.89 14.93
CA GLU D 75 -19.34 -13.45 16.30
C GLU D 75 -19.29 -14.63 17.27
N ALA D 76 -18.14 -14.97 17.76
CA ALA D 76 -18.02 -16.11 18.70
C ALA D 76 -16.55 -16.34 19.05
N GLN D 77 -15.65 -15.73 18.33
CA GLN D 77 -14.19 -15.91 18.60
C GLN D 77 -13.83 -17.39 18.40
N PHE D 78 -14.28 -18.25 19.27
CA PHE D 78 -13.97 -19.70 19.12
C PHE D 78 -14.96 -20.34 18.14
N THR D 79 -14.54 -20.60 16.94
CA THR D 79 -15.46 -21.22 15.94
C THR D 79 -16.04 -22.52 16.51
N MET D 80 -17.21 -22.46 17.08
CA MET D 80 -17.83 -23.69 17.66
C MET D 80 -16.81 -24.41 18.55
N ALA D 81 -16.40 -25.59 18.17
CA ALA D 81 -15.41 -26.33 19.00
C ALA D 81 -14.05 -25.63 18.92
N MET E 1 5.97 15.80 32.28
CA MET E 1 5.41 16.16 30.94
C MET E 1 5.31 14.91 30.07
N ILE E 2 4.14 14.63 29.56
CA ILE E 2 3.96 13.42 28.70
C ILE E 2 3.11 13.78 27.48
N PHE E 3 2.60 14.99 27.43
CA PHE E 3 1.76 15.39 26.28
C PHE E 3 2.66 15.74 25.09
N GLU E 4 3.73 15.01 24.91
CA GLU E 4 4.64 15.30 23.78
C GLU E 4 3.96 14.95 22.45
N ASP E 5 3.42 13.76 22.35
CA ASP E 5 2.74 13.36 21.08
C ASP E 5 1.46 14.17 20.92
N LYS E 6 1.37 14.97 19.89
CA LYS E 6 0.14 15.80 19.67
C LYS E 6 -0.23 15.77 18.17
N PHE E 7 0.58 16.39 17.36
CA PHE E 7 0.36 16.41 15.88
C PHE E 7 1.35 15.46 15.22
N ILE E 8 0.86 14.50 14.48
CA ILE E 8 1.78 13.54 13.78
C ILE E 8 1.32 13.35 12.34
N ILE E 9 2.22 13.44 11.40
CA ILE E 9 1.85 13.25 9.95
C ILE E 9 2.69 12.10 9.39
N THR E 10 2.05 11.05 8.98
CA THR E 10 2.79 9.87 8.40
C THR E 10 2.39 9.69 6.94
N THR E 11 3.34 9.51 6.07
CA THR E 11 2.99 9.31 4.64
C THR E 11 2.70 7.84 4.35
N ALA E 12 1.70 7.27 4.97
CA ALA E 12 1.42 5.82 4.77
C ALA E 12 0.28 5.42 5.73
N ASP E 13 0.58 4.64 6.75
CA ASP E 13 -0.46 4.21 7.72
C ASP E 13 0.11 3.09 8.60
N GLU E 14 0.28 3.34 9.87
CA GLU E 14 0.83 2.27 10.75
C GLU E 14 0.79 2.75 12.22
N ILE E 15 1.89 3.26 12.72
CA ILE E 15 1.93 3.72 14.13
C ILE E 15 1.60 2.55 15.07
N PRO E 16 2.40 1.50 15.01
CA PRO E 16 2.19 0.31 15.84
C PRO E 16 2.38 0.67 17.33
N GLY E 17 1.75 -0.05 18.22
CA GLY E 17 1.92 0.27 19.66
C GLY E 17 0.85 1.25 20.12
N LEU E 18 0.08 1.80 19.21
CA LEU E 18 -0.98 2.79 19.61
C LEU E 18 -2.33 2.32 19.08
N GLN E 19 -3.34 2.43 19.89
CA GLN E 19 -4.71 2.02 19.45
C GLN E 19 -5.36 3.21 18.73
N LEU E 20 -5.50 3.12 17.44
CA LEU E 20 -6.11 4.25 16.69
C LEU E 20 -7.63 4.07 16.62
N TYR E 21 -8.37 5.12 16.83
CA TYR E 21 -9.87 5.04 16.78
C TYR E 21 -10.39 5.93 15.66
N SER E 22 -11.23 5.43 14.80
CA SER E 22 -11.74 6.27 13.68
C SER E 22 -12.55 7.46 14.22
N LEU E 23 -12.22 8.64 13.78
CA LEU E 23 -12.96 9.87 14.20
C LEU E 23 -13.65 10.45 12.97
N GLY E 24 -13.63 9.73 11.88
CA GLY E 24 -14.34 10.20 10.65
C GLY E 24 -13.33 10.37 9.52
N ILE E 25 -13.71 11.08 8.49
CA ILE E 25 -12.79 11.32 7.34
C ILE E 25 -12.71 12.82 7.05
N ALA E 26 -11.56 13.28 6.67
CA ALA E 26 -11.38 14.74 6.35
C ALA E 26 -11.04 14.89 4.87
N SER E 27 -11.45 15.97 4.28
CA SER E 27 -11.16 16.21 2.84
C SER E 27 -11.11 17.72 2.60
N THR E 28 -10.13 18.21 1.89
CA THR E 28 -10.05 19.68 1.64
C THR E 28 -9.39 19.91 0.27
N ILE E 29 -9.76 20.96 -0.41
CA ILE E 29 -9.13 21.26 -1.73
C ILE E 29 -8.62 22.71 -1.70
N SER E 30 -7.41 22.93 -2.14
CA SER E 30 -6.86 24.31 -2.16
C SER E 30 -5.84 24.44 -3.30
N ASP E 31 -4.88 25.31 -3.16
CA ASP E 31 -3.87 25.51 -4.25
C ASP E 31 -2.52 24.90 -3.88
N ASN E 32 -1.72 25.61 -3.13
CA ASN E 32 -0.39 25.07 -2.69
C ASN E 32 -0.60 24.15 -1.49
N VAL E 33 0.40 23.36 -1.18
CA VAL E 33 0.30 22.41 -0.04
C VAL E 33 0.24 23.18 1.28
N ASP E 34 0.88 24.31 1.34
CA ASP E 34 0.87 25.12 2.60
C ASP E 34 -0.58 25.38 3.03
N GLU E 35 -1.44 25.68 2.10
CA GLU E 35 -2.87 25.94 2.47
C GLU E 35 -3.56 24.60 2.74
N ILE E 36 -3.22 23.57 2.04
CA ILE E 36 -3.89 22.25 2.28
C ILE E 36 -3.54 21.77 3.70
N VAL E 37 -2.27 21.72 4.03
CA VAL E 37 -1.89 21.22 5.38
C VAL E 37 -2.45 22.17 6.45
N GLU E 38 -2.24 23.44 6.28
CA GLU E 38 -2.74 24.41 7.31
C GLU E 38 -4.26 24.26 7.44
N ASN E 39 -4.95 24.07 6.36
CA ASN E 39 -6.43 23.93 6.46
C ASN E 39 -6.79 22.61 7.14
N LEU E 40 -6.08 21.55 6.85
CA LEU E 40 -6.38 20.26 7.50
C LEU E 40 -6.02 20.36 8.98
N ARG E 41 -4.88 20.91 9.31
CA ARG E 41 -4.52 21.02 10.75
C ARG E 41 -5.71 21.60 11.53
N LYS E 42 -6.18 22.75 11.13
CA LYS E 42 -7.34 23.36 11.86
C LYS E 42 -8.51 22.37 11.89
N GLN E 43 -8.64 21.56 10.87
CA GLN E 43 -9.77 20.58 10.83
C GLN E 43 -9.47 19.42 11.77
N VAL E 44 -8.25 18.95 11.80
CA VAL E 44 -7.91 17.83 12.69
C VAL E 44 -7.77 18.36 14.12
N LYS E 45 -6.98 19.38 14.33
CA LYS E 45 -6.76 19.88 15.72
C LYS E 45 -8.10 20.24 16.35
N ALA E 46 -9.05 20.63 15.52
CA ALA E 46 -10.39 21.02 16.00
C ALA E 46 -11.18 19.79 16.38
N LYS E 47 -10.90 18.68 15.74
CA LYS E 47 -11.59 17.42 16.08
C LYS E 47 -10.84 16.74 17.22
N GLY E 48 -9.91 17.41 17.85
CA GLY E 48 -9.19 16.78 18.98
C GLY E 48 -8.57 15.46 18.51
N GLY E 49 -8.24 15.38 17.24
CA GLY E 49 -7.62 14.14 16.71
C GLY E 49 -6.15 14.06 17.12
N MET E 50 -5.42 13.14 16.55
CA MET E 50 -3.97 13.01 16.85
C MET E 50 -3.16 13.59 15.69
N GLY E 51 -3.62 13.39 14.48
CA GLY E 51 -2.89 13.92 13.30
C GLY E 51 -3.56 13.43 12.01
N LEU E 52 -2.81 13.32 10.94
CA LEU E 52 -3.40 12.85 9.65
C LEU E 52 -2.57 11.68 9.11
N ILE E 53 -3.24 10.65 8.64
CA ILE E 53 -2.51 9.45 8.12
C ILE E 53 -2.68 9.36 6.61
N ALA E 54 -1.71 8.88 5.88
CA ALA E 54 -1.84 8.78 4.41
C ALA E 54 -1.90 10.16 3.79
N PHE E 55 -0.76 10.73 3.48
CA PHE E 55 -0.72 12.09 2.88
C PHE E 55 0.33 12.12 1.78
N ARG E 56 -0.03 11.67 0.60
CA ARG E 56 0.93 11.66 -0.55
C ARG E 56 0.37 12.50 -1.69
N ILE E 57 -0.71 13.21 -1.45
CA ILE E 57 -1.31 14.05 -2.52
C ILE E 57 -1.67 13.18 -3.73
N THR E 58 -1.38 11.90 -3.66
CA THR E 58 -1.70 11.00 -4.80
C THR E 58 -1.07 11.53 -6.08
N CYS E 59 -1.75 12.40 -6.78
CA CYS E 59 -1.17 12.95 -8.04
C CYS E 59 -0.11 14.00 -7.70
N ALA E 60 -0.29 15.22 -8.16
CA ALA E 60 0.71 16.28 -7.86
C ALA E 60 0.01 17.64 -7.80
N ASP E 61 -0.63 17.95 -6.71
CA ASP E 61 -1.33 19.26 -6.59
C ASP E 61 -2.25 19.46 -7.81
N GLY E 62 -2.58 18.40 -8.50
CA GLY E 62 -3.46 18.57 -9.70
C GLY E 62 -4.91 18.78 -9.24
N LYS E 63 -5.85 18.21 -9.93
CA LYS E 63 -7.29 18.37 -9.53
C LYS E 63 -7.68 17.24 -8.59
N PHE E 64 -7.04 17.14 -7.45
CA PHE E 64 -7.37 16.06 -6.47
C PHE E 64 -7.40 16.65 -5.07
N LEU E 65 -7.54 15.81 -4.06
CA LEU E 65 -7.59 16.30 -2.66
C LEU E 65 -6.75 15.41 -1.76
N GLY E 66 -6.14 15.98 -0.76
CA GLY E 66 -5.30 15.17 0.18
C GLY E 66 -6.18 14.60 1.28
N TYR E 67 -7.15 13.80 0.91
CA TYR E 67 -8.05 13.21 1.95
C TYR E 67 -7.23 12.46 3.00
N GLY E 68 -7.89 12.08 4.05
CA GLY E 68 -7.18 11.35 5.15
C GLY E 68 -8.19 10.90 6.20
N THR E 69 -7.83 9.96 7.02
CA THR E 69 -8.76 9.49 8.09
C THR E 69 -8.32 10.10 9.42
N ILE E 70 -9.23 10.63 10.18
CA ILE E 70 -8.87 11.21 11.50
C ILE E 70 -8.88 10.08 12.52
N VAL E 71 -7.90 10.03 13.38
CA VAL E 71 -7.85 8.93 14.40
C VAL E 71 -7.57 9.51 15.78
N LYS E 72 -7.78 8.73 16.80
CA LYS E 72 -7.51 9.21 18.19
C LYS E 72 -7.21 8.00 19.08
N ALA E 73 -6.28 8.12 19.98
CA ALA E 73 -5.96 6.96 20.88
C ALA E 73 -6.58 7.22 22.25
N ASP E 74 -6.93 6.19 22.97
CA ASP E 74 -7.54 6.40 24.32
C ASP E 74 -6.45 6.85 25.30
N GLU E 75 -5.23 6.95 24.84
CA GLU E 75 -4.13 7.40 25.75
C GLU E 75 -3.90 6.34 26.83
N ALA E 76 -4.38 5.15 26.62
CA ALA E 76 -4.19 4.08 27.65
C ALA E 76 -4.88 4.49 28.96
N GLN E 77 -5.52 5.63 28.98
CA GLN E 77 -6.21 6.08 30.22
C GLN E 77 -5.25 6.00 31.40
N PHE E 78 -5.76 5.85 32.59
CA PHE E 78 -4.87 5.77 33.79
C PHE E 78 -3.90 4.60 33.63
N THR E 79 -2.81 4.61 34.35
CA THR E 79 -1.83 3.50 34.25
C THR E 79 -2.32 2.31 35.08
N MET E 80 -1.74 1.16 34.89
CA MET E 80 -2.17 -0.04 35.66
C MET E 80 -0.93 -0.84 36.09
N ALA E 81 -0.36 -0.50 37.21
CA ALA E 81 0.84 -1.23 37.69
C ALA E 81 1.09 -0.90 39.16
N MET A 1 32.40 13.32 -6.58
CA MET A 1 33.22 13.32 -5.34
C MET A 1 32.32 13.41 -4.12
N ILE A 2 31.56 12.38 -3.86
CA ILE A 2 30.64 12.40 -2.68
C ILE A 2 31.35 11.75 -1.48
N PHE A 3 31.01 12.16 -0.29
CA PHE A 3 31.65 11.56 0.92
C PHE A 3 30.83 10.35 1.39
N GLU A 4 30.82 9.30 0.60
CA GLU A 4 30.06 8.08 0.97
C GLU A 4 28.59 8.43 1.23
N ASP A 5 28.25 8.78 2.45
CA ASP A 5 26.83 9.13 2.76
C ASP A 5 25.92 7.94 2.38
N LYS A 6 25.52 7.16 3.35
CA LYS A 6 24.64 5.99 3.05
C LYS A 6 23.19 6.47 2.96
N PHE A 7 22.66 6.55 1.77
CA PHE A 7 21.24 6.98 1.60
C PHE A 7 20.36 5.76 1.31
N ILE A 8 19.36 5.53 2.11
CA ILE A 8 18.49 4.32 1.90
C ILE A 8 17.11 4.75 1.41
N ILE A 9 16.64 4.12 0.36
CA ILE A 9 15.28 4.45 -0.18
C ILE A 9 14.55 3.15 -0.47
N THR A 10 13.48 2.87 0.23
CA THR A 10 12.73 1.60 0.01
C THR A 10 11.27 1.93 -0.33
N THR A 11 10.59 1.00 -0.94
CA THR A 11 9.15 1.21 -1.29
C THR A 11 8.26 0.59 -0.20
N ALA A 12 7.57 -0.49 -0.51
CA ALA A 12 6.73 -1.16 0.52
C ALA A 12 6.05 -0.14 1.44
N ASP A 13 6.54 0.00 2.64
CA ASP A 13 5.94 0.98 3.60
C ASP A 13 7.04 1.64 4.43
N GLU A 14 7.74 0.89 5.23
CA GLU A 14 8.82 1.49 6.07
C GLU A 14 9.89 0.44 6.36
N ILE A 15 10.77 0.72 7.29
CA ILE A 15 11.86 -0.26 7.63
C ILE A 15 11.67 -0.73 9.09
N PRO A 16 11.06 -1.88 9.28
CA PRO A 16 10.83 -2.43 10.64
C PRO A 16 12.17 -2.67 11.35
N GLY A 17 12.16 -2.69 12.66
CA GLY A 17 13.44 -2.93 13.40
C GLY A 17 14.12 -1.61 13.73
N LEU A 18 13.62 -0.53 13.21
CA LEU A 18 14.23 0.80 13.46
C LEU A 18 13.15 1.79 13.92
N GLN A 19 13.48 2.64 14.85
CA GLN A 19 12.48 3.65 15.32
C GLN A 19 12.60 4.85 14.39
N LEU A 20 11.56 5.16 13.68
CA LEU A 20 11.61 6.34 12.76
C LEU A 20 10.91 7.52 13.41
N TYR A 21 11.49 8.70 13.32
CA TYR A 21 10.86 9.91 13.93
C TYR A 21 10.44 10.86 12.83
N SER A 22 9.22 11.33 12.82
CA SER A 22 8.78 12.27 11.75
C SER A 22 9.41 13.64 11.99
N LEU A 23 10.11 14.14 11.01
CA LEU A 23 10.74 15.49 11.13
C LEU A 23 10.02 16.44 10.17
N GLY A 24 8.93 15.99 9.58
CA GLY A 24 8.15 16.88 8.67
C GLY A 24 7.88 16.17 7.35
N ILE A 25 7.44 16.90 6.38
CA ILE A 25 7.13 16.31 5.04
C ILE A 25 7.96 17.00 3.97
N ALA A 26 8.43 16.26 3.00
CA ALA A 26 9.25 16.88 1.90
C ALA A 26 8.48 16.77 0.59
N SER A 27 8.72 17.65 -0.33
CA SER A 27 7.98 17.60 -1.62
C SER A 27 8.86 18.21 -2.71
N THR A 28 8.77 17.69 -3.91
CA THR A 28 9.58 18.21 -5.04
C THR A 28 8.76 18.15 -6.32
N ILE A 29 8.71 19.22 -7.06
CA ILE A 29 7.95 19.25 -8.35
C ILE A 29 8.95 19.20 -9.49
N SER A 30 8.56 18.69 -10.63
CA SER A 30 9.45 18.61 -11.85
C SER A 30 9.58 17.15 -12.26
N ASP A 31 10.72 16.77 -12.80
CA ASP A 31 10.93 15.37 -13.24
C ASP A 31 12.40 15.01 -13.00
N ASN A 32 12.90 13.99 -13.66
CA ASN A 32 14.30 13.56 -13.42
C ASN A 32 14.41 12.93 -12.04
N VAL A 33 14.44 11.63 -11.95
CA VAL A 33 14.54 10.97 -10.63
C VAL A 33 15.86 11.35 -9.96
N ASP A 34 16.90 11.51 -10.74
CA ASP A 34 18.22 11.88 -10.15
C ASP A 34 18.09 13.21 -9.40
N GLU A 35 17.37 14.15 -9.97
CA GLU A 35 17.22 15.48 -9.31
C GLU A 35 16.22 15.36 -8.16
N ILE A 36 15.15 14.64 -8.33
CA ILE A 36 14.17 14.49 -7.23
C ILE A 36 14.84 13.76 -6.05
N VAL A 37 15.42 12.62 -6.30
CA VAL A 37 16.09 11.87 -5.20
C VAL A 37 17.14 12.78 -4.55
N GLU A 38 17.98 13.38 -5.34
CA GLU A 38 19.04 14.27 -4.78
C GLU A 38 18.39 15.41 -4.00
N ASN A 39 17.32 15.96 -4.49
CA ASN A 39 16.66 17.08 -3.77
C ASN A 39 16.16 16.58 -2.41
N LEU A 40 15.57 15.42 -2.36
CA LEU A 40 15.09 14.88 -1.06
C LEU A 40 16.30 14.48 -0.22
N ARG A 41 17.22 13.74 -0.77
CA ARG A 41 18.43 13.32 0.01
C ARG A 41 19.02 14.55 0.72
N LYS A 42 19.22 15.60 -0.02
CA LYS A 42 19.81 16.84 0.59
C LYS A 42 18.87 17.40 1.67
N GLN A 43 17.59 17.31 1.45
CA GLN A 43 16.62 17.82 2.46
C GLN A 43 16.52 16.84 3.62
N VAL A 44 16.60 15.58 3.34
CA VAL A 44 16.52 14.57 4.41
C VAL A 44 17.76 14.67 5.30
N LYS A 45 18.94 14.66 4.72
CA LYS A 45 20.16 14.68 5.58
C LYS A 45 20.25 16.02 6.31
N ALA A 46 19.89 17.07 5.61
CA ALA A 46 19.94 18.43 6.22
C ALA A 46 19.08 18.44 7.48
N LYS A 47 18.04 17.67 7.50
CA LYS A 47 17.17 17.61 8.70
C LYS A 47 17.73 16.58 9.68
N GLY A 48 18.78 15.88 9.32
CA GLY A 48 19.37 14.88 10.26
C GLY A 48 18.75 13.50 10.00
N GLY A 49 17.99 13.38 8.94
CA GLY A 49 17.35 12.07 8.64
C GLY A 49 18.41 11.08 8.14
N MET A 50 18.01 10.07 7.41
CA MET A 50 19.02 9.10 6.89
C MET A 50 18.41 8.22 5.78
N GLY A 51 17.11 8.12 5.70
CA GLY A 51 16.50 7.30 4.63
C GLY A 51 15.11 7.83 4.31
N LEU A 52 14.60 7.50 3.15
CA LEU A 52 13.24 7.97 2.75
C LEU A 52 12.33 6.76 2.55
N ILE A 53 11.10 6.86 3.00
CA ILE A 53 10.15 5.71 2.86
C ILE A 53 9.01 6.09 1.93
N ALA A 54 8.48 5.17 1.18
CA ALA A 54 7.33 5.50 0.28
C ALA A 54 7.78 6.37 -0.89
N PHE A 55 8.28 5.75 -1.93
CA PHE A 55 8.75 6.51 -3.13
C PHE A 55 8.00 6.01 -4.37
N ARG A 56 7.02 6.76 -4.83
CA ARG A 56 6.24 6.34 -6.03
C ARG A 56 6.32 7.43 -7.10
N ILE A 57 6.48 7.03 -8.34
CA ILE A 57 6.56 8.02 -9.45
C ILE A 57 5.84 7.40 -10.66
N THR A 58 4.71 7.95 -11.04
CA THR A 58 3.97 7.39 -12.21
C THR A 58 4.59 7.93 -13.49
N CYS A 59 5.18 7.07 -14.29
CA CYS A 59 5.81 7.52 -15.57
C CYS A 59 6.49 8.89 -15.38
N ALA A 60 6.33 9.77 -16.32
CA ALA A 60 6.95 11.12 -16.19
C ALA A 60 6.13 12.13 -17.00
N ASP A 61 4.83 12.08 -16.87
CA ASP A 61 3.96 13.03 -17.62
C ASP A 61 2.85 13.56 -16.70
N GLY A 62 2.62 12.89 -15.60
CA GLY A 62 1.56 13.33 -14.64
C GLY A 62 2.12 13.30 -13.22
N LYS A 63 1.31 13.64 -12.26
CA LYS A 63 1.77 13.62 -10.84
C LYS A 63 2.88 14.67 -10.65
N PHE A 64 4.04 14.44 -11.21
CA PHE A 64 5.16 15.42 -11.06
C PHE A 64 5.30 15.79 -9.57
N LEU A 65 5.44 14.81 -8.72
CA LEU A 65 5.59 15.12 -7.27
C LEU A 65 6.10 13.89 -6.53
N GLY A 66 7.35 13.87 -6.18
CA GLY A 66 7.91 12.70 -5.43
C GLY A 66 7.71 12.92 -3.94
N TYR A 67 6.48 13.05 -3.50
CA TYR A 67 6.21 13.28 -2.05
C TYR A 67 7.06 12.31 -1.21
N GLY A 68 7.52 12.75 -0.07
CA GLY A 68 8.34 11.87 0.79
C GLY A 68 8.34 12.41 2.22
N THR A 69 8.44 11.53 3.19
CA THR A 69 8.47 11.97 4.62
C THR A 69 9.89 11.83 5.15
N ILE A 70 10.33 12.77 5.94
CA ILE A 70 11.70 12.70 6.52
C ILE A 70 11.64 11.84 7.77
N VAL A 71 12.57 10.93 7.93
CA VAL A 71 12.55 10.06 9.15
C VAL A 71 13.90 10.17 9.86
N LYS A 72 13.93 9.90 11.14
CA LYS A 72 15.21 9.98 11.90
C LYS A 72 15.15 8.95 13.01
N ALA A 73 16.20 8.19 13.21
CA ALA A 73 16.20 7.18 14.32
C ALA A 73 17.13 7.69 15.42
N ASP A 74 16.84 7.37 16.66
CA ASP A 74 17.73 7.82 17.77
C ASP A 74 17.20 7.23 19.09
N GLU A 75 17.05 5.94 19.16
CA GLU A 75 16.53 5.30 20.42
C GLU A 75 17.71 4.68 21.19
N ALA A 76 17.72 3.38 21.34
CA ALA A 76 18.82 2.72 22.09
C ALA A 76 20.13 2.91 21.31
N GLN A 77 21.21 2.36 21.82
CA GLN A 77 22.52 2.49 21.13
C GLN A 77 23.12 1.09 20.92
N PHE A 78 24.29 0.85 21.47
CA PHE A 78 24.92 -0.50 21.29
C PHE A 78 24.86 -0.90 19.82
N THR A 79 25.72 -0.34 19.01
CA THR A 79 25.70 -0.69 17.55
C THR A 79 24.28 -0.58 17.01
N MET A 80 24.03 -1.14 15.85
CA MET A 80 22.66 -1.06 15.28
C MET A 80 21.67 -1.80 16.18
N ALA A 81 20.53 -1.22 16.45
CA ALA A 81 19.54 -1.89 17.33
C ALA A 81 18.17 -1.21 17.16
N MET B 1 18.51 -23.76 1.67
CA MET B 1 19.19 -24.32 0.46
C MET B 1 19.33 -23.23 -0.59
N ILE B 2 20.49 -23.09 -1.17
CA ILE B 2 20.70 -22.05 -2.22
C ILE B 2 19.93 -22.44 -3.48
N PHE B 3 19.98 -21.61 -4.48
CA PHE B 3 19.24 -21.92 -5.75
C PHE B 3 19.97 -21.28 -6.93
N GLU B 4 20.40 -22.08 -7.87
CA GLU B 4 21.13 -21.53 -9.05
C GLU B 4 20.14 -20.85 -10.00
N ASP B 5 20.17 -19.54 -10.07
CA ASP B 5 19.20 -18.82 -10.96
C ASP B 5 17.79 -18.96 -10.39
N LYS B 6 17.21 -17.88 -9.94
CA LYS B 6 15.83 -17.96 -9.38
C LYS B 6 15.29 -16.53 -9.22
N PHE B 7 14.48 -16.08 -10.15
CA PHE B 7 13.90 -14.70 -10.03
C PHE B 7 12.49 -14.79 -9.46
N ILE B 8 12.19 -13.97 -8.49
CA ILE B 8 10.84 -14.02 -7.83
C ILE B 8 10.19 -12.64 -7.90
N ILE B 9 8.91 -12.59 -8.13
CA ILE B 9 8.19 -11.28 -8.21
C ILE B 9 6.88 -11.41 -7.45
N THR B 10 6.69 -10.60 -6.43
CA THR B 10 5.42 -10.68 -5.62
C THR B 10 4.77 -9.30 -5.60
N THR B 11 3.48 -9.26 -5.39
CA THR B 11 2.77 -7.95 -5.33
C THR B 11 3.25 -7.20 -4.08
N ALA B 12 2.33 -6.67 -3.31
CA ALA B 12 2.69 -5.90 -2.09
C ALA B 12 2.67 -6.81 -0.86
N ASP B 13 3.83 -7.08 -0.33
CA ASP B 13 3.93 -7.98 0.85
C ASP B 13 5.29 -7.78 1.52
N GLU B 14 5.95 -8.86 1.85
CA GLU B 14 7.28 -8.72 2.52
C GLU B 14 7.93 -10.10 2.65
N ILE B 15 7.90 -10.89 1.60
CA ILE B 15 8.50 -12.28 1.62
C ILE B 15 9.14 -12.56 3.00
N PRO B 16 8.31 -12.86 3.98
CA PRO B 16 8.78 -13.09 5.35
C PRO B 16 9.72 -14.30 5.39
N GLY B 17 10.59 -14.35 6.37
CA GLY B 17 11.53 -15.50 6.47
C GLY B 17 12.84 -15.19 5.75
N LEU B 18 12.87 -14.12 4.98
CA LEU B 18 14.12 -13.77 4.24
C LEU B 18 14.54 -12.35 4.60
N GLN B 19 15.80 -12.12 4.82
CA GLN B 19 16.29 -10.76 5.14
C GLN B 19 16.54 -10.05 3.80
N LEU B 20 15.80 -9.01 3.52
CA LEU B 20 16.01 -8.29 2.23
C LEU B 20 16.88 -7.05 2.47
N TYR B 21 17.79 -6.78 1.57
CA TYR B 21 18.70 -5.61 1.73
C TYR B 21 18.47 -4.66 0.56
N SER B 22 18.26 -3.39 0.81
CA SER B 22 18.02 -2.43 -0.30
C SER B 22 19.30 -2.23 -1.14
N LEU B 23 19.18 -2.38 -2.42
CA LEU B 23 20.34 -2.17 -3.34
C LEU B 23 20.03 -0.98 -4.23
N GLY B 24 18.95 -0.29 -3.97
CA GLY B 24 18.61 0.92 -4.77
C GLY B 24 17.24 0.74 -5.43
N ILE B 25 17.01 1.45 -6.51
CA ILE B 25 15.70 1.35 -7.21
C ILE B 25 15.95 1.13 -8.71
N ALA B 26 15.12 0.33 -9.34
CA ALA B 26 15.29 0.06 -10.80
C ALA B 26 14.07 0.57 -11.56
N SER B 27 14.27 1.07 -12.75
CA SER B 27 13.12 1.58 -13.56
C SER B 27 13.47 1.44 -15.04
N THR B 28 12.52 1.10 -15.87
CA THR B 28 12.81 0.94 -17.33
C THR B 28 11.55 1.27 -18.14
N ILE B 29 11.72 1.72 -19.36
CA ILE B 29 10.54 2.07 -20.21
C ILE B 29 10.24 0.90 -21.16
N SER B 30 9.00 0.75 -21.55
CA SER B 30 8.63 -0.36 -22.48
C SER B 30 7.11 -0.40 -22.64
N ASP B 31 6.63 -0.71 -23.82
CA ASP B 31 5.16 -0.76 -24.05
C ASP B 31 4.63 -2.19 -23.83
N ASN B 32 5.26 -2.93 -22.96
CA ASN B 32 4.83 -4.33 -22.69
C ASN B 32 5.43 -4.82 -21.37
N VAL B 33 4.66 -5.57 -20.63
CA VAL B 33 5.15 -6.09 -19.32
C VAL B 33 6.25 -7.14 -19.57
N ASP B 34 6.09 -7.94 -20.59
CA ASP B 34 7.13 -8.97 -20.88
C ASP B 34 8.49 -8.31 -21.05
N GLU B 35 8.53 -7.16 -21.68
CA GLU B 35 9.83 -6.47 -21.87
C GLU B 35 10.26 -5.84 -20.54
N ILE B 36 9.33 -5.32 -19.78
CA ILE B 36 9.72 -4.71 -18.49
C ILE B 36 10.27 -5.79 -17.55
N VAL B 37 9.55 -6.85 -17.35
CA VAL B 37 10.03 -7.93 -16.43
C VAL B 37 11.42 -8.39 -16.88
N GLU B 38 11.57 -8.71 -18.14
CA GLU B 38 12.89 -9.17 -18.65
C GLU B 38 13.93 -8.05 -18.47
N ASN B 39 13.57 -6.83 -18.76
CA ASN B 39 14.53 -5.71 -18.60
C ASN B 39 14.95 -5.61 -17.14
N LEU B 40 14.03 -5.69 -16.23
CA LEU B 40 14.38 -5.62 -14.79
C LEU B 40 15.19 -6.88 -14.42
N ARG B 41 14.76 -8.04 -14.82
CA ARG B 41 15.53 -9.27 -14.48
C ARG B 41 17.01 -9.07 -14.85
N LYS B 42 17.26 -8.51 -16.00
CA LYS B 42 18.67 -8.30 -16.43
C LYS B 42 19.35 -7.25 -15.56
N GLN B 43 18.62 -6.23 -15.18
CA GLN B 43 19.20 -5.17 -14.30
C GLN B 43 19.29 -5.67 -12.86
N VAL B 44 18.33 -6.45 -12.46
CA VAL B 44 18.35 -6.99 -11.08
C VAL B 44 19.53 -7.96 -10.94
N LYS B 45 19.68 -8.90 -11.85
CA LYS B 45 20.78 -9.89 -11.68
C LYS B 45 22.13 -9.16 -11.72
N ALA B 46 22.16 -8.09 -12.47
CA ALA B 46 23.41 -7.28 -12.59
C ALA B 46 23.70 -6.60 -11.26
N LYS B 47 22.67 -6.26 -10.54
CA LYS B 47 22.84 -5.60 -9.22
C LYS B 47 23.05 -6.67 -8.15
N GLY B 48 22.93 -7.93 -8.51
CA GLY B 48 23.14 -9.01 -7.51
C GLY B 48 21.81 -9.28 -6.78
N GLY B 49 20.75 -8.70 -7.27
CA GLY B 49 19.41 -8.93 -6.62
C GLY B 49 18.83 -10.25 -7.11
N MET B 50 17.84 -10.77 -6.44
CA MET B 50 17.27 -12.10 -6.83
C MET B 50 15.75 -12.05 -6.80
N GLY B 51 15.17 -10.91 -6.50
CA GLY B 51 13.68 -10.84 -6.44
C GLY B 51 13.24 -9.38 -6.39
N LEU B 52 11.98 -9.13 -6.63
CA LEU B 52 11.46 -7.73 -6.60
C LEU B 52 10.13 -7.71 -5.85
N ILE B 53 9.91 -6.73 -5.02
CA ILE B 53 8.64 -6.65 -4.25
C ILE B 53 7.79 -5.49 -4.77
N ALA B 54 6.49 -5.56 -4.65
CA ALA B 54 5.60 -4.43 -5.11
C ALA B 54 5.40 -4.42 -6.62
N PHE B 55 6.47 -4.21 -7.35
CA PHE B 55 6.40 -4.24 -8.85
C PHE B 55 5.04 -3.66 -9.30
N ARG B 56 4.54 -2.66 -8.63
CA ARG B 56 3.22 -2.09 -9.02
C ARG B 56 3.31 -1.46 -10.40
N ILE B 57 2.21 -1.38 -11.09
CA ILE B 57 2.20 -0.78 -12.46
C ILE B 57 1.06 0.22 -12.57
N THR B 58 1.15 1.14 -13.49
CA THR B 58 0.08 2.17 -13.67
C THR B 58 -0.41 2.12 -15.12
N CYS B 59 -0.51 3.26 -15.77
CA CYS B 59 -0.98 3.28 -17.18
C CYS B 59 -0.54 4.59 -17.84
N ALA B 60 -0.35 4.58 -19.13
CA ALA B 60 0.09 5.83 -19.83
C ALA B 60 -0.04 5.63 -21.34
N ASP B 61 0.34 6.61 -22.12
CA ASP B 61 0.24 6.48 -23.60
C ASP B 61 1.33 5.53 -24.09
N GLY B 62 2.58 5.89 -23.93
CA GLY B 62 3.70 4.99 -24.37
C GLY B 62 4.78 4.95 -23.29
N LYS B 63 4.95 6.04 -22.58
CA LYS B 63 6.02 6.09 -21.54
C LYS B 63 5.94 4.86 -20.63
N PHE B 64 4.80 4.62 -20.06
CA PHE B 64 4.66 3.44 -19.16
C PHE B 64 5.68 3.55 -18.01
N LEU B 65 6.47 2.52 -17.80
CA LEU B 65 7.48 2.57 -16.70
C LEU B 65 6.78 2.73 -15.37
N GLY B 66 7.21 2.01 -14.36
CA GLY B 66 6.58 2.14 -13.01
C GLY B 66 7.68 2.41 -11.98
N TYR B 67 7.89 1.49 -11.08
CA TYR B 67 8.95 1.69 -10.05
C TYR B 67 9.11 0.40 -9.24
N GLY B 68 10.32 -0.06 -9.07
CA GLY B 68 10.54 -1.31 -8.29
C GLY B 68 11.80 -1.15 -7.44
N THR B 69 11.84 -1.76 -6.29
CA THR B 69 13.05 -1.64 -5.42
C THR B 69 13.88 -2.92 -5.56
N ILE B 70 15.17 -2.79 -5.68
CA ILE B 70 16.04 -4.00 -5.78
C ILE B 70 16.31 -4.52 -4.38
N VAL B 71 16.36 -5.81 -4.19
CA VAL B 71 16.63 -6.36 -2.83
C VAL B 71 17.65 -7.48 -2.91
N LYS B 72 18.31 -7.76 -1.81
CA LYS B 72 19.32 -8.86 -1.80
C LYS B 72 19.32 -9.49 -0.41
N ALA B 73 19.66 -10.76 -0.32
CA ALA B 73 19.70 -11.42 1.03
C ALA B 73 21.15 -11.80 1.32
N ASP B 74 21.53 -11.83 2.58
CA ASP B 74 22.93 -12.21 2.93
C ASP B 74 23.03 -13.73 3.00
N GLU B 75 24.23 -14.26 3.10
CA GLU B 75 24.40 -15.74 3.18
C GLU B 75 24.38 -16.16 4.65
N ALA B 76 23.51 -17.08 5.00
CA ALA B 76 23.44 -17.53 6.42
C ALA B 76 24.40 -18.70 6.62
N GLN B 77 25.26 -18.96 5.67
CA GLN B 77 26.22 -20.08 5.80
C GLN B 77 27.45 -19.61 6.57
N PHE B 78 27.78 -20.28 7.65
CA PHE B 78 28.97 -19.88 8.45
C PHE B 78 30.25 -20.37 7.77
N THR B 79 30.15 -20.77 6.53
CA THR B 79 31.36 -21.26 5.81
C THR B 79 31.08 -21.28 4.30
N MET B 80 30.18 -20.46 3.85
CA MET B 80 29.86 -20.43 2.39
C MET B 80 29.56 -21.85 1.90
N ALA B 81 29.71 -22.10 0.63
CA ALA B 81 29.45 -23.46 0.09
C ALA B 81 30.49 -24.44 0.65
N MET C 1 -17.65 -24.59 -9.80
CA MET C 1 -16.90 -24.26 -11.04
C MET C 1 -17.07 -22.76 -11.35
N ILE C 2 -18.22 -22.37 -11.80
CA ILE C 2 -18.44 -20.93 -12.13
C ILE C 2 -18.53 -20.12 -10.83
N PHE C 3 -18.89 -20.77 -9.74
CA PHE C 3 -18.99 -20.04 -8.45
C PHE C 3 -18.94 -21.05 -7.30
N GLU C 4 -19.42 -22.24 -7.51
CA GLU C 4 -19.39 -23.28 -6.43
C GLU C 4 -17.94 -23.70 -6.18
N ASP C 5 -17.01 -23.12 -6.88
CA ASP C 5 -15.58 -23.50 -6.68
C ASP C 5 -15.06 -22.85 -5.40
N LYS C 6 -13.80 -22.48 -5.37
CA LYS C 6 -13.22 -21.84 -4.15
C LYS C 6 -12.33 -20.69 -4.57
N PHE C 7 -12.90 -19.58 -4.98
CA PHE C 7 -12.07 -18.40 -5.40
C PHE C 7 -12.09 -17.38 -4.25
N ILE C 8 -10.98 -16.69 -4.04
CA ILE C 8 -10.93 -15.66 -2.96
C ILE C 8 -10.30 -14.38 -3.52
N ILE C 9 -10.87 -13.25 -3.21
CA ILE C 9 -10.31 -11.96 -3.70
C ILE C 9 -10.35 -10.94 -2.57
N THR C 10 -9.20 -10.50 -2.10
CA THR C 10 -9.17 -9.52 -0.98
C THR C 10 -8.40 -8.28 -1.44
N THR C 11 -8.63 -7.17 -0.78
CA THR C 11 -7.90 -5.92 -1.10
C THR C 11 -7.04 -5.58 0.12
N ALA C 12 -5.86 -6.16 0.18
CA ALA C 12 -4.94 -5.84 1.31
C ALA C 12 -3.50 -6.06 0.87
N ASP C 13 -2.71 -6.73 1.68
CA ASP C 13 -1.30 -6.98 1.32
C ASP C 13 -1.12 -8.46 0.95
N GLU C 14 -1.48 -9.35 1.84
CA GLU C 14 -1.33 -10.81 1.53
C GLU C 14 -2.16 -11.61 2.53
N ILE C 15 -2.14 -12.91 2.44
CA ILE C 15 -2.92 -13.77 3.38
C ILE C 15 -1.94 -14.56 4.28
N PRO C 16 -1.59 -14.01 5.43
CA PRO C 16 -0.65 -14.65 6.36
C PRO C 16 -1.20 -16.01 6.82
N GLY C 17 -0.33 -16.91 7.24
CA GLY C 17 -0.80 -18.24 7.72
C GLY C 17 -0.78 -19.24 6.56
N LEU C 18 -0.49 -18.79 5.37
CA LEU C 18 -0.47 -19.70 4.19
C LEU C 18 0.82 -19.48 3.41
N GLN C 19 1.41 -20.55 2.92
CA GLN C 19 2.67 -20.44 2.13
C GLN C 19 2.29 -20.15 0.68
N LEU C 20 2.51 -18.94 0.23
CA LEU C 20 2.13 -18.60 -1.17
C LEU C 20 3.39 -18.36 -2.02
N TYR C 21 3.48 -19.01 -3.16
CA TYR C 21 4.67 -18.81 -4.06
C TYR C 21 4.20 -18.11 -5.34
N SER C 22 5.00 -17.22 -5.86
CA SER C 22 4.63 -16.49 -7.10
C SER C 22 4.70 -17.43 -8.32
N LEU C 23 3.71 -17.36 -9.17
CA LEU C 23 3.68 -18.22 -10.39
C LEU C 23 3.64 -17.32 -11.63
N GLY C 24 3.90 -16.06 -11.44
CA GLY C 24 3.93 -15.11 -12.59
C GLY C 24 2.96 -13.96 -12.36
N ILE C 25 2.83 -13.11 -13.33
CA ILE C 25 1.92 -11.94 -13.24
C ILE C 25 0.79 -12.10 -14.26
N ALA C 26 -0.42 -11.77 -13.87
CA ALA C 26 -1.58 -11.89 -14.82
C ALA C 26 -2.10 -10.51 -15.17
N SER C 27 -2.54 -10.30 -16.38
CA SER C 27 -3.05 -8.96 -16.78
C SER C 27 -4.07 -9.12 -17.92
N THR C 28 -5.05 -8.28 -17.96
CA THR C 28 -6.09 -8.38 -19.02
C THR C 28 -6.65 -6.99 -19.33
N ILE C 29 -6.82 -6.69 -20.59
CA ILE C 29 -7.34 -5.34 -21.00
C ILE C 29 -8.78 -5.51 -21.50
N SER C 30 -9.56 -4.46 -21.49
CA SER C 30 -10.97 -4.53 -21.98
C SER C 30 -11.75 -5.51 -21.14
N ASP C 31 -12.30 -5.06 -20.03
CA ASP C 31 -13.08 -5.96 -19.15
C ASP C 31 -13.44 -5.20 -17.85
N ASN C 32 -14.67 -5.28 -17.43
CA ASN C 32 -15.09 -4.61 -16.16
C ASN C 32 -14.76 -5.54 -15.02
N VAL C 33 -14.94 -5.11 -13.79
CA VAL C 33 -14.55 -5.97 -12.61
C VAL C 33 -15.06 -7.39 -12.87
N ASP C 34 -16.26 -7.48 -13.37
CA ASP C 34 -16.87 -8.82 -13.63
C ASP C 34 -16.05 -9.57 -14.69
N GLU C 35 -15.73 -8.93 -15.79
CA GLU C 35 -14.95 -9.64 -16.84
C GLU C 35 -13.50 -9.80 -16.37
N ILE C 36 -12.96 -8.83 -15.69
CA ILE C 36 -11.56 -8.96 -15.20
C ILE C 36 -11.46 -10.16 -14.23
N VAL C 37 -12.31 -10.19 -13.23
CA VAL C 37 -12.22 -11.31 -12.25
C VAL C 37 -12.42 -12.64 -12.97
N GLU C 38 -13.44 -12.74 -13.80
CA GLU C 38 -13.70 -14.02 -14.51
C GLU C 38 -12.44 -14.42 -15.30
N ASN C 39 -11.74 -13.47 -15.84
CA ASN C 39 -10.52 -13.81 -16.64
C ASN C 39 -9.36 -14.18 -15.70
N LEU C 40 -9.22 -13.52 -14.60
CA LEU C 40 -8.10 -13.84 -13.67
C LEU C 40 -8.38 -15.16 -12.95
N ARG C 41 -9.51 -15.29 -12.31
CA ARG C 41 -9.82 -16.58 -11.61
C ARG C 41 -9.52 -17.76 -12.55
N LYS C 42 -9.94 -17.65 -13.78
CA LYS C 42 -9.69 -18.76 -14.73
C LYS C 42 -8.18 -19.00 -14.88
N GLN C 43 -7.39 -17.96 -14.78
CA GLN C 43 -5.92 -18.13 -14.91
C GLN C 43 -5.33 -18.77 -13.66
N VAL C 44 -5.83 -18.44 -12.50
CA VAL C 44 -5.27 -19.01 -11.24
C VAL C 44 -5.77 -20.45 -11.06
N LYS C 45 -7.05 -20.69 -11.13
CA LYS C 45 -7.52 -22.08 -10.86
C LYS C 45 -6.90 -23.04 -11.89
N ALA C 46 -6.71 -22.51 -13.09
CA ALA C 46 -6.12 -23.32 -14.19
C ALA C 46 -4.63 -23.48 -13.97
N LYS C 47 -3.99 -22.49 -13.38
CA LYS C 47 -2.53 -22.58 -13.12
C LYS C 47 -2.32 -23.13 -11.71
N GLY C 48 -3.39 -23.27 -10.95
CA GLY C 48 -3.26 -23.83 -9.57
C GLY C 48 -3.40 -22.71 -8.55
N GLY C 49 -3.57 -21.48 -8.96
CA GLY C 49 -3.73 -20.40 -7.95
C GLY C 49 -5.02 -20.62 -7.16
N MET C 50 -5.38 -19.69 -6.33
CA MET C 50 -6.69 -19.83 -5.60
C MET C 50 -7.24 -18.46 -5.23
N GLY C 51 -6.66 -17.39 -5.73
CA GLY C 51 -7.19 -16.05 -5.38
C GLY C 51 -6.16 -14.98 -5.71
N LEU C 52 -6.58 -13.76 -5.75
CA LEU C 52 -5.66 -12.64 -6.05
C LEU C 52 -5.55 -11.71 -4.84
N ILE C 53 -4.42 -11.09 -4.66
CA ILE C 53 -4.23 -10.19 -3.49
C ILE C 53 -4.08 -8.74 -3.95
N ALA C 54 -4.60 -7.79 -3.22
CA ALA C 54 -4.47 -6.35 -3.61
C ALA C 54 -5.47 -6.01 -4.72
N PHE C 55 -5.49 -6.79 -5.76
CA PHE C 55 -6.45 -6.54 -6.87
C PHE C 55 -6.50 -5.04 -7.17
N ARG C 56 -5.45 -4.49 -7.70
CA ARG C 56 -5.42 -3.03 -7.98
C ARG C 56 -6.23 -2.72 -9.25
N ILE C 57 -7.01 -1.67 -9.22
CA ILE C 57 -7.84 -1.31 -10.41
C ILE C 57 -7.96 0.22 -10.46
N THR C 58 -7.74 0.81 -11.60
CA THR C 58 -7.87 2.29 -11.73
C THR C 58 -8.62 2.61 -13.03
N CYS C 59 -8.62 3.85 -13.45
CA CYS C 59 -9.34 4.24 -14.70
C CYS C 59 -8.48 5.22 -15.49
N ALA C 60 -8.51 5.12 -16.79
CA ALA C 60 -7.69 6.05 -17.63
C ALA C 60 -8.17 5.97 -19.07
N ASP C 61 -8.37 7.10 -19.70
CA ASP C 61 -8.84 7.10 -21.12
C ASP C 61 -10.30 6.63 -21.19
N GLY C 62 -10.69 5.74 -20.32
CA GLY C 62 -12.09 5.23 -20.32
C GLY C 62 -12.11 3.81 -19.75
N LYS C 63 -11.50 2.89 -20.45
CA LYS C 63 -11.48 1.48 -19.98
C LYS C 63 -10.67 1.38 -18.70
N PHE C 64 -10.29 0.19 -18.32
CA PHE C 64 -9.50 0.00 -17.06
C PHE C 64 -8.44 -1.08 -17.29
N LEU C 65 -7.64 -1.35 -16.29
CA LEU C 65 -6.60 -2.40 -16.42
C LEU C 65 -6.43 -3.11 -15.08
N GLY C 66 -6.91 -4.33 -14.96
CA GLY C 66 -6.76 -5.07 -13.68
C GLY C 66 -5.59 -6.05 -13.79
N TYR C 67 -4.91 -6.30 -12.71
CA TYR C 67 -3.75 -7.24 -12.76
C TYR C 67 -3.41 -7.69 -11.34
N GLY C 68 -2.38 -8.47 -11.21
CA GLY C 68 -1.96 -8.94 -9.87
C GLY C 68 -0.97 -10.08 -10.01
N THR C 69 -0.79 -10.84 -8.97
CA THR C 69 0.17 -11.99 -9.00
C THR C 69 -0.59 -13.25 -8.61
N ILE C 70 -0.37 -14.33 -9.31
CA ILE C 70 -1.05 -15.60 -8.96
C ILE C 70 -0.24 -16.28 -7.88
N VAL C 71 -0.90 -16.92 -6.94
CA VAL C 71 -0.15 -17.59 -5.84
C VAL C 71 -0.76 -18.96 -5.56
N LYS C 72 0.04 -19.89 -5.13
CA LYS C 72 -0.48 -21.25 -4.80
C LYS C 72 -0.22 -21.52 -3.33
N ALA C 73 -1.10 -22.25 -2.68
CA ALA C 73 -0.91 -22.57 -1.22
C ALA C 73 -0.48 -24.03 -1.11
N ASP C 74 0.29 -24.37 -0.12
CA ASP C 74 0.71 -25.79 0.05
C ASP C 74 -0.38 -26.56 0.80
N GLU C 75 -0.61 -27.80 0.42
CA GLU C 75 -1.67 -28.59 1.11
C GLU C 75 -1.06 -29.36 2.28
N ALA C 76 0.13 -29.88 2.10
CA ALA C 76 0.80 -30.65 3.19
C ALA C 76 0.14 -32.03 3.35
N GLN C 77 -1.17 -32.06 3.41
CA GLN C 77 -1.88 -33.36 3.57
C GLN C 77 -1.92 -34.10 2.23
N PHE C 78 -0.83 -34.71 1.85
CA PHE C 78 -0.80 -35.45 0.55
C PHE C 78 -1.43 -34.59 -0.55
N THR C 79 -1.96 -35.21 -1.57
CA THR C 79 -2.59 -34.43 -2.68
C THR C 79 -3.81 -35.20 -3.19
N MET C 80 -3.85 -35.49 -4.48
CA MET C 80 -5.01 -36.24 -5.04
C MET C 80 -4.69 -37.74 -5.05
N ALA C 81 -3.61 -38.13 -5.68
CA ALA C 81 -3.25 -39.57 -5.73
C ALA C 81 -3.11 -40.11 -4.32
N MET D 1 -32.21 0.29 10.48
CA MET D 1 -30.99 1.11 10.71
C MET D 1 -31.02 1.68 12.14
N ILE D 2 -31.99 1.30 12.91
CA ILE D 2 -32.08 1.81 14.31
C ILE D 2 -31.05 1.10 15.18
N PHE D 3 -30.88 -0.19 14.98
CA PHE D 3 -29.88 -0.96 15.79
C PHE D 3 -28.75 -1.45 14.86
N GLU D 4 -28.26 -0.59 14.02
CA GLU D 4 -27.17 -1.00 13.10
C GLU D 4 -25.94 -1.42 13.92
N ASP D 5 -25.11 -2.28 13.37
CA ASP D 5 -23.91 -2.71 14.12
C ASP D 5 -22.86 -1.59 14.12
N LYS D 6 -21.69 -1.86 14.62
CA LYS D 6 -20.64 -0.81 14.66
C LYS D 6 -19.98 -0.68 13.29
N PHE D 7 -20.24 0.39 12.57
CA PHE D 7 -19.62 0.56 11.21
C PHE D 7 -18.31 1.33 11.36
N ILE D 8 -17.21 0.73 10.96
CA ILE D 8 -15.88 1.41 11.11
C ILE D 8 -15.16 1.45 9.77
N ILE D 9 -14.68 2.60 9.37
CA ILE D 9 -13.94 2.72 8.07
C ILE D 9 -12.49 3.07 8.39
N THR D 10 -11.56 2.20 8.09
CA THR D 10 -10.13 2.47 8.40
C THR D 10 -9.31 2.36 7.12
N THR D 11 -8.13 2.93 7.11
CA THR D 11 -7.25 2.84 5.92
C THR D 11 -6.33 1.63 6.08
N ALA D 12 -5.05 1.84 6.22
CA ALA D 12 -4.12 0.68 6.42
C ALA D 12 -4.44 -0.44 5.42
N ASP D 13 -4.78 -1.60 5.91
CA ASP D 13 -5.09 -2.74 4.99
C ASP D 13 -6.06 -3.71 5.67
N GLU D 14 -6.04 -3.77 6.98
CA GLU D 14 -6.97 -4.69 7.69
C GLU D 14 -6.96 -4.38 9.19
N ILE D 15 -7.76 -5.07 9.96
CA ILE D 15 -7.81 -4.82 11.43
C ILE D 15 -7.35 -6.10 12.17
N PRO D 16 -6.08 -6.15 12.57
CA PRO D 16 -5.53 -7.32 13.26
C PRO D 16 -6.28 -7.56 14.59
N GLY D 17 -6.27 -8.78 15.07
CA GLY D 17 -6.96 -9.08 16.37
C GLY D 17 -8.39 -9.54 16.09
N LEU D 18 -8.83 -9.45 14.87
CA LEU D 18 -10.21 -9.87 14.52
C LEU D 18 -10.18 -10.83 13.32
N GLN D 19 -11.00 -11.84 13.34
CA GLN D 19 -11.03 -12.79 12.20
C GLN D 19 -11.94 -12.24 11.11
N LEU D 20 -11.38 -11.80 10.03
CA LEU D 20 -12.21 -11.20 8.93
C LEU D 20 -12.48 -12.26 7.86
N TYR D 21 -13.70 -12.34 7.41
CA TYR D 21 -14.06 -13.35 6.35
C TYR D 21 -14.54 -12.61 5.11
N SER D 22 -14.02 -12.93 3.95
CA SER D 22 -14.44 -12.21 2.71
C SER D 22 -15.83 -12.66 2.27
N LEU D 23 -16.70 -11.73 2.02
CA LEU D 23 -18.08 -12.05 1.54
C LEU D 23 -18.27 -11.46 0.15
N GLY D 24 -17.20 -11.03 -0.46
CA GLY D 24 -17.31 -10.47 -1.85
C GLY D 24 -16.72 -9.07 -1.87
N ILE D 25 -16.70 -8.46 -3.03
CA ILE D 25 -16.14 -7.09 -3.16
C ILE D 25 -17.30 -6.11 -3.40
N ALA D 26 -17.18 -4.92 -2.88
CA ALA D 26 -18.27 -3.90 -3.09
C ALA D 26 -17.71 -2.76 -3.95
N SER D 27 -18.53 -2.20 -4.81
CA SER D 27 -18.06 -1.08 -5.67
C SER D 27 -19.26 -0.20 -6.02
N THR D 28 -19.10 1.10 -6.00
CA THR D 28 -20.23 2.00 -6.33
C THR D 28 -19.68 3.29 -6.96
N ILE D 29 -20.41 3.86 -7.89
CA ILE D 29 -19.94 5.12 -8.56
C ILE D 29 -20.90 6.26 -8.25
N SER D 30 -20.39 7.39 -7.84
CA SER D 30 -21.28 8.54 -7.50
C SER D 30 -20.52 9.85 -7.70
N ASP D 31 -20.96 10.91 -7.05
CA ASP D 31 -20.27 12.23 -7.21
C ASP D 31 -19.47 12.60 -5.95
N ASN D 32 -20.12 13.09 -4.94
CA ASN D 32 -19.43 13.40 -3.66
C ASN D 32 -18.92 12.10 -3.03
N VAL D 33 -17.77 12.17 -2.39
CA VAL D 33 -17.15 10.95 -1.75
C VAL D 33 -18.00 10.56 -0.54
N ASP D 34 -18.54 11.53 0.15
CA ASP D 34 -19.41 11.23 1.33
C ASP D 34 -20.60 10.37 0.88
N GLU D 35 -21.02 10.50 -0.34
CA GLU D 35 -22.15 9.67 -0.84
C GLU D 35 -21.64 8.25 -1.10
N ILE D 36 -20.44 8.12 -1.57
CA ILE D 36 -19.87 6.76 -1.81
C ILE D 36 -19.84 5.99 -0.49
N VAL D 37 -19.30 6.58 0.55
CA VAL D 37 -19.23 5.86 1.85
C VAL D 37 -20.64 5.41 2.24
N GLU D 38 -21.59 6.30 2.19
CA GLU D 38 -22.99 5.92 2.57
C GLU D 38 -23.48 4.81 1.65
N ASN D 39 -23.19 4.87 0.39
CA ASN D 39 -23.65 3.81 -0.55
C ASN D 39 -23.01 2.47 -0.14
N LEU D 40 -21.75 2.49 0.19
CA LEU D 40 -21.09 1.22 0.61
C LEU D 40 -21.68 0.78 1.95
N ARG D 41 -21.84 1.68 2.89
CA ARG D 41 -22.41 1.27 4.19
C ARG D 41 -23.70 0.47 3.96
N LYS D 42 -24.63 1.05 3.26
CA LYS D 42 -25.92 0.33 2.99
C LYS D 42 -25.65 -1.00 2.27
N GLN D 43 -24.70 -1.01 1.37
CA GLN D 43 -24.38 -2.28 0.64
C GLN D 43 -23.61 -3.22 1.55
N VAL D 44 -22.77 -2.68 2.39
CA VAL D 44 -21.99 -3.53 3.32
C VAL D 44 -22.94 -4.13 4.36
N LYS D 45 -23.76 -3.33 4.99
CA LYS D 45 -24.62 -3.91 6.07
C LYS D 45 -25.59 -4.91 5.44
N ALA D 46 -25.94 -4.68 4.21
CA ALA D 46 -26.87 -5.58 3.50
C ALA D 46 -26.19 -6.92 3.25
N LYS D 47 -24.88 -6.91 3.12
CA LYS D 47 -24.14 -8.18 2.87
C LYS D 47 -23.72 -8.80 4.19
N GLY D 48 -23.97 -8.12 5.30
CA GLY D 48 -23.60 -8.71 6.63
C GLY D 48 -22.23 -8.20 7.06
N GLY D 49 -21.69 -7.24 6.35
CA GLY D 49 -20.35 -6.70 6.74
C GLY D 49 -20.53 -5.68 7.87
N MET D 50 -19.48 -5.42 8.62
CA MET D 50 -19.59 -4.48 9.78
C MET D 50 -18.52 -3.39 9.67
N GLY D 51 -17.64 -3.48 8.71
CA GLY D 51 -16.57 -2.45 8.59
C GLY D 51 -15.93 -2.54 7.21
N LEU D 52 -15.21 -1.52 6.81
CA LEU D 52 -14.54 -1.52 5.48
C LEU D 52 -13.05 -1.25 5.68
N ILE D 53 -12.22 -2.02 5.02
CA ILE D 53 -10.74 -1.84 5.16
C ILE D 53 -10.15 -1.22 3.90
N ALA D 54 -9.12 -0.43 4.02
CA ALA D 54 -8.52 0.17 2.79
C ALA D 54 -9.61 0.84 1.97
N PHE D 55 -10.23 1.85 2.51
CA PHE D 55 -11.32 2.55 1.76
C PHE D 55 -10.84 2.80 0.32
N ARG D 56 -9.78 3.55 0.16
CA ARG D 56 -9.25 3.83 -1.21
C ARG D 56 -10.34 4.39 -2.10
N ILE D 57 -10.12 5.54 -2.69
CA ILE D 57 -11.15 6.15 -3.59
C ILE D 57 -10.45 6.68 -4.83
N THR D 58 -9.26 7.18 -4.67
CA THR D 58 -8.51 7.73 -5.83
C THR D 58 -9.42 8.65 -6.65
N CYS D 59 -9.03 8.96 -7.86
CA CYS D 59 -9.88 9.84 -8.70
C CYS D 59 -9.37 9.78 -10.14
N ALA D 60 -8.07 9.81 -10.32
CA ALA D 60 -7.50 9.76 -11.70
C ALA D 60 -8.24 10.76 -12.59
N ASP D 61 -8.33 10.48 -13.86
CA ASP D 61 -9.04 11.42 -14.78
C ASP D 61 -10.48 11.61 -14.29
N GLY D 62 -10.77 12.74 -13.70
CA GLY D 62 -12.15 13.00 -13.20
C GLY D 62 -12.22 12.73 -11.69
N LYS D 63 -13.34 12.26 -11.22
CA LYS D 63 -13.46 11.94 -9.76
C LYS D 63 -14.75 11.16 -9.52
N PHE D 64 -14.66 9.86 -9.55
CA PHE D 64 -15.89 9.04 -9.31
C PHE D 64 -15.51 7.55 -9.30
N LEU D 65 -14.86 7.10 -8.26
CA LEU D 65 -14.47 5.66 -8.19
C LEU D 65 -14.36 5.21 -6.72
N GLY D 66 -15.02 4.12 -6.39
CA GLY D 66 -14.99 3.62 -4.98
C GLY D 66 -15.00 2.10 -4.99
N TYR D 67 -13.99 1.49 -4.41
CA TYR D 67 -13.94 0.00 -4.36
C TYR D 67 -13.46 -0.45 -2.97
N GLY D 68 -14.14 -1.40 -2.39
CA GLY D 68 -13.76 -1.89 -1.04
C GLY D 68 -14.12 -3.36 -0.91
N THR D 69 -13.67 -4.02 0.12
CA THR D 69 -13.99 -5.46 0.32
C THR D 69 -14.88 -5.60 1.55
N ILE D 70 -15.88 -6.43 1.47
CA ILE D 70 -16.79 -6.62 2.63
C ILE D 70 -16.21 -7.71 3.51
N VAL D 71 -16.20 -7.51 4.81
CA VAL D 71 -15.65 -8.55 5.70
C VAL D 71 -16.44 -8.61 7.01
N LYS D 72 -16.43 -9.73 7.68
CA LYS D 72 -17.17 -9.82 8.98
C LYS D 72 -16.46 -10.85 9.86
N ALA D 73 -16.66 -10.80 11.15
CA ALA D 73 -16.01 -11.80 12.06
C ALA D 73 -17.11 -12.54 12.82
N ASP D 74 -16.88 -13.77 13.18
CA ASP D 74 -17.91 -14.54 13.93
C ASP D 74 -17.95 -14.05 15.38
N GLU D 75 -19.07 -14.19 16.04
CA GLU D 75 -19.17 -13.73 17.45
C GLU D 75 -18.75 -14.86 18.40
N ALA D 76 -17.97 -14.55 19.39
CA ALA D 76 -17.51 -15.60 20.35
C ALA D 76 -16.94 -16.79 19.58
N GLN D 77 -16.94 -17.96 20.17
CA GLN D 77 -16.39 -19.15 19.47
C GLN D 77 -17.01 -20.41 20.07
N PHE D 78 -16.25 -21.48 20.15
CA PHE D 78 -16.80 -22.74 20.72
C PHE D 78 -16.80 -22.64 22.25
N THR D 79 -15.90 -23.32 22.91
CA THR D 79 -15.86 -23.28 24.40
C THR D 79 -14.90 -22.17 24.85
N MET D 80 -13.63 -22.33 24.60
CA MET D 80 -12.66 -21.29 25.01
C MET D 80 -13.04 -19.95 24.38
N ALA D 81 -13.58 -19.05 25.15
CA ALA D 81 -13.99 -17.73 24.59
C ALA D 81 -14.11 -16.71 25.73
N MET E 1 4.52 30.90 19.18
CA MET E 1 5.22 29.61 19.00
C MET E 1 4.35 28.48 19.56
N ILE E 2 4.48 27.29 19.02
CA ILE E 2 3.66 26.15 19.52
C ILE E 2 4.04 25.85 20.97
N PHE E 3 3.09 25.48 21.79
CA PHE E 3 3.39 25.17 23.21
C PHE E 3 3.96 23.74 23.31
N GLU E 4 3.16 22.75 22.99
CA GLU E 4 3.65 21.35 23.07
C GLU E 4 2.81 20.46 22.16
N ASP E 5 1.74 20.99 21.61
CA ASP E 5 0.87 20.17 20.70
C ASP E 5 1.75 19.41 19.71
N LYS E 6 1.79 18.11 19.83
CA LYS E 6 2.65 17.29 18.91
C LYS E 6 1.82 16.78 17.73
N PHE E 7 2.00 17.36 16.56
CA PHE E 7 1.23 16.87 15.38
C PHE E 7 2.07 15.84 14.64
N ILE E 8 1.59 14.62 14.52
CA ILE E 8 2.39 13.55 13.86
C ILE E 8 1.80 13.23 12.49
N ILE E 9 2.61 13.30 11.46
CA ILE E 9 2.14 12.95 10.09
C ILE E 9 3.19 12.03 9.45
N THR E 10 2.84 10.79 9.21
CA THR E 10 3.83 9.84 8.62
C THR E 10 3.27 9.25 7.32
N THR E 11 4.13 8.70 6.51
CA THR E 11 3.67 8.07 5.24
C THR E 11 3.33 6.61 5.54
N ALA E 12 4.06 5.66 5.00
CA ALA E 12 3.76 4.23 5.28
C ALA E 12 2.24 4.00 5.25
N ASP E 13 1.69 3.51 6.32
CA ASP E 13 0.21 3.28 6.35
C ASP E 13 -0.17 2.59 7.66
N GLU E 14 0.60 2.76 8.70
CA GLU E 14 0.27 2.10 10.00
C GLU E 14 1.22 2.59 11.08
N ILE E 15 0.78 2.59 12.32
CA ILE E 15 1.68 3.03 13.45
C ILE E 15 1.44 2.07 14.63
N PRO E 16 2.03 0.89 14.54
CA PRO E 16 1.86 -0.15 15.57
C PRO E 16 2.36 0.35 16.93
N GLY E 17 1.86 -0.24 17.99
CA GLY E 17 2.29 0.16 19.36
C GLY E 17 1.31 1.18 19.94
N LEU E 18 0.37 1.66 19.16
CA LEU E 18 -0.59 2.69 19.67
C LEU E 18 -2.02 2.23 19.37
N GLN E 19 -2.90 2.40 20.31
CA GLN E 19 -4.33 2.00 20.11
C GLN E 19 -5.06 3.14 19.40
N LEU E 20 -5.39 2.97 18.15
CA LEU E 20 -6.07 4.06 17.39
C LEU E 20 -7.56 3.75 17.22
N TYR E 21 -8.38 4.77 17.22
CA TYR E 21 -9.86 4.58 17.07
C TYR E 21 -10.39 5.50 15.98
N SER E 22 -11.15 4.99 15.06
CA SER E 22 -11.70 5.83 13.96
C SER E 22 -12.42 7.07 14.52
N LEU E 23 -12.09 8.22 13.99
CA LEU E 23 -12.74 9.48 14.45
C LEU E 23 -13.43 10.14 13.25
N GLY E 24 -13.50 9.42 12.16
CA GLY E 24 -14.17 9.97 10.94
C GLY E 24 -13.16 10.13 9.82
N ILE E 25 -13.62 10.56 8.67
CA ILE E 25 -12.71 10.76 7.50
C ILE E 25 -12.62 12.25 7.18
N ALA E 26 -11.45 12.71 6.77
CA ALA E 26 -11.27 14.15 6.43
C ALA E 26 -10.95 14.27 4.94
N SER E 27 -11.25 15.38 4.34
CA SER E 27 -10.97 15.55 2.89
C SER E 27 -10.68 17.03 2.60
N THR E 28 -9.83 17.29 1.64
CA THR E 28 -9.48 18.70 1.31
C THR E 28 -9.17 18.81 -0.18
N ILE E 29 -9.74 19.77 -0.85
CA ILE E 29 -9.47 19.97 -2.32
C ILE E 29 -9.03 21.42 -2.54
N SER E 30 -7.91 21.61 -3.20
CA SER E 30 -7.42 22.99 -3.48
C SER E 30 -5.94 22.92 -3.90
N ASP E 31 -5.45 21.74 -4.21
CA ASP E 31 -4.03 21.62 -4.64
C ASP E 31 -3.13 22.28 -3.60
N ASN E 32 -1.85 22.27 -3.81
CA ASN E 32 -0.91 22.87 -2.82
C ASN E 32 -0.90 22.02 -1.54
N VAL E 33 0.16 21.27 -1.34
CA VAL E 33 0.22 20.40 -0.12
C VAL E 33 0.30 21.29 1.12
N ASP E 34 0.98 22.40 1.02
CA ASP E 34 1.11 23.32 2.20
C ASP E 34 -0.27 23.75 2.70
N GLU E 35 -1.14 24.15 1.82
CA GLU E 35 -2.50 24.59 2.27
C GLU E 35 -3.34 23.34 2.62
N ILE E 36 -3.20 22.28 1.89
CA ILE E 36 -3.99 21.06 2.21
C ILE E 36 -3.56 20.53 3.58
N VAL E 37 -2.28 20.34 3.80
CA VAL E 37 -1.83 19.80 5.11
C VAL E 37 -2.30 20.73 6.22
N GLU E 38 -2.03 22.00 6.11
CA GLU E 38 -2.45 22.96 7.17
C GLU E 38 -3.97 22.86 7.37
N ASN E 39 -4.70 22.69 6.31
CA ASN E 39 -6.18 22.58 6.44
C ASN E 39 -6.52 21.31 7.23
N LEU E 40 -5.82 20.25 6.98
CA LEU E 40 -6.10 18.99 7.72
C LEU E 40 -5.66 19.14 9.17
N ARG E 41 -4.48 19.61 9.40
CA ARG E 41 -4.01 19.77 10.79
C ARG E 41 -5.07 20.52 11.61
N LYS E 42 -5.58 21.60 11.08
CA LYS E 42 -6.60 22.38 11.83
C LYS E 42 -7.84 21.51 12.05
N GLN E 43 -8.16 20.66 11.13
CA GLN E 43 -9.33 19.77 11.30
C GLN E 43 -9.01 18.73 12.37
N VAL E 44 -7.79 18.26 12.44
CA VAL E 44 -7.44 17.25 13.47
C VAL E 44 -7.26 17.97 14.82
N LYS E 45 -6.47 19.00 14.84
CA LYS E 45 -6.20 19.71 16.12
C LYS E 45 -7.51 20.02 16.84
N ALA E 46 -8.54 20.27 16.05
CA ALA E 46 -9.88 20.60 16.61
C ALA E 46 -10.55 19.34 17.10
N LYS E 47 -10.23 18.22 16.53
CA LYS E 47 -10.82 16.95 17.00
C LYS E 47 -9.88 16.32 18.02
N GLY E 48 -8.88 17.03 18.48
CA GLY E 48 -8.01 16.42 19.54
C GLY E 48 -7.47 15.09 19.05
N GLY E 49 -7.27 14.97 17.77
CA GLY E 49 -6.73 13.69 17.19
C GLY E 49 -5.20 13.70 17.25
N MET E 50 -4.60 12.55 17.18
CA MET E 50 -3.10 12.46 17.27
C MET E 50 -2.46 13.11 16.04
N GLY E 51 -3.00 12.85 14.88
CA GLY E 51 -2.41 13.43 13.65
C GLY E 51 -3.01 12.75 12.43
N LEU E 52 -2.22 12.53 11.41
CA LEU E 52 -2.72 11.85 10.18
C LEU E 52 -1.77 10.72 9.79
N ILE E 53 -2.31 9.56 9.51
CA ILE E 53 -1.47 8.39 9.13
C ILE E 53 -1.60 8.10 7.64
N ALA E 54 -0.56 7.66 6.99
CA ALA E 54 -0.67 7.35 5.53
C ALA E 54 -0.79 8.65 4.73
N PHE E 55 -1.70 9.49 5.12
CA PHE E 55 -1.90 10.78 4.40
C PHE E 55 -2.04 10.51 2.91
N ARG E 56 -0.94 10.28 2.22
CA ARG E 56 -1.01 9.99 0.77
C ARG E 56 -1.56 11.19 0.02
N ILE E 57 -1.08 11.43 -1.18
CA ILE E 57 -1.57 12.60 -1.99
C ILE E 57 -2.00 12.09 -3.38
N THR E 58 -3.27 12.14 -3.66
CA THR E 58 -3.74 11.67 -4.99
C THR E 58 -3.63 12.81 -6.01
N CYS E 59 -2.43 13.16 -6.38
CA CYS E 59 -2.23 14.27 -7.37
C CYS E 59 -2.08 13.66 -8.77
N ALA E 60 -2.88 12.67 -9.09
CA ALA E 60 -2.78 12.04 -10.43
C ALA E 60 -2.73 13.12 -11.52
N ASP E 61 -3.87 13.68 -11.85
CA ASP E 61 -3.89 14.74 -12.91
C ASP E 61 -5.06 15.68 -12.64
N GLY E 62 -4.82 16.83 -12.07
CA GLY E 62 -5.94 17.78 -11.81
C GLY E 62 -6.73 17.28 -10.60
N LYS E 63 -7.55 18.12 -10.03
CA LYS E 63 -8.39 17.69 -8.87
C LYS E 63 -7.54 16.99 -7.81
N PHE E 64 -7.09 17.72 -6.84
CA PHE E 64 -6.26 17.11 -5.76
C PHE E 64 -7.17 16.65 -4.62
N LEU E 65 -6.71 15.74 -3.80
CA LEU E 65 -7.56 15.26 -2.67
C LEU E 65 -6.72 14.41 -1.70
N GLY E 66 -6.45 14.92 -0.53
CA GLY E 66 -5.64 14.16 0.47
C GLY E 66 -6.57 13.44 1.45
N TYR E 67 -7.21 12.39 1.02
CA TYR E 67 -8.14 11.66 1.94
C TYR E 67 -7.33 11.03 3.09
N GLY E 68 -7.84 11.10 4.28
CA GLY E 68 -7.12 10.51 5.44
C GLY E 68 -8.12 10.16 6.53
N THR E 69 -7.79 9.20 7.36
CA THR E 69 -8.71 8.81 8.47
C THR E 69 -8.20 9.47 9.75
N ILE E 70 -9.09 10.05 10.52
CA ILE E 70 -8.67 10.68 11.81
C ILE E 70 -8.73 9.62 12.89
N VAL E 71 -7.79 9.62 13.80
CA VAL E 71 -7.82 8.59 14.87
C VAL E 71 -7.31 9.19 16.18
N LYS E 72 -7.58 8.52 17.28
CA LYS E 72 -7.09 9.02 18.60
C LYS E 72 -6.84 7.82 19.51
N ALA E 73 -5.97 7.94 20.47
CA ALA E 73 -5.70 6.80 21.40
C ALA E 73 -6.07 7.23 22.81
N ASP E 74 -6.46 6.29 23.65
CA ASP E 74 -6.82 6.65 25.06
C ASP E 74 -8.10 7.50 25.05
N GLU E 75 -8.04 8.67 25.63
CA GLU E 75 -9.25 9.56 25.69
C GLU E 75 -8.94 10.87 24.97
N ALA E 76 -9.91 11.75 24.88
CA ALA E 76 -9.71 13.06 24.19
C ALA E 76 -8.87 13.97 25.09
N GLN E 77 -8.59 15.17 24.66
CA GLN E 77 -7.79 16.11 25.49
C GLN E 77 -8.70 16.77 26.52
N PHE E 78 -9.12 16.06 27.53
CA PHE E 78 -10.02 16.65 28.56
C PHE E 78 -9.91 15.84 29.86
N THR E 79 -9.61 16.48 30.96
CA THR E 79 -9.49 15.75 32.24
C THR E 79 -10.89 15.42 32.77
N MET E 80 -11.02 14.37 33.53
CA MET E 80 -12.35 13.99 34.08
C MET E 80 -12.16 13.27 35.42
N ALA E 81 -11.90 14.00 36.47
CA ALA E 81 -11.71 13.37 37.80
C ALA E 81 -11.85 14.43 38.89
N MET A 1 34.52 11.27 0.62
CA MET A 1 34.27 10.83 -0.78
C MET A 1 32.82 11.15 -1.17
N ILE A 2 32.33 10.55 -2.22
CA ILE A 2 30.93 10.81 -2.66
C ILE A 2 30.02 9.66 -2.19
N PHE A 3 28.79 9.95 -1.93
CA PHE A 3 27.85 8.88 -1.47
C PHE A 3 28.36 8.29 -0.16
N GLU A 4 29.04 9.08 0.63
CA GLU A 4 29.55 8.57 1.93
C GLU A 4 28.40 8.43 2.93
N ASP A 5 27.44 9.32 2.87
CA ASP A 5 26.29 9.24 3.80
C ASP A 5 25.42 8.02 3.45
N LYS A 6 25.24 7.12 4.37
CA LYS A 6 24.42 5.91 4.08
C LYS A 6 22.98 6.35 3.79
N PHE A 7 22.65 6.49 2.53
CA PHE A 7 21.26 6.91 2.16
C PHE A 7 20.48 5.71 1.65
N ILE A 8 19.36 5.41 2.26
CA ILE A 8 18.54 4.24 1.83
C ILE A 8 17.20 4.73 1.28
N ILE A 9 16.73 4.11 0.23
CA ILE A 9 15.41 4.50 -0.37
C ILE A 9 14.52 3.27 -0.44
N THR A 10 13.35 3.34 0.13
CA THR A 10 12.41 2.17 0.12
C THR A 10 11.19 2.51 -0.73
N THR A 11 10.85 1.65 -1.65
CA THR A 11 9.66 1.90 -2.52
C THR A 11 8.51 1.01 -2.04
N ALA A 12 7.53 1.57 -1.38
CA ALA A 12 6.38 0.76 -0.91
C ALA A 12 6.87 -0.45 -0.12
N ASP A 13 7.62 -0.20 0.93
CA ASP A 13 8.14 -1.32 1.76
C ASP A 13 8.15 -0.90 3.23
N GLU A 14 9.16 -1.26 3.97
CA GLU A 14 9.21 -0.89 5.40
C GLU A 14 10.57 -1.28 5.98
N ILE A 15 10.90 -0.80 7.15
CA ILE A 15 12.22 -1.15 7.78
C ILE A 15 11.99 -1.46 9.27
N PRO A 16 11.36 -2.60 9.54
CA PRO A 16 11.07 -3.03 10.93
C PRO A 16 12.36 -3.20 11.71
N GLY A 17 12.31 -3.11 13.02
CA GLY A 17 13.56 -3.29 13.83
C GLY A 17 14.22 -1.94 14.09
N LEU A 18 13.66 -0.86 13.60
CA LEU A 18 14.28 0.47 13.81
C LEU A 18 13.23 1.45 14.31
N GLN A 19 13.59 2.28 15.24
CA GLN A 19 12.62 3.28 15.77
C GLN A 19 12.65 4.50 14.86
N LEU A 20 11.63 4.71 14.09
CA LEU A 20 11.61 5.88 13.15
C LEU A 20 10.94 7.08 13.81
N TYR A 21 11.50 8.24 13.66
CA TYR A 21 10.92 9.47 14.28
C TYR A 21 10.49 10.44 13.18
N SER A 22 9.28 10.94 13.20
CA SER A 22 8.85 11.85 12.12
C SER A 22 9.56 13.20 12.24
N LEU A 23 10.22 13.60 11.19
CA LEU A 23 10.91 14.93 11.18
C LEU A 23 10.15 15.85 10.23
N GLY A 24 9.06 15.39 9.69
CA GLY A 24 8.24 16.25 8.79
C GLY A 24 8.06 15.57 7.45
N ILE A 25 7.39 16.21 6.53
CA ILE A 25 7.17 15.60 5.19
C ILE A 25 7.97 16.39 4.15
N ALA A 26 8.49 15.71 3.16
CA ALA A 26 9.27 16.40 2.10
C ALA A 26 8.57 16.25 0.75
N SER A 27 8.64 17.27 -0.07
CA SER A 27 7.99 17.19 -1.41
C SER A 27 8.77 18.12 -2.36
N THR A 28 9.08 17.67 -3.55
CA THR A 28 9.83 18.56 -4.49
C THR A 28 9.45 18.21 -5.93
N ILE A 29 9.56 19.14 -6.84
CA ILE A 29 9.22 18.85 -8.27
C ILE A 29 10.52 18.73 -9.06
N SER A 30 10.52 18.00 -10.14
CA SER A 30 11.77 17.89 -10.96
C SER A 30 11.54 16.87 -12.08
N ASP A 31 12.33 16.93 -13.12
CA ASP A 31 12.15 15.99 -14.27
C ASP A 31 13.18 14.87 -14.19
N ASN A 32 12.79 13.65 -14.47
CA ASN A 32 13.75 12.51 -14.38
C ASN A 32 13.85 12.07 -12.92
N VAL A 33 13.94 10.78 -12.70
CA VAL A 33 14.03 10.27 -11.30
C VAL A 33 15.39 10.66 -10.70
N ASP A 34 16.41 10.73 -11.50
CA ASP A 34 17.75 11.10 -10.95
C ASP A 34 17.68 12.47 -10.27
N GLU A 35 17.01 13.41 -10.88
CA GLU A 35 16.92 14.77 -10.26
C GLU A 35 15.94 14.74 -9.09
N ILE A 36 14.87 14.02 -9.21
CA ILE A 36 13.89 13.95 -8.10
C ILE A 36 14.55 13.30 -6.87
N VAL A 37 15.27 12.23 -7.06
CA VAL A 37 15.92 11.55 -5.91
C VAL A 37 16.99 12.47 -5.31
N GLU A 38 17.85 13.00 -6.13
CA GLU A 38 18.93 13.89 -5.60
C GLU A 38 18.29 15.08 -4.87
N ASN A 39 17.21 15.60 -5.39
CA ASN A 39 16.56 16.77 -4.73
C ASN A 39 16.06 16.36 -3.34
N LEU A 40 15.44 15.22 -3.22
CA LEU A 40 14.96 14.77 -1.89
C LEU A 40 16.15 14.44 -1.02
N ARG A 41 17.09 13.71 -1.52
CA ARG A 41 18.26 13.36 -0.68
C ARG A 41 18.82 14.64 -0.02
N LYS A 42 19.03 15.65 -0.79
CA LYS A 42 19.60 16.91 -0.23
C LYS A 42 18.66 17.50 0.82
N GLN A 43 17.37 17.38 0.60
CA GLN A 43 16.39 17.92 1.57
C GLN A 43 16.26 16.98 2.75
N VAL A 44 16.36 15.71 2.52
CA VAL A 44 16.28 14.73 3.63
C VAL A 44 17.49 14.91 4.54
N LYS A 45 18.69 14.91 4.01
CA LYS A 45 19.87 14.99 4.91
C LYS A 45 19.87 16.36 5.61
N ALA A 46 19.45 17.37 4.89
CA ALA A 46 19.42 18.75 5.44
C ALA A 46 18.48 18.77 6.64
N LYS A 47 17.49 17.90 6.64
CA LYS A 47 16.51 17.86 7.77
C LYS A 47 17.00 16.89 8.83
N GLY A 48 18.08 16.19 8.57
CA GLY A 48 18.61 15.23 9.59
C GLY A 48 18.06 13.83 9.32
N GLY A 49 17.44 13.63 8.20
CA GLY A 49 16.88 12.29 7.88
C GLY A 49 17.97 11.41 7.28
N MET A 50 17.79 10.10 7.27
CA MET A 50 18.84 9.19 6.73
C MET A 50 18.25 8.29 5.64
N GLY A 51 16.98 8.38 5.40
CA GLY A 51 16.37 7.51 4.35
C GLY A 51 14.93 7.96 4.09
N LEU A 52 14.43 7.68 2.91
CA LEU A 52 13.03 8.09 2.56
C LEU A 52 12.16 6.85 2.45
N ILE A 53 10.91 6.96 2.81
CA ILE A 53 10.00 5.78 2.77
C ILE A 53 8.84 6.05 1.80
N ALA A 54 8.36 5.05 1.12
CA ALA A 54 7.18 5.24 0.22
C ALA A 54 7.56 6.09 -0.98
N PHE A 55 8.19 5.49 -1.96
CA PHE A 55 8.56 6.23 -3.18
C PHE A 55 7.58 5.85 -4.29
N ARG A 56 7.11 6.79 -5.05
CA ARG A 56 6.12 6.46 -6.12
C ARG A 56 6.24 7.47 -7.26
N ILE A 57 5.82 7.08 -8.44
CA ILE A 57 5.89 8.01 -9.61
C ILE A 57 4.63 7.82 -10.46
N THR A 58 4.44 6.65 -11.01
CA THR A 58 3.23 6.41 -11.85
C THR A 58 3.04 7.56 -12.84
N CYS A 59 1.90 7.62 -13.47
CA CYS A 59 1.65 8.70 -14.46
C CYS A 59 2.76 8.73 -15.51
N ALA A 60 2.58 9.50 -16.55
CA ALA A 60 3.63 9.58 -17.62
C ALA A 60 4.51 10.80 -17.39
N ASP A 61 3.93 11.97 -17.38
CA ASP A 61 4.75 13.20 -17.17
C ASP A 61 5.53 13.06 -15.85
N GLY A 62 6.83 13.20 -15.90
CA GLY A 62 7.66 13.08 -14.67
C GLY A 62 7.89 14.47 -14.07
N LYS A 63 6.88 15.30 -14.04
CA LYS A 63 7.03 16.68 -13.45
C LYS A 63 5.85 16.98 -12.53
N PHE A 64 5.30 15.98 -11.92
CA PHE A 64 4.15 16.21 -11.00
C PHE A 64 4.68 16.61 -9.63
N LEU A 65 4.76 15.69 -8.70
CA LEU A 65 5.26 16.03 -7.35
C LEU A 65 5.43 14.74 -6.52
N GLY A 66 6.64 14.27 -6.41
CA GLY A 66 6.88 13.03 -5.60
C GLY A 66 6.41 13.27 -4.16
N TYR A 67 6.63 12.31 -3.30
CA TYR A 67 6.19 12.49 -1.88
C TYR A 67 6.93 11.49 -0.98
N GLY A 68 7.29 11.93 0.19
CA GLY A 68 8.00 11.02 1.13
C GLY A 68 8.04 11.63 2.52
N THR A 69 8.13 10.81 3.54
CA THR A 69 8.19 11.32 4.92
C THR A 69 9.63 11.19 5.43
N ILE A 70 10.11 12.18 6.12
CA ILE A 70 11.49 12.12 6.67
C ILE A 70 11.42 11.31 7.96
N VAL A 71 12.40 10.49 8.22
CA VAL A 71 12.37 9.67 9.47
C VAL A 71 13.72 9.79 10.20
N LYS A 72 13.73 9.61 11.49
CA LYS A 72 15.01 9.69 12.26
C LYS A 72 14.98 8.63 13.34
N ALA A 73 16.02 7.86 13.51
CA ALA A 73 16.00 6.82 14.57
C ALA A 73 17.19 7.05 15.51
N ASP A 74 17.09 6.67 16.75
CA ASP A 74 18.23 6.85 17.69
C ASP A 74 18.65 8.33 17.72
N GLU A 75 19.93 8.59 17.84
CA GLU A 75 20.39 10.00 17.88
C GLU A 75 20.05 10.67 16.55
N ALA A 76 20.91 10.54 15.56
CA ALA A 76 20.63 11.18 14.25
C ALA A 76 21.64 10.67 13.21
N GLN A 77 22.89 10.63 13.57
CA GLN A 77 23.94 10.15 12.61
C GLN A 77 24.17 8.66 12.84
N PHE A 78 24.73 8.29 13.96
CA PHE A 78 24.99 6.86 14.24
C PHE A 78 25.28 6.67 15.73
N THR A 79 24.59 5.78 16.37
CA THR A 79 24.82 5.54 17.82
C THR A 79 26.30 5.23 18.07
N MET A 80 26.77 5.38 19.28
CA MET A 80 28.20 5.09 19.57
C MET A 80 28.48 3.61 19.30
N ALA A 81 27.75 2.73 19.92
CA ALA A 81 27.98 1.27 19.69
C ALA A 81 26.68 0.51 19.97
N MET B 1 21.89 -28.63 -0.40
CA MET B 1 22.51 -28.20 -1.68
C MET B 1 21.43 -28.09 -2.76
N ILE B 2 20.83 -26.94 -2.88
CA ILE B 2 19.76 -26.76 -3.92
C ILE B 2 19.46 -25.27 -4.07
N PHE B 3 19.08 -24.85 -5.25
CA PHE B 3 18.77 -23.41 -5.48
C PHE B 3 17.58 -23.29 -6.44
N GLU B 4 16.49 -23.93 -6.12
CA GLU B 4 15.29 -23.86 -7.01
C GLU B 4 14.84 -22.40 -7.13
N ASP B 5 15.14 -21.59 -6.14
CA ASP B 5 14.73 -20.16 -6.19
C ASP B 5 15.75 -19.36 -7.02
N LYS B 6 15.27 -18.55 -7.92
CA LYS B 6 16.19 -17.74 -8.78
C LYS B 6 15.61 -16.34 -8.92
N PHE B 7 15.11 -15.98 -10.08
CA PHE B 7 14.55 -14.62 -10.26
C PHE B 7 13.06 -14.64 -9.97
N ILE B 8 12.62 -13.87 -9.01
CA ILE B 8 11.16 -13.85 -8.64
C ILE B 8 10.58 -12.47 -8.92
N ILE B 9 9.33 -12.42 -9.32
CA ILE B 9 8.69 -11.11 -9.61
C ILE B 9 7.33 -11.07 -8.91
N THR B 10 7.17 -10.17 -7.96
CA THR B 10 5.87 -10.07 -7.23
C THR B 10 5.34 -8.65 -7.36
N THR B 11 4.05 -8.48 -7.17
CA THR B 11 3.43 -7.13 -7.26
C THR B 11 2.94 -6.73 -5.88
N ALA B 12 3.67 -5.86 -5.22
CA ALA B 12 3.24 -5.40 -3.86
C ALA B 12 2.87 -6.59 -2.99
N ASP B 13 3.83 -7.14 -2.31
CA ASP B 13 3.55 -8.32 -1.44
C ASP B 13 4.68 -8.50 -0.43
N GLU B 14 5.84 -7.95 -0.71
CA GLU B 14 6.99 -8.08 0.22
C GLU B 14 7.34 -9.56 0.39
N ILE B 15 8.53 -9.86 0.84
CA ILE B 15 8.95 -11.28 1.04
C ILE B 15 9.55 -11.44 2.44
N PRO B 16 8.70 -11.61 3.44
CA PRO B 16 9.15 -11.75 4.84
C PRO B 16 10.05 -12.98 4.99
N GLY B 17 10.90 -13.01 5.99
CA GLY B 17 11.78 -14.19 6.18
C GLY B 17 13.12 -13.96 5.48
N LEU B 18 13.25 -12.89 4.74
CA LEU B 18 14.51 -12.63 4.00
C LEU B 18 14.95 -11.18 4.27
N GLN B 19 16.22 -10.97 4.46
CA GLN B 19 16.73 -9.59 4.69
C GLN B 19 16.94 -8.95 3.32
N LEU B 20 16.22 -7.92 3.02
CA LEU B 20 16.38 -7.25 1.70
C LEU B 20 17.27 -6.01 1.84
N TYR B 21 18.14 -5.78 0.89
CA TYR B 21 19.06 -4.60 0.96
C TYR B 21 18.87 -3.74 -0.28
N SER B 22 18.67 -2.46 -0.14
CA SER B 22 18.47 -1.60 -1.33
C SER B 22 19.75 -1.50 -2.16
N LEU B 23 19.63 -1.71 -3.45
CA LEU B 23 20.80 -1.61 -4.38
C LEU B 23 20.56 -0.49 -5.36
N GLY B 24 19.53 0.27 -5.14
CA GLY B 24 19.24 1.45 -6.03
C GLY B 24 17.86 1.30 -6.65
N ILE B 25 17.53 2.16 -7.57
CA ILE B 25 16.20 2.11 -8.24
C ILE B 25 16.39 1.87 -9.74
N ALA B 26 15.53 1.08 -10.33
CA ALA B 26 15.64 0.78 -11.79
C ALA B 26 14.45 1.40 -12.53
N SER B 27 14.66 1.86 -13.74
CA SER B 27 13.54 2.48 -14.51
C SER B 27 13.82 2.30 -16.01
N THR B 28 12.82 1.96 -16.77
CA THR B 28 13.04 1.77 -18.24
C THR B 28 11.75 2.12 -18.98
N ILE B 29 11.85 2.61 -20.20
CA ILE B 29 10.64 2.96 -20.99
C ILE B 29 10.55 2.06 -22.22
N SER B 30 9.44 1.40 -22.41
CA SER B 30 9.30 0.52 -23.60
C SER B 30 7.87 -0.05 -23.66
N ASP B 31 7.73 -1.26 -24.14
CA ASP B 31 6.38 -1.89 -24.20
C ASP B 31 6.53 -3.40 -24.28
N ASN B 32 5.45 -4.14 -24.17
CA ASN B 32 5.57 -5.63 -24.19
C ASN B 32 6.14 -6.10 -22.86
N VAL B 33 5.50 -7.05 -22.24
CA VAL B 33 6.00 -7.56 -20.93
C VAL B 33 7.32 -8.30 -21.14
N ASP B 34 7.46 -8.98 -22.24
CA ASP B 34 8.72 -9.73 -22.49
C ASP B 34 9.92 -8.77 -22.49
N GLU B 35 9.78 -7.64 -23.15
CA GLU B 35 10.91 -6.67 -23.20
C GLU B 35 11.02 -5.94 -21.87
N ILE B 36 9.93 -5.53 -21.29
CA ILE B 36 10.00 -4.82 -19.99
C ILE B 36 10.59 -5.77 -18.92
N VAL B 37 10.02 -6.93 -18.76
CA VAL B 37 10.56 -7.88 -17.74
C VAL B 37 12.03 -8.15 -18.05
N GLU B 38 12.35 -8.45 -19.28
CA GLU B 38 13.76 -8.74 -19.64
C GLU B 38 14.64 -7.52 -19.37
N ASN B 39 14.15 -6.35 -19.70
CA ASN B 39 14.95 -5.11 -19.47
C ASN B 39 15.29 -4.99 -17.99
N LEU B 40 14.33 -5.15 -17.13
CA LEU B 40 14.62 -5.06 -15.67
C LEU B 40 15.36 -6.32 -15.23
N ARG B 41 14.86 -7.49 -15.55
CA ARG B 41 15.58 -8.73 -15.14
C ARG B 41 17.06 -8.59 -15.52
N LYS B 42 17.33 -8.19 -16.73
CA LYS B 42 18.74 -8.04 -17.16
C LYS B 42 19.45 -7.00 -16.28
N GLN B 43 18.74 -5.99 -15.86
CA GLN B 43 19.35 -4.95 -14.99
C GLN B 43 19.52 -5.50 -13.58
N VAL B 44 18.61 -6.31 -13.13
CA VAL B 44 18.74 -6.88 -11.77
C VAL B 44 19.80 -8.00 -11.81
N LYS B 45 19.68 -8.92 -12.72
CA LYS B 45 20.64 -10.05 -12.75
C LYS B 45 22.08 -9.51 -12.73
N ALA B 46 22.23 -8.34 -13.28
CA ALA B 46 23.57 -7.69 -13.36
C ALA B 46 23.94 -7.13 -12.00
N LYS B 47 22.96 -6.78 -11.22
CA LYS B 47 23.24 -6.24 -9.87
C LYS B 47 23.20 -7.39 -8.89
N GLY B 48 23.10 -8.62 -9.34
CA GLY B 48 23.11 -9.73 -8.36
C GLY B 48 21.96 -9.56 -7.38
N GLY B 49 20.87 -8.99 -7.82
CA GLY B 49 19.71 -8.80 -6.91
C GLY B 49 18.95 -10.13 -6.74
N MET B 50 17.79 -10.07 -6.15
CA MET B 50 16.96 -11.30 -5.97
C MET B 50 15.78 -11.27 -6.93
N GLY B 51 15.22 -10.10 -7.14
CA GLY B 51 14.05 -9.98 -8.05
C GLY B 51 13.55 -8.55 -8.04
N LEU B 52 12.27 -8.36 -8.25
CA LEU B 52 11.70 -6.97 -8.26
C LEU B 52 10.38 -6.95 -7.50
N ILE B 53 10.10 -5.88 -6.80
CA ILE B 53 8.83 -5.79 -6.00
C ILE B 53 7.96 -4.69 -6.59
N ALA B 54 6.65 -4.84 -6.54
CA ALA B 54 5.75 -3.78 -7.08
C ALA B 54 5.60 -3.93 -8.58
N PHE B 55 6.70 -4.07 -9.27
CA PHE B 55 6.66 -4.25 -10.77
C PHE B 55 5.39 -3.64 -11.36
N ARG B 56 5.44 -2.40 -11.77
CA ARG B 56 4.22 -1.74 -12.32
C ARG B 56 4.27 -1.78 -13.84
N ILE B 57 3.12 -1.74 -14.47
CA ILE B 57 3.08 -1.79 -15.96
C ILE B 57 1.70 -1.31 -16.44
N THR B 58 1.65 -0.74 -17.60
CA THR B 58 0.34 -0.27 -18.17
C THR B 58 0.27 -0.64 -19.65
N CYS B 59 -0.17 0.26 -20.48
CA CYS B 59 -0.26 -0.05 -21.93
C CYS B 59 -0.83 1.18 -22.66
N ALA B 60 -1.10 1.04 -23.94
CA ALA B 60 -1.66 2.18 -24.71
C ALA B 60 -0.63 3.32 -24.78
N ASP B 61 -0.98 4.42 -25.37
CA ASP B 61 -0.03 5.57 -25.46
C ASP B 61 0.12 6.21 -24.08
N GLY B 62 1.28 6.73 -23.78
CA GLY B 62 1.50 7.38 -22.44
C GLY B 62 2.87 6.97 -21.90
N LYS B 63 3.61 6.21 -22.66
CA LYS B 63 4.98 5.77 -22.22
C LYS B 63 4.86 4.96 -20.92
N PHE B 64 4.55 5.60 -19.83
CA PHE B 64 4.44 4.88 -18.53
C PHE B 64 5.77 4.19 -18.22
N LEU B 65 6.02 3.91 -16.96
CA LEU B 65 7.31 3.25 -16.59
C LEU B 65 7.09 2.20 -15.50
N GLY B 66 7.71 1.06 -15.66
CA GLY B 66 7.58 -0.04 -14.65
C GLY B 66 8.80 -0.04 -13.73
N TYR B 67 9.10 1.08 -13.14
CA TYR B 67 10.28 1.14 -12.24
C TYR B 67 10.12 0.14 -11.08
N GLY B 68 11.12 0.10 -10.26
CA GLY B 68 11.09 -0.84 -9.08
C GLY B 68 12.34 -0.67 -8.26
N THR B 69 12.33 -1.10 -7.01
CA THR B 69 13.56 -0.98 -6.19
C THR B 69 14.30 -2.32 -6.26
N ILE B 70 15.58 -2.30 -6.46
CA ILE B 70 16.35 -3.56 -6.51
C ILE B 70 16.68 -3.96 -5.08
N VAL B 71 16.73 -5.25 -4.81
CA VAL B 71 17.03 -5.70 -3.42
C VAL B 71 18.03 -6.86 -3.46
N LYS B 72 18.66 -7.13 -2.35
CA LYS B 72 19.63 -8.27 -2.31
C LYS B 72 19.69 -8.79 -0.88
N ALA B 73 19.79 -10.09 -0.69
CA ALA B 73 19.89 -10.64 0.70
C ALA B 73 21.28 -11.23 0.89
N ASP B 74 21.78 -11.24 2.11
CA ASP B 74 23.13 -11.81 2.36
C ASP B 74 23.19 -12.28 3.82
N GLU B 75 22.41 -13.26 4.17
CA GLU B 75 22.41 -13.77 5.57
C GLU B 75 23.66 -14.62 5.80
N ALA B 76 23.85 -15.65 5.00
CA ALA B 76 25.04 -16.52 5.17
C ALA B 76 24.99 -17.21 6.53
N GLN B 77 23.86 -17.78 6.88
CA GLN B 77 23.73 -18.48 8.20
C GLN B 77 23.14 -19.87 7.98
N PHE B 78 23.94 -20.89 8.12
CA PHE B 78 23.44 -22.28 7.92
C PHE B 78 24.44 -23.27 8.51
N THR B 79 24.09 -23.90 9.59
CA THR B 79 25.03 -24.89 10.22
C THR B 79 24.24 -25.84 11.13
N MET B 80 24.91 -26.73 11.80
CA MET B 80 24.20 -27.68 12.71
C MET B 80 23.50 -26.89 13.81
N ALA B 81 24.07 -25.81 14.24
CA ALA B 81 23.43 -24.99 15.31
C ALA B 81 24.06 -23.60 15.35
N MET C 1 -18.66 -20.74 -8.89
CA MET C 1 -19.63 -21.79 -8.51
C MET C 1 -19.10 -22.57 -7.31
N ILE C 2 -18.74 -21.88 -6.26
CA ILE C 2 -18.21 -22.56 -5.04
C ILE C 2 -16.96 -23.37 -5.41
N PHE C 3 -17.14 -24.52 -6.00
CA PHE C 3 -15.96 -25.34 -6.40
C PHE C 3 -15.07 -25.56 -5.17
N GLU C 4 -13.80 -25.84 -5.38
CA GLU C 4 -12.87 -26.07 -4.24
C GLU C 4 -11.67 -25.13 -4.38
N ASP C 5 -11.29 -24.80 -5.58
CA ASP C 5 -10.12 -23.88 -5.77
C ASP C 5 -10.34 -22.62 -4.91
N LYS C 6 -11.51 -22.05 -4.98
CA LYS C 6 -11.81 -20.83 -4.18
C LYS C 6 -11.03 -19.64 -4.73
N PHE C 7 -11.69 -18.74 -5.42
CA PHE C 7 -10.98 -17.54 -5.98
C PHE C 7 -11.19 -16.36 -5.03
N ILE C 8 -10.12 -15.78 -4.53
CA ILE C 8 -10.24 -14.64 -3.57
C ILE C 8 -9.69 -13.36 -4.19
N ILE C 9 -10.41 -12.28 -4.01
CA ILE C 9 -9.93 -10.96 -4.54
C ILE C 9 -10.08 -9.93 -3.43
N THR C 10 -8.97 -9.41 -2.94
CA THR C 10 -9.04 -8.40 -1.83
C THR C 10 -8.31 -7.13 -2.25
N THR C 11 -8.61 -6.04 -1.58
CA THR C 11 -7.93 -4.74 -1.87
C THR C 11 -7.02 -4.45 -0.68
N ALA C 12 -5.86 -5.03 -0.68
CA ALA C 12 -4.88 -4.76 0.43
C ALA C 12 -3.48 -5.19 0.00
N ASP C 13 -3.39 -6.15 -0.87
CA ASP C 13 -2.05 -6.60 -1.35
C ASP C 13 -1.31 -7.29 -0.22
N GLU C 14 -1.97 -8.12 0.54
CA GLU C 14 -1.27 -8.82 1.66
C GLU C 14 -2.25 -9.75 2.37
N ILE C 15 -1.87 -10.99 2.55
CA ILE C 15 -2.73 -11.97 3.27
C ILE C 15 -1.88 -12.74 4.29
N PRO C 16 -1.61 -12.12 5.42
CA PRO C 16 -0.79 -12.74 6.48
C PRO C 16 -1.44 -14.03 6.99
N GLY C 17 -0.64 -14.92 7.51
CA GLY C 17 -1.18 -16.20 8.05
C GLY C 17 -1.14 -17.28 6.97
N LEU C 18 -0.79 -16.91 5.76
CA LEU C 18 -0.74 -17.89 4.65
C LEU C 18 0.58 -17.75 3.89
N GLN C 19 1.16 -18.86 3.51
CA GLN C 19 2.44 -18.81 2.76
C GLN C 19 2.11 -18.62 1.28
N LEU C 20 2.46 -17.51 0.71
CA LEU C 20 2.13 -17.27 -0.74
C LEU C 20 3.29 -17.67 -1.63
N TYR C 21 3.00 -18.30 -2.75
CA TYR C 21 4.08 -18.77 -3.68
C TYR C 21 3.94 -18.05 -5.02
N SER C 22 4.97 -17.43 -5.55
CA SER C 22 4.82 -16.73 -6.85
C SER C 22 4.66 -17.74 -7.98
N LEU C 23 3.59 -17.62 -8.72
CA LEU C 23 3.35 -18.53 -9.88
C LEU C 23 3.38 -17.69 -11.16
N GLY C 24 3.75 -16.45 -11.05
CA GLY C 24 3.86 -15.57 -12.25
C GLY C 24 2.94 -14.37 -12.10
N ILE C 25 2.86 -13.57 -13.12
CA ILE C 25 1.97 -12.36 -13.08
C ILE C 25 0.89 -12.49 -14.16
N ALA C 26 -0.29 -12.03 -13.86
CA ALA C 26 -1.41 -12.10 -14.85
C ALA C 26 -1.89 -10.70 -15.21
N SER C 27 -2.29 -10.47 -16.43
CA SER C 27 -2.77 -9.13 -16.85
C SER C 27 -3.75 -9.30 -18.01
N THR C 28 -4.80 -8.52 -18.04
CA THR C 28 -5.79 -8.64 -19.16
C THR C 28 -6.42 -7.27 -19.43
N ILE C 29 -6.75 -6.98 -20.66
CA ILE C 29 -7.37 -5.65 -21.00
C ILE C 29 -8.82 -5.84 -21.46
N SER C 30 -9.70 -5.00 -21.00
CA SER C 30 -11.13 -5.13 -21.39
C SER C 30 -11.85 -3.79 -21.18
N ASP C 31 -13.14 -3.78 -21.34
CA ASP C 31 -13.93 -2.52 -21.13
C ASP C 31 -14.55 -2.45 -19.73
N ASN C 32 -15.60 -3.18 -19.48
CA ASN C 32 -16.22 -3.19 -18.13
C ASN C 32 -15.37 -4.08 -17.20
N VAL C 33 -15.47 -3.82 -15.93
CA VAL C 33 -14.67 -4.60 -14.94
C VAL C 33 -15.17 -6.04 -14.89
N ASP C 34 -16.44 -6.24 -15.08
CA ASP C 34 -17.00 -7.63 -15.06
C ASP C 34 -16.22 -8.52 -16.02
N GLU C 35 -15.83 -7.99 -17.14
CA GLU C 35 -15.05 -8.81 -18.12
C GLU C 35 -13.61 -8.91 -17.63
N ILE C 36 -13.08 -7.89 -17.03
CA ILE C 36 -11.69 -7.98 -16.52
C ILE C 36 -11.61 -9.06 -15.44
N VAL C 37 -12.44 -9.00 -14.45
CA VAL C 37 -12.38 -10.01 -13.36
C VAL C 37 -12.65 -11.40 -13.95
N GLU C 38 -13.71 -11.53 -14.70
CA GLU C 38 -14.02 -12.85 -15.29
C GLU C 38 -12.84 -13.31 -16.16
N ASN C 39 -12.23 -12.41 -16.86
CA ASN C 39 -11.07 -12.81 -17.71
C ASN C 39 -9.92 -13.27 -16.82
N LEU C 40 -9.66 -12.59 -15.74
CA LEU C 40 -8.56 -13.01 -14.84
C LEU C 40 -8.97 -14.31 -14.16
N ARG C 41 -10.15 -14.40 -13.63
CA ARG C 41 -10.57 -15.66 -12.95
C ARG C 41 -10.27 -16.84 -13.87
N LYS C 42 -10.77 -16.80 -15.07
CA LYS C 42 -10.52 -17.94 -16.01
C LYS C 42 -9.01 -18.15 -16.17
N GLN C 43 -8.26 -17.08 -16.12
CA GLN C 43 -6.79 -17.22 -16.26
C GLN C 43 -6.21 -17.77 -14.96
N VAL C 44 -6.65 -17.30 -13.83
CA VAL C 44 -6.12 -17.81 -12.56
C VAL C 44 -6.66 -19.22 -12.34
N LYS C 45 -7.96 -19.38 -12.42
CA LYS C 45 -8.55 -20.72 -12.16
C LYS C 45 -7.84 -21.78 -13.01
N ALA C 46 -7.39 -21.36 -14.17
CA ALA C 46 -6.69 -22.28 -15.11
C ALA C 46 -5.26 -22.48 -14.66
N LYS C 47 -4.71 -21.51 -13.98
CA LYS C 47 -3.33 -21.65 -13.46
C LYS C 47 -3.39 -22.22 -12.06
N GLY C 48 -4.56 -22.56 -11.57
CA GLY C 48 -4.61 -23.17 -10.22
C GLY C 48 -4.13 -22.16 -9.18
N GLY C 49 -4.27 -20.89 -9.47
CA GLY C 49 -3.81 -19.85 -8.51
C GLY C 49 -4.83 -19.69 -7.39
N MET C 50 -4.44 -19.09 -6.30
CA MET C 50 -5.35 -18.98 -5.14
C MET C 50 -6.35 -17.85 -5.36
N GLY C 51 -5.90 -16.75 -5.87
CA GLY C 51 -6.80 -15.60 -6.11
C GLY C 51 -5.98 -14.38 -6.53
N LEU C 52 -6.61 -13.22 -6.60
CA LEU C 52 -5.88 -11.98 -7.01
C LEU C 52 -5.77 -11.00 -5.85
N ILE C 53 -4.66 -10.34 -5.73
CA ILE C 53 -4.46 -9.38 -4.60
C ILE C 53 -4.21 -7.97 -5.12
N ALA C 54 -4.67 -6.97 -4.43
CA ALA C 54 -4.41 -5.56 -4.89
C ALA C 54 -5.23 -5.25 -6.12
N PHE C 55 -5.09 -6.02 -7.14
CA PHE C 55 -5.83 -5.76 -8.39
C PHE C 55 -5.44 -4.38 -8.94
N ARG C 56 -6.41 -3.53 -9.13
CA ARG C 56 -6.08 -2.19 -9.67
C ARG C 56 -7.32 -1.27 -9.59
N ILE C 57 -7.57 -0.50 -10.60
CA ILE C 57 -8.76 0.41 -10.59
C ILE C 57 -8.79 1.21 -9.29
N THR C 58 -8.08 2.31 -9.24
CA THR C 58 -8.06 3.11 -8.00
C THR C 58 -7.43 4.47 -8.29
N CYS C 59 -7.21 5.27 -7.28
CA CYS C 59 -6.60 6.61 -7.48
C CYS C 59 -7.38 7.37 -8.55
N ALA C 60 -6.93 7.33 -9.78
CA ALA C 60 -7.65 8.05 -10.87
C ALA C 60 -7.17 7.54 -12.22
N ASP C 61 -6.99 6.26 -12.35
CA ASP C 61 -6.51 5.70 -13.65
C ASP C 61 -6.79 4.20 -13.69
N GLY C 62 -7.75 3.78 -14.49
CA GLY C 62 -8.07 2.33 -14.55
C GLY C 62 -8.87 2.06 -15.84
N LYS C 63 -8.21 2.11 -16.97
CA LYS C 63 -8.93 1.85 -18.27
C LYS C 63 -8.30 0.63 -18.96
N PHE C 64 -7.00 0.64 -19.12
CA PHE C 64 -6.34 -0.53 -19.79
C PHE C 64 -6.30 -1.72 -18.83
N LEU C 65 -5.27 -2.51 -18.89
CA LEU C 65 -5.18 -3.71 -17.98
C LEU C 65 -4.65 -3.27 -16.64
N GLY C 66 -4.42 -4.19 -15.70
CA GLY C 66 -3.84 -3.81 -14.40
C GLY C 66 -2.61 -4.71 -14.21
N TYR C 67 -2.39 -5.20 -13.02
CA TYR C 67 -1.20 -6.07 -12.79
C TYR C 67 -1.39 -6.77 -11.44
N GLY C 68 -1.77 -8.01 -11.42
CA GLY C 68 -1.94 -8.75 -10.13
C GLY C 68 -0.87 -9.82 -10.08
N THR C 69 -0.72 -10.52 -8.98
CA THR C 69 0.33 -11.58 -8.88
C THR C 69 -0.39 -12.89 -8.52
N ILE C 70 -0.09 -13.95 -9.20
CA ILE C 70 -0.72 -15.26 -8.87
C ILE C 70 0.00 -15.81 -7.65
N VAL C 71 -0.72 -16.22 -6.63
CA VAL C 71 -0.04 -16.75 -5.41
C VAL C 71 -0.56 -18.15 -5.10
N LYS C 72 0.17 -18.89 -4.31
CA LYS C 72 -0.30 -20.27 -3.95
C LYS C 72 0.32 -20.64 -2.60
N ALA C 73 -0.42 -21.33 -1.76
CA ALA C 73 0.16 -21.75 -0.44
C ALA C 73 0.54 -23.23 -0.50
N ASP C 74 1.75 -23.54 -0.12
CA ASP C 74 2.18 -24.97 -0.13
C ASP C 74 1.73 -25.64 1.17
N GLU C 75 1.76 -26.95 1.21
CA GLU C 75 1.34 -27.67 2.46
C GLU C 75 2.58 -28.07 3.27
N ALA C 76 2.46 -28.10 4.56
CA ALA C 76 3.63 -28.48 5.41
C ALA C 76 3.14 -28.84 6.82
N GLN C 77 1.99 -28.35 7.18
CA GLN C 77 1.44 -28.65 8.54
C GLN C 77 0.93 -30.10 8.57
N PHE C 78 1.14 -30.79 9.65
CA PHE C 78 0.67 -32.21 9.74
C PHE C 78 -0.80 -32.23 10.15
N THR C 79 -1.24 -31.24 10.89
CA THR C 79 -2.66 -31.19 11.33
C THR C 79 -3.18 -29.75 11.24
N MET C 80 -4.46 -29.58 11.04
CA MET C 80 -5.02 -28.21 10.94
C MET C 80 -6.55 -28.27 11.11
N ALA C 81 -7.13 -27.24 11.65
CA ALA C 81 -8.61 -27.24 11.84
C ALA C 81 -9.08 -25.80 12.09
N MET D 1 -21.83 -11.24 23.20
CA MET D 1 -23.28 -11.40 22.89
C MET D 1 -23.80 -10.13 22.22
N ILE D 2 -23.68 -9.01 22.88
CA ILE D 2 -24.17 -7.73 22.29
C ILE D 2 -23.26 -7.36 21.11
N PHE D 3 -23.77 -6.57 20.20
CA PHE D 3 -22.96 -6.14 19.01
C PHE D 3 -22.90 -4.62 18.95
N GLU D 4 -21.86 -4.05 19.52
CA GLU D 4 -21.75 -2.56 19.50
C GLU D 4 -21.18 -2.11 18.15
N ASP D 5 -19.91 -2.32 17.93
CA ASP D 5 -19.30 -1.91 16.63
C ASP D 5 -20.14 -2.46 15.48
N LYS D 6 -20.36 -1.68 14.46
CA LYS D 6 -21.18 -2.14 13.30
C LYS D 6 -20.61 -1.55 11.99
N PHE D 7 -20.70 -0.26 11.86
CA PHE D 7 -20.17 0.44 10.64
C PHE D 7 -18.83 1.08 10.97
N ILE D 8 -17.79 0.72 10.24
CA ILE D 8 -16.44 1.32 10.50
C ILE D 8 -15.81 1.72 9.17
N ILE D 9 -15.37 2.95 9.06
CA ILE D 9 -14.72 3.41 7.79
C ILE D 9 -13.37 4.03 8.13
N THR D 10 -12.30 3.42 7.67
CA THR D 10 -10.94 3.98 7.96
C THR D 10 -10.19 4.16 6.64
N THR D 11 -9.21 5.04 6.64
CA THR D 11 -8.40 5.29 5.42
C THR D 11 -7.08 4.53 5.62
N ALA D 12 -7.10 3.26 5.34
CA ALA D 12 -5.84 2.45 5.46
C ALA D 12 -5.98 1.16 4.67
N ASP D 13 -6.02 0.04 5.34
CA ASP D 13 -6.14 -1.27 4.63
C ASP D 13 -6.84 -2.28 5.54
N GLU D 14 -6.33 -3.49 5.58
CA GLU D 14 -6.95 -4.53 6.44
C GLU D 14 -6.87 -4.10 7.90
N ILE D 15 -7.71 -4.66 8.74
CA ILE D 15 -7.68 -4.32 10.19
C ILE D 15 -7.21 -5.56 10.99
N PRO D 16 -5.94 -5.59 11.36
CA PRO D 16 -5.38 -6.75 12.11
C PRO D 16 -6.12 -6.92 13.44
N GLY D 17 -6.11 -8.12 14.00
CA GLY D 17 -6.78 -8.35 15.30
C GLY D 17 -8.23 -8.80 15.08
N LEU D 18 -8.68 -8.75 13.86
CA LEU D 18 -10.08 -9.15 13.54
C LEU D 18 -10.06 -10.11 12.34
N GLN D 19 -10.92 -11.09 12.35
CA GLN D 19 -10.98 -12.06 11.22
C GLN D 19 -11.93 -11.51 10.17
N LEU D 20 -11.41 -11.08 9.07
CA LEU D 20 -12.27 -10.49 8.00
C LEU D 20 -12.22 -11.38 6.75
N TYR D 21 -13.35 -11.71 6.19
CA TYR D 21 -13.38 -12.55 4.96
C TYR D 21 -13.92 -11.70 3.81
N SER D 22 -13.39 -11.90 2.63
CA SER D 22 -13.87 -11.11 1.45
C SER D 22 -15.23 -11.67 1.01
N LEU D 23 -16.22 -10.82 0.87
CA LEU D 23 -17.57 -11.28 0.42
C LEU D 23 -17.83 -10.71 -0.97
N GLY D 24 -16.80 -10.20 -1.58
CA GLY D 24 -16.93 -9.65 -2.97
C GLY D 24 -16.43 -8.23 -3.00
N ILE D 25 -16.50 -7.62 -4.17
CA ILE D 25 -16.03 -6.21 -4.31
C ILE D 25 -17.24 -5.30 -4.50
N ALA D 26 -17.18 -4.10 -3.96
CA ALA D 26 -18.30 -3.13 -4.12
C ALA D 26 -17.85 -1.97 -5.00
N SER D 27 -18.73 -1.45 -5.81
CA SER D 27 -18.35 -0.32 -6.70
C SER D 27 -19.59 0.52 -7.00
N THR D 28 -19.46 1.82 -6.99
CA THR D 28 -20.64 2.69 -7.29
C THR D 28 -20.15 3.98 -7.94
N ILE D 29 -20.90 4.53 -8.87
CA ILE D 29 -20.48 5.79 -9.53
C ILE D 29 -21.52 6.89 -9.24
N SER D 30 -21.09 8.01 -8.76
CA SER D 30 -22.05 9.11 -8.45
C SER D 30 -21.26 10.37 -8.05
N ASP D 31 -21.93 11.47 -7.85
CA ASP D 31 -21.23 12.74 -7.47
C ASP D 31 -21.52 13.05 -6.01
N ASN D 32 -20.67 13.83 -5.36
CA ASN D 32 -20.86 14.13 -3.90
C ASN D 32 -20.20 13.00 -3.10
N VAL D 33 -19.28 13.33 -2.22
CA VAL D 33 -18.59 12.29 -1.40
C VAL D 33 -19.57 11.71 -0.40
N ASP D 34 -20.41 12.53 0.16
CA ASP D 34 -21.41 12.02 1.16
C ASP D 34 -22.35 11.02 0.49
N GLU D 35 -22.62 11.19 -0.78
CA GLU D 35 -23.54 10.24 -1.48
C GLU D 35 -22.81 8.92 -1.73
N ILE D 36 -21.58 8.96 -2.12
CA ILE D 36 -20.83 7.69 -2.37
C ILE D 36 -20.74 6.91 -1.04
N VAL D 37 -20.40 7.57 0.03
CA VAL D 37 -20.31 6.85 1.34
C VAL D 37 -21.66 6.18 1.61
N GLU D 38 -22.73 6.91 1.45
CA GLU D 38 -24.08 6.33 1.71
C GLU D 38 -24.35 5.17 0.74
N ASN D 39 -24.00 5.34 -0.51
CA ASN D 39 -24.24 4.27 -1.51
C ASN D 39 -23.49 3.01 -1.09
N LEU D 40 -22.27 3.13 -0.69
CA LEU D 40 -21.50 1.94 -0.25
C LEU D 40 -22.05 1.47 1.10
N ARG D 41 -22.23 2.35 2.04
CA ARG D 41 -22.78 1.92 3.35
C ARG D 41 -24.03 1.05 3.13
N LYS D 42 -24.95 1.54 2.34
CA LYS D 42 -26.19 0.76 2.08
C LYS D 42 -25.84 -0.58 1.45
N GLN D 43 -24.84 -0.60 0.60
CA GLN D 43 -24.42 -1.88 -0.06
C GLN D 43 -23.67 -2.75 0.93
N VAL D 44 -22.89 -2.15 1.78
CA VAL D 44 -22.15 -2.93 2.79
C VAL D 44 -23.13 -3.47 3.81
N LYS D 45 -23.97 -2.63 4.38
CA LYS D 45 -24.85 -3.15 5.46
C LYS D 45 -25.81 -4.19 4.87
N ALA D 46 -26.13 -4.02 3.61
CA ALA D 46 -27.06 -4.95 2.93
C ALA D 46 -26.38 -6.31 2.79
N LYS D 47 -25.09 -6.31 2.68
CA LYS D 47 -24.35 -7.58 2.57
C LYS D 47 -23.97 -8.06 3.97
N GLY D 48 -24.36 -7.35 5.00
CA GLY D 48 -24.00 -7.81 6.36
C GLY D 48 -22.49 -7.68 6.56
N GLY D 49 -21.86 -6.81 5.80
CA GLY D 49 -20.40 -6.63 5.94
C GLY D 49 -20.08 -5.91 7.25
N MET D 50 -18.89 -5.40 7.39
CA MET D 50 -18.50 -4.68 8.64
C MET D 50 -18.33 -3.19 8.34
N GLY D 51 -17.72 -2.86 7.23
CA GLY D 51 -17.51 -1.44 6.87
C GLY D 51 -16.65 -1.35 5.61
N LEU D 52 -16.01 -0.22 5.40
CA LEU D 52 -15.14 -0.05 4.19
C LEU D 52 -13.73 0.36 4.59
N ILE D 53 -12.74 -0.18 3.94
CA ILE D 53 -11.32 0.12 4.30
C ILE D 53 -10.60 0.79 3.12
N ALA D 54 -9.65 1.65 3.37
CA ALA D 54 -8.91 2.33 2.26
C ALA D 54 -9.73 3.51 1.76
N PHE D 55 -11.01 3.35 1.72
CA PHE D 55 -11.89 4.46 1.26
C PHE D 55 -11.35 5.04 -0.05
N ARG D 56 -10.83 6.24 -0.02
CA ARG D 56 -10.30 6.86 -1.26
C ARG D 56 -11.40 6.93 -2.33
N ILE D 57 -11.68 8.10 -2.83
CA ILE D 57 -12.74 8.24 -3.87
C ILE D 57 -12.23 9.18 -4.98
N THR D 58 -13.12 9.59 -5.85
CA THR D 58 -12.71 10.52 -6.95
C THR D 58 -13.87 11.49 -7.23
N CYS D 59 -13.65 12.76 -7.04
CA CYS D 59 -14.73 13.76 -7.30
C CYS D 59 -14.12 15.15 -7.41
N ALA D 60 -13.36 15.41 -8.45
CA ALA D 60 -12.74 16.75 -8.61
C ALA D 60 -12.30 16.92 -10.07
N ASP D 61 -12.36 15.89 -10.85
CA ASP D 61 -11.94 15.99 -12.27
C ASP D 61 -12.52 14.80 -13.05
N GLY D 62 -12.93 13.76 -12.37
CA GLY D 62 -13.49 12.59 -13.09
C GLY D 62 -13.76 11.45 -12.10
N LYS D 63 -14.99 11.20 -11.79
CA LYS D 63 -15.31 10.11 -10.81
C LYS D 63 -14.81 8.78 -11.37
N PHE D 64 -15.67 8.04 -12.04
CA PHE D 64 -15.26 6.74 -12.64
C PHE D 64 -15.13 5.67 -11.55
N LEU D 65 -16.20 5.40 -10.84
CA LEU D 65 -16.15 4.35 -9.78
C LEU D 65 -15.28 4.84 -8.63
N GLY D 66 -15.40 4.30 -7.43
CA GLY D 66 -14.52 4.73 -6.31
C GLY D 66 -13.70 3.52 -5.86
N TYR D 67 -14.24 2.33 -5.99
CA TYR D 67 -13.49 1.08 -5.60
C TYR D 67 -13.56 0.83 -4.09
N GLY D 68 -14.03 -0.32 -3.72
CA GLY D 68 -14.16 -0.66 -2.27
C GLY D 68 -14.45 -2.15 -2.10
N THR D 69 -13.84 -2.79 -1.11
CA THR D 69 -14.10 -4.23 -0.88
C THR D 69 -14.91 -4.42 0.39
N ILE D 70 -15.74 -5.43 0.43
CA ILE D 70 -16.60 -5.69 1.62
C ILE D 70 -15.94 -6.75 2.50
N VAL D 71 -16.14 -6.66 3.79
CA VAL D 71 -15.54 -7.65 4.71
C VAL D 71 -16.51 -7.94 5.85
N LYS D 72 -16.42 -9.10 6.46
CA LYS D 72 -17.36 -9.42 7.58
C LYS D 72 -16.58 -10.17 8.66
N ALA D 73 -16.85 -9.92 9.94
CA ALA D 73 -16.12 -10.64 11.01
C ALA D 73 -17.14 -11.33 11.91
N ASP D 74 -16.86 -12.53 12.37
CA ASP D 74 -17.83 -13.24 13.26
C ASP D 74 -17.31 -14.67 13.49
N GLU D 75 -16.02 -14.86 13.45
CA GLU D 75 -15.46 -16.23 13.65
C GLU D 75 -15.48 -16.59 15.13
N ALA D 76 -16.14 -17.66 15.51
CA ALA D 76 -16.16 -18.05 16.95
C ALA D 76 -16.89 -19.38 17.15
N GLN D 77 -18.13 -19.31 17.58
CA GLN D 77 -18.94 -20.56 17.76
C GLN D 77 -20.26 -20.20 18.46
N PHE D 78 -21.33 -20.88 18.12
CA PHE D 78 -22.65 -20.60 18.75
C PHE D 78 -23.20 -21.88 19.39
N THR D 79 -23.12 -22.99 18.69
CA THR D 79 -23.63 -24.26 19.26
C THR D 79 -23.14 -25.43 18.41
N MET D 80 -21.97 -25.32 17.84
CA MET D 80 -21.43 -26.42 17.00
C MET D 80 -22.50 -26.87 16.00
N ALA D 81 -22.38 -28.06 15.47
CA ALA D 81 -23.39 -28.55 14.49
C ALA D 81 -24.68 -28.88 15.23
N MET E 1 8.56 14.53 32.25
CA MET E 1 8.28 14.27 30.82
C MET E 1 8.05 15.60 30.09
N ILE E 2 8.00 15.57 28.78
CA ILE E 2 7.77 16.83 28.01
C ILE E 2 6.27 17.05 27.84
N PHE E 3 5.88 18.23 27.44
CA PHE E 3 4.42 18.52 27.23
C PHE E 3 4.24 19.32 25.95
N GLU E 4 5.31 19.58 25.25
CA GLU E 4 5.19 20.36 23.98
C GLU E 4 4.64 19.46 22.87
N ASP E 5 3.43 18.99 23.02
CA ASP E 5 2.85 18.08 21.98
C ASP E 5 2.94 18.77 20.62
N LYS E 6 2.60 18.07 19.56
CA LYS E 6 2.65 18.72 18.22
C LYS E 6 1.68 18.02 17.27
N PHE E 7 1.94 18.08 15.99
CA PHE E 7 1.03 17.42 14.99
C PHE E 7 1.74 16.21 14.38
N ILE E 8 1.16 15.04 14.52
CA ILE E 8 1.81 13.81 13.97
C ILE E 8 1.25 13.45 12.61
N ILE E 9 2.09 13.25 11.62
CA ILE E 9 1.62 12.89 10.25
C ILE E 9 2.48 11.73 9.75
N THR E 10 1.87 10.61 9.44
CA THR E 10 2.65 9.45 8.92
C THR E 10 2.27 9.18 7.46
N THR E 11 3.24 9.00 6.61
CA THR E 11 2.93 8.73 5.17
C THR E 11 1.94 7.56 5.01
N ALA E 12 2.43 6.34 4.88
CA ALA E 12 1.53 5.15 4.75
C ALA E 12 2.02 4.07 5.68
N ASP E 13 1.80 4.27 6.96
CA ASP E 13 2.25 3.27 7.96
C ASP E 13 1.47 3.48 9.27
N GLU E 14 1.12 2.42 9.92
CA GLU E 14 0.36 2.54 11.20
C GLU E 14 1.33 2.87 12.33
N ILE E 15 0.84 3.05 13.53
CA ILE E 15 1.73 3.37 14.69
C ILE E 15 1.53 2.33 15.80
N PRO E 16 2.28 1.23 15.74
CA PRO E 16 2.17 0.16 16.73
C PRO E 16 2.52 0.68 18.13
N GLY E 17 2.01 0.04 19.15
CA GLY E 17 2.32 0.48 20.54
C GLY E 17 1.25 1.45 21.02
N LEU E 18 0.42 1.94 20.13
CA LEU E 18 -0.66 2.89 20.51
C LEU E 18 -2.00 2.36 20.05
N GLN E 19 -3.00 2.44 20.89
CA GLN E 19 -4.34 1.97 20.49
C GLN E 19 -5.03 3.15 19.77
N LEU E 20 -5.27 3.01 18.51
CA LEU E 20 -5.94 4.11 17.76
C LEU E 20 -7.43 3.80 17.61
N TYR E 21 -8.25 4.82 17.69
CA TYR E 21 -9.73 4.62 17.57
C TYR E 21 -10.26 5.49 16.43
N SER E 22 -11.02 4.94 15.53
CA SER E 22 -11.56 5.75 14.40
C SER E 22 -12.45 6.89 14.91
N LEU E 23 -12.19 8.08 14.45
CA LEU E 23 -13.00 9.27 14.85
C LEU E 23 -13.69 9.85 13.61
N GLY E 24 -13.61 9.14 12.53
CA GLY E 24 -14.29 9.59 11.28
C GLY E 24 -13.25 9.84 10.19
N ILE E 25 -13.70 10.37 9.07
CA ILE E 25 -12.75 10.66 7.95
C ILE E 25 -12.72 12.16 7.68
N ALA E 26 -11.58 12.67 7.33
CA ALA E 26 -11.45 14.14 7.04
C ALA E 26 -10.99 14.34 5.59
N SER E 27 -11.47 15.35 4.93
CA SER E 27 -11.05 15.63 3.53
C SER E 27 -11.18 17.12 3.29
N THR E 28 -10.20 17.74 2.65
CA THR E 28 -10.31 19.20 2.38
C THR E 28 -9.56 19.53 1.08
N ILE E 29 -9.96 20.56 0.38
CA ILE E 29 -9.25 20.93 -0.89
C ILE E 29 -8.86 22.41 -0.81
N SER E 30 -7.64 22.74 -1.16
CA SER E 30 -7.22 24.16 -1.08
C SER E 30 -6.04 24.42 -2.04
N ASP E 31 -5.99 23.72 -3.14
CA ASP E 31 -4.89 23.92 -4.14
C ASP E 31 -3.49 23.77 -3.52
N ASN E 32 -3.08 24.71 -2.72
CA ASN E 32 -1.76 24.60 -2.02
C ASN E 32 -1.84 23.44 -1.04
N VAL E 33 -0.81 22.61 -1.02
CA VAL E 33 -0.78 21.44 -0.10
C VAL E 33 -0.60 21.95 1.35
N ASP E 34 0.26 22.92 1.52
CA ASP E 34 0.48 23.50 2.89
C ASP E 34 -0.85 23.91 3.50
N GLU E 35 -1.80 24.24 2.70
CA GLU E 35 -3.14 24.61 3.24
C GLU E 35 -3.89 23.33 3.62
N ILE E 36 -3.69 22.27 2.89
CA ILE E 36 -4.39 21.00 3.22
C ILE E 36 -3.98 20.58 4.64
N VAL E 37 -2.70 20.49 4.91
CA VAL E 37 -2.28 20.06 6.26
C VAL E 37 -2.80 21.05 7.30
N GLU E 38 -2.61 22.33 7.06
CA GLU E 38 -3.09 23.34 8.04
C GLU E 38 -4.61 23.24 8.16
N ASN E 39 -5.30 23.05 7.07
CA ASN E 39 -6.78 22.93 7.13
C ASN E 39 -7.15 21.67 7.90
N LEU E 40 -6.51 20.57 7.63
CA LEU E 40 -6.82 19.33 8.39
C LEU E 40 -6.45 19.54 9.84
N ARG E 41 -5.31 20.12 10.10
CA ARG E 41 -4.92 20.34 11.52
C ARG E 41 -6.09 20.98 12.28
N LYS E 42 -6.58 22.08 11.81
CA LYS E 42 -7.71 22.75 12.50
C LYS E 42 -8.88 21.77 12.63
N GLN E 43 -9.03 20.91 11.66
CA GLN E 43 -10.14 19.91 11.72
C GLN E 43 -9.79 18.83 12.74
N VAL E 44 -8.55 18.40 12.79
CA VAL E 44 -8.18 17.36 13.77
C VAL E 44 -8.13 17.98 15.16
N LYS E 45 -7.41 19.06 15.31
CA LYS E 45 -7.27 19.67 16.66
C LYS E 45 -8.65 19.86 17.29
N ALA E 46 -9.63 20.06 16.43
CA ALA E 46 -11.03 20.27 16.90
C ALA E 46 -11.64 18.94 17.30
N LYS E 47 -11.16 17.87 16.74
CA LYS E 47 -11.66 16.54 17.10
C LYS E 47 -10.76 15.95 18.15
N GLY E 48 -9.76 16.67 18.64
CA GLY E 48 -8.94 16.09 19.72
C GLY E 48 -8.19 14.87 19.21
N GLY E 49 -7.85 14.86 17.94
CA GLY E 49 -7.11 13.70 17.36
C GLY E 49 -5.60 13.92 17.50
N MET E 50 -4.84 12.85 17.55
CA MET E 50 -3.37 12.98 17.71
C MET E 50 -2.74 13.64 16.48
N GLY E 51 -3.35 13.44 15.34
CA GLY E 51 -2.81 14.03 14.09
C GLY E 51 -3.54 13.43 12.88
N LEU E 52 -2.81 13.10 11.84
CA LEU E 52 -3.46 12.52 10.61
C LEU E 52 -2.68 11.30 10.15
N ILE E 53 -3.38 10.27 9.75
CA ILE E 53 -2.70 9.01 9.30
C ILE E 53 -2.99 8.76 7.82
N ALA E 54 -2.06 8.23 7.08
CA ALA E 54 -2.33 7.94 5.64
C ALA E 54 -2.56 9.23 4.87
N PHE E 55 -1.51 9.96 4.61
CA PHE E 55 -1.67 11.24 3.85
C PHE E 55 -1.31 10.99 2.39
N ARG E 56 -2.31 10.98 1.54
CA ARG E 56 -2.05 10.72 0.10
C ARG E 56 -1.96 12.03 -0.68
N ILE E 57 -0.99 12.15 -1.55
CA ILE E 57 -0.83 13.39 -2.35
C ILE E 57 0.40 13.24 -3.26
N THR E 58 0.19 13.02 -4.53
CA THR E 58 1.36 12.87 -5.45
C THR E 58 0.96 13.36 -6.85
N CYS E 59 0.55 12.48 -7.71
CA CYS E 59 0.16 12.91 -9.08
C CYS E 59 -1.11 13.76 -9.02
N ALA E 60 -0.97 15.06 -9.19
CA ALA E 60 -2.16 15.94 -9.13
C ALA E 60 -2.92 15.85 -10.46
N ASP E 61 -3.17 14.65 -10.92
CA ASP E 61 -3.90 14.50 -12.22
C ASP E 61 -5.22 15.26 -12.16
N GLY E 62 -5.71 15.53 -10.98
CA GLY E 62 -7.00 16.27 -10.86
C GLY E 62 -7.55 16.09 -9.44
N LYS E 63 -6.93 15.26 -8.64
CA LYS E 63 -7.42 15.03 -7.25
C LYS E 63 -6.72 15.99 -6.29
N PHE E 64 -7.38 16.38 -5.23
CA PHE E 64 -6.74 17.32 -4.26
C PHE E 64 -7.36 17.10 -2.87
N LEU E 65 -7.75 15.90 -2.58
CA LEU E 65 -8.39 15.61 -1.26
C LEU E 65 -7.37 14.97 -0.30
N GLY E 66 -7.10 15.64 0.79
CA GLY E 66 -6.11 15.10 1.76
C GLY E 66 -6.70 13.88 2.47
N TYR E 67 -7.05 12.85 1.71
CA TYR E 67 -7.63 11.63 2.33
C TYR E 67 -6.91 11.30 3.64
N GLY E 68 -7.61 11.39 4.74
CA GLY E 68 -6.96 11.09 6.05
C GLY E 68 -8.03 10.65 7.05
N THR E 69 -7.67 9.82 7.98
CA THR E 69 -8.64 9.35 9.01
C THR E 69 -8.20 9.91 10.36
N ILE E 70 -9.13 10.38 11.14
CA ILE E 70 -8.78 10.90 12.49
C ILE E 70 -8.68 9.71 13.43
N VAL E 71 -7.84 9.79 14.42
CA VAL E 71 -7.68 8.65 15.37
C VAL E 71 -7.76 9.16 16.81
N LYS E 72 -7.95 8.27 17.75
CA LYS E 72 -8.02 8.70 19.18
C LYS E 72 -7.45 7.58 20.04
N ALA E 73 -6.79 7.90 21.12
CA ALA E 73 -6.23 6.81 21.99
C ALA E 73 -7.01 6.85 23.31
N ASP E 74 -7.37 5.70 23.85
CA ASP E 74 -8.09 5.68 25.16
C ASP E 74 -7.64 4.44 25.93
N GLU E 75 -7.07 4.63 27.09
CA GLU E 75 -6.61 3.46 27.89
C GLU E 75 -6.44 3.88 29.36
N ALA E 76 -7.47 4.43 29.94
CA ALA E 76 -7.38 4.87 31.36
C ALA E 76 -7.68 3.68 32.28
N GLN E 77 -8.72 2.94 32.00
CA GLN E 77 -9.06 1.78 32.85
C GLN E 77 -10.08 0.89 32.11
N PHE E 78 -11.00 0.30 32.82
CA PHE E 78 -12.01 -0.57 32.16
C PHE E 78 -13.27 0.25 31.86
N THR E 79 -13.59 0.41 30.61
CA THR E 79 -14.81 1.19 30.24
C THR E 79 -16.06 0.41 30.66
N MET E 80 -16.67 0.79 31.75
CA MET E 80 -17.89 0.06 32.21
C MET E 80 -18.95 0.10 31.09
N ALA E 81 -19.83 -0.87 31.08
CA ALA E 81 -20.89 -0.89 30.02
C ALA E 81 -22.02 -1.83 30.47
N MET A 1 32.06 14.38 10.95
CA MET A 1 31.54 13.66 12.15
C MET A 1 32.18 12.28 12.23
N ILE A 2 31.95 11.56 13.30
CA ILE A 2 32.55 10.21 13.44
C ILE A 2 31.77 9.21 12.59
N PHE A 3 30.52 9.00 12.91
CA PHE A 3 29.70 8.03 12.12
C PHE A 3 29.09 8.74 10.91
N GLU A 4 29.44 8.34 9.73
CA GLU A 4 28.88 9.00 8.51
C GLU A 4 27.40 8.64 8.38
N ASP A 5 26.68 9.37 7.57
CA ASP A 5 25.23 9.07 7.39
C ASP A 5 25.05 7.98 6.33
N LYS A 6 24.22 7.01 6.61
CA LYS A 6 23.99 5.91 5.63
C LYS A 6 22.84 6.31 4.71
N PHE A 7 23.03 6.13 3.43
CA PHE A 7 21.97 6.44 2.44
C PHE A 7 21.31 5.14 2.00
N ILE A 8 20.02 5.01 2.18
CA ILE A 8 19.31 3.76 1.74
C ILE A 8 18.02 4.12 1.00
N ILE A 9 17.72 3.44 -0.07
CA ILE A 9 16.48 3.74 -0.82
C ILE A 9 15.69 2.43 -1.00
N THR A 10 14.51 2.36 -0.47
CA THR A 10 13.69 1.12 -0.61
C THR A 10 12.31 1.47 -1.17
N THR A 11 11.67 0.54 -1.81
CA THR A 11 10.32 0.79 -2.38
C THR A 11 9.44 -0.42 -2.04
N ALA A 12 8.41 -0.21 -1.26
CA ALA A 12 7.48 -1.33 -0.93
C ALA A 12 8.26 -2.50 -0.33
N ASP A 13 8.81 -2.29 0.84
CA ASP A 13 9.58 -3.37 1.51
C ASP A 13 9.77 -3.03 2.99
N GLU A 14 9.72 -1.77 3.33
CA GLU A 14 9.90 -1.37 4.76
C GLU A 14 11.24 -1.89 5.27
N ILE A 15 11.63 -1.48 6.45
CA ILE A 15 12.94 -1.95 7.02
C ILE A 15 12.76 -2.24 8.51
N PRO A 16 12.11 -3.35 8.82
CA PRO A 16 11.86 -3.77 10.21
C PRO A 16 13.18 -3.96 10.95
N GLY A 17 13.17 -3.85 12.26
CA GLY A 17 14.44 -4.03 13.03
C GLY A 17 15.11 -2.69 13.26
N LEU A 18 14.57 -1.62 12.72
CA LEU A 18 15.21 -0.28 12.88
C LEU A 18 14.14 0.71 13.36
N GLN A 19 14.50 1.54 14.30
CA GLN A 19 13.53 2.57 14.81
C GLN A 19 13.62 3.78 13.90
N LEU A 20 12.57 4.08 13.18
CA LEU A 20 12.59 5.25 12.25
C LEU A 20 11.99 6.47 12.96
N TYR A 21 12.59 7.62 12.79
CA TYR A 21 12.08 8.86 13.45
C TYR A 21 11.48 9.76 12.40
N SER A 22 10.57 10.64 12.71
CA SER A 22 10.00 11.53 11.65
C SER A 22 10.81 12.84 11.66
N LEU A 23 11.32 13.23 10.52
CA LEU A 23 12.09 14.50 10.44
C LEU A 23 11.37 15.46 9.49
N GLY A 24 10.19 15.08 9.04
CA GLY A 24 9.41 15.98 8.14
C GLY A 24 9.16 15.28 6.81
N ILE A 25 8.77 16.03 5.82
CA ILE A 25 8.50 15.44 4.47
C ILE A 25 9.23 16.25 3.40
N ALA A 26 9.69 15.58 2.38
CA ALA A 26 10.40 16.30 1.26
C ALA A 26 9.54 16.24 0.00
N SER A 27 9.70 17.18 -0.89
CA SER A 27 8.89 17.19 -2.14
C SER A 27 9.73 17.78 -3.28
N THR A 28 9.48 17.35 -4.48
CA THR A 28 10.27 17.86 -5.65
C THR A 28 9.38 17.86 -6.89
N ILE A 29 9.42 18.94 -7.65
CA ILE A 29 8.60 19.04 -8.89
C ILE A 29 9.50 19.41 -10.06
N SER A 30 9.47 18.64 -11.11
CA SER A 30 10.33 18.93 -12.30
C SER A 30 10.24 17.76 -13.31
N ASP A 31 11.37 17.25 -13.75
CA ASP A 31 11.37 16.11 -14.71
C ASP A 31 12.66 15.32 -14.55
N ASN A 32 12.72 14.13 -15.08
CA ASN A 32 13.95 13.28 -14.90
C ASN A 32 13.90 12.69 -13.49
N VAL A 33 13.68 11.41 -13.39
CA VAL A 33 13.62 10.75 -12.04
C VAL A 33 15.03 10.74 -11.43
N ASP A 34 16.03 10.54 -12.24
CA ASP A 34 17.43 10.50 -11.71
C ASP A 34 17.78 11.85 -11.08
N GLU A 35 17.25 12.92 -11.59
CA GLU A 35 17.55 14.26 -11.01
C GLU A 35 16.76 14.43 -9.71
N ILE A 36 15.55 13.93 -9.65
CA ILE A 36 14.76 14.05 -8.40
C ILE A 36 15.48 13.29 -7.29
N VAL A 37 15.99 12.12 -7.56
CA VAL A 37 16.69 11.34 -6.50
C VAL A 37 17.82 12.19 -5.93
N GLU A 38 18.65 12.73 -6.78
CA GLU A 38 19.78 13.57 -6.30
C GLU A 38 19.24 14.75 -5.49
N ASN A 39 18.16 15.33 -5.91
CA ASN A 39 17.60 16.49 -5.16
C ASN A 39 17.21 16.03 -3.75
N LEU A 40 16.59 14.89 -3.63
CA LEU A 40 16.21 14.41 -2.28
C LEU A 40 17.48 14.07 -1.51
N ARG A 41 18.40 13.37 -2.12
CA ARG A 41 19.65 13.00 -1.39
C ARG A 41 20.24 14.25 -0.74
N LYS A 42 20.45 15.28 -1.52
CA LYS A 42 21.04 16.54 -0.96
C LYS A 42 20.15 17.04 0.18
N GLN A 43 18.86 16.84 0.07
CA GLN A 43 17.94 17.30 1.14
C GLN A 43 18.09 16.40 2.36
N VAL A 44 18.19 15.12 2.18
CA VAL A 44 18.34 14.22 3.34
C VAL A 44 19.77 14.29 3.86
N LYS A 45 20.73 14.12 2.99
CA LYS A 45 22.15 14.12 3.44
C LYS A 45 22.41 15.36 4.32
N ALA A 46 21.73 16.42 4.00
CA ALA A 46 21.89 17.70 4.74
C ALA A 46 21.14 17.64 6.05
N LYS A 47 20.08 16.88 6.09
CA LYS A 47 19.32 16.73 7.35
C LYS A 47 19.82 15.50 8.09
N GLY A 48 20.87 14.87 7.60
CA GLY A 48 21.39 13.71 8.37
C GLY A 48 20.32 12.64 8.49
N GLY A 49 19.43 12.58 7.53
CA GLY A 49 18.34 11.55 7.59
C GLY A 49 18.94 10.17 7.32
N MET A 50 18.11 9.18 7.10
CA MET A 50 18.62 7.80 6.83
C MET A 50 18.46 7.48 5.34
N GLY A 51 17.27 7.63 4.81
CA GLY A 51 17.08 7.32 3.37
C GLY A 51 15.64 7.63 2.96
N LEU A 52 15.30 7.45 1.71
CA LEU A 52 13.92 7.75 1.24
C LEU A 52 13.09 6.47 1.17
N ILE A 53 11.87 6.52 1.66
CA ILE A 53 11.00 5.31 1.65
C ILE A 53 9.83 5.53 0.69
N ALA A 54 9.46 4.54 -0.08
CA ALA A 54 8.32 4.72 -1.02
C ALA A 54 8.43 6.06 -1.73
N PHE A 55 9.60 6.40 -2.20
CA PHE A 55 9.80 7.71 -2.88
C PHE A 55 9.38 7.57 -4.35
N ARG A 56 9.48 6.39 -4.89
CA ARG A 56 9.14 6.19 -6.32
C ARG A 56 7.87 6.97 -6.67
N ILE A 57 7.67 7.23 -7.92
CA ILE A 57 6.46 7.98 -8.35
C ILE A 57 5.21 7.34 -7.73
N THR A 58 5.31 6.09 -7.35
CA THR A 58 4.12 5.40 -6.76
C THR A 58 3.05 5.19 -7.85
N CYS A 59 1.93 4.64 -7.47
CA CYS A 59 0.85 4.40 -8.48
C CYS A 59 0.33 5.75 -9.00
N ALA A 60 1.03 6.34 -9.93
CA ALA A 60 0.58 7.65 -10.49
C ALA A 60 1.06 7.78 -11.93
N ASP A 61 2.25 7.32 -12.21
CA ASP A 61 2.78 7.41 -13.60
C ASP A 61 2.71 8.87 -14.07
N GLY A 62 2.59 9.79 -13.16
CA GLY A 62 2.50 11.22 -13.59
C GLY A 62 3.84 11.66 -14.18
N LYS A 63 4.90 11.01 -13.79
CA LYS A 63 6.24 11.38 -14.33
C LYS A 63 6.48 12.88 -14.08
N PHE A 64 6.07 13.38 -12.95
CA PHE A 64 6.28 14.82 -12.65
C PHE A 64 5.97 15.09 -11.18
N LEU A 65 6.41 14.22 -10.31
CA LEU A 65 6.14 14.43 -8.86
C LEU A 65 7.04 13.50 -8.02
N GLY A 66 7.71 14.05 -7.05
CA GLY A 66 8.60 13.21 -6.18
C GLY A 66 8.42 13.62 -4.72
N TYR A 67 8.26 12.66 -3.85
CA TYR A 67 8.09 12.99 -2.40
C TYR A 67 8.65 11.85 -1.55
N GLY A 68 8.65 12.05 -0.26
CA GLY A 68 9.19 11.00 0.66
C GLY A 68 9.27 11.54 2.07
N THR A 69 9.27 10.67 3.05
CA THR A 69 9.37 11.12 4.45
C THR A 69 10.82 10.97 4.91
N ILE A 70 11.35 11.96 5.58
CA ILE A 70 12.74 11.89 6.09
C ILE A 70 12.70 11.27 7.48
N VAL A 71 13.53 10.27 7.73
CA VAL A 71 13.51 9.63 9.07
C VAL A 71 14.94 9.35 9.55
N LYS A 72 15.10 9.01 10.80
CA LYS A 72 16.45 8.71 11.33
C LYS A 72 16.33 7.70 12.47
N ALA A 73 17.32 6.89 12.69
CA ALA A 73 17.24 5.89 13.81
C ALA A 73 18.12 6.31 14.99
N ASP A 74 17.52 6.59 16.11
CA ASP A 74 18.30 7.05 17.30
C ASP A 74 17.34 7.47 18.42
N GLU A 75 17.86 7.62 19.61
CA GLU A 75 16.98 8.02 20.75
C GLU A 75 16.33 9.37 20.42
N ALA A 76 16.99 10.19 19.64
CA ALA A 76 16.42 11.52 19.27
C ALA A 76 16.09 12.29 20.55
N GLN A 77 15.44 13.42 20.42
CA GLN A 77 15.08 14.23 21.63
C GLN A 77 16.36 14.65 22.35
N PHE A 78 16.28 15.69 23.15
CA PHE A 78 17.50 16.15 23.89
C PHE A 78 17.98 15.04 24.82
N THR A 79 19.27 14.94 25.00
CA THR A 79 19.81 13.87 25.89
C THR A 79 19.58 14.28 27.35
N MET A 80 19.84 13.39 28.27
CA MET A 80 19.65 13.72 29.71
C MET A 80 20.51 14.94 30.07
N ALA A 81 21.79 14.84 29.89
CA ALA A 81 22.69 15.98 30.23
C ALA A 81 24.00 15.85 29.45
N MET B 1 24.29 -25.95 -16.10
CA MET B 1 24.41 -24.92 -15.02
C MET B 1 23.00 -24.63 -14.45
N ILE B 2 22.94 -24.20 -13.22
CA ILE B 2 21.61 -23.91 -12.61
C ILE B 2 20.88 -22.85 -13.45
N PHE B 3 21.61 -22.11 -14.24
CA PHE B 3 20.98 -21.07 -15.09
C PHE B 3 20.15 -20.13 -14.21
N GLU B 4 18.89 -19.95 -14.54
CA GLU B 4 18.03 -19.04 -13.71
C GLU B 4 17.87 -19.63 -12.32
N ASP B 5 18.21 -18.89 -11.30
CA ASP B 5 18.07 -19.41 -9.92
C ASP B 5 16.59 -19.38 -9.51
N LYS B 6 16.05 -18.22 -9.29
CA LYS B 6 14.60 -18.14 -8.89
C LYS B 6 14.12 -16.70 -8.97
N PHE B 7 13.48 -16.33 -10.06
CA PHE B 7 13.01 -14.90 -10.19
C PHE B 7 11.58 -14.80 -9.67
N ILE B 8 11.35 -13.99 -8.66
CA ILE B 8 9.98 -13.88 -8.07
C ILE B 8 9.41 -12.48 -8.28
N ILE B 9 8.17 -12.40 -8.68
CA ILE B 9 7.53 -11.07 -8.88
C ILE B 9 6.15 -11.11 -8.24
N THR B 10 5.94 -10.34 -7.21
CA THR B 10 4.61 -10.34 -6.51
C THR B 10 4.04 -8.92 -6.51
N THR B 11 2.75 -8.81 -6.34
CA THR B 11 2.10 -7.46 -6.27
C THR B 11 1.85 -7.18 -4.78
N ALA B 12 2.91 -6.91 -4.04
CA ALA B 12 2.73 -6.54 -2.61
C ALA B 12 4.10 -6.20 -2.01
N ASP B 13 4.38 -6.66 -0.83
CA ASP B 13 5.70 -6.36 -0.19
C ASP B 13 5.77 -7.00 1.18
N GLU B 14 6.26 -8.21 1.27
CA GLU B 14 6.36 -8.89 2.58
C GLU B 14 7.44 -9.98 2.52
N ILE B 15 7.11 -11.13 2.00
CA ILE B 15 8.10 -12.24 1.95
C ILE B 15 8.79 -12.37 3.33
N PRO B 16 8.01 -12.68 4.33
CA PRO B 16 8.53 -12.83 5.71
C PRO B 16 9.47 -14.03 5.79
N GLY B 17 10.37 -14.04 6.73
CA GLY B 17 11.30 -15.20 6.85
C GLY B 17 12.56 -14.96 6.04
N LEU B 18 12.58 -13.94 5.22
CA LEU B 18 13.78 -13.66 4.38
C LEU B 18 14.24 -12.22 4.64
N GLN B 19 15.52 -12.02 4.77
CA GLN B 19 16.06 -10.65 4.99
C GLN B 19 16.62 -10.13 3.68
N LEU B 20 16.04 -9.09 3.15
CA LEU B 20 16.48 -8.55 1.83
C LEU B 20 17.14 -7.19 2.01
N TYR B 21 18.26 -6.96 1.37
CA TYR B 21 18.98 -5.66 1.49
C TYR B 21 18.76 -4.87 0.19
N SER B 22 18.80 -3.57 0.25
CA SER B 22 18.60 -2.75 -0.99
C SER B 22 19.94 -2.60 -1.72
N LEU B 23 19.94 -2.90 -3.00
CA LEU B 23 21.19 -2.77 -3.84
C LEU B 23 20.97 -1.65 -4.86
N GLY B 24 19.88 -0.96 -4.72
CA GLY B 24 19.59 0.20 -5.62
C GLY B 24 18.17 0.14 -6.16
N ILE B 25 17.94 0.78 -7.26
CA ILE B 25 16.58 0.79 -7.87
C ILE B 25 16.71 0.55 -9.38
N ALA B 26 15.76 -0.17 -9.95
CA ALA B 26 15.80 -0.45 -11.42
C ALA B 26 14.54 0.13 -12.07
N SER B 27 14.65 0.61 -13.28
CA SER B 27 13.46 1.18 -13.98
C SER B 27 13.65 1.01 -15.49
N THR B 28 12.61 0.70 -16.20
CA THR B 28 12.73 0.54 -17.68
C THR B 28 11.41 0.93 -18.34
N ILE B 29 11.44 1.37 -19.57
CA ILE B 29 10.18 1.76 -20.27
C ILE B 29 10.09 1.03 -21.61
N SER B 30 8.95 0.46 -21.90
CA SER B 30 8.78 -0.28 -23.18
C SER B 30 7.30 -0.53 -23.45
N ASP B 31 6.94 -0.91 -24.64
CA ASP B 31 5.50 -1.17 -24.97
C ASP B 31 5.21 -2.67 -24.86
N ASN B 32 5.19 -3.17 -23.65
CA ASN B 32 4.93 -4.62 -23.43
C ASN B 32 5.25 -4.95 -21.97
N VAL B 33 4.32 -5.60 -21.29
CA VAL B 33 4.53 -5.99 -19.87
C VAL B 33 5.56 -7.12 -19.83
N ASP B 34 5.44 -8.08 -20.72
CA ASP B 34 6.40 -9.21 -20.75
C ASP B 34 7.81 -8.68 -21.09
N GLU B 35 7.89 -7.83 -22.07
CA GLU B 35 9.23 -7.27 -22.46
C GLU B 35 9.81 -6.52 -21.25
N ILE B 36 8.99 -5.82 -20.51
CA ILE B 36 9.50 -5.08 -19.32
C ILE B 36 10.02 -6.10 -18.29
N VAL B 37 9.23 -7.08 -17.95
CA VAL B 37 9.68 -8.10 -16.97
C VAL B 37 11.01 -8.68 -17.46
N GLU B 38 11.08 -9.05 -18.71
CA GLU B 38 12.35 -9.64 -19.24
C GLU B 38 13.48 -8.61 -19.12
N ASN B 39 13.20 -7.37 -19.40
CA ASN B 39 14.25 -6.32 -19.31
C ASN B 39 14.71 -6.18 -17.86
N LEU B 40 13.80 -6.17 -16.93
CA LEU B 40 14.19 -6.08 -15.49
C LEU B 40 14.88 -7.38 -15.10
N ARG B 41 14.31 -8.50 -15.40
CA ARG B 41 14.97 -9.79 -15.05
C ARG B 41 16.43 -9.74 -15.51
N LYS B 42 16.65 -9.36 -16.73
CA LYS B 42 18.04 -9.30 -17.24
C LYS B 42 18.87 -8.28 -16.43
N GLN B 43 18.25 -7.20 -16.02
CA GLN B 43 18.97 -6.19 -15.20
C GLN B 43 19.15 -6.70 -13.78
N VAL B 44 18.17 -7.40 -13.27
CA VAL B 44 18.29 -7.95 -11.90
C VAL B 44 19.30 -9.10 -11.91
N LYS B 45 19.14 -10.05 -12.78
CA LYS B 45 20.07 -11.21 -12.76
C LYS B 45 21.51 -10.71 -12.88
N ALA B 46 21.65 -9.60 -13.53
CA ALA B 46 23.00 -8.99 -13.73
C ALA B 46 23.46 -8.34 -12.43
N LYS B 47 22.52 -7.91 -11.63
CA LYS B 47 22.87 -7.30 -10.32
C LYS B 47 22.76 -8.36 -9.24
N GLY B 48 22.30 -9.56 -9.58
CA GLY B 48 22.27 -10.62 -8.53
C GLY B 48 21.10 -10.34 -7.58
N GLY B 49 20.09 -9.64 -8.04
CA GLY B 49 18.93 -9.33 -7.16
C GLY B 49 18.14 -10.61 -6.90
N MET B 50 16.99 -10.48 -6.29
CA MET B 50 16.14 -11.68 -5.97
C MET B 50 14.86 -11.65 -6.80
N GLY B 51 14.28 -10.50 -6.98
CA GLY B 51 13.00 -10.42 -7.75
C GLY B 51 12.41 -9.02 -7.62
N LEU B 52 11.33 -8.75 -8.32
CA LEU B 52 10.71 -7.40 -8.27
C LEU B 52 9.56 -7.39 -7.27
N ILE B 53 9.50 -6.39 -6.43
CA ILE B 53 8.44 -6.33 -5.39
C ILE B 53 7.45 -5.21 -5.72
N ALA B 54 6.17 -5.46 -5.57
CA ALA B 54 5.16 -4.42 -5.88
C ALA B 54 5.30 -3.97 -7.33
N PHE B 55 4.94 -4.81 -8.26
CA PHE B 55 5.07 -4.42 -9.69
C PHE B 55 4.24 -3.16 -9.94
N ARG B 56 2.95 -3.28 -9.96
CA ARG B 56 2.09 -2.08 -10.17
C ARG B 56 2.44 -1.41 -11.51
N ILE B 57 1.54 -1.44 -12.44
CA ILE B 57 1.80 -0.79 -13.77
C ILE B 57 0.52 -0.10 -14.23
N THR B 58 0.62 1.11 -14.68
CA THR B 58 -0.61 1.83 -15.16
C THR B 58 -0.25 2.71 -16.36
N CYS B 59 -1.12 2.79 -17.32
CA CYS B 59 -0.83 3.63 -18.53
C CYS B 59 -2.02 3.55 -19.48
N ALA B 60 -2.25 4.58 -20.25
CA ALA B 60 -3.40 4.57 -21.21
C ALA B 60 -3.22 5.71 -22.22
N ASP B 61 -2.03 5.89 -22.72
CA ASP B 61 -1.80 6.99 -23.70
C ASP B 61 -0.46 6.78 -24.41
N GLY B 62 0.31 5.84 -23.95
CA GLY B 62 1.63 5.58 -24.59
C GLY B 62 2.20 4.24 -24.11
N LYS B 63 3.47 4.18 -23.84
CA LYS B 63 4.07 2.91 -23.37
C LYS B 63 3.75 2.70 -21.89
N PHE B 64 3.94 1.51 -21.39
CA PHE B 64 3.63 1.24 -19.95
C PHE B 64 4.77 1.76 -19.08
N LEU B 65 4.81 1.35 -17.85
CA LEU B 65 5.90 1.81 -16.94
C LEU B 65 6.06 0.81 -15.79
N GLY B 66 7.19 0.12 -15.73
CA GLY B 66 7.42 -0.87 -14.64
C GLY B 66 8.70 -0.52 -13.89
N TYR B 67 8.77 -0.89 -12.65
CA TYR B 67 9.99 -0.59 -11.85
C TYR B 67 9.96 -1.38 -10.54
N GLY B 68 10.91 -1.15 -9.69
CA GLY B 68 10.94 -1.88 -8.40
C GLY B 68 12.27 -1.60 -7.69
N THR B 69 12.59 -2.41 -6.74
CA THR B 69 13.86 -2.26 -5.97
C THR B 69 14.65 -3.56 -6.09
N ILE B 70 15.94 -3.47 -6.29
CA ILE B 70 16.78 -4.69 -6.37
C ILE B 70 17.13 -5.10 -4.96
N VAL B 71 16.85 -6.32 -4.60
CA VAL B 71 17.17 -6.77 -3.22
C VAL B 71 17.78 -8.18 -3.26
N LYS B 72 18.40 -8.59 -2.18
CA LYS B 72 19.03 -9.95 -2.13
C LYS B 72 18.69 -10.60 -0.80
N ALA B 73 18.52 -11.91 -0.78
CA ALA B 73 18.21 -12.61 0.50
C ALA B 73 19.36 -13.55 0.89
N ASP B 74 19.99 -13.28 2.02
CA ASP B 74 21.15 -14.12 2.48
C ASP B 74 22.04 -13.31 3.42
N GLU B 75 22.38 -13.86 4.54
CA GLU B 75 23.27 -13.11 5.48
C GLU B 75 23.66 -14.03 6.64
N ALA B 76 24.73 -13.72 7.31
CA ALA B 76 25.17 -14.58 8.45
C ALA B 76 24.24 -14.34 9.63
N GLN B 77 24.31 -15.18 10.63
CA GLN B 77 23.42 -15.02 11.84
C GLN B 77 24.20 -14.32 12.95
N PHE B 78 25.28 -14.92 13.40
CA PHE B 78 26.08 -14.31 14.50
C PHE B 78 26.75 -13.03 14.00
N THR B 79 26.85 -12.03 14.84
CA THR B 79 27.48 -10.76 14.41
C THR B 79 28.83 -11.05 13.75
N MET B 80 29.32 -10.13 12.96
CA MET B 80 30.64 -10.33 12.28
C MET B 80 31.67 -9.35 12.85
N ALA B 81 31.94 -9.43 14.13
CA ALA B 81 32.92 -8.51 14.75
C ALA B 81 34.33 -8.89 14.30
N MET C 1 -19.22 -29.64 -1.45
CA MET C 1 -19.93 -30.89 -1.82
C MET C 1 -19.69 -31.19 -3.31
N ILE C 2 -20.71 -31.11 -4.12
CA ILE C 2 -20.52 -31.38 -5.57
C ILE C 2 -19.56 -30.37 -6.18
N PHE C 3 -20.04 -29.22 -6.55
CA PHE C 3 -19.14 -28.19 -7.14
C PHE C 3 -18.48 -27.40 -6.01
N GLU C 4 -17.52 -26.57 -6.35
CA GLU C 4 -16.82 -25.77 -5.29
C GLU C 4 -16.59 -24.35 -5.81
N ASP C 5 -16.12 -23.48 -4.97
CA ASP C 5 -15.88 -22.08 -5.42
C ASP C 5 -14.95 -21.36 -4.45
N LYS C 6 -13.83 -21.96 -4.09
CA LYS C 6 -12.93 -21.31 -3.11
C LYS C 6 -12.20 -20.14 -3.76
N PHE C 7 -12.90 -19.30 -4.48
CA PHE C 7 -12.22 -18.14 -5.15
C PHE C 7 -12.30 -16.93 -4.23
N ILE C 8 -11.17 -16.40 -3.83
CA ILE C 8 -11.17 -15.23 -2.88
C ILE C 8 -10.49 -14.04 -3.53
N ILE C 9 -11.14 -12.91 -3.53
CA ILE C 9 -10.55 -11.67 -4.10
C ILE C 9 -10.45 -10.63 -3.00
N THR C 10 -9.25 -10.25 -2.61
CA THR C 10 -9.08 -9.24 -1.53
C THR C 10 -8.27 -8.07 -2.06
N THR C 11 -8.37 -6.96 -1.40
CA THR C 11 -7.61 -5.75 -1.85
C THR C 11 -6.75 -5.20 -0.70
N ALA C 12 -5.64 -5.81 -0.40
CA ALA C 12 -4.84 -5.33 0.78
C ALA C 12 -3.46 -6.02 0.72
N ASP C 13 -3.14 -6.82 1.72
CA ASP C 13 -1.82 -7.51 1.73
C ASP C 13 -1.91 -8.80 0.93
N GLU C 14 -1.39 -9.88 1.46
CA GLU C 14 -1.42 -11.19 0.72
C GLU C 14 -2.01 -12.28 1.61
N ILE C 15 -2.88 -11.90 2.51
CA ILE C 15 -3.53 -12.91 3.40
C ILE C 15 -2.44 -13.69 4.17
N PRO C 16 -1.95 -13.11 5.24
CA PRO C 16 -0.89 -13.74 6.07
C PRO C 16 -1.37 -15.07 6.64
N GLY C 17 -0.48 -15.96 6.98
CA GLY C 17 -0.92 -17.28 7.55
C GLY C 17 -1.05 -18.32 6.44
N LEU C 18 -0.78 -17.95 5.22
CA LEU C 18 -0.90 -18.90 4.08
C LEU C 18 0.36 -18.82 3.23
N GLN C 19 0.84 -19.95 2.78
CA GLN C 19 2.06 -19.96 1.92
C GLN C 19 1.63 -20.04 0.46
N LEU C 20 1.81 -18.98 -0.26
CA LEU C 20 1.39 -18.95 -1.69
C LEU C 20 2.62 -18.68 -2.56
N TYR C 21 2.67 -19.28 -3.72
CA TYR C 21 3.82 -19.04 -4.65
C TYR C 21 3.30 -18.31 -5.90
N SER C 22 4.11 -17.46 -6.48
CA SER C 22 3.69 -16.72 -7.70
C SER C 22 3.67 -17.66 -8.90
N LEU C 23 2.64 -17.55 -9.71
CA LEU C 23 2.51 -18.44 -10.92
C LEU C 23 2.51 -17.55 -12.17
N GLY C 24 2.92 -16.33 -12.03
CA GLY C 24 3.01 -15.41 -13.21
C GLY C 24 2.14 -14.18 -12.99
N ILE C 25 2.13 -13.29 -13.95
CA ILE C 25 1.30 -12.06 -13.84
C ILE C 25 0.17 -12.11 -14.87
N ALA C 26 -0.99 -11.65 -14.52
CA ALA C 26 -2.15 -11.69 -15.47
C ALA C 26 -2.55 -10.26 -15.86
N SER C 27 -2.96 -10.08 -17.09
CA SER C 27 -3.37 -8.73 -17.56
C SER C 27 -4.41 -8.89 -18.68
N THR C 28 -5.44 -8.10 -18.68
CA THR C 28 -6.48 -8.21 -19.74
C THR C 28 -7.11 -6.84 -19.99
N ILE C 29 -7.59 -6.61 -21.17
CA ILE C 29 -8.23 -5.29 -21.50
C ILE C 29 -9.76 -5.47 -21.48
N SER C 30 -10.49 -4.41 -21.23
CA SER C 30 -11.97 -4.52 -21.22
C SER C 30 -12.58 -3.13 -21.00
N ASP C 31 -13.88 -3.05 -20.92
CA ASP C 31 -14.55 -1.72 -20.71
C ASP C 31 -15.00 -1.56 -19.25
N ASN C 32 -16.11 -2.13 -18.89
CA ASN C 32 -16.58 -2.08 -17.47
C ASN C 32 -15.58 -2.86 -16.60
N VAL C 33 -15.36 -2.38 -15.39
CA VAL C 33 -14.40 -3.04 -14.45
C VAL C 33 -15.00 -4.38 -14.00
N ASP C 34 -16.28 -4.41 -13.78
CA ASP C 34 -16.95 -5.68 -13.37
C ASP C 34 -16.63 -6.79 -14.39
N GLU C 35 -16.38 -6.44 -15.60
CA GLU C 35 -16.02 -7.47 -16.61
C GLU C 35 -14.56 -7.91 -16.40
N ILE C 36 -13.72 -7.01 -16.00
CA ILE C 36 -12.30 -7.39 -15.75
C ILE C 36 -12.26 -8.49 -14.69
N VAL C 37 -12.98 -8.33 -13.61
CA VAL C 37 -12.92 -9.37 -12.54
C VAL C 37 -13.33 -10.71 -13.15
N GLU C 38 -14.41 -10.74 -13.87
CA GLU C 38 -14.88 -12.02 -14.48
C GLU C 38 -13.82 -12.52 -15.46
N ASN C 39 -13.26 -11.64 -16.25
CA ASN C 39 -12.23 -12.07 -17.24
C ASN C 39 -11.05 -12.68 -16.50
N LEU C 40 -10.56 -12.03 -15.48
CA LEU C 40 -9.42 -12.60 -14.71
C LEU C 40 -9.90 -13.88 -14.05
N ARG C 41 -11.06 -13.88 -13.48
CA ARG C 41 -11.55 -15.11 -12.80
C ARG C 41 -11.34 -16.32 -13.72
N LYS C 42 -11.74 -16.19 -14.95
CA LYS C 42 -11.58 -17.31 -15.92
C LYS C 42 -10.10 -17.60 -16.09
N GLN C 43 -9.28 -16.60 -15.98
CA GLN C 43 -7.81 -16.82 -16.13
C GLN C 43 -7.27 -17.50 -14.88
N VAL C 44 -7.70 -17.12 -13.71
CA VAL C 44 -7.19 -17.77 -12.48
C VAL C 44 -7.70 -19.21 -12.43
N LYS C 45 -8.99 -19.40 -12.58
CA LYS C 45 -9.55 -20.77 -12.49
C LYS C 45 -8.77 -21.73 -13.40
N ALA C 46 -8.31 -21.19 -14.51
CA ALA C 46 -7.55 -22.00 -15.50
C ALA C 46 -6.13 -22.20 -15.01
N LYS C 47 -5.63 -21.27 -14.24
CA LYS C 47 -4.25 -21.42 -13.70
C LYS C 47 -4.34 -22.08 -12.33
N GLY C 48 -5.50 -22.52 -11.93
CA GLY C 48 -5.58 -23.22 -10.62
C GLY C 48 -5.09 -22.29 -9.51
N GLY C 49 -5.27 -21.00 -9.69
CA GLY C 49 -4.81 -20.04 -8.65
C GLY C 49 -5.87 -19.93 -7.55
N MET C 50 -5.45 -19.67 -6.34
CA MET C 50 -6.41 -19.57 -5.21
C MET C 50 -7.36 -18.38 -5.40
N GLY C 51 -6.85 -17.33 -5.99
CA GLY C 51 -7.69 -16.11 -6.19
C GLY C 51 -6.82 -14.96 -6.70
N LEU C 52 -7.27 -13.74 -6.54
CA LEU C 52 -6.48 -12.56 -7.01
C LEU C 52 -6.18 -11.63 -5.83
N ILE C 53 -4.97 -11.16 -5.73
CA ILE C 53 -4.59 -10.27 -4.59
C ILE C 53 -4.34 -8.85 -5.10
N ALA C 54 -4.70 -7.84 -4.35
CA ALA C 54 -4.46 -6.44 -4.79
C ALA C 54 -5.20 -6.17 -6.10
N PHE C 55 -6.47 -5.86 -6.00
CA PHE C 55 -7.29 -5.57 -7.22
C PHE C 55 -7.99 -4.22 -7.09
N ARG C 56 -7.23 -3.16 -7.06
CA ARG C 56 -7.85 -1.81 -6.95
C ARG C 56 -8.36 -1.36 -8.33
N ILE C 57 -9.41 -0.59 -8.35
CA ILE C 57 -9.95 -0.13 -9.66
C ILE C 57 -9.09 1.03 -10.18
N THR C 58 -9.07 1.22 -11.46
CA THR C 58 -8.25 2.32 -12.04
C THR C 58 -8.72 3.66 -11.48
N CYS C 59 -8.11 4.74 -11.90
CA CYS C 59 -8.53 6.08 -11.39
C CYS C 59 -8.02 7.16 -12.34
N ALA C 60 -7.17 6.81 -13.27
CA ALA C 60 -6.64 7.81 -14.22
C ALA C 60 -5.97 7.10 -15.41
N ASP C 61 -4.75 7.44 -15.72
CA ASP C 61 -4.05 6.78 -16.86
C ASP C 61 -3.73 5.34 -16.47
N GLY C 62 -4.74 4.50 -16.40
CA GLY C 62 -4.51 3.09 -15.98
C GLY C 62 -5.76 2.26 -16.26
N LYS C 63 -6.71 2.85 -16.95
CA LYS C 63 -7.98 2.12 -17.26
C LYS C 63 -7.73 1.14 -18.41
N PHE C 64 -8.72 0.34 -18.74
CA PHE C 64 -8.56 -0.64 -19.85
C PHE C 64 -7.24 -1.41 -19.64
N LEU C 65 -7.04 -1.94 -18.47
CA LEU C 65 -5.79 -2.71 -18.21
C LEU C 65 -5.82 -3.29 -16.80
N GLY C 66 -6.35 -4.47 -16.65
CA GLY C 66 -6.41 -5.11 -15.30
C GLY C 66 -5.01 -5.57 -14.90
N TYR C 67 -4.74 -5.67 -13.62
CA TYR C 67 -3.40 -6.13 -13.17
C TYR C 67 -3.52 -6.93 -11.86
N GLY C 68 -3.07 -8.15 -11.88
CA GLY C 68 -3.18 -9.01 -10.66
C GLY C 68 -2.13 -10.10 -10.71
N THR C 69 -1.88 -10.76 -9.61
CA THR C 69 -0.86 -11.86 -9.59
C THR C 69 -1.56 -13.17 -9.24
N ILE C 70 -1.15 -14.24 -9.86
CA ILE C 70 -1.79 -15.56 -9.58
C ILE C 70 -0.95 -16.30 -8.53
N VAL C 71 -1.60 -16.86 -7.54
CA VAL C 71 -0.85 -17.59 -6.49
C VAL C 71 -1.67 -18.79 -6.02
N LYS C 72 -1.02 -19.80 -5.49
CA LYS C 72 -1.77 -20.99 -4.98
C LYS C 72 -1.10 -21.49 -3.70
N ALA C 73 -1.87 -21.90 -2.71
CA ALA C 73 -1.23 -22.41 -1.45
C ALA C 73 -1.79 -23.78 -1.15
N ASP C 74 -1.06 -24.62 -0.46
CA ASP C 74 -1.55 -25.98 -0.10
C ASP C 74 -1.36 -26.93 -1.27
N GLU C 75 -2.37 -27.66 -1.65
CA GLU C 75 -2.27 -28.64 -2.79
C GLU C 75 -1.92 -30.02 -2.22
N ALA C 76 -0.84 -30.13 -1.47
CA ALA C 76 -0.44 -31.44 -0.84
C ALA C 76 -0.94 -32.60 -1.70
N GLN C 77 -0.66 -32.58 -2.98
CA GLN C 77 -1.14 -33.66 -3.89
C GLN C 77 -2.54 -34.13 -3.45
N PHE C 78 -2.69 -35.39 -3.13
CA PHE C 78 -4.01 -35.91 -2.67
C PHE C 78 -3.81 -36.71 -1.37
N THR C 79 -3.35 -37.93 -1.48
CA THR C 79 -3.14 -38.76 -0.25
C THR C 79 -2.18 -39.91 -0.58
N MET C 80 -2.63 -41.13 -0.48
CA MET C 80 -1.75 -42.29 -0.78
C MET C 80 -1.37 -42.26 -2.27
N ALA C 81 -2.34 -42.35 -3.14
CA ALA C 81 -2.04 -42.34 -4.60
C ALA C 81 -3.32 -42.06 -5.38
N MET D 1 -33.50 0.23 8.18
CA MET D 1 -33.35 -0.41 9.51
C MET D 1 -32.10 0.13 10.20
N ILE D 2 -32.14 0.28 11.50
CA ILE D 2 -30.96 0.82 12.24
C ILE D 2 -30.90 0.18 13.63
N PHE D 3 -30.88 -1.12 13.69
CA PHE D 3 -30.84 -1.80 15.03
C PHE D 3 -29.54 -1.43 15.74
N GLU D 4 -28.44 -1.46 15.03
CA GLU D 4 -27.12 -1.11 15.66
C GLU D 4 -26.31 -0.28 14.66
N ASP D 5 -25.44 0.57 15.15
CA ASP D 5 -24.60 1.42 14.25
C ASP D 5 -23.12 1.15 14.51
N LYS D 6 -22.49 0.42 13.65
CA LYS D 6 -21.04 0.10 13.84
C LYS D 6 -20.38 -0.11 12.49
N PHE D 7 -20.04 0.96 11.81
CA PHE D 7 -19.39 0.83 10.47
C PHE D 7 -17.96 1.36 10.53
N ILE D 8 -17.00 0.54 10.21
CA ILE D 8 -15.57 0.98 10.26
C ILE D 8 -15.08 1.30 8.85
N ILE D 9 -14.46 2.44 8.67
CA ILE D 9 -13.96 2.82 7.32
C ILE D 9 -12.46 3.11 7.43
N THR D 10 -11.65 2.39 6.71
CA THR D 10 -10.17 2.62 6.76
C THR D 10 -9.69 3.07 5.37
N THR D 11 -8.91 4.11 5.32
CA THR D 11 -8.39 4.57 4.01
C THR D 11 -7.42 3.50 3.52
N ALA D 12 -6.15 3.83 3.36
CA ALA D 12 -5.14 2.83 2.85
C ALA D 12 -5.78 1.47 2.64
N ASP D 13 -5.63 0.57 3.59
CA ASP D 13 -6.28 -0.77 3.47
C ASP D 13 -5.61 -1.76 4.42
N GLU D 14 -6.10 -1.89 5.62
CA GLU D 14 -5.48 -2.85 6.58
C GLU D 14 -6.18 -2.76 7.94
N ILE D 15 -6.59 -3.87 8.48
CA ILE D 15 -7.26 -3.88 9.82
C ILE D 15 -6.83 -5.14 10.58
N PRO D 16 -5.56 -5.19 10.97
CA PRO D 16 -5.01 -6.33 11.70
C PRO D 16 -5.73 -6.50 13.05
N GLY D 17 -5.72 -7.70 13.57
CA GLY D 17 -6.39 -7.96 14.89
C GLY D 17 -7.83 -8.43 14.66
N LEU D 18 -8.29 -8.43 13.44
CA LEU D 18 -9.68 -8.85 13.14
C LEU D 18 -9.69 -9.89 12.02
N GLN D 19 -10.51 -10.90 12.17
CA GLN D 19 -10.61 -11.95 11.11
C GLN D 19 -11.57 -11.44 10.03
N LEU D 20 -11.06 -11.09 8.88
CA LEU D 20 -11.93 -10.56 7.79
C LEU D 20 -12.16 -11.63 6.73
N TYR D 21 -13.37 -11.73 6.24
CA TYR D 21 -13.71 -12.75 5.20
C TYR D 21 -14.22 -12.02 3.96
N SER D 22 -13.71 -12.32 2.80
CA SER D 22 -14.17 -11.62 1.56
C SER D 22 -15.62 -12.00 1.22
N LEU D 23 -16.41 -11.01 0.93
CA LEU D 23 -17.85 -11.24 0.57
C LEU D 23 -18.12 -10.63 -0.80
N GLY D 24 -17.07 -10.26 -1.49
CA GLY D 24 -17.23 -9.67 -2.86
C GLY D 24 -16.78 -8.22 -2.84
N ILE D 25 -16.78 -7.58 -3.98
CA ILE D 25 -16.36 -6.15 -4.06
C ILE D 25 -17.57 -5.28 -4.36
N ALA D 26 -17.62 -4.09 -3.79
CA ALA D 26 -18.77 -3.17 -4.05
C ALA D 26 -18.29 -1.93 -4.79
N SER D 27 -19.14 -1.29 -5.52
CA SER D 27 -18.74 -0.07 -6.27
C SER D 27 -19.97 0.81 -6.45
N THR D 28 -19.84 2.11 -6.26
CA THR D 28 -21.03 3.02 -6.44
C THR D 28 -20.55 4.39 -6.92
N ILE D 29 -21.36 5.11 -7.64
CA ILE D 29 -20.96 6.46 -8.13
C ILE D 29 -21.63 7.52 -7.27
N SER D 30 -21.07 8.70 -7.18
CA SER D 30 -21.71 9.77 -6.35
C SER D 30 -20.82 11.00 -6.31
N ASP D 31 -19.56 10.87 -6.61
CA ASP D 31 -18.65 12.06 -6.63
C ASP D 31 -18.55 12.72 -5.25
N ASN D 32 -19.63 12.83 -4.54
CA ASN D 32 -19.59 13.44 -3.17
C ASN D 32 -19.24 12.37 -2.15
N VAL D 33 -18.44 12.70 -1.16
CA VAL D 33 -18.04 11.68 -0.15
C VAL D 33 -19.24 11.28 0.71
N ASP D 34 -20.04 12.22 1.10
CA ASP D 34 -21.22 11.92 1.96
C ASP D 34 -22.09 10.85 1.30
N GLU D 35 -22.32 10.95 0.03
CA GLU D 35 -23.15 9.94 -0.68
C GLU D 35 -22.32 8.67 -0.91
N ILE D 36 -21.05 8.82 -1.21
CA ILE D 36 -20.21 7.61 -1.44
C ILE D 36 -20.18 6.79 -0.14
N VAL D 37 -20.07 7.41 1.00
CA VAL D 37 -20.02 6.62 2.27
C VAL D 37 -21.41 6.00 2.52
N GLU D 38 -22.45 6.77 2.37
CA GLU D 38 -23.83 6.25 2.63
C GLU D 38 -24.21 5.19 1.59
N ASN D 39 -23.93 5.44 0.34
CA ASN D 39 -24.31 4.45 -0.72
C ASN D 39 -23.71 3.08 -0.38
N LEU D 40 -22.45 3.04 -0.05
CA LEU D 40 -21.82 1.75 0.30
C LEU D 40 -22.45 1.20 1.57
N ARG D 41 -22.77 2.03 2.52
CA ARG D 41 -23.39 1.51 3.77
C ARG D 41 -24.62 0.66 3.43
N LYS D 42 -25.44 1.14 2.53
CA LYS D 42 -26.68 0.38 2.17
C LYS D 42 -26.32 -0.91 1.44
N GLN D 43 -25.34 -0.87 0.58
CA GLN D 43 -24.93 -2.10 -0.15
C GLN D 43 -24.12 -3.00 0.78
N VAL D 44 -23.33 -2.43 1.63
CA VAL D 44 -22.55 -3.26 2.56
C VAL D 44 -23.49 -3.98 3.53
N LYS D 45 -24.40 -3.28 4.15
CA LYS D 45 -25.26 -3.96 5.15
C LYS D 45 -26.12 -5.01 4.43
N ALA D 46 -26.44 -4.73 3.20
CA ALA D 46 -27.27 -5.67 2.40
C ALA D 46 -26.46 -6.93 2.10
N LYS D 47 -25.15 -6.79 2.02
CA LYS D 47 -24.28 -7.97 1.71
C LYS D 47 -23.81 -8.61 3.01
N GLY D 48 -24.10 -8.00 4.12
CA GLY D 48 -23.72 -8.60 5.43
C GLY D 48 -22.32 -8.14 5.85
N GLY D 49 -21.91 -6.95 5.46
CA GLY D 49 -20.53 -6.47 5.83
C GLY D 49 -20.62 -5.48 6.98
N MET D 50 -19.56 -5.34 7.75
CA MET D 50 -19.58 -4.39 8.90
C MET D 50 -18.48 -3.33 8.71
N GLY D 51 -17.64 -3.51 7.74
CA GLY D 51 -16.54 -2.52 7.53
C GLY D 51 -16.13 -2.55 6.07
N LEU D 52 -15.43 -1.53 5.63
CA LEU D 52 -14.99 -1.48 4.20
C LEU D 52 -13.50 -1.15 4.14
N ILE D 53 -12.78 -1.78 3.24
CA ILE D 53 -11.31 -1.53 3.12
C ILE D 53 -11.04 -0.75 1.83
N ALA D 54 -10.16 0.23 1.88
CA ALA D 54 -9.86 1.03 0.66
C ALA D 54 -11.11 1.82 0.25
N PHE D 55 -11.38 2.89 0.93
CA PHE D 55 -12.59 3.71 0.61
C PHE D 55 -12.19 4.93 -0.22
N ARG D 56 -12.99 5.26 -1.22
CA ARG D 56 -12.68 6.45 -2.08
C ARG D 56 -13.47 7.64 -1.55
N ILE D 57 -13.09 8.82 -1.95
CA ILE D 57 -13.78 10.05 -1.43
C ILE D 57 -14.07 11.00 -2.60
N THR D 58 -13.71 12.24 -2.48
CA THR D 58 -13.99 13.22 -3.58
C THR D 58 -13.39 12.71 -4.89
N CYS D 59 -12.10 12.84 -5.05
CA CYS D 59 -11.45 12.38 -6.31
C CYS D 59 -11.89 13.29 -7.46
N ALA D 60 -11.02 14.16 -7.92
CA ALA D 60 -11.40 15.08 -9.03
C ALA D 60 -12.09 14.28 -10.15
N ASP D 61 -13.03 14.88 -10.83
CA ASP D 61 -13.74 14.17 -11.92
C ASP D 61 -14.24 12.81 -11.39
N GLY D 62 -13.43 11.79 -11.52
CA GLY D 62 -13.85 10.44 -11.04
C GLY D 62 -14.76 9.78 -12.07
N LYS D 63 -14.36 9.78 -13.31
CA LYS D 63 -15.20 9.17 -14.37
C LYS D 63 -15.55 7.73 -13.95
N PHE D 64 -14.76 7.15 -13.11
CA PHE D 64 -15.04 5.76 -12.65
C PHE D 64 -16.02 5.79 -11.48
N LEU D 65 -15.66 5.17 -10.39
CA LEU D 65 -16.58 5.15 -9.21
C LEU D 65 -15.83 4.63 -7.97
N GLY D 66 -16.44 4.74 -6.83
CA GLY D 66 -15.79 4.25 -5.58
C GLY D 66 -15.56 2.74 -5.65
N TYR D 67 -14.85 2.19 -4.71
CA TYR D 67 -14.59 0.72 -4.73
C TYR D 67 -14.18 0.25 -3.33
N GLY D 68 -14.42 -0.99 -3.02
CA GLY D 68 -14.05 -1.51 -1.67
C GLY D 68 -14.41 -2.97 -1.56
N THR D 69 -13.71 -3.71 -0.75
CA THR D 69 -14.04 -5.15 -0.56
C THR D 69 -14.96 -5.28 0.64
N ILE D 70 -16.01 -6.05 0.53
CA ILE D 70 -16.93 -6.25 1.68
C ILE D 70 -16.36 -7.36 2.54
N VAL D 71 -16.19 -7.14 3.81
CA VAL D 71 -15.63 -8.19 4.69
C VAL D 71 -16.44 -8.31 5.99
N LYS D 72 -16.34 -9.42 6.66
CA LYS D 72 -17.07 -9.57 7.95
C LYS D 72 -16.31 -10.57 8.83
N ALA D 73 -16.35 -10.41 10.12
CA ALA D 73 -15.66 -11.38 11.01
C ALA D 73 -16.70 -12.27 11.70
N ASP D 74 -16.35 -13.48 12.03
CA ASP D 74 -17.32 -14.38 12.71
C ASP D 74 -17.49 -13.93 14.16
N GLU D 75 -18.63 -14.23 14.76
CA GLU D 75 -18.86 -13.82 16.17
C GLU D 75 -18.35 -14.93 17.11
N ALA D 76 -19.18 -15.38 18.00
CA ALA D 76 -18.76 -16.46 18.95
C ALA D 76 -19.99 -17.08 19.60
N GLN D 77 -19.79 -17.94 20.57
CA GLN D 77 -20.95 -18.59 21.25
C GLN D 77 -20.68 -18.68 22.75
N PHE D 78 -21.64 -18.36 23.56
CA PHE D 78 -21.45 -18.43 25.04
C PHE D 78 -20.13 -17.75 25.41
N THR D 79 -20.15 -16.45 25.59
CA THR D 79 -18.91 -15.71 25.95
C THR D 79 -19.16 -14.89 27.23
N MET D 80 -18.12 -14.40 27.84
CA MET D 80 -18.29 -13.62 29.09
C MET D 80 -19.10 -14.42 30.10
N ALA D 81 -18.46 -15.25 30.87
CA ALA D 81 -19.19 -16.08 31.88
C ALA D 81 -18.21 -16.56 32.95
N MET E 1 10.27 26.19 24.86
CA MET E 1 8.89 25.71 24.61
C MET E 1 8.82 25.07 23.23
N ILE E 2 8.13 23.97 23.12
CA ILE E 2 8.01 23.28 21.80
C ILE E 2 7.12 24.11 20.88
N PHE E 3 7.20 23.88 19.60
CA PHE E 3 6.37 24.65 18.63
C PHE E 3 4.91 24.24 18.78
N GLU E 4 4.63 22.95 18.74
CA GLU E 4 3.23 22.46 18.87
C GLU E 4 3.19 21.26 19.81
N ASP E 5 2.03 20.70 20.04
CA ASP E 5 1.93 19.53 20.94
C ASP E 5 2.79 18.39 20.39
N LYS E 6 2.31 17.70 19.39
CA LYS E 6 3.11 16.57 18.82
C LYS E 6 2.36 16.01 17.59
N PHE E 7 2.57 16.61 16.45
CA PHE E 7 1.88 16.11 15.21
C PHE E 7 2.83 15.21 14.43
N ILE E 8 2.44 13.99 14.17
CA ILE E 8 3.32 13.03 13.44
C ILE E 8 2.75 12.74 12.06
N ILE E 9 3.58 12.75 11.05
CA ILE E 9 3.10 12.46 9.67
C ILE E 9 4.03 11.45 9.03
N THR E 10 3.53 10.27 8.72
CA THR E 10 4.40 9.23 8.09
C THR E 10 3.76 8.80 6.78
N THR E 11 4.56 8.28 5.87
CA THR E 11 4.06 7.80 4.56
C THR E 11 4.32 6.29 4.53
N ALA E 12 3.37 5.53 5.00
CA ALA E 12 3.51 4.04 4.93
C ALA E 12 2.13 3.40 4.91
N ASP E 13 1.64 2.98 6.04
CA ASP E 13 0.30 2.35 6.09
C ASP E 13 -0.25 2.41 7.52
N GLU E 14 0.60 2.28 8.50
CA GLU E 14 0.12 2.34 9.91
C GLU E 14 1.32 2.50 10.84
N ILE E 15 1.07 2.83 12.09
CA ILE E 15 2.19 3.00 13.06
C ILE E 15 2.06 1.92 14.16
N PRO E 16 2.74 0.79 13.98
CA PRO E 16 2.68 -0.32 14.96
C PRO E 16 3.23 0.15 16.32
N GLY E 17 2.81 -0.49 17.37
CA GLY E 17 3.29 -0.14 18.74
C GLY E 17 2.33 0.88 19.36
N LEU E 18 1.43 1.42 18.58
CA LEU E 18 0.46 2.42 19.12
C LEU E 18 -0.97 1.98 18.78
N GLN E 19 -1.87 2.14 19.70
CA GLN E 19 -3.29 1.76 19.45
C GLN E 19 -3.97 2.94 18.74
N LEU E 20 -4.28 2.79 17.49
CA LEU E 20 -4.92 3.90 16.73
C LEU E 20 -6.43 3.71 16.67
N TYR E 21 -7.16 4.78 16.74
CA TYR E 21 -8.66 4.69 16.74
C TYR E 21 -9.21 5.61 15.63
N SER E 22 -10.08 5.11 14.80
CA SER E 22 -10.63 5.96 13.70
C SER E 22 -11.46 7.11 14.28
N LEU E 23 -11.18 8.30 13.84
CA LEU E 23 -11.93 9.51 14.29
C LEU E 23 -12.69 10.08 13.08
N GLY E 24 -12.61 9.41 11.97
CA GLY E 24 -13.38 9.87 10.76
C GLY E 24 -12.47 9.96 9.56
N ILE E 25 -12.98 10.49 8.47
CA ILE E 25 -12.15 10.61 7.22
C ILE E 25 -11.85 12.09 6.96
N ALA E 26 -10.65 12.38 6.51
CA ALA E 26 -10.27 13.80 6.23
C ALA E 26 -9.91 13.94 4.76
N SER E 27 -10.18 15.07 4.16
CA SER E 27 -9.86 15.26 2.72
C SER E 27 -9.63 16.75 2.46
N THR E 28 -8.77 17.06 1.53
CA THR E 28 -8.47 18.49 1.22
C THR E 28 -8.13 18.62 -0.26
N ILE E 29 -8.70 19.61 -0.93
CA ILE E 29 -8.41 19.81 -2.38
C ILE E 29 -7.96 21.25 -2.59
N SER E 30 -6.83 21.45 -3.23
CA SER E 30 -6.33 22.84 -3.49
C SER E 30 -4.84 22.78 -3.84
N ASP E 31 -4.34 21.61 -4.15
CA ASP E 31 -2.89 21.49 -4.49
C ASP E 31 -2.06 22.15 -3.39
N ASN E 32 -0.77 22.24 -3.57
CA ASN E 32 0.10 22.84 -2.51
C ASN E 32 0.13 21.90 -1.31
N VAL E 33 1.17 21.12 -1.17
CA VAL E 33 1.24 20.18 -0.02
C VAL E 33 1.43 20.97 1.28
N ASP E 34 2.18 22.03 1.22
CA ASP E 34 2.42 22.85 2.45
C ASP E 34 1.09 23.33 3.02
N GLU E 35 0.19 23.77 2.18
CA GLU E 35 -1.13 24.26 2.68
C GLU E 35 -2.01 23.06 3.07
N ILE E 36 -1.95 22.00 2.33
CA ILE E 36 -2.79 20.81 2.68
C ILE E 36 -2.33 20.26 4.05
N VAL E 37 -1.06 20.02 4.22
CA VAL E 37 -0.59 19.47 5.53
C VAL E 37 -1.12 20.35 6.67
N GLU E 38 -0.92 21.63 6.57
CA GLU E 38 -1.41 22.54 7.65
C GLU E 38 -2.93 22.39 7.79
N ASN E 39 -3.62 22.23 6.70
CA ASN E 39 -5.10 22.10 6.79
C ASN E 39 -5.46 20.83 7.56
N LEU E 40 -4.76 19.76 7.33
CA LEU E 40 -5.05 18.50 8.05
C LEU E 40 -4.69 18.66 9.52
N ARG E 41 -3.56 19.24 9.83
CA ARG E 41 -3.19 19.40 11.27
C ARG E 41 -4.34 20.06 12.02
N LYS E 42 -5.00 20.99 11.40
CA LYS E 42 -6.14 21.69 12.08
C LYS E 42 -7.35 20.74 12.15
N GLN E 43 -7.59 20.00 11.11
CA GLN E 43 -8.73 19.04 11.12
C GLN E 43 -8.39 17.83 11.97
N VAL E 44 -7.16 17.41 11.95
CA VAL E 44 -6.75 16.25 12.77
C VAL E 44 -6.83 16.64 14.25
N LYS E 45 -6.25 17.74 14.64
CA LYS E 45 -6.24 18.06 16.10
C LYS E 45 -7.66 18.45 16.52
N ALA E 46 -8.36 19.13 15.66
CA ALA E 46 -9.76 19.55 15.98
C ALA E 46 -10.60 18.31 16.26
N LYS E 47 -10.28 17.22 15.62
CA LYS E 47 -11.07 15.96 15.82
C LYS E 47 -10.50 15.18 17.01
N GLY E 48 -9.40 15.64 17.56
CA GLY E 48 -8.79 14.94 18.72
C GLY E 48 -7.67 14.02 18.23
N GLY E 49 -7.34 14.07 16.96
CA GLY E 49 -6.26 13.21 16.44
C GLY E 49 -4.91 13.81 16.81
N MET E 50 -3.85 13.02 16.77
CA MET E 50 -2.50 13.55 17.16
C MET E 50 -1.47 13.24 16.06
N GLY E 51 -1.87 12.54 15.03
CA GLY E 51 -0.90 12.20 13.97
C GLY E 51 -1.63 11.60 12.77
N LEU E 52 -1.11 11.80 11.59
CA LEU E 52 -1.77 11.24 10.37
C LEU E 52 -0.94 10.09 9.82
N ILE E 53 -1.58 9.04 9.37
CA ILE E 53 -0.83 7.86 8.84
C ILE E 53 -1.05 7.74 7.33
N ALA E 54 -0.05 7.34 6.61
CA ALA E 54 -0.22 7.18 5.12
C ALA E 54 -0.56 8.51 4.49
N PHE E 55 0.42 9.38 4.35
CA PHE E 55 0.17 10.72 3.73
C PHE E 55 0.73 10.72 2.31
N ARG E 56 0.85 9.56 1.71
CA ARG E 56 1.38 9.49 0.31
C ARG E 56 0.55 10.40 -0.58
N ILE E 57 1.15 10.95 -1.60
CA ILE E 57 0.41 11.86 -2.54
C ILE E 57 0.47 11.26 -3.95
N THR E 58 -0.56 10.57 -4.36
CA THR E 58 -0.58 9.96 -5.72
C THR E 58 -1.98 10.10 -6.31
N CYS E 59 -2.24 9.42 -7.40
CA CYS E 59 -3.59 9.50 -8.03
C CYS E 59 -3.84 10.94 -8.49
N ALA E 60 -2.93 11.51 -9.23
CA ALA E 60 -3.11 12.90 -9.72
C ALA E 60 -4.28 12.94 -10.71
N ASP E 61 -5.49 12.93 -10.21
CA ASP E 61 -6.67 12.97 -11.13
C ASP E 61 -6.87 14.40 -11.64
N GLY E 62 -6.48 15.37 -10.88
CA GLY E 62 -6.65 16.79 -11.32
C GLY E 62 -6.03 17.73 -10.28
N LYS E 63 -6.86 18.34 -9.46
CA LYS E 63 -6.33 19.27 -8.42
C LYS E 63 -5.72 18.47 -7.27
N PHE E 64 -5.11 17.35 -7.57
CA PHE E 64 -4.50 16.53 -6.50
C PHE E 64 -5.52 16.29 -5.38
N LEU E 65 -5.10 15.67 -4.31
CA LEU E 65 -6.03 15.40 -3.20
C LEU E 65 -5.24 14.78 -2.03
N GLY E 66 -5.36 15.33 -0.85
CA GLY E 66 -4.63 14.74 0.32
C GLY E 66 -5.58 13.85 1.11
N TYR E 67 -5.80 12.65 0.65
CA TYR E 67 -6.72 11.73 1.38
C TYR E 67 -5.98 11.09 2.55
N GLY E 68 -6.59 11.06 3.70
CA GLY E 68 -5.93 10.46 4.89
C GLY E 68 -6.97 10.13 5.95
N THR E 69 -6.60 9.34 6.92
CA THR E 69 -7.53 8.95 8.02
C THR E 69 -7.02 9.55 9.33
N ILE E 70 -7.91 10.04 10.14
CA ILE E 70 -7.50 10.62 11.44
C ILE E 70 -7.40 9.47 12.45
N VAL E 71 -6.49 9.55 13.38
CA VAL E 71 -6.35 8.45 14.38
C VAL E 71 -6.08 9.04 15.76
N LYS E 72 -6.43 8.31 16.80
CA LYS E 72 -6.19 8.80 18.20
C LYS E 72 -5.82 7.60 19.05
N ALA E 73 -5.05 7.82 20.09
CA ALA E 73 -4.66 6.68 20.98
C ALA E 73 -5.25 6.91 22.36
N ASP E 74 -5.55 5.85 23.08
CA ASP E 74 -6.12 6.01 24.45
C ASP E 74 -4.99 6.35 25.43
N GLU E 75 -5.26 6.29 26.71
CA GLU E 75 -4.21 6.60 27.72
C GLU E 75 -3.91 5.35 28.56
N ALA E 76 -4.65 5.12 29.61
CA ALA E 76 -4.40 3.92 30.44
C ALA E 76 -5.56 3.74 31.43
N GLN E 77 -5.55 2.67 32.18
CA GLN E 77 -6.66 2.45 33.15
C GLN E 77 -6.28 3.06 34.50
N PHE E 78 -5.25 2.56 35.14
CA PHE E 78 -4.84 3.13 36.45
C PHE E 78 -4.13 4.47 36.22
N THR E 79 -4.30 5.40 37.11
CA THR E 79 -3.64 6.72 36.96
C THR E 79 -3.76 7.51 38.27
N MET E 80 -4.74 7.20 39.07
CA MET E 80 -4.91 7.93 40.36
C MET E 80 -5.84 7.14 41.28
N ALA E 81 -5.82 5.83 41.19
CA ALA E 81 -6.70 5.00 42.06
C ALA E 81 -8.14 5.53 41.99
N MET A 1 29.91 -5.57 13.91
CA MET A 1 28.76 -5.66 12.96
C MET A 1 28.13 -4.28 12.79
N ILE A 2 28.48 -3.35 13.64
CA ILE A 2 27.90 -1.99 13.54
C ILE A 2 28.29 -1.37 12.19
N PHE A 3 27.78 -0.21 11.89
CA PHE A 3 28.15 0.46 10.61
C PHE A 3 27.83 1.95 10.71
N GLU A 4 27.75 2.64 9.59
CA GLU A 4 27.45 4.10 9.62
C GLU A 4 26.33 4.40 8.61
N ASP A 5 25.29 3.62 8.62
CA ASP A 5 24.17 3.86 7.67
C ASP A 5 23.51 5.21 8.00
N LYS A 6 23.31 6.04 7.01
CA LYS A 6 22.70 7.40 7.24
C LYS A 6 21.67 7.71 6.13
N PHE A 7 22.10 7.84 4.93
CA PHE A 7 21.14 8.11 3.82
C PHE A 7 20.67 6.79 3.24
N ILE A 8 19.37 6.55 3.26
CA ILE A 8 18.82 5.28 2.69
C ILE A 8 17.57 5.59 1.88
N ILE A 9 17.40 4.96 0.74
CA ILE A 9 16.18 5.20 -0.09
C ILE A 9 15.47 3.86 -0.27
N THR A 10 14.27 3.74 0.25
CA THR A 10 13.52 2.46 0.11
C THR A 10 12.13 2.77 -0.48
N THR A 11 11.63 1.86 -1.26
CA THR A 11 10.25 2.05 -1.83
C THR A 11 9.31 1.99 -0.62
N ALA A 12 8.52 0.93 -0.53
CA ALA A 12 7.52 0.85 0.58
C ALA A 12 8.08 1.53 1.86
N ASP A 13 8.78 0.81 2.68
CA ASP A 13 9.35 1.41 3.91
C ASP A 13 10.31 0.41 4.56
N GLU A 14 9.82 -0.38 5.48
CA GLU A 14 10.69 -1.38 6.17
C GLU A 14 11.59 -0.68 7.18
N ILE A 15 12.85 -1.04 7.20
CA ILE A 15 13.79 -0.45 8.19
C ILE A 15 13.37 -0.89 9.62
N PRO A 16 13.07 -2.17 9.79
CA PRO A 16 12.68 -2.68 11.12
C PRO A 16 13.86 -2.59 12.10
N GLY A 17 13.58 -2.46 13.37
CA GLY A 17 14.71 -2.38 14.34
C GLY A 17 15.10 -0.93 14.60
N LEU A 18 14.53 0.02 13.90
CA LEU A 18 14.92 1.45 14.11
C LEU A 18 13.66 2.25 14.44
N GLN A 19 13.76 3.13 15.40
CA GLN A 19 12.57 3.98 15.77
C GLN A 19 12.65 5.24 14.93
N LEU A 20 11.71 5.42 14.05
CA LEU A 20 11.73 6.61 13.16
C LEU A 20 10.63 7.59 13.58
N TYR A 21 10.98 8.84 13.79
CA TYR A 21 9.96 9.86 14.19
C TYR A 21 9.76 10.83 13.01
N SER A 22 8.64 11.50 12.97
CA SER A 22 8.38 12.46 11.84
C SER A 22 9.09 13.78 12.12
N LEU A 23 9.88 14.25 11.20
CA LEU A 23 10.60 15.56 11.34
C LEU A 23 9.96 16.56 10.37
N GLY A 24 8.96 16.11 9.69
CA GLY A 24 8.21 17.00 8.77
C GLY A 24 8.06 16.34 7.41
N ILE A 25 7.38 17.00 6.51
CA ILE A 25 7.18 16.44 5.15
C ILE A 25 7.95 17.31 4.14
N ALA A 26 8.55 16.69 3.15
CA ALA A 26 9.31 17.45 2.12
C ALA A 26 8.63 17.31 0.77
N SER A 27 8.65 18.32 -0.04
CA SER A 27 8.00 18.24 -1.38
C SER A 27 8.72 19.21 -2.32
N THR A 28 8.98 18.81 -3.54
CA THR A 28 9.67 19.73 -4.49
C THR A 28 9.21 19.41 -5.90
N ILE A 29 9.21 20.39 -6.78
CA ILE A 29 8.78 20.15 -8.20
C ILE A 29 9.89 20.64 -9.12
N SER A 30 10.26 19.83 -10.08
CA SER A 30 11.34 20.26 -11.03
C SER A 30 11.46 19.23 -12.16
N ASP A 31 10.50 18.35 -12.28
CA ASP A 31 10.57 17.30 -13.35
C ASP A 31 11.84 16.49 -13.22
N ASN A 32 11.84 15.28 -13.71
CA ASN A 32 13.05 14.42 -13.58
C ASN A 32 13.17 13.95 -12.14
N VAL A 33 12.97 12.69 -11.89
CA VAL A 33 13.07 12.18 -10.49
C VAL A 33 14.51 12.28 -10.02
N ASP A 34 15.46 12.09 -10.90
CA ASP A 34 16.89 12.17 -10.49
C ASP A 34 17.14 13.49 -9.75
N GLU A 35 16.49 14.53 -10.17
CA GLU A 35 16.67 15.84 -9.48
C GLU A 35 15.84 15.83 -8.19
N ILE A 36 14.71 15.18 -8.19
CA ILE A 36 13.89 15.15 -6.96
C ILE A 36 14.65 14.39 -5.88
N VAL A 37 15.09 13.19 -6.16
CA VAL A 37 15.81 12.41 -5.12
C VAL A 37 17.04 13.21 -4.68
N GLU A 38 17.81 13.67 -5.62
CA GLU A 38 19.04 14.45 -5.27
C GLU A 38 18.64 15.72 -4.50
N ASN A 39 17.60 16.38 -4.93
CA ASN A 39 17.17 17.62 -4.22
C ASN A 39 16.68 17.26 -2.81
N LEU A 40 15.93 16.20 -2.69
CA LEU A 40 15.46 15.79 -1.34
C LEU A 40 16.68 15.45 -0.49
N ARG A 41 17.65 14.75 -1.02
CA ARG A 41 18.85 14.41 -0.21
C ARG A 41 19.35 15.68 0.51
N LYS A 42 19.65 16.70 -0.24
CA LYS A 42 20.16 17.95 0.39
C LYS A 42 19.15 18.47 1.44
N GLN A 43 17.88 18.31 1.17
CA GLN A 43 16.85 18.78 2.13
C GLN A 43 16.76 17.83 3.31
N VAL A 44 16.93 16.56 3.06
CA VAL A 44 16.88 15.58 4.15
C VAL A 44 18.14 15.71 5.00
N LYS A 45 19.31 15.70 4.41
CA LYS A 45 20.53 15.75 5.27
C LYS A 45 20.64 17.12 5.92
N ALA A 46 20.17 18.13 5.23
CA ALA A 46 20.24 19.52 5.77
C ALA A 46 19.43 19.59 7.05
N LYS A 47 18.39 18.80 7.15
CA LYS A 47 17.54 18.81 8.37
C LYS A 47 18.00 17.68 9.30
N GLY A 48 18.95 16.88 8.88
CA GLY A 48 19.43 15.81 9.81
C GLY A 48 18.47 14.61 9.75
N GLY A 49 17.79 14.42 8.64
CA GLY A 49 16.83 13.29 8.54
C GLY A 49 17.58 11.99 8.24
N MET A 50 16.86 10.96 7.87
CA MET A 50 17.52 9.65 7.56
C MET A 50 17.45 9.37 6.05
N GLY A 51 16.32 9.56 5.46
CA GLY A 51 16.20 9.29 4.00
C GLY A 51 14.74 9.47 3.56
N LEU A 52 14.32 8.77 2.53
CA LEU A 52 12.92 8.89 2.06
C LEU A 52 12.29 7.51 1.92
N ILE A 53 11.05 7.39 2.30
CA ILE A 53 10.35 6.08 2.25
C ILE A 53 9.10 6.19 1.36
N ALA A 54 8.70 5.14 0.72
CA ALA A 54 7.47 5.18 -0.13
C ALA A 54 7.72 5.95 -1.43
N PHE A 55 7.77 5.23 -2.51
CA PHE A 55 8.03 5.86 -3.84
C PHE A 55 6.94 5.45 -4.83
N ARG A 56 6.62 6.32 -5.75
CA ARG A 56 5.57 5.99 -6.77
C ARG A 56 6.09 6.34 -8.16
N ILE A 57 6.92 7.33 -8.25
CA ILE A 57 7.46 7.75 -9.56
C ILE A 57 8.91 7.23 -9.68
N THR A 58 9.60 7.62 -10.71
CA THR A 58 11.01 7.14 -10.85
C THR A 58 11.72 7.92 -11.97
N CYS A 59 10.98 8.63 -12.78
CA CYS A 59 11.61 9.42 -13.88
C CYS A 59 10.59 10.41 -14.45
N ALA A 60 9.69 9.94 -15.28
CA ALA A 60 8.68 10.86 -15.87
C ALA A 60 7.84 11.47 -14.74
N ASP A 61 7.37 12.68 -14.92
CA ASP A 61 6.55 13.35 -13.86
C ASP A 61 5.48 14.20 -14.52
N GLY A 62 5.86 15.25 -15.19
CA GLY A 62 4.84 16.13 -15.85
C GLY A 62 3.82 16.58 -14.81
N LYS A 63 4.11 17.62 -14.09
CA LYS A 63 3.14 18.13 -13.07
C LYS A 63 2.76 16.98 -12.14
N PHE A 64 3.65 16.62 -11.24
CA PHE A 64 3.34 15.49 -10.30
C PHE A 64 3.75 15.89 -8.88
N LEU A 65 4.80 16.67 -8.74
CA LEU A 65 5.24 17.09 -7.39
C LEU A 65 5.46 15.85 -6.51
N GLY A 66 6.68 15.39 -6.41
CA GLY A 66 6.96 14.21 -5.56
C GLY A 66 6.53 14.49 -4.12
N TYR A 67 6.53 13.49 -3.28
CA TYR A 67 6.12 13.71 -1.86
C TYR A 67 6.75 12.62 -0.96
N GLY A 68 7.24 13.00 0.17
CA GLY A 68 7.86 12.01 1.09
C GLY A 68 7.90 12.56 2.51
N THR A 69 8.05 11.71 3.49
CA THR A 69 8.12 12.18 4.91
C THR A 69 9.56 12.05 5.41
N ILE A 70 10.02 13.01 6.16
CA ILE A 70 11.40 12.95 6.70
C ILE A 70 11.36 12.21 8.02
N VAL A 71 12.21 11.24 8.19
CA VAL A 71 12.22 10.48 9.47
C VAL A 71 13.66 10.34 9.97
N LYS A 72 13.83 10.17 11.26
CA LYS A 72 15.21 10.03 11.82
C LYS A 72 15.20 9.01 12.95
N ALA A 73 16.29 8.28 13.14
CA ALA A 73 16.32 7.27 14.24
C ALA A 73 17.46 7.62 15.20
N ASP A 74 17.34 7.27 16.45
CA ASP A 74 18.42 7.59 17.42
C ASP A 74 18.49 6.46 18.46
N GLU A 75 19.21 5.41 18.17
CA GLU A 75 19.31 4.29 19.13
C GLU A 75 20.09 4.74 20.37
N ALA A 76 20.72 3.83 21.05
CA ALA A 76 21.51 4.21 22.26
C ALA A 76 22.61 3.18 22.50
N GLN A 77 22.83 2.31 21.55
CA GLN A 77 23.90 1.28 21.72
C GLN A 77 25.27 1.94 21.59
N PHE A 78 26.25 1.22 21.11
CA PHE A 78 27.61 1.82 20.97
C PHE A 78 28.04 2.45 22.29
N THR A 79 28.02 1.70 23.35
CA THR A 79 28.43 2.27 24.67
C THR A 79 29.86 2.78 24.60
N MET A 80 30.26 3.62 25.50
CA MET A 80 31.66 4.16 25.48
C MET A 80 32.06 4.55 26.90
N ALA A 81 32.98 3.83 27.49
CA ALA A 81 33.43 4.17 28.87
C ALA A 81 34.83 3.58 29.11
N MET B 1 16.80 -30.87 -3.83
CA MET B 1 17.99 -30.57 -4.68
C MET B 1 17.52 -30.06 -6.04
N ILE B 2 16.26 -29.76 -6.17
CA ILE B 2 15.72 -29.27 -7.48
C ILE B 2 14.51 -28.38 -7.23
N PHE B 3 14.51 -27.20 -7.77
CA PHE B 3 13.36 -26.27 -7.57
C PHE B 3 13.24 -25.33 -8.78
N GLU B 4 13.12 -24.06 -8.55
CA GLU B 4 13.00 -23.10 -9.68
C GLU B 4 13.10 -21.67 -9.14
N ASP B 5 13.87 -21.47 -8.11
CA ASP B 5 14.01 -20.10 -7.53
C ASP B 5 15.04 -19.32 -8.35
N LYS B 6 14.60 -18.78 -9.47
CA LYS B 6 15.49 -17.96 -10.34
C LYS B 6 15.07 -16.49 -10.21
N PHE B 7 14.15 -16.02 -11.03
CA PHE B 7 13.69 -14.59 -10.95
C PHE B 7 12.32 -14.53 -10.26
N ILE B 8 12.23 -13.81 -9.16
CA ILE B 8 10.93 -13.73 -8.41
C ILE B 8 10.38 -12.30 -8.49
N ILE B 9 9.14 -12.18 -8.89
CA ILE B 9 8.48 -10.84 -8.96
C ILE B 9 7.13 -10.94 -8.27
N THR B 10 6.96 -10.24 -7.17
CA THR B 10 5.65 -10.27 -6.46
C THR B 10 5.09 -8.85 -6.36
N THR B 11 3.81 -8.76 -6.17
CA THR B 11 3.18 -7.41 -5.98
C THR B 11 3.17 -7.09 -4.48
N ALA B 12 2.04 -7.17 -3.83
CA ALA B 12 1.99 -6.92 -2.37
C ALA B 12 2.86 -5.72 -1.99
N ASP B 13 3.94 -5.95 -1.29
CA ASP B 13 4.81 -4.81 -0.88
C ASP B 13 6.16 -5.34 -0.38
N GLU B 14 6.22 -6.58 0.01
CA GLU B 14 7.51 -7.14 0.51
C GLU B 14 7.39 -8.67 0.59
N ILE B 15 8.50 -9.35 0.75
CA ILE B 15 8.50 -10.84 0.87
C ILE B 15 8.98 -11.24 2.29
N PRO B 16 8.04 -11.41 3.21
CA PRO B 16 8.39 -11.79 4.60
C PRO B 16 9.11 -13.14 4.63
N GLY B 17 9.90 -13.36 5.64
CA GLY B 17 10.63 -14.67 5.78
C GLY B 17 12.02 -14.56 5.13
N LEU B 18 12.29 -13.47 4.48
CA LEU B 18 13.60 -13.27 3.79
C LEU B 18 14.15 -11.90 4.15
N GLN B 19 15.45 -11.82 4.34
CA GLN B 19 16.07 -10.51 4.67
C GLN B 19 16.36 -9.76 3.37
N LEU B 20 15.63 -8.72 3.10
CA LEU B 20 15.83 -7.96 1.84
C LEU B 20 16.62 -6.69 2.11
N TYR B 21 17.58 -6.38 1.28
CA TYR B 21 18.41 -5.16 1.49
C TYR B 21 18.28 -4.26 0.26
N SER B 22 18.01 -2.99 0.45
CA SER B 22 17.86 -2.07 -0.72
C SER B 22 19.14 -1.99 -1.56
N LEU B 23 18.99 -2.17 -2.84
CA LEU B 23 20.14 -2.12 -3.80
C LEU B 23 19.97 -0.91 -4.71
N GLY B 24 19.06 -0.06 -4.39
CA GLY B 24 18.87 1.20 -5.19
C GLY B 24 17.47 1.24 -5.77
N ILE B 25 17.25 2.12 -6.70
CA ILE B 25 15.91 2.25 -7.35
C ILE B 25 16.05 1.98 -8.85
N ALA B 26 15.18 1.20 -9.41
CA ALA B 26 15.27 0.87 -10.87
C ALA B 26 14.04 1.43 -11.59
N SER B 27 14.18 1.78 -12.84
CA SER B 27 13.04 2.33 -13.61
C SER B 27 13.23 2.04 -15.09
N THR B 28 12.19 1.69 -15.79
CA THR B 28 12.32 1.42 -17.25
C THR B 28 11.02 1.78 -17.96
N ILE B 29 11.08 2.25 -19.17
CA ILE B 29 9.84 2.62 -19.92
C ILE B 29 9.86 1.91 -21.28
N SER B 30 8.79 1.26 -21.65
CA SER B 30 8.78 0.55 -22.96
C SER B 30 7.34 0.39 -23.46
N ASP B 31 6.42 1.12 -22.89
CA ASP B 31 4.99 1.06 -23.35
C ASP B 31 4.28 -0.24 -22.95
N ASN B 32 4.64 -1.34 -23.55
CA ASN B 32 4.02 -2.64 -23.18
C ASN B 32 4.63 -3.10 -21.86
N VAL B 33 3.83 -3.65 -21.00
CA VAL B 33 4.35 -4.12 -19.69
C VAL B 33 5.26 -5.34 -19.90
N ASP B 34 4.92 -6.19 -20.82
CA ASP B 34 5.76 -7.41 -21.08
C ASP B 34 7.23 -7.00 -21.31
N GLU B 35 7.46 -5.91 -21.94
CA GLU B 35 8.86 -5.46 -22.15
C GLU B 35 9.39 -4.79 -20.89
N ILE B 36 8.54 -4.13 -20.16
CA ILE B 36 8.99 -3.47 -18.90
C ILE B 36 9.51 -4.53 -17.93
N VAL B 37 8.72 -5.53 -17.65
CA VAL B 37 9.18 -6.59 -16.70
C VAL B 37 10.49 -7.18 -17.23
N GLU B 38 10.52 -7.56 -18.48
CA GLU B 38 11.75 -8.16 -19.04
C GLU B 38 12.91 -7.15 -18.97
N ASN B 39 12.65 -5.91 -19.23
CA ASN B 39 13.74 -4.88 -19.17
C ASN B 39 14.28 -4.78 -17.75
N LEU B 40 13.41 -4.75 -16.78
CA LEU B 40 13.89 -4.67 -15.38
C LEU B 40 14.68 -5.93 -15.03
N ARG B 41 14.22 -7.08 -15.41
CA ARG B 41 14.98 -8.33 -15.08
C ARG B 41 16.46 -8.16 -15.47
N LYS B 42 16.69 -7.57 -16.61
CA LYS B 42 18.11 -7.39 -17.07
C LYS B 42 18.81 -6.35 -16.20
N GLN B 43 18.09 -5.32 -15.79
CA GLN B 43 18.71 -4.28 -14.93
C GLN B 43 18.83 -4.79 -13.50
N VAL B 44 17.88 -5.57 -13.07
CA VAL B 44 17.95 -6.14 -11.71
C VAL B 44 19.12 -7.10 -11.62
N LYS B 45 19.24 -8.03 -12.55
CA LYS B 45 20.34 -9.03 -12.39
C LYS B 45 21.69 -8.32 -12.52
N ALA B 46 21.70 -7.26 -13.29
CA ALA B 46 22.95 -6.49 -13.50
C ALA B 46 23.35 -5.78 -12.21
N LYS B 47 22.37 -5.44 -11.41
CA LYS B 47 22.66 -4.74 -10.13
C LYS B 47 22.94 -5.77 -9.04
N GLY B 48 22.79 -7.04 -9.33
CA GLY B 48 23.07 -8.09 -8.32
C GLY B 48 21.76 -8.47 -7.60
N GLY B 49 20.66 -7.92 -8.04
CA GLY B 49 19.35 -8.24 -7.38
C GLY B 49 18.87 -9.60 -7.87
N MET B 50 17.91 -10.19 -7.19
CA MET B 50 17.43 -11.56 -7.58
C MET B 50 15.91 -11.57 -7.71
N GLY B 51 15.26 -10.48 -7.41
CA GLY B 51 13.78 -10.46 -7.52
C GLY B 51 13.28 -9.02 -7.50
N LEU B 52 12.27 -8.72 -8.26
CA LEU B 52 11.71 -7.34 -8.30
C LEU B 52 10.36 -7.29 -7.58
N ILE B 53 10.09 -6.25 -6.87
CA ILE B 53 8.79 -6.17 -6.15
C ILE B 53 8.27 -4.73 -6.19
N ALA B 54 7.06 -4.56 -5.74
CA ALA B 54 6.45 -3.20 -5.71
C ALA B 54 6.42 -2.59 -7.12
N PHE B 55 6.26 -3.39 -8.14
CA PHE B 55 6.20 -2.83 -9.52
C PHE B 55 4.75 -2.49 -9.86
N ARG B 56 4.47 -1.24 -10.16
CA ARG B 56 3.07 -0.84 -10.51
C ARG B 56 2.96 -0.62 -12.02
N ILE B 57 1.77 -0.52 -12.53
CA ILE B 57 1.57 -0.30 -13.99
C ILE B 57 1.63 1.19 -14.28
N THR B 58 1.57 1.56 -15.54
CA THR B 58 1.61 3.00 -15.92
C THR B 58 0.74 3.22 -17.16
N CYS B 59 0.47 4.46 -17.48
CA CYS B 59 -0.38 4.76 -18.67
C CYS B 59 0.40 4.43 -19.94
N ALA B 60 -0.19 4.66 -21.08
CA ALA B 60 0.52 4.37 -22.36
C ALA B 60 1.59 5.43 -22.60
N ASP B 61 1.22 6.68 -22.56
CA ASP B 61 2.22 7.77 -22.79
C ASP B 61 3.19 7.81 -21.60
N GLY B 62 4.07 8.77 -21.60
CA GLY B 62 5.04 8.89 -20.47
C GLY B 62 4.30 9.16 -19.18
N LYS B 63 4.44 10.34 -18.62
CA LYS B 63 3.73 10.67 -17.35
C LYS B 63 4.03 9.58 -16.31
N PHE B 64 3.20 8.57 -16.24
CA PHE B 64 3.43 7.48 -15.25
C PHE B 64 4.49 6.53 -15.80
N LEU B 65 4.98 5.63 -14.99
CA LEU B 65 6.01 4.67 -15.46
C LEU B 65 6.11 3.51 -14.47
N GLY B 66 6.96 2.54 -14.71
CA GLY B 66 7.10 1.41 -13.76
C GLY B 66 8.18 1.77 -12.73
N TYR B 67 7.86 1.69 -11.47
CA TYR B 67 8.85 2.02 -10.39
C TYR B 67 9.01 0.80 -9.47
N GLY B 68 10.23 0.38 -9.24
CA GLY B 68 10.46 -0.78 -8.35
C GLY B 68 11.85 -0.67 -7.72
N THR B 69 12.02 -1.22 -6.56
CA THR B 69 13.35 -1.17 -5.88
C THR B 69 14.00 -2.54 -5.99
N ILE B 70 15.29 -2.56 -6.15
CA ILE B 70 16.03 -3.85 -6.25
C ILE B 70 16.44 -4.28 -4.86
N VAL B 71 16.41 -5.56 -4.59
CA VAL B 71 16.82 -6.04 -3.23
C VAL B 71 17.53 -7.39 -3.35
N LYS B 72 18.20 -7.79 -2.30
CA LYS B 72 18.91 -9.11 -2.32
C LYS B 72 19.04 -9.63 -0.91
N ALA B 73 19.21 -10.92 -0.73
CA ALA B 73 19.37 -11.48 0.65
C ALA B 73 20.75 -12.12 0.76
N ASP B 74 21.33 -12.14 1.94
CA ASP B 74 22.67 -12.76 2.08
C ASP B 74 22.56 -14.27 1.90
N GLU B 75 23.51 -14.87 1.23
CA GLU B 75 23.44 -16.35 1.02
C GLU B 75 23.69 -17.06 2.35
N ALA B 76 23.88 -18.35 2.31
CA ALA B 76 24.13 -19.11 3.57
C ALA B 76 24.87 -20.41 3.24
N GLN B 77 25.58 -20.97 4.18
CA GLN B 77 26.31 -22.24 3.92
C GLN B 77 25.34 -23.42 4.03
N PHE B 78 25.64 -24.51 3.39
CA PHE B 78 24.74 -25.69 3.46
C PHE B 78 23.34 -25.30 2.96
N THR B 79 23.24 -24.83 1.75
CA THR B 79 21.92 -24.43 1.20
C THR B 79 21.13 -25.68 0.82
N MET B 80 20.03 -25.92 1.48
CA MET B 80 19.21 -27.13 1.15
C MET B 80 18.38 -26.86 -0.11
N ALA B 81 18.94 -26.17 -1.07
CA ALA B 81 18.17 -25.88 -2.31
C ALA B 81 19.15 -25.44 -3.41
N MET C 1 -8.51 -31.99 -4.62
CA MET C 1 -9.87 -31.69 -4.10
C MET C 1 -9.85 -31.72 -2.57
N ILE C 2 -8.71 -32.02 -1.99
CA ILE C 2 -8.62 -32.08 -0.51
C ILE C 2 -8.78 -30.67 0.06
N PHE C 3 -9.62 -30.50 1.03
CA PHE C 3 -9.83 -29.15 1.62
C PHE C 3 -10.21 -28.16 0.52
N GLU C 4 -11.48 -27.98 0.29
CA GLU C 4 -11.92 -27.03 -0.77
C GLU C 4 -11.39 -25.63 -0.45
N ASP C 5 -11.26 -24.79 -1.44
CA ASP C 5 -10.74 -23.40 -1.20
C ASP C 5 -11.58 -22.39 -1.99
N LYS C 6 -12.27 -22.86 -3.00
CA LYS C 6 -13.13 -21.94 -3.81
C LYS C 6 -12.27 -20.79 -4.36
N PHE C 7 -12.86 -19.95 -5.16
CA PHE C 7 -12.11 -18.80 -5.75
C PHE C 7 -12.26 -17.57 -4.85
N ILE C 8 -11.17 -17.00 -4.41
CA ILE C 8 -11.24 -15.80 -3.50
C ILE C 8 -10.65 -14.58 -4.20
N ILE C 9 -11.22 -13.43 -3.97
CA ILE C 9 -10.71 -12.17 -4.61
C ILE C 9 -10.70 -11.05 -3.58
N THR C 10 -9.54 -10.52 -3.27
CA THR C 10 -9.45 -9.41 -2.27
C THR C 10 -8.82 -8.19 -2.96
N THR C 11 -9.24 -7.03 -2.55
CA THR C 11 -8.69 -5.76 -3.12
C THR C 11 -7.43 -5.34 -2.35
N ALA C 12 -6.44 -6.18 -2.26
CA ALA C 12 -5.23 -5.82 -1.44
C ALA C 12 -4.21 -6.97 -1.54
N ASP C 13 -3.79 -7.51 -0.42
CA ASP C 13 -2.81 -8.63 -0.44
C ASP C 13 -2.55 -9.09 1.01
N GLU C 14 -3.03 -10.24 1.37
CA GLU C 14 -2.82 -10.72 2.76
C GLU C 14 -3.11 -12.23 2.84
N ILE C 15 -4.26 -12.60 3.32
CA ILE C 15 -4.60 -14.04 3.44
C ILE C 15 -3.54 -14.74 4.33
N PRO C 16 -3.44 -14.30 5.57
CA PRO C 16 -2.46 -14.86 6.51
C PRO C 16 -2.80 -16.32 6.78
N GLY C 17 -1.82 -17.10 7.18
CA GLY C 17 -2.10 -18.53 7.46
C GLY C 17 -1.87 -19.37 6.21
N LEU C 18 -1.82 -18.75 5.05
CA LEU C 18 -1.62 -19.53 3.78
C LEU C 18 -0.31 -19.09 3.14
N GLN C 19 0.48 -20.03 2.69
CA GLN C 19 1.77 -19.68 2.03
C GLN C 19 1.50 -19.41 0.56
N LEU C 20 1.57 -18.19 0.14
CA LEU C 20 1.30 -17.85 -1.28
C LEU C 20 2.62 -17.84 -2.08
N TYR C 21 2.61 -18.43 -3.25
CA TYR C 21 3.86 -18.47 -4.08
C TYR C 21 3.59 -17.72 -5.39
N SER C 22 4.46 -16.81 -5.78
CA SER C 22 4.24 -16.05 -7.04
C SER C 22 4.13 -17.00 -8.23
N LEU C 23 3.13 -16.80 -9.04
CA LEU C 23 2.91 -17.65 -10.25
C LEU C 23 2.94 -16.75 -11.49
N GLY C 24 3.36 -15.54 -11.32
CA GLY C 24 3.44 -14.60 -12.48
C GLY C 24 2.40 -13.50 -12.33
N ILE C 25 2.35 -12.59 -13.28
CA ILE C 25 1.37 -11.45 -13.22
C ILE C 25 0.36 -11.61 -14.36
N ALA C 26 -0.87 -11.31 -14.08
CA ALA C 26 -1.94 -11.41 -15.12
C ALA C 26 -2.43 -10.01 -15.46
N SER C 27 -2.80 -9.77 -16.67
CA SER C 27 -3.28 -8.40 -17.05
C SER C 27 -4.26 -8.54 -18.21
N THR C 28 -5.33 -7.79 -18.21
CA THR C 28 -6.32 -7.88 -19.33
C THR C 28 -6.98 -6.51 -19.51
N ILE C 29 -7.17 -6.08 -20.72
CA ILE C 29 -7.83 -4.75 -20.96
C ILE C 29 -9.27 -4.98 -21.43
N SER C 30 -10.22 -4.32 -20.82
CA SER C 30 -11.65 -4.51 -21.25
C SER C 30 -12.52 -3.45 -20.59
N ASP C 31 -13.73 -3.78 -20.25
CA ASP C 31 -14.64 -2.80 -19.60
C ASP C 31 -15.62 -3.53 -18.69
N ASN C 32 -16.12 -2.87 -17.68
CA ASN C 32 -17.06 -3.54 -16.73
C ASN C 32 -16.26 -4.44 -15.79
N VAL C 33 -16.47 -4.31 -14.51
CA VAL C 33 -15.73 -5.14 -13.54
C VAL C 33 -16.13 -6.60 -13.71
N ASP C 34 -17.36 -6.85 -14.07
CA ASP C 34 -17.82 -8.26 -14.25
C ASP C 34 -16.91 -8.98 -15.26
N GLU C 35 -16.56 -8.33 -16.33
CA GLU C 35 -15.70 -8.99 -17.36
C GLU C 35 -14.25 -9.01 -16.85
N ILE C 36 -13.82 -7.98 -16.20
CA ILE C 36 -12.42 -7.98 -15.67
C ILE C 36 -12.25 -9.15 -14.70
N VAL C 37 -13.20 -9.40 -13.85
CA VAL C 37 -13.05 -10.52 -12.88
C VAL C 37 -13.12 -11.85 -13.63
N GLU C 38 -14.05 -11.98 -14.55
CA GLU C 38 -14.20 -13.25 -15.30
C GLU C 38 -12.97 -13.49 -16.18
N ASN C 39 -12.55 -12.49 -16.91
CA ASN C 39 -11.36 -12.66 -17.80
C ASN C 39 -10.17 -13.14 -16.97
N LEU C 40 -9.88 -12.49 -15.89
CA LEU C 40 -8.74 -12.92 -15.04
C LEU C 40 -9.06 -14.27 -14.41
N ARG C 41 -10.24 -14.45 -13.89
CA ARG C 41 -10.58 -15.76 -13.26
C ARG C 41 -10.25 -16.91 -14.23
N LYS C 42 -10.57 -16.74 -15.48
CA LYS C 42 -10.28 -17.82 -16.47
C LYS C 42 -8.77 -18.00 -16.62
N GLN C 43 -8.03 -16.93 -16.57
CA GLN C 43 -6.55 -17.04 -16.70
C GLN C 43 -5.95 -17.56 -15.41
N VAL C 44 -6.51 -17.19 -14.29
CA VAL C 44 -5.98 -17.68 -13.00
C VAL C 44 -6.26 -19.18 -12.89
N LYS C 45 -7.47 -19.60 -13.10
CA LYS C 45 -7.78 -21.04 -12.89
C LYS C 45 -6.90 -21.90 -13.80
N ALA C 46 -6.57 -21.33 -14.93
CA ALA C 46 -5.73 -22.05 -15.93
C ALA C 46 -4.28 -22.10 -15.45
N LYS C 47 -3.88 -21.13 -14.69
CA LYS C 47 -2.48 -21.12 -14.16
C LYS C 47 -2.44 -21.95 -12.88
N GLY C 48 -3.50 -22.64 -12.55
CA GLY C 48 -3.47 -23.47 -11.32
C GLY C 48 -3.66 -22.56 -10.10
N GLY C 49 -3.85 -21.29 -10.32
CA GLY C 49 -4.05 -20.36 -9.17
C GLY C 49 -5.42 -20.61 -8.55
N MET C 50 -5.65 -20.15 -7.34
CA MET C 50 -6.95 -20.41 -6.66
C MET C 50 -7.52 -19.11 -6.07
N GLY C 51 -6.80 -18.02 -6.17
CA GLY C 51 -7.32 -16.75 -5.60
C GLY C 51 -6.59 -15.57 -6.22
N LEU C 52 -7.33 -14.61 -6.73
CA LEU C 52 -6.68 -13.41 -7.33
C LEU C 52 -6.66 -12.30 -6.30
N ILE C 53 -5.60 -11.56 -6.22
CA ILE C 53 -5.53 -10.46 -5.21
C ILE C 53 -4.75 -9.29 -5.83
N ALA C 54 -4.73 -8.19 -5.12
CA ALA C 54 -3.99 -6.98 -5.60
C ALA C 54 -4.72 -6.34 -6.79
N PHE C 55 -5.77 -5.61 -6.55
CA PHE C 55 -6.52 -4.95 -7.66
C PHE C 55 -5.78 -3.66 -8.06
N ARG C 56 -5.95 -3.24 -9.29
CA ARG C 56 -5.28 -1.97 -9.75
C ARG C 56 -6.25 -1.13 -10.58
N ILE C 57 -7.44 -0.97 -10.08
CA ILE C 57 -8.46 -0.15 -10.80
C ILE C 57 -8.58 1.21 -10.10
N THR C 58 -8.14 1.31 -8.88
CA THR C 58 -8.25 2.60 -8.15
C THR C 58 -7.33 3.64 -8.81
N CYS C 59 -6.06 3.38 -8.82
CA CYS C 59 -5.11 4.36 -9.43
C CYS C 59 -5.32 4.39 -10.94
N ALA C 60 -4.55 5.18 -11.65
CA ALA C 60 -4.71 5.25 -13.13
C ALA C 60 -6.09 5.81 -13.48
N ASP C 61 -6.21 6.47 -14.60
CA ASP C 61 -7.54 7.05 -15.00
C ASP C 61 -8.57 5.92 -15.04
N GLY C 62 -9.60 6.01 -14.24
CA GLY C 62 -10.63 4.94 -14.23
C GLY C 62 -9.97 3.60 -13.88
N LYS C 63 -9.69 2.82 -14.89
CA LYS C 63 -9.06 1.48 -14.70
C LYS C 63 -7.95 1.31 -15.74
N PHE C 64 -8.22 1.59 -16.99
CA PHE C 64 -7.18 1.44 -18.04
C PHE C 64 -6.79 -0.04 -18.19
N LEU C 65 -6.14 -0.59 -17.21
CA LEU C 65 -5.72 -2.03 -17.29
C LEU C 65 -5.83 -2.66 -15.90
N GLY C 66 -6.50 -3.78 -15.79
CA GLY C 66 -6.61 -4.45 -14.47
C GLY C 66 -5.35 -5.29 -14.27
N TYR C 67 -4.84 -5.33 -13.06
CA TYR C 67 -3.60 -6.12 -12.79
C TYR C 67 -3.79 -6.95 -11.52
N GLY C 68 -3.13 -8.07 -11.46
CA GLY C 68 -3.22 -8.94 -10.27
C GLY C 68 -2.13 -9.99 -10.31
N THR C 69 -1.53 -10.32 -9.19
CA THR C 69 -0.50 -11.37 -9.17
C THR C 69 -1.20 -12.71 -8.91
N ILE C 70 -0.83 -13.74 -9.65
CA ILE C 70 -1.45 -15.07 -9.42
C ILE C 70 -0.65 -15.76 -8.33
N VAL C 71 -1.28 -16.54 -7.49
CA VAL C 71 -0.52 -17.22 -6.40
C VAL C 71 -1.10 -18.60 -6.15
N LYS C 72 -0.35 -19.45 -5.48
CA LYS C 72 -0.86 -20.81 -5.15
C LYS C 72 -0.17 -21.27 -3.87
N ALA C 73 -0.83 -22.04 -3.05
CA ALA C 73 -0.16 -22.53 -1.81
C ALA C 73 0.14 -24.01 -1.99
N ASP C 74 1.28 -24.47 -1.52
CA ASP C 74 1.63 -25.91 -1.63
C ASP C 74 2.11 -26.38 -0.26
N GLU C 75 1.46 -25.92 0.79
CA GLU C 75 1.88 -26.32 2.18
C GLU C 75 2.26 -27.80 2.19
N ALA C 76 3.40 -28.12 2.74
CA ALA C 76 3.84 -29.55 2.77
C ALA C 76 4.87 -29.73 3.89
N GLN C 77 5.66 -28.72 4.15
CA GLN C 77 6.68 -28.82 5.22
C GLN C 77 6.21 -28.03 6.44
N PHE C 78 6.46 -28.54 7.63
CA PHE C 78 6.02 -27.83 8.85
C PHE C 78 6.82 -26.54 9.00
N THR C 79 6.22 -25.52 9.57
CA THR C 79 6.95 -24.22 9.74
C THR C 79 6.24 -23.39 10.82
N MET C 80 6.98 -22.73 11.66
CA MET C 80 6.36 -21.89 12.72
C MET C 80 5.92 -20.55 12.13
N ALA C 81 4.74 -20.50 11.58
CA ALA C 81 4.26 -19.21 10.98
C ALA C 81 2.76 -19.28 10.76
N MET D 1 -25.32 -2.56 24.60
CA MET D 1 -23.86 -2.89 24.60
C MET D 1 -23.49 -3.50 23.25
N ILE D 2 -24.30 -3.29 22.25
CA ILE D 2 -24.02 -3.87 20.90
C ILE D 2 -24.38 -2.84 19.82
N PHE D 3 -25.25 -1.92 20.14
CA PHE D 3 -25.65 -0.88 19.13
C PHE D 3 -26.18 -1.58 17.87
N GLU D 4 -26.29 -0.86 16.80
CA GLU D 4 -26.79 -1.47 15.54
C GLU D 4 -26.34 -0.63 14.34
N ASP D 5 -25.05 -0.53 14.13
CA ASP D 5 -24.55 0.27 12.98
C ASP D 5 -23.05 0.02 12.79
N LYS D 6 -22.63 -1.22 12.83
CA LYS D 6 -21.18 -1.52 12.66
C LYS D 6 -20.71 -1.09 11.26
N PHE D 7 -20.42 0.16 11.10
CA PHE D 7 -19.91 0.68 9.80
C PHE D 7 -18.43 1.04 9.96
N ILE D 8 -17.57 0.44 9.17
CA ILE D 8 -16.11 0.75 9.27
C ILE D 8 -15.53 0.98 7.88
N ILE D 9 -14.81 2.06 7.69
CA ILE D 9 -14.20 2.35 6.37
C ILE D 9 -12.78 2.85 6.59
N THR D 10 -11.79 2.10 6.15
CA THR D 10 -10.38 2.52 6.35
C THR D 10 -9.68 2.54 4.99
N THR D 11 -8.58 3.25 4.91
CA THR D 11 -7.81 3.33 3.63
C THR D 11 -6.39 2.81 3.90
N ALA D 12 -6.20 1.51 3.86
CA ALA D 12 -4.85 0.95 4.10
C ALA D 12 -4.74 -0.41 3.43
N ASP D 13 -4.22 -1.40 4.12
CA ASP D 13 -4.08 -2.75 3.51
C ASP D 13 -5.22 -3.65 4.01
N GLU D 14 -5.37 -3.80 5.30
CA GLU D 14 -6.45 -4.67 5.84
C GLU D 14 -6.70 -4.33 7.30
N ILE D 15 -7.50 -5.11 7.99
CA ILE D 15 -7.78 -4.85 9.43
C ILE D 15 -7.41 -6.10 10.25
N PRO D 16 -6.16 -6.19 10.67
CA PRO D 16 -5.68 -7.35 11.45
C PRO D 16 -6.45 -7.46 12.77
N GLY D 17 -6.52 -8.64 13.31
CA GLY D 17 -7.23 -8.86 14.61
C GLY D 17 -8.68 -9.25 14.34
N LEU D 18 -9.12 -9.14 13.11
CA LEU D 18 -10.54 -9.50 12.78
C LEU D 18 -10.55 -10.49 11.61
N GLN D 19 -11.40 -11.47 11.68
CA GLN D 19 -11.49 -12.48 10.58
C GLN D 19 -12.43 -11.93 9.51
N LEU D 20 -11.87 -11.53 8.39
CA LEU D 20 -12.71 -10.96 7.29
C LEU D 20 -12.98 -12.04 6.24
N TYR D 21 -14.20 -12.16 5.79
CA TYR D 21 -14.55 -13.19 4.77
C TYR D 21 -15.02 -12.47 3.50
N SER D 22 -14.50 -12.81 2.36
CA SER D 22 -14.92 -12.12 1.10
C SER D 22 -16.41 -12.36 0.84
N LEU D 23 -17.14 -11.29 0.61
CA LEU D 23 -18.60 -11.40 0.31
C LEU D 23 -18.83 -10.92 -1.13
N GLY D 24 -17.77 -10.67 -1.84
CA GLY D 24 -17.89 -10.26 -3.26
C GLY D 24 -17.31 -8.87 -3.44
N ILE D 25 -17.35 -8.35 -4.63
CA ILE D 25 -16.80 -6.99 -4.90
C ILE D 25 -17.96 -6.05 -5.23
N ALA D 26 -17.87 -4.82 -4.78
CA ALA D 26 -18.96 -3.82 -5.04
C ALA D 26 -18.43 -2.70 -5.93
N SER D 27 -19.24 -2.19 -6.81
CA SER D 27 -18.80 -1.07 -7.70
C SER D 27 -20.03 -0.26 -8.10
N THR D 28 -19.94 1.05 -8.07
CA THR D 28 -21.12 1.88 -8.46
C THR D 28 -20.63 3.20 -9.06
N ILE D 29 -21.39 3.79 -9.95
CA ILE D 29 -20.97 5.08 -10.57
C ILE D 29 -21.93 6.19 -10.13
N SER D 30 -21.41 7.36 -9.85
CA SER D 30 -22.29 8.47 -9.38
C SER D 30 -21.43 9.73 -9.22
N ASP D 31 -22.00 10.77 -8.65
CA ASP D 31 -21.23 12.04 -8.45
C ASP D 31 -21.29 12.43 -6.98
N ASN D 32 -20.23 13.00 -6.46
CA ASN D 32 -20.19 13.38 -5.01
C ASN D 32 -19.91 12.14 -4.17
N VAL D 33 -19.00 12.25 -3.25
CA VAL D 33 -18.65 11.08 -2.39
C VAL D 33 -19.84 10.73 -1.50
N ASP D 34 -20.62 11.71 -1.12
CA ASP D 34 -21.79 11.45 -0.23
C ASP D 34 -22.72 10.42 -0.89
N GLU D 35 -22.95 10.55 -2.17
CA GLU D 35 -23.85 9.58 -2.86
C GLU D 35 -23.12 8.26 -3.09
N ILE D 36 -21.86 8.31 -3.42
CA ILE D 36 -21.11 7.04 -3.65
C ILE D 36 -21.05 6.24 -2.33
N VAL D 37 -20.70 6.89 -1.25
CA VAL D 37 -20.61 6.16 0.05
C VAL D 37 -21.99 5.61 0.45
N GLU D 38 -22.98 6.44 0.46
CA GLU D 38 -24.34 5.95 0.85
C GLU D 38 -24.74 4.77 -0.04
N ASN D 39 -24.37 4.80 -1.29
CA ASN D 39 -24.75 3.67 -2.19
C ASN D 39 -24.03 2.40 -1.77
N LEU D 40 -22.77 2.49 -1.44
CA LEU D 40 -22.04 1.26 -1.02
C LEU D 40 -22.58 0.81 0.34
N ARG D 41 -22.75 1.70 1.27
CA ARG D 41 -23.29 1.28 2.60
C ARG D 41 -24.53 0.39 2.40
N LYS D 42 -25.51 0.88 1.69
CA LYS D 42 -26.74 0.06 1.47
C LYS D 42 -26.38 -1.30 0.87
N GLN D 43 -25.35 -1.34 0.05
CA GLN D 43 -24.94 -2.63 -0.57
C GLN D 43 -24.18 -3.47 0.43
N VAL D 44 -23.42 -2.84 1.29
CA VAL D 44 -22.66 -3.61 2.30
C VAL D 44 -23.65 -4.20 3.29
N LYS D 45 -24.53 -3.42 3.86
CA LYS D 45 -25.41 -3.99 4.92
C LYS D 45 -26.36 -5.02 4.29
N ALA D 46 -26.75 -4.75 3.06
CA ALA D 46 -27.69 -5.66 2.35
C ALA D 46 -27.03 -7.02 2.21
N LYS D 47 -25.74 -7.05 2.07
CA LYS D 47 -25.04 -8.34 1.94
C LYS D 47 -24.69 -8.87 3.33
N GLY D 48 -24.95 -8.11 4.37
CA GLY D 48 -24.62 -8.62 5.74
C GLY D 48 -23.20 -8.20 6.11
N GLY D 49 -22.60 -7.35 5.31
CA GLY D 49 -21.22 -6.88 5.61
C GLY D 49 -21.26 -5.82 6.70
N MET D 50 -20.12 -5.36 7.16
CA MET D 50 -20.11 -4.38 8.30
C MET D 50 -18.94 -3.40 8.14
N GLY D 51 -18.19 -3.51 7.08
CA GLY D 51 -17.03 -2.59 6.89
C GLY D 51 -16.55 -2.64 5.45
N LEU D 52 -15.82 -1.63 5.03
CA LEU D 52 -15.31 -1.59 3.63
C LEU D 52 -13.81 -1.28 3.65
N ILE D 53 -13.06 -1.94 2.81
CA ILE D 53 -11.58 -1.74 2.78
C ILE D 53 -11.16 -1.09 1.46
N ALA D 54 -10.22 -0.19 1.49
CA ALA D 54 -9.74 0.46 0.23
C ALA D 54 -10.85 1.25 -0.47
N PHE D 55 -11.11 2.44 0.02
CA PHE D 55 -12.17 3.29 -0.58
C PHE D 55 -11.54 4.44 -1.37
N ARG D 56 -10.44 4.21 -2.01
CA ARG D 56 -9.79 5.29 -2.81
C ARG D 56 -10.66 5.66 -4.00
N ILE D 57 -10.48 6.83 -4.54
CA ILE D 57 -11.29 7.27 -5.71
C ILE D 57 -10.37 7.94 -6.74
N THR D 58 -10.70 7.82 -7.99
CA THR D 58 -9.85 8.43 -9.05
C THR D 58 -9.92 9.96 -8.92
N CYS D 59 -9.68 10.68 -9.99
CA CYS D 59 -9.74 12.16 -9.91
C CYS D 59 -11.18 12.60 -9.62
N ALA D 60 -11.71 13.50 -10.40
CA ALA D 60 -13.11 13.96 -10.16
C ALA D 60 -13.53 14.89 -11.30
N ASP D 61 -14.76 15.36 -11.28
CA ASP D 61 -15.23 16.27 -12.36
C ASP D 61 -15.13 15.57 -13.71
N GLY D 62 -16.24 15.11 -14.24
CA GLY D 62 -16.20 14.42 -15.55
C GLY D 62 -15.64 13.01 -15.38
N LYS D 63 -15.47 12.58 -14.17
CA LYS D 63 -14.92 11.20 -13.95
C LYS D 63 -15.22 10.77 -12.51
N PHE D 64 -15.98 9.71 -12.34
CA PHE D 64 -16.30 9.23 -10.97
C PHE D 64 -16.24 7.70 -10.96
N LEU D 65 -15.84 7.12 -9.87
CA LEU D 65 -15.75 5.63 -9.79
C LEU D 65 -15.59 5.20 -8.33
N GLY D 66 -16.53 4.46 -7.80
CA GLY D 66 -16.42 3.99 -6.38
C GLY D 66 -16.09 2.49 -6.40
N TYR D 67 -15.07 2.09 -5.68
CA TYR D 67 -14.67 0.65 -5.64
C TYR D 67 -14.44 0.21 -4.20
N GLY D 68 -14.80 -1.00 -3.91
CA GLY D 68 -14.61 -1.53 -2.52
C GLY D 68 -14.98 -3.01 -2.47
N THR D 69 -14.43 -3.71 -1.51
CA THR D 69 -14.74 -5.15 -1.35
C THR D 69 -15.66 -5.33 -0.13
N ILE D 70 -16.62 -6.20 -0.23
CA ILE D 70 -17.55 -6.45 0.91
C ILE D 70 -16.97 -7.56 1.77
N VAL D 71 -17.02 -7.42 3.06
CA VAL D 71 -16.47 -8.48 3.96
C VAL D 71 -17.33 -8.59 5.20
N LYS D 72 -17.16 -9.65 5.96
CA LYS D 72 -17.95 -9.81 7.21
C LYS D 72 -17.17 -10.70 8.17
N ALA D 73 -17.34 -10.53 9.45
CA ALA D 73 -16.62 -11.40 10.43
C ALA D 73 -17.65 -12.18 11.26
N ASP D 74 -17.31 -13.34 11.73
CA ASP D 74 -18.28 -14.13 12.54
C ASP D 74 -18.45 -13.48 13.92
N GLU D 75 -17.72 -12.44 14.18
CA GLU D 75 -17.84 -11.75 15.51
C GLU D 75 -17.55 -12.75 16.63
N ALA D 76 -17.50 -12.28 17.85
CA ALA D 76 -17.22 -13.20 18.98
C ALA D 76 -17.40 -12.45 20.31
N GLN D 77 -17.29 -11.14 20.27
CA GLN D 77 -17.44 -10.35 21.53
C GLN D 77 -18.87 -10.54 22.09
N PHE D 78 -19.79 -10.91 21.24
CA PHE D 78 -21.19 -11.12 21.72
C PHE D 78 -21.23 -12.28 22.72
N THR D 79 -20.60 -13.38 22.39
CA THR D 79 -20.60 -14.54 23.32
C THR D 79 -19.45 -15.49 22.95
N MET D 80 -18.96 -16.24 23.90
CA MET D 80 -17.83 -17.17 23.61
C MET D 80 -17.80 -18.27 24.67
N ALA D 81 -17.61 -17.90 25.90
CA ALA D 81 -17.56 -18.94 26.99
C ALA D 81 -17.86 -18.27 28.33
N MET E 1 11.31 12.77 26.33
CA MET E 1 12.02 13.20 25.09
C MET E 1 11.11 12.95 23.89
N ILE E 2 10.23 13.89 23.58
CA ILE E 2 9.31 13.72 22.42
C ILE E 2 9.50 14.90 21.45
N PHE E 3 9.29 14.67 20.18
CA PHE E 3 9.46 15.76 19.17
C PHE E 3 8.13 16.51 19.03
N GLU E 4 7.70 16.79 17.84
CA GLU E 4 6.41 17.53 17.67
C GLU E 4 5.31 16.84 18.46
N ASP E 5 4.19 17.49 18.62
CA ASP E 5 3.06 16.90 19.39
C ASP E 5 1.74 17.37 18.80
N LYS E 6 0.69 17.34 19.59
CA LYS E 6 -0.65 17.81 19.11
C LYS E 6 -1.13 16.98 17.92
N PHE E 7 -0.66 17.31 16.74
CA PHE E 7 -1.06 16.56 15.51
C PHE E 7 0.18 15.86 14.94
N ILE E 8 -0.01 14.75 14.28
CA ILE E 8 1.15 14.03 13.65
C ILE E 8 0.81 13.72 12.19
N ILE E 9 1.75 13.91 11.30
CA ILE E 9 1.50 13.63 9.85
C ILE E 9 2.54 12.64 9.35
N THR E 10 2.11 11.48 8.92
CA THR E 10 3.05 10.45 8.41
C THR E 10 2.60 10.03 7.00
N THR E 11 3.53 9.66 6.17
CA THR E 11 3.17 9.21 4.80
C THR E 11 2.63 7.78 4.93
N ALA E 12 3.27 6.83 4.29
CA ALA E 12 2.78 5.41 4.32
C ALA E 12 3.76 4.54 5.12
N ASP E 13 3.44 4.31 6.36
CA ASP E 13 4.33 3.49 7.21
C ASP E 13 3.56 3.00 8.44
N GLU E 14 2.35 3.48 8.62
CA GLU E 14 1.55 3.05 9.80
C GLU E 14 2.28 3.42 11.09
N ILE E 15 1.58 3.43 12.20
CA ILE E 15 2.24 3.79 13.50
C ILE E 15 2.00 2.64 14.51
N PRO E 16 2.84 1.62 14.46
CA PRO E 16 2.71 0.45 15.35
C PRO E 16 2.84 0.90 16.82
N GLY E 17 2.29 0.13 17.72
CA GLY E 17 2.40 0.50 19.17
C GLY E 17 1.19 1.32 19.58
N LEU E 18 0.37 1.74 18.64
CA LEU E 18 -0.83 2.56 18.99
C LEU E 18 -2.07 1.92 18.38
N GLN E 19 -3.14 1.87 19.12
CA GLN E 19 -4.40 1.27 18.59
C GLN E 19 -5.17 2.36 17.85
N LEU E 20 -5.27 2.25 16.56
CA LEU E 20 -5.99 3.30 15.77
C LEU E 20 -7.45 2.87 15.60
N TYR E 21 -8.36 3.79 15.81
CA TYR E 21 -9.82 3.48 15.67
C TYR E 21 -10.41 4.32 14.55
N SER E 22 -11.12 3.73 13.62
CA SER E 22 -11.69 4.52 12.49
C SER E 22 -12.72 5.54 12.99
N LEU E 23 -12.58 6.77 12.57
CA LEU E 23 -13.54 7.85 12.97
C LEU E 23 -14.18 8.41 11.70
N GLY E 24 -14.01 7.74 10.61
CA GLY E 24 -14.63 8.19 9.34
C GLY E 24 -13.53 8.54 8.33
N ILE E 25 -13.85 9.39 7.39
CA ILE E 25 -12.86 9.79 6.37
C ILE E 25 -12.91 11.30 6.16
N ALA E 26 -11.78 11.91 5.92
CA ALA E 26 -11.73 13.39 5.70
C ALA E 26 -11.28 13.67 4.27
N SER E 27 -11.81 14.69 3.64
CA SER E 27 -11.41 15.01 2.24
C SER E 27 -11.60 16.51 2.03
N THR E 28 -10.68 17.15 1.34
CA THR E 28 -10.81 18.62 1.10
C THR E 28 -10.14 18.96 -0.22
N ILE E 29 -10.57 20.01 -0.88
CA ILE E 29 -9.95 20.41 -2.19
C ILE E 29 -9.46 21.86 -2.11
N SER E 30 -8.25 22.11 -2.50
CA SER E 30 -7.71 23.50 -2.46
C SER E 30 -6.47 23.60 -3.33
N ASP E 31 -6.02 24.80 -3.60
CA ASP E 31 -4.84 24.99 -4.49
C ASP E 31 -3.50 24.78 -3.77
N ASN E 32 -3.17 25.61 -2.82
CA ASN E 32 -1.90 25.43 -2.07
C ASN E 32 -2.10 24.32 -1.03
N VAL E 33 -1.04 23.59 -0.76
CA VAL E 33 -1.14 22.49 0.23
C VAL E 33 -1.34 23.06 1.63
N ASP E 34 -0.80 24.22 1.90
CA ASP E 34 -0.97 24.84 3.24
C ASP E 34 -2.45 24.91 3.60
N GLU E 35 -3.29 25.13 2.65
CA GLU E 35 -4.76 25.19 2.93
C GLU E 35 -5.28 23.77 3.13
N ILE E 36 -4.77 22.82 2.40
CA ILE E 36 -5.24 21.43 2.58
C ILE E 36 -4.90 20.94 3.98
N VAL E 37 -3.65 21.03 4.37
CA VAL E 37 -3.26 20.54 5.72
C VAL E 37 -4.11 21.22 6.79
N GLU E 38 -4.16 22.52 6.77
CA GLU E 38 -4.95 23.26 7.79
C GLU E 38 -6.41 22.79 7.74
N ASN E 39 -6.92 22.50 6.58
CA ASN E 39 -8.34 22.05 6.48
C ASN E 39 -8.49 20.68 7.15
N LEU E 40 -7.55 19.79 6.94
CA LEU E 40 -7.66 18.45 7.57
C LEU E 40 -7.41 18.59 9.08
N ARG E 41 -6.35 19.22 9.47
CA ARG E 41 -6.08 19.37 10.94
C ARG E 41 -7.35 19.87 11.64
N LYS E 42 -7.92 20.94 11.16
CA LYS E 42 -9.15 21.49 11.81
C LYS E 42 -10.27 20.45 11.81
N GLN E 43 -10.38 19.69 10.77
CA GLN E 43 -11.45 18.65 10.70
C GLN E 43 -11.06 17.45 11.54
N VAL E 44 -9.80 17.14 11.57
CA VAL E 44 -9.34 15.98 12.37
C VAL E 44 -9.38 16.36 13.86
N LYS E 45 -8.77 17.46 14.24
CA LYS E 45 -8.74 17.81 15.70
C LYS E 45 -10.17 17.95 16.23
N ALA E 46 -11.06 18.32 15.35
CA ALA E 46 -12.48 18.51 15.73
C ALA E 46 -13.13 17.15 15.97
N LYS E 47 -12.65 16.14 15.30
CA LYS E 47 -13.21 14.77 15.47
C LYS E 47 -12.49 14.10 16.63
N GLY E 48 -11.55 14.76 17.26
CA GLY E 48 -10.86 14.11 18.41
C GLY E 48 -9.72 13.25 17.89
N GLY E 49 -9.44 13.32 16.61
CA GLY E 49 -8.33 12.51 16.05
C GLY E 49 -7.01 13.01 16.63
N MET E 50 -5.91 12.47 16.15
CA MET E 50 -4.58 12.98 16.62
C MET E 50 -3.49 12.69 15.58
N GLY E 51 -3.82 12.05 14.50
CA GLY E 51 -2.77 11.74 13.49
C GLY E 51 -3.42 11.35 12.17
N LEU E 52 -2.76 11.61 11.07
CA LEU E 52 -3.30 11.25 9.74
C LEU E 52 -2.29 10.34 9.05
N ILE E 53 -2.75 9.28 8.46
CA ILE E 53 -1.82 8.32 7.78
C ILE E 53 -1.97 8.45 6.25
N ALA E 54 -0.92 8.26 5.50
CA ALA E 54 -1.02 8.34 3.99
C ALA E 54 -1.04 9.76 3.47
N PHE E 55 -2.06 10.50 3.83
CA PHE E 55 -2.17 11.91 3.42
C PHE E 55 -1.51 12.12 2.04
N ARG E 56 -1.68 11.17 1.14
CA ARG E 56 -1.05 11.29 -0.20
C ARG E 56 -1.59 12.51 -0.93
N ILE E 57 -0.73 13.36 -1.41
CA ILE E 57 -1.18 14.58 -2.13
C ILE E 57 -1.26 14.28 -3.63
N THR E 58 -0.37 13.47 -4.13
CA THR E 58 -0.39 13.13 -5.58
C THR E 58 -1.51 12.13 -5.86
N CYS E 59 -2.12 12.22 -7.01
CA CYS E 59 -3.22 11.27 -7.35
C CYS E 59 -3.65 11.49 -8.80
N ALA E 60 -3.94 10.43 -9.50
CA ALA E 60 -4.38 10.59 -10.93
C ALA E 60 -3.36 11.46 -11.68
N ASP E 61 -3.83 12.43 -12.40
CA ASP E 61 -2.90 13.32 -13.16
C ASP E 61 -3.65 14.57 -13.60
N GLY E 62 -3.26 15.72 -13.11
CA GLY E 62 -3.94 17.00 -13.51
C GLY E 62 -4.49 17.69 -12.26
N LYS E 63 -5.38 17.04 -11.57
CA LYS E 63 -5.98 17.64 -10.33
C LYS E 63 -5.21 17.14 -9.10
N PHE E 64 -5.65 17.52 -7.93
CA PHE E 64 -4.96 17.09 -6.69
C PHE E 64 -6.00 16.66 -5.65
N LEU E 65 -5.60 15.87 -4.69
CA LEU E 65 -6.56 15.43 -3.65
C LEU E 65 -5.79 14.85 -2.45
N GLY E 66 -6.06 15.33 -1.27
CA GLY E 66 -5.34 14.81 -0.07
C GLY E 66 -5.89 13.43 0.29
N TYR E 67 -7.12 13.37 0.73
CA TYR E 67 -7.71 12.06 1.11
C TYR E 67 -6.99 11.49 2.33
N GLY E 68 -7.72 11.25 3.38
CA GLY E 68 -7.09 10.70 4.62
C GLY E 68 -8.15 10.09 5.52
N THR E 69 -7.78 9.19 6.37
CA THR E 69 -8.75 8.55 7.31
C THR E 69 -8.52 9.16 8.70
N ILE E 70 -9.57 9.47 9.39
CA ILE E 70 -9.43 10.04 10.76
C ILE E 70 -9.30 8.88 11.73
N VAL E 71 -8.39 8.96 12.66
CA VAL E 71 -8.24 7.84 13.63
C VAL E 71 -7.91 8.39 15.01
N LYS E 72 -8.08 7.58 16.03
CA LYS E 72 -7.75 8.06 17.41
C LYS E 72 -7.35 6.84 18.24
N ALA E 73 -6.47 7.01 19.19
CA ALA E 73 -6.08 5.85 20.06
C ALA E 73 -6.50 6.16 21.50
N ASP E 74 -6.79 5.16 22.28
CA ASP E 74 -7.18 5.41 23.69
C ASP E 74 -5.94 5.75 24.52
N GLU E 75 -4.78 5.65 23.93
CA GLU E 75 -3.53 5.96 24.68
C GLU E 75 -3.47 5.12 25.96
N ALA E 76 -3.80 5.70 27.09
CA ALA E 76 -3.75 4.91 28.36
C ALA E 76 -4.48 5.68 29.46
N GLN E 77 -5.77 5.78 29.38
CA GLN E 77 -6.53 6.52 30.43
C GLN E 77 -6.06 6.11 31.81
N PHE E 78 -6.62 5.08 32.37
CA PHE E 78 -6.20 4.62 33.73
C PHE E 78 -6.33 5.78 34.73
N THR E 79 -5.38 6.68 34.74
CA THR E 79 -5.45 7.82 35.68
C THR E 79 -6.76 8.58 35.47
N MET E 80 -7.29 8.55 34.28
CA MET E 80 -8.57 9.27 34.00
C MET E 80 -8.46 10.71 34.50
N ALA E 81 -7.94 11.59 33.69
CA ALA E 81 -7.81 13.02 34.12
C ALA E 81 -7.56 13.89 32.88
#